data_8F5T
#
_entry.id   8F5T
#
_cell.length_a   142.453
_cell.length_b   113.759
_cell.length_c   169.144
_cell.angle_alpha   90.000
_cell.angle_beta   94.050
_cell.angle_gamma   90.000
#
_symmetry.space_group_name_H-M   'P 1 21 1'
#
loop_
_entity.id
_entity.type
_entity.pdbx_description
1 polymer 'Pyruvate kinase PKM'
2 non-polymer 'MAGNESIUM ION'
3 non-polymer 'SODIUM ION'
4 non-polymer 2-AMINO-2-HYDROXYMETHYL-PROPANE-1,3-DIOL
5 non-polymer GLYCEROL
6 water water
#
_entity_poly.entity_id   1
_entity_poly.type   'polypeptide(L)'
_entity_poly.pdbx_seq_one_letter_code
;MSKSHSEAGSAFIQTQQLHAAMADTFLEHMCRLDIDSAPITARNTGIICTIGPASRSVETLKEMIKSGMNVARMNFSHGT
HEYHAETIKNVRTATESFASDPILYRPVAVALDTKGPEIRTGLIKGSGTAEVELKKGATLKITLDNAYMEKCDENILWLD
YKNICKVVDVGSKVYVDDGLISLQVKQKGPDFLVTEVENGGFLGSKKGVNLPGAAVDLPAVSEKDIQDLKFGVEQDVDMV
FASFIRKAADVHEVRKILGEKGKNIKIISKIENHEGVRRFDEILEASDGIMVARGDLGIEIPAEKVFLAQKMIIGRCNRA
GKPVICATQMLESMIKKPRPTRAEGSDVANAVLDGADCIMLSGETAKGDYPLEAVRMQHLIAREAEAAMFHRKLFEELAR
ASSHSTDLMEAMAMGSVEASYKCLAAALIVLTESGRSAHQVARYRPRAPIIAVTRNHQTARQAHLYRGIFPVVCKDPVQE
AWAEDVDLRVNLAMNVGKARGFFKKGDVVIVLTGWRPGSGFTNTMRVVPVP
;
_entity_poly.pdbx_strand_id   A,B,C,D,E,F,G,H
#
loop_
_chem_comp.id
_chem_comp.type
_chem_comp.name
_chem_comp.formula
GOL non-polymer GLYCEROL 'C3 H8 O3'
MG non-polymer 'MAGNESIUM ION' 'Mg 2'
NA non-polymer 'SODIUM ION' 'Na 1'
TRS non-polymer 2-AMINO-2-HYDROXYMETHYL-PROPANE-1,3-DIOL 'C4 H12 N O3 1'
#
# COMPACT_ATOMS: atom_id res chain seq x y z
N PHE A 12 -14.70 39.43 -49.40
CA PHE A 12 -15.83 39.07 -50.25
C PHE A 12 -17.05 38.68 -49.42
N ILE A 13 -18.14 39.41 -49.60
CA ILE A 13 -19.39 39.14 -48.88
C ILE A 13 -20.29 38.30 -49.79
N GLN A 14 -20.90 37.27 -49.22
CA GLN A 14 -21.79 36.43 -50.00
C GLN A 14 -22.98 37.23 -50.49
N THR A 15 -23.58 36.78 -51.58
CA THR A 15 -24.77 37.40 -52.12
C THR A 15 -26.01 36.69 -51.60
N GLN A 16 -27.17 37.32 -51.80
CA GLN A 16 -28.45 36.64 -51.65
C GLN A 16 -28.66 36.12 -50.22
N GLN A 17 -28.03 36.76 -49.24
CA GLN A 17 -28.07 36.32 -47.84
C GLN A 17 -27.69 34.85 -47.70
N LEU A 18 -26.84 34.35 -48.60
CA LEU A 18 -26.46 32.94 -48.57
C LEU A 18 -25.67 32.58 -47.32
N HIS A 19 -25.04 33.55 -46.65
CA HIS A 19 -24.41 33.22 -45.37
C HIS A 19 -25.47 32.93 -44.32
N ALA A 20 -26.45 33.82 -44.17
CA ALA A 20 -27.58 33.53 -43.29
C ALA A 20 -28.26 32.22 -43.67
N ALA A 21 -28.28 31.89 -44.96
CA ALA A 21 -28.96 30.68 -45.41
C ALA A 21 -28.32 29.42 -44.82
N MET A 22 -27.06 29.49 -44.42
CA MET A 22 -26.35 28.33 -43.88
C MET A 22 -26.47 28.22 -42.36
N ALA A 23 -27.33 29.02 -41.73
CA ALA A 23 -27.46 29.01 -40.29
C ALA A 23 -28.20 27.76 -39.81
N ASP A 24 -27.99 27.44 -38.54
CA ASP A 24 -28.66 26.29 -37.92
C ASP A 24 -30.02 26.66 -37.34
N THR A 25 -30.14 27.85 -36.76
CA THR A 25 -31.34 28.27 -36.06
C THR A 25 -31.88 29.56 -36.69
N PHE A 26 -33.17 29.83 -36.42
CA PHE A 26 -33.74 31.09 -36.88
C PHE A 26 -33.02 32.28 -36.25
N LEU A 27 -32.64 32.16 -34.98
CA LEU A 27 -31.89 33.23 -34.33
C LEU A 27 -30.59 33.50 -35.06
N GLU A 28 -29.82 32.44 -35.35
CA GLU A 28 -28.54 32.64 -36.03
C GLU A 28 -28.75 33.15 -37.45
N HIS A 29 -29.75 32.63 -38.15
CA HIS A 29 -30.09 33.16 -39.47
C HIS A 29 -30.39 34.65 -39.38
N MET A 30 -31.22 35.03 -38.41
CA MET A 30 -31.55 36.43 -38.18
C MET A 30 -30.29 37.25 -37.88
N CYS A 31 -29.36 36.68 -37.11
CA CYS A 31 -28.15 37.40 -36.75
C CYS A 31 -27.21 37.57 -37.92
N ARG A 32 -27.38 36.78 -38.99
CA ARG A 32 -26.49 36.82 -40.14
C ARG A 32 -27.03 37.67 -41.29
N LEU A 33 -28.19 38.30 -41.14
CA LEU A 33 -28.73 39.12 -42.21
C LEU A 33 -27.83 40.34 -42.41
N ASP A 34 -27.41 40.56 -43.66
CA ASP A 34 -26.25 41.38 -43.98
C ASP A 34 -26.61 42.43 -45.02
N ILE A 35 -26.60 43.70 -44.62
CA ILE A 35 -26.99 44.76 -45.54
C ILE A 35 -26.05 44.87 -46.74
N ASP A 36 -24.87 44.28 -46.66
CA ASP A 36 -23.93 44.29 -47.77
C ASP A 36 -24.00 43.04 -48.64
N SER A 37 -24.84 42.07 -48.28
CA SER A 37 -25.10 40.93 -49.14
C SER A 37 -26.11 41.34 -50.20
N ALA A 38 -25.66 41.45 -51.45
CA ALA A 38 -26.51 41.99 -52.49
C ALA A 38 -27.57 40.97 -52.91
N PRO A 39 -28.81 41.40 -53.15
CA PRO A 39 -29.83 40.48 -53.65
C PRO A 39 -29.66 40.24 -55.15
N ILE A 40 -30.41 39.25 -55.65
CA ILE A 40 -30.37 38.94 -57.07
C ILE A 40 -31.29 39.91 -57.84
N THR A 41 -31.14 39.93 -59.16
CA THR A 41 -31.91 40.85 -59.99
C THR A 41 -33.39 40.50 -60.00
N ALA A 42 -33.72 39.22 -60.06
CA ALA A 42 -35.10 38.80 -60.21
C ALA A 42 -35.89 39.03 -58.92
N ARG A 43 -37.13 39.49 -59.06
CA ARG A 43 -38.03 39.72 -57.94
C ARG A 43 -39.18 38.72 -58.03
N ASN A 44 -39.37 37.94 -56.95
CA ASN A 44 -40.34 36.85 -56.98
C ASN A 44 -41.75 37.27 -56.56
N THR A 45 -41.89 38.31 -55.72
CA THR A 45 -43.19 38.69 -55.21
C THR A 45 -43.95 39.53 -56.22
N GLY A 46 -45.18 39.13 -56.53
CA GLY A 46 -45.98 39.89 -57.46
C GLY A 46 -46.46 41.20 -56.87
N ILE A 47 -46.54 42.22 -57.72
CA ILE A 47 -46.99 43.54 -57.34
C ILE A 47 -48.32 43.82 -58.02
N ILE A 48 -49.37 43.96 -57.23
CA ILE A 48 -50.72 44.22 -57.71
C ILE A 48 -51.02 45.70 -57.50
N CYS A 49 -51.30 46.41 -58.59
CA CYS A 49 -51.51 47.85 -58.56
C CYS A 49 -52.97 48.18 -58.85
N THR A 50 -53.59 48.95 -57.96
CA THR A 50 -54.94 49.45 -58.19
C THR A 50 -54.87 50.65 -59.14
N ILE A 51 -55.47 50.51 -60.31
CA ILE A 51 -55.43 51.56 -61.33
C ILE A 51 -56.59 52.51 -61.13
N GLY A 52 -56.31 53.80 -61.26
CA GLY A 52 -57.32 54.82 -61.10
C GLY A 52 -56.93 56.09 -61.84
N PRO A 53 -57.55 57.22 -61.46
CA PRO A 53 -57.25 58.48 -62.16
C PRO A 53 -55.77 58.84 -62.19
N ALA A 54 -55.02 58.53 -61.13
CA ALA A 54 -53.61 58.89 -61.12
C ALA A 54 -52.78 58.07 -62.08
N SER A 55 -53.29 56.93 -62.54
CA SER A 55 -52.43 55.93 -63.17
C SER A 55 -53.04 55.24 -64.39
N ARG A 56 -54.16 55.72 -64.92
CA ARG A 56 -54.90 54.97 -65.94
C ARG A 56 -54.60 55.41 -67.37
N SER A 57 -53.74 56.42 -67.57
CA SER A 57 -53.35 56.78 -68.91
C SER A 57 -52.39 55.73 -69.47
N VAL A 58 -52.40 55.59 -70.81
CA VAL A 58 -51.52 54.62 -71.45
C VAL A 58 -50.07 54.93 -71.11
N GLU A 59 -49.70 56.21 -71.18
CA GLU A 59 -48.32 56.61 -70.89
C GLU A 59 -47.91 56.20 -69.49
N THR A 60 -48.76 56.47 -68.50
CA THR A 60 -48.42 56.11 -67.12
C THR A 60 -48.38 54.60 -66.95
N LEU A 61 -49.38 53.90 -67.49
CA LEU A 61 -49.39 52.44 -67.40
C LEU A 61 -48.12 51.84 -67.99
N LYS A 62 -47.61 52.43 -69.07
CA LYS A 62 -46.32 51.98 -69.60
C LYS A 62 -45.23 52.08 -68.56
N GLU A 63 -45.20 53.19 -67.80
CA GLU A 63 -44.22 53.33 -66.72
C GLU A 63 -44.51 52.36 -65.59
N MET A 64 -45.80 52.16 -65.27
CA MET A 64 -46.17 51.18 -64.26
C MET A 64 -45.57 49.82 -64.57
N ILE A 65 -45.75 49.33 -65.79
CA ILE A 65 -45.19 48.04 -66.19
C ILE A 65 -43.68 48.05 -66.01
N LYS A 66 -43.01 49.08 -66.56
CA LYS A 66 -41.56 49.15 -66.48
C LYS A 66 -41.07 49.14 -65.04
N SER A 67 -41.87 49.65 -64.11
CA SER A 67 -41.48 49.75 -62.72
C SER A 67 -41.79 48.51 -61.90
N GLY A 68 -42.63 47.61 -62.41
CA GLY A 68 -42.82 46.33 -61.74
C GLY A 68 -44.23 45.79 -61.67
N MET A 69 -45.23 46.54 -62.13
CA MET A 69 -46.60 46.08 -62.02
C MET A 69 -46.80 44.77 -62.78
N ASN A 70 -47.38 43.79 -62.10
CA ASN A 70 -47.73 42.51 -62.72
C ASN A 70 -49.23 42.33 -62.91
N VAL A 71 -50.05 42.91 -62.04
CA VAL A 71 -51.50 42.76 -62.09
C VAL A 71 -52.15 44.14 -61.96
N ALA A 72 -53.05 44.45 -62.89
CA ALA A 72 -53.83 45.68 -62.82
C ALA A 72 -55.17 45.37 -62.17
N ARG A 73 -55.46 46.04 -61.06
CA ARG A 73 -56.66 45.80 -60.27
C ARG A 73 -57.66 46.93 -60.49
N MET A 74 -58.88 46.57 -60.84
CA MET A 74 -59.97 47.52 -61.01
C MET A 74 -60.91 47.40 -59.82
N ASN A 75 -61.00 48.45 -59.02
CA ASN A 75 -61.87 48.47 -57.84
C ASN A 75 -63.26 48.90 -58.29
N PHE A 76 -64.20 47.96 -58.32
CA PHE A 76 -65.56 48.29 -58.71
C PHE A 76 -66.39 48.89 -57.58
N SER A 77 -65.74 49.27 -56.48
CA SER A 77 -66.43 50.03 -55.43
C SER A 77 -67.05 51.29 -56.01
N HIS A 78 -66.42 51.89 -57.00
CA HIS A 78 -66.94 53.05 -57.70
C HIS A 78 -66.62 52.92 -59.18
N GLY A 79 -67.30 53.71 -59.99
CA GLY A 79 -67.00 53.73 -61.40
C GLY A 79 -67.95 52.89 -62.22
N THR A 80 -68.19 53.33 -63.46
CA THR A 80 -69.10 52.69 -64.39
C THR A 80 -68.36 51.62 -65.20
N HIS A 81 -69.15 50.74 -65.84
CA HIS A 81 -68.57 49.77 -66.75
C HIS A 81 -67.78 50.44 -67.86
N GLU A 82 -68.28 51.59 -68.35
CA GLU A 82 -67.61 52.31 -69.41
C GLU A 82 -66.26 52.84 -68.95
N TYR A 83 -66.21 53.40 -67.74
CA TYR A 83 -64.95 53.89 -67.17
C TYR A 83 -63.95 52.75 -67.00
N HIS A 84 -64.39 51.64 -66.41
CA HIS A 84 -63.47 50.53 -66.17
C HIS A 84 -63.08 49.84 -67.47
N ALA A 85 -64.00 49.72 -68.42
CA ALA A 85 -63.65 49.15 -69.72
C ALA A 85 -62.55 49.97 -70.39
N GLU A 86 -62.59 51.29 -70.24
CA GLU A 86 -61.57 52.14 -70.85
C GLU A 86 -60.24 51.98 -70.13
N THR A 87 -60.26 51.87 -68.80
CA THR A 87 -59.04 51.58 -68.06
C THR A 87 -58.45 50.24 -68.49
N ILE A 88 -59.28 49.21 -68.53
CA ILE A 88 -58.83 47.89 -68.97
C ILE A 88 -58.21 47.99 -70.36
N LYS A 89 -58.86 48.73 -71.26
CA LYS A 89 -58.32 48.91 -72.61
C LYS A 89 -56.93 49.54 -72.57
N ASN A 90 -56.76 50.57 -71.75
CA ASN A 90 -55.46 51.23 -71.67
C ASN A 90 -54.40 50.30 -71.10
N VAL A 91 -54.77 49.45 -70.14
CA VAL A 91 -53.82 48.47 -69.62
C VAL A 91 -53.32 47.57 -70.75
N ARG A 92 -54.23 47.10 -71.59
CA ARG A 92 -53.85 46.18 -72.65
C ARG A 92 -53.06 46.91 -73.74
N THR A 93 -53.42 48.15 -74.04
CA THR A 93 -52.62 48.92 -74.99
C THR A 93 -51.19 49.06 -74.50
N ALA A 94 -51.01 49.49 -73.25
CA ALA A 94 -49.68 49.63 -72.69
C ALA A 94 -48.98 48.27 -72.64
N THR A 95 -49.68 47.23 -72.19
CA THR A 95 -49.06 45.92 -72.09
C THR A 95 -48.52 45.46 -73.45
N GLU A 96 -49.32 45.63 -74.51
CA GLU A 96 -48.95 45.15 -75.83
C GLU A 96 -47.99 46.08 -76.56
N SER A 97 -47.76 47.29 -76.04
CA SER A 97 -46.76 48.15 -76.65
C SER A 97 -45.36 47.55 -76.54
N PHE A 98 -45.16 46.60 -75.64
CA PHE A 98 -43.90 45.90 -75.50
C PHE A 98 -43.87 44.57 -76.25
N ALA A 99 -45.00 44.15 -76.82
CA ALA A 99 -45.06 42.86 -77.50
C ALA A 99 -44.12 42.78 -78.69
N SER A 100 -43.63 43.92 -79.18
CA SER A 100 -42.67 43.90 -80.28
C SER A 100 -41.51 42.96 -80.01
N ASP A 101 -40.97 43.00 -78.80
CA ASP A 101 -39.84 42.16 -78.41
C ASP A 101 -40.34 41.04 -77.51
N PRO A 102 -40.55 39.83 -78.04
CA PRO A 102 -41.09 38.74 -77.20
C PRO A 102 -40.11 38.17 -76.18
N ILE A 103 -38.87 38.65 -76.14
CA ILE A 103 -37.95 38.22 -75.10
C ILE A 103 -38.07 39.09 -73.85
N LEU A 104 -38.41 40.36 -74.02
CA LEU A 104 -38.59 41.27 -72.89
C LEU A 104 -40.05 41.51 -72.53
N TYR A 105 -40.98 41.08 -73.38
CA TYR A 105 -42.40 41.26 -73.12
C TYR A 105 -42.75 40.68 -71.76
N ARG A 106 -43.65 41.35 -71.05
CA ARG A 106 -44.10 40.91 -69.73
C ARG A 106 -45.62 40.88 -69.71
N PRO A 107 -46.23 39.71 -69.53
CA PRO A 107 -47.69 39.66 -69.38
C PRO A 107 -48.14 40.45 -68.16
N VAL A 108 -49.27 41.13 -68.29
CA VAL A 108 -49.91 41.83 -67.19
C VAL A 108 -51.31 41.26 -67.04
N ALA A 109 -51.67 40.90 -65.81
CA ALA A 109 -52.99 40.37 -65.55
C ALA A 109 -53.97 41.50 -65.25
N VAL A 110 -55.26 41.18 -65.36
CA VAL A 110 -56.34 42.11 -65.10
C VAL A 110 -57.23 41.50 -64.02
N ALA A 111 -57.43 42.22 -62.92
CA ALA A 111 -58.21 41.74 -61.80
C ALA A 111 -59.42 42.63 -61.57
N LEU A 112 -60.57 42.01 -61.32
CA LEU A 112 -61.80 42.71 -60.99
C LEU A 112 -62.10 42.50 -59.51
N ASP A 113 -62.07 43.59 -58.74
CA ASP A 113 -62.38 43.56 -57.32
C ASP A 113 -63.81 44.07 -57.14
N THR A 114 -64.69 43.20 -56.65
CA THR A 114 -66.10 43.56 -56.55
C THR A 114 -66.36 44.49 -55.37
N LYS A 115 -67.41 45.29 -55.50
CA LYS A 115 -67.85 46.15 -54.40
C LYS A 115 -68.44 45.32 -53.26
N GLY A 116 -69.15 44.25 -53.58
CA GLY A 116 -69.70 43.37 -52.59
C GLY A 116 -70.90 43.95 -51.87
N PRO A 117 -71.46 43.20 -50.92
CA PRO A 117 -72.60 43.71 -50.15
C PRO A 117 -72.17 44.71 -49.09
N GLU A 118 -73.09 45.63 -48.79
CA GLU A 118 -72.84 46.72 -47.85
C GLU A 118 -74.04 46.92 -46.94
N ILE A 119 -73.80 47.54 -45.80
CA ILE A 119 -74.84 48.04 -44.91
C ILE A 119 -74.67 49.55 -44.82
N ARG A 120 -75.73 50.28 -45.13
CA ARG A 120 -75.67 51.74 -45.22
C ARG A 120 -76.74 52.38 -44.34
N THR A 121 -76.45 53.60 -43.89
CA THR A 121 -77.40 54.40 -43.14
C THR A 121 -78.16 55.32 -44.09
N GLY A 122 -79.08 56.09 -43.55
CA GLY A 122 -79.87 57.04 -44.31
C GLY A 122 -79.28 58.44 -44.27
N LEU A 123 -80.11 59.41 -44.64
CA LEU A 123 -79.70 60.81 -44.67
C LEU A 123 -79.95 61.48 -43.32
N ILE A 124 -79.04 62.37 -42.94
CA ILE A 124 -79.20 63.15 -41.73
C ILE A 124 -80.05 64.38 -42.06
N LYS A 125 -81.16 64.54 -41.33
CA LYS A 125 -82.03 65.71 -41.47
C LYS A 125 -82.24 66.06 -42.95
N GLY A 126 -82.56 65.03 -43.74
CA GLY A 126 -82.89 65.22 -45.14
C GLY A 126 -81.79 65.78 -46.00
N SER A 127 -80.53 65.68 -45.57
CA SER A 127 -79.41 66.25 -46.30
C SER A 127 -78.30 65.21 -46.44
N GLY A 128 -77.55 65.33 -47.54
CA GLY A 128 -76.36 64.53 -47.72
C GLY A 128 -75.18 65.15 -46.99
N THR A 129 -75.05 66.47 -47.10
CA THR A 129 -74.01 67.22 -46.42
C THR A 129 -74.60 67.84 -45.16
N ALA A 130 -74.68 67.01 -44.11
CA ALA A 130 -75.24 67.43 -42.83
C ALA A 130 -74.91 66.36 -41.81
N GLU A 131 -74.56 66.79 -40.59
CA GLU A 131 -74.02 65.87 -39.58
C GLU A 131 -74.63 66.19 -38.23
N VAL A 132 -74.57 65.19 -37.35
CA VAL A 132 -74.96 65.34 -35.95
C VAL A 132 -73.86 64.74 -35.08
N GLU A 133 -73.76 65.22 -33.85
CA GLU A 133 -72.76 64.74 -32.91
C GLU A 133 -73.39 63.73 -31.95
N LEU A 134 -72.80 62.55 -31.87
CA LEU A 134 -73.22 61.51 -30.94
C LEU A 134 -72.28 61.55 -29.74
N LYS A 135 -72.74 62.19 -28.66
CA LYS A 135 -71.95 62.22 -27.45
C LYS A 135 -71.88 60.83 -26.84
N LYS A 136 -70.71 60.47 -26.30
CA LYS A 136 -70.58 59.19 -25.64
C LYS A 136 -71.58 59.07 -24.50
N GLY A 137 -72.14 57.88 -24.33
CA GLY A 137 -73.13 57.61 -23.31
C GLY A 137 -74.55 57.93 -23.71
N ALA A 138 -74.75 58.74 -24.76
CA ALA A 138 -76.09 59.03 -25.23
C ALA A 138 -76.78 57.73 -25.68
N THR A 139 -78.06 57.84 -25.97
CA THR A 139 -78.84 56.74 -26.49
C THR A 139 -79.09 56.95 -27.98
N LEU A 140 -79.03 55.87 -28.75
CA LEU A 140 -79.29 55.93 -30.18
C LEU A 140 -80.12 54.73 -30.57
N LYS A 141 -81.22 54.98 -31.27
CA LYS A 141 -82.13 53.94 -31.72
C LYS A 141 -81.92 53.69 -33.21
N ILE A 142 -81.64 52.45 -33.56
CA ILE A 142 -81.56 52.04 -34.95
C ILE A 142 -82.93 51.50 -35.34
N THR A 143 -83.40 51.88 -36.53
CA THR A 143 -84.70 51.46 -37.00
C THR A 143 -84.63 51.06 -38.46
N LEU A 144 -85.50 50.12 -38.84
CA LEU A 144 -85.66 49.72 -40.23
C LEU A 144 -86.89 50.35 -40.86
N ASP A 145 -87.60 51.20 -40.12
CA ASP A 145 -88.81 51.85 -40.61
C ASP A 145 -88.44 52.93 -41.62
N ASN A 146 -88.75 52.68 -42.89
CA ASN A 146 -88.36 53.60 -43.95
C ASN A 146 -88.94 55.00 -43.79
N ALA A 147 -89.79 55.22 -42.79
CA ALA A 147 -90.28 56.57 -42.54
C ALA A 147 -89.13 57.52 -42.23
N TYR A 148 -88.14 57.05 -41.48
CA TYR A 148 -87.01 57.86 -41.04
C TYR A 148 -85.77 57.66 -41.91
N MET A 149 -85.93 57.08 -43.09
CA MET A 149 -84.78 56.80 -43.94
C MET A 149 -84.11 58.07 -44.46
N GLU A 150 -84.83 59.20 -44.48
CA GLU A 150 -84.24 60.49 -44.81
C GLU A 150 -84.35 61.48 -43.65
N LYS A 151 -84.65 60.98 -42.45
CA LYS A 151 -84.83 61.82 -41.27
C LYS A 151 -83.96 61.32 -40.13
N CYS A 152 -82.72 60.95 -40.44
CA CYS A 152 -81.77 60.54 -39.42
C CYS A 152 -81.27 61.74 -38.63
N ASP A 153 -81.14 61.56 -37.32
CA ASP A 153 -80.54 62.57 -36.45
C ASP A 153 -80.03 61.87 -35.20
N GLU A 154 -79.48 62.65 -34.26
CA GLU A 154 -78.73 62.09 -33.15
C GLU A 154 -79.58 61.22 -32.23
N ASN A 155 -80.85 61.02 -32.56
CA ASN A 155 -81.74 60.19 -31.78
C ASN A 155 -82.22 58.95 -32.51
N ILE A 156 -82.51 59.07 -33.80
CA ILE A 156 -83.01 57.97 -34.62
C ILE A 156 -82.07 57.79 -35.80
N LEU A 157 -81.76 56.53 -36.11
CA LEU A 157 -80.82 56.19 -37.18
C LEU A 157 -81.41 55.06 -38.02
N TRP A 158 -81.55 55.30 -39.32
CA TRP A 158 -82.05 54.29 -40.25
C TRP A 158 -80.88 53.63 -40.97
N LEU A 159 -81.09 52.36 -41.33
CA LEU A 159 -80.14 51.65 -42.18
C LEU A 159 -80.92 50.62 -43.00
N ASP A 160 -80.23 50.03 -43.98
CA ASP A 160 -80.88 49.29 -45.05
C ASP A 160 -80.76 47.77 -44.89
N TYR A 161 -80.23 47.28 -43.78
CA TYR A 161 -80.07 45.85 -43.55
C TYR A 161 -81.28 45.36 -42.74
N LYS A 162 -82.24 44.73 -43.44
CA LYS A 162 -83.52 44.43 -42.81
C LYS A 162 -83.43 43.31 -41.79
N ASN A 163 -82.45 42.42 -41.91
CA ASN A 163 -82.31 41.29 -41.01
C ASN A 163 -81.40 41.57 -39.82
N ILE A 164 -80.98 42.83 -39.63
CA ILE A 164 -79.94 43.13 -38.65
C ILE A 164 -80.30 42.60 -37.28
N CYS A 165 -81.55 42.82 -36.85
CA CYS A 165 -81.96 42.38 -35.52
C CYS A 165 -81.83 40.88 -35.34
N LYS A 166 -81.83 40.12 -36.44
CA LYS A 166 -81.73 38.67 -36.37
C LYS A 166 -80.30 38.17 -36.18
N VAL A 167 -79.29 39.03 -36.39
CA VAL A 167 -77.89 38.61 -36.33
C VAL A 167 -77.14 39.33 -35.21
N VAL A 168 -77.83 40.12 -34.39
CA VAL A 168 -77.19 40.84 -33.29
C VAL A 168 -77.94 40.54 -32.00
N ASP A 169 -77.24 40.69 -30.89
CA ASP A 169 -77.77 40.43 -29.56
C ASP A 169 -77.56 41.64 -28.67
N VAL A 170 -78.21 41.62 -27.51
CA VAL A 170 -77.87 42.58 -26.47
C VAL A 170 -76.41 42.40 -26.11
N GLY A 171 -75.67 43.51 -26.01
CA GLY A 171 -74.24 43.46 -25.82
C GLY A 171 -73.43 43.48 -27.09
N SER A 172 -74.02 43.09 -28.22
CA SER A 172 -73.35 43.21 -29.50
C SER A 172 -72.98 44.66 -29.76
N LYS A 173 -72.08 44.87 -30.72
CA LYS A 173 -71.64 46.20 -31.10
C LYS A 173 -71.99 46.47 -32.55
N VAL A 174 -72.23 47.73 -32.86
CA VAL A 174 -72.47 48.19 -34.22
C VAL A 174 -71.48 49.32 -34.51
N TYR A 175 -70.74 49.20 -35.60
CA TYR A 175 -69.78 50.21 -36.01
C TYR A 175 -70.35 51.00 -37.19
N VAL A 176 -70.15 52.32 -37.16
CA VAL A 176 -70.68 53.22 -38.18
C VAL A 176 -69.55 54.11 -38.69
N ASP A 177 -69.50 54.27 -40.02
CA ASP A 177 -68.52 55.11 -40.70
C ASP A 177 -67.09 54.60 -40.45
N ASP A 178 -66.86 53.39 -40.99
CA ASP A 178 -65.54 52.76 -40.96
C ASP A 178 -64.94 52.76 -39.54
N GLY A 179 -65.77 52.38 -38.57
CA GLY A 179 -65.31 52.25 -37.21
C GLY A 179 -65.16 53.55 -36.44
N LEU A 180 -65.56 54.68 -37.02
CA LEU A 180 -65.48 55.95 -36.30
C LEU A 180 -66.35 55.94 -35.06
N ILE A 181 -67.57 55.42 -35.18
CA ILE A 181 -68.55 55.43 -34.11
C ILE A 181 -68.85 54.00 -33.72
N SER A 182 -68.90 53.72 -32.42
CA SER A 182 -69.22 52.40 -31.91
C SER A 182 -70.45 52.50 -31.00
N LEU A 183 -71.48 51.73 -31.33
CA LEU A 183 -72.69 51.61 -30.53
C LEU A 183 -72.71 50.24 -29.86
N GLN A 184 -73.48 50.14 -28.78
CA GLN A 184 -73.68 48.87 -28.07
C GLN A 184 -75.18 48.64 -27.93
N VAL A 185 -75.64 47.49 -28.41
CA VAL A 185 -77.07 47.16 -28.38
C VAL A 185 -77.46 46.87 -26.94
N LYS A 186 -78.29 47.74 -26.36
CA LYS A 186 -78.81 47.56 -25.02
C LYS A 186 -80.21 46.97 -24.99
N GLN A 187 -81.06 47.33 -25.95
CA GLN A 187 -82.40 46.77 -26.05
C GLN A 187 -82.71 46.51 -27.52
N LYS A 188 -83.35 45.37 -27.78
CA LYS A 188 -83.64 44.92 -29.14
C LYS A 188 -85.13 44.71 -29.31
N GLY A 189 -85.70 45.34 -30.33
CA GLY A 189 -87.07 45.13 -30.72
C GLY A 189 -87.16 44.28 -31.98
N PRO A 190 -88.32 44.26 -32.63
CA PRO A 190 -88.47 43.43 -33.83
C PRO A 190 -88.01 44.14 -35.09
N ASP A 191 -88.03 45.47 -35.10
CA ASP A 191 -87.49 46.23 -36.23
C ASP A 191 -86.68 47.43 -35.75
N PHE A 192 -86.13 47.35 -34.53
CA PHE A 192 -85.32 48.44 -34.01
C PHE A 192 -84.37 47.88 -32.97
N LEU A 193 -83.35 48.68 -32.65
CA LEU A 193 -82.38 48.37 -31.61
C LEU A 193 -82.14 49.64 -30.79
N VAL A 194 -82.16 49.52 -29.48
CA VAL A 194 -81.79 50.61 -28.58
C VAL A 194 -80.33 50.40 -28.20
N THR A 195 -79.48 51.34 -28.58
CA THR A 195 -78.04 51.23 -28.36
C THR A 195 -77.56 52.38 -27.49
N GLU A 196 -76.40 52.17 -26.88
CA GLU A 196 -75.70 53.20 -26.12
C GLU A 196 -74.42 53.55 -26.87
N VAL A 197 -74.15 54.85 -27.01
CA VAL A 197 -72.96 55.29 -27.72
C VAL A 197 -71.73 55.01 -26.88
N GLU A 198 -70.77 54.29 -27.46
CA GLU A 198 -69.49 54.02 -26.81
C GLU A 198 -68.42 55.01 -27.25
N ASN A 199 -68.06 54.98 -28.53
CA ASN A 199 -67.20 56.00 -29.11
C ASN A 199 -68.05 56.93 -29.95
N GLY A 200 -68.03 58.23 -29.62
CA GLY A 200 -68.83 59.21 -30.31
C GLY A 200 -68.09 59.85 -31.48
N GLY A 201 -68.79 60.77 -32.12
CA GLY A 201 -68.25 61.46 -33.27
C GLY A 201 -69.37 62.11 -34.06
N PHE A 202 -68.97 62.73 -35.17
CA PHE A 202 -69.92 63.39 -36.07
C PHE A 202 -70.43 62.37 -37.07
N LEU A 203 -71.75 62.19 -37.12
CA LEU A 203 -72.40 61.21 -37.98
C LEU A 203 -72.93 61.89 -39.23
N GLY A 204 -72.40 61.50 -40.39
CA GLY A 204 -72.88 61.97 -41.68
C GLY A 204 -73.94 61.07 -42.24
N SER A 205 -74.19 61.22 -43.53
CA SER A 205 -75.25 60.50 -44.22
C SER A 205 -74.68 59.36 -45.07
N LYS A 206 -75.41 58.25 -45.12
CA LYS A 206 -75.08 57.12 -46.00
C LYS A 206 -73.71 56.53 -45.66
N LYS A 207 -73.49 56.25 -44.38
CA LYS A 207 -72.22 55.69 -43.93
C LYS A 207 -72.30 54.17 -43.86
N GLY A 208 -71.14 53.54 -43.97
CA GLY A 208 -71.08 52.09 -43.89
C GLY A 208 -71.22 51.61 -42.44
N VAL A 209 -71.87 50.47 -42.28
CA VAL A 209 -72.07 49.85 -40.98
C VAL A 209 -71.31 48.53 -40.96
N ASN A 210 -70.75 48.20 -39.80
CA ASN A 210 -70.06 46.92 -39.61
C ASN A 210 -70.54 46.28 -38.33
N LEU A 211 -70.79 44.97 -38.39
CA LEU A 211 -71.32 44.22 -37.27
C LEU A 211 -70.26 43.26 -36.74
N PRO A 212 -69.29 43.75 -35.97
CA PRO A 212 -68.21 42.88 -35.48
C PRO A 212 -68.75 41.63 -34.81
N GLY A 213 -68.18 40.48 -35.18
CA GLY A 213 -68.54 39.20 -34.60
C GLY A 213 -69.84 38.59 -35.08
N ALA A 214 -70.63 39.31 -35.86
CA ALA A 214 -71.92 38.80 -36.30
C ALA A 214 -71.78 37.86 -37.49
N ALA A 215 -72.69 36.89 -37.57
CA ALA A 215 -72.81 36.01 -38.73
C ALA A 215 -73.77 36.67 -39.71
N VAL A 216 -73.26 37.67 -40.42
CA VAL A 216 -74.08 38.46 -41.33
C VAL A 216 -74.58 37.57 -42.47
N ASP A 217 -75.85 37.76 -42.84
CA ASP A 217 -76.49 36.89 -43.82
C ASP A 217 -76.80 37.59 -45.14
N LEU A 218 -76.14 38.72 -45.42
CA LEU A 218 -76.23 39.32 -46.74
C LEU A 218 -75.81 38.31 -47.79
N PRO A 219 -76.28 38.45 -49.02
CA PRO A 219 -75.90 37.51 -50.09
C PRO A 219 -74.41 37.57 -50.37
N ALA A 220 -73.88 36.45 -50.86
CA ALA A 220 -72.49 36.41 -51.28
C ALA A 220 -72.21 37.52 -52.30
N VAL A 221 -73.11 37.71 -53.24
CA VAL A 221 -72.98 38.74 -54.27
C VAL A 221 -74.23 39.59 -54.27
N SER A 222 -74.06 40.86 -54.58
CA SER A 222 -75.18 41.79 -54.71
C SER A 222 -75.67 41.82 -56.16
N GLU A 223 -76.80 42.50 -56.37
CA GLU A 223 -77.28 42.71 -57.72
C GLU A 223 -76.22 43.38 -58.58
N LYS A 224 -75.56 44.41 -58.03
CA LYS A 224 -74.49 45.07 -58.77
C LYS A 224 -73.34 44.11 -59.04
N ASP A 225 -72.93 43.35 -58.02
CA ASP A 225 -71.86 42.37 -58.21
C ASP A 225 -72.17 41.42 -59.37
N ILE A 226 -73.43 41.01 -59.50
CA ILE A 226 -73.79 40.08 -60.56
C ILE A 226 -73.57 40.72 -61.92
N GLN A 227 -73.99 41.98 -62.08
CA GLN A 227 -73.74 42.69 -63.32
C GLN A 227 -72.24 42.88 -63.56
N ASP A 228 -71.49 43.21 -62.51
CA ASP A 228 -70.07 43.47 -62.66
C ASP A 228 -69.31 42.20 -62.97
N LEU A 229 -69.62 41.10 -62.28
CA LEU A 229 -69.00 39.82 -62.60
C LEU A 229 -69.28 39.42 -64.04
N LYS A 230 -70.50 39.64 -64.50
CA LYS A 230 -70.83 39.39 -65.91
C LYS A 230 -69.99 40.27 -66.82
N PHE A 231 -69.92 41.57 -66.49
CA PHE A 231 -69.03 42.47 -67.22
C PHE A 231 -67.61 41.92 -67.28
N GLY A 232 -67.12 41.40 -66.16
CA GLY A 232 -65.76 40.86 -66.13
C GLY A 232 -65.57 39.70 -67.09
N VAL A 233 -66.58 38.81 -67.19
CA VAL A 233 -66.49 37.70 -68.13
C VAL A 233 -66.38 38.24 -69.55
N GLU A 234 -67.23 39.22 -69.89
CA GLU A 234 -67.16 39.83 -71.22
C GLU A 234 -65.80 40.48 -71.47
N GLN A 235 -65.20 41.06 -70.42
CA GLN A 235 -63.93 41.78 -70.57
C GLN A 235 -62.72 40.87 -70.52
N ASP A 236 -62.90 39.58 -70.21
CA ASP A 236 -61.81 38.59 -70.27
C ASP A 236 -60.82 38.79 -69.12
N VAL A 237 -61.33 39.17 -67.94
CA VAL A 237 -60.44 39.34 -66.81
C VAL A 237 -59.82 38.00 -66.41
N ASP A 238 -58.67 38.08 -65.76
CA ASP A 238 -57.94 36.89 -65.36
C ASP A 238 -58.34 36.39 -63.99
N MET A 239 -58.94 37.23 -63.15
CA MET A 239 -59.18 36.85 -61.77
C MET A 239 -60.15 37.86 -61.17
N VAL A 240 -60.93 37.38 -60.20
CA VAL A 240 -61.89 38.20 -59.48
C VAL A 240 -61.46 38.25 -58.02
N PHE A 241 -61.47 39.44 -57.44
CA PHE A 241 -61.29 39.62 -56.00
C PHE A 241 -62.68 39.79 -55.39
N ALA A 242 -63.16 38.75 -54.72
CA ALA A 242 -64.53 38.71 -54.23
C ALA A 242 -64.59 39.21 -52.79
N SER A 243 -65.36 40.27 -52.56
CA SER A 243 -65.37 40.94 -51.28
C SER A 243 -66.22 40.20 -50.24
N PHE A 244 -65.84 40.36 -48.98
CA PHE A 244 -66.69 40.03 -47.84
C PHE A 244 -67.05 38.55 -47.79
N ILE A 245 -66.09 37.69 -48.14
CA ILE A 245 -66.31 36.25 -48.16
C ILE A 245 -66.33 35.74 -46.73
N ARG A 246 -67.43 35.08 -46.35
CA ARG A 246 -67.60 34.60 -44.99
C ARG A 246 -67.65 33.08 -44.87
N LYS A 247 -67.82 32.36 -45.96
CA LYS A 247 -67.98 30.92 -45.88
C LYS A 247 -67.78 30.33 -47.28
N ALA A 248 -67.54 29.02 -47.32
CA ALA A 248 -67.34 28.35 -48.59
C ALA A 248 -68.48 28.63 -49.56
N ALA A 249 -69.72 28.57 -49.05
CA ALA A 249 -70.88 28.77 -49.93
C ALA A 249 -70.81 30.10 -50.66
N ASP A 250 -70.29 31.13 -50.02
CA ASP A 250 -70.12 32.42 -50.70
C ASP A 250 -69.21 32.28 -51.92
N VAL A 251 -68.11 31.54 -51.77
CA VAL A 251 -67.22 31.28 -52.90
C VAL A 251 -67.98 30.55 -54.00
N HIS A 252 -68.74 29.54 -53.62
CA HIS A 252 -69.48 28.74 -54.61
C HIS A 252 -70.48 29.60 -55.37
N GLU A 253 -71.08 30.58 -54.70
CA GLU A 253 -71.99 31.49 -55.39
C GLU A 253 -71.26 32.30 -56.46
N VAL A 254 -70.10 32.86 -56.11
CA VAL A 254 -69.33 33.62 -57.10
C VAL A 254 -68.97 32.73 -58.28
N ARG A 255 -68.43 31.54 -57.99
CA ARG A 255 -68.14 30.57 -59.03
C ARG A 255 -69.37 30.33 -59.91
N LYS A 256 -70.52 30.10 -59.29
CA LYS A 256 -71.74 29.84 -60.05
C LYS A 256 -72.09 31.01 -60.96
N ILE A 257 -71.95 32.24 -60.45
CA ILE A 257 -72.29 33.42 -61.26
C ILE A 257 -71.37 33.50 -62.46
N LEU A 258 -70.06 33.30 -62.26
CA LEU A 258 -69.14 33.32 -63.39
C LEU A 258 -69.48 32.25 -64.41
N GLY A 259 -70.08 31.15 -63.97
CA GLY A 259 -70.62 30.16 -64.87
C GLY A 259 -69.59 29.45 -65.73
N GLU A 260 -70.10 28.83 -66.79
CA GLU A 260 -69.28 28.02 -67.69
C GLU A 260 -68.24 28.87 -68.41
N LYS A 261 -68.66 30.01 -68.96
CA LYS A 261 -67.72 30.83 -69.71
C LYS A 261 -66.63 31.42 -68.84
N GLY A 262 -66.87 31.58 -67.53
CA GLY A 262 -65.87 32.11 -66.64
C GLY A 262 -65.23 31.07 -65.75
N LYS A 263 -65.32 29.80 -66.16
CA LYS A 263 -64.82 28.71 -65.32
C LYS A 263 -63.30 28.76 -65.15
N ASN A 264 -62.58 29.44 -66.03
CA ASN A 264 -61.13 29.54 -65.94
C ASN A 264 -60.68 30.81 -65.22
N ILE A 265 -61.61 31.68 -64.83
CA ILE A 265 -61.26 32.88 -64.07
C ILE A 265 -61.03 32.48 -62.62
N LYS A 266 -59.88 32.88 -62.08
CA LYS A 266 -59.53 32.50 -60.72
C LYS A 266 -60.24 33.39 -59.70
N ILE A 267 -60.74 32.78 -58.64
CA ILE A 267 -61.50 33.47 -57.61
C ILE A 267 -60.61 33.65 -56.38
N ILE A 268 -60.32 34.90 -56.04
CA ILE A 268 -59.55 35.25 -54.85
C ILE A 268 -60.54 35.73 -53.80
N SER A 269 -60.65 34.99 -52.71
CA SER A 269 -61.57 35.36 -51.64
C SER A 269 -60.95 36.42 -50.73
N LYS A 270 -61.69 37.50 -50.50
CA LYS A 270 -61.27 38.55 -49.59
C LYS A 270 -61.79 38.26 -48.19
N ILE A 271 -60.87 38.07 -47.24
CA ILE A 271 -61.21 37.84 -45.84
C ILE A 271 -61.27 39.18 -45.13
N GLU A 272 -62.46 39.55 -44.64
CA GLU A 272 -62.68 40.91 -44.16
C GLU A 272 -63.33 41.03 -42.78
N ASN A 273 -63.61 39.94 -42.07
CA ASN A 273 -64.32 40.06 -40.81
C ASN A 273 -64.14 38.77 -40.01
N HIS A 274 -64.79 38.72 -38.84
CA HIS A 274 -64.57 37.63 -37.90
C HIS A 274 -64.94 36.28 -38.51
N GLU A 275 -66.14 36.18 -39.10
CA GLU A 275 -66.56 34.89 -39.63
C GLU A 275 -65.62 34.40 -40.73
N GLY A 276 -65.05 35.32 -41.50
CA GLY A 276 -64.10 34.91 -42.53
C GLY A 276 -62.84 34.28 -41.95
N VAL A 277 -62.35 34.82 -40.83
CA VAL A 277 -61.15 34.26 -40.22
C VAL A 277 -61.48 32.92 -39.56
N ARG A 278 -62.60 32.85 -38.85
CA ARG A 278 -62.92 31.62 -38.11
C ARG A 278 -63.26 30.47 -39.05
N ARG A 279 -63.86 30.76 -40.20
CA ARG A 279 -64.19 29.74 -41.18
C ARG A 279 -63.20 29.69 -42.34
N PHE A 280 -61.97 30.17 -42.11
CA PHE A 280 -61.03 30.34 -43.22
C PHE A 280 -60.77 29.04 -43.96
N ASP A 281 -60.68 27.92 -43.23
CA ASP A 281 -60.29 26.66 -43.86
C ASP A 281 -61.25 26.28 -44.98
N GLU A 282 -62.56 26.29 -44.70
CA GLU A 282 -63.50 25.94 -45.75
C GLU A 282 -63.50 26.96 -46.88
N ILE A 283 -63.13 28.21 -46.58
CA ILE A 283 -63.01 29.21 -47.63
C ILE A 283 -61.77 28.96 -48.49
N LEU A 284 -60.66 28.60 -47.85
CA LEU A 284 -59.44 28.31 -48.61
C LEU A 284 -59.65 27.12 -49.53
N GLU A 285 -60.25 26.05 -49.00
CA GLU A 285 -60.48 24.85 -49.80
C GLU A 285 -61.27 25.17 -51.07
N ALA A 286 -62.24 26.09 -50.97
CA ALA A 286 -63.10 26.39 -52.11
C ALA A 286 -62.53 27.47 -53.02
N SER A 287 -61.56 28.25 -52.55
CA SER A 287 -61.05 29.37 -53.33
C SER A 287 -59.85 28.95 -54.18
N ASP A 288 -59.59 29.75 -55.22
CA ASP A 288 -58.34 29.65 -55.96
C ASP A 288 -57.22 30.42 -55.27
N GLY A 289 -57.58 31.41 -54.46
CA GLY A 289 -56.60 32.23 -53.76
C GLY A 289 -57.31 33.07 -52.72
N ILE A 290 -56.49 33.81 -51.97
CA ILE A 290 -56.95 34.55 -50.80
C ILE A 290 -56.31 35.93 -50.80
N MET A 291 -57.08 36.94 -50.38
CA MET A 291 -56.56 38.27 -50.10
C MET A 291 -56.81 38.59 -48.64
N VAL A 292 -55.76 39.01 -47.94
CA VAL A 292 -55.92 39.52 -46.58
C VAL A 292 -56.28 41.00 -46.69
N ALA A 293 -57.59 41.29 -46.69
CA ALA A 293 -58.08 42.66 -46.87
C ALA A 293 -57.99 43.40 -45.54
N ARG A 294 -56.76 43.86 -45.23
CA ARG A 294 -56.46 44.30 -43.87
C ARG A 294 -57.25 45.54 -43.48
N GLY A 295 -57.55 46.43 -44.42
CA GLY A 295 -58.31 47.62 -44.09
C GLY A 295 -59.65 47.28 -43.46
N ASP A 296 -60.51 46.61 -44.23
CA ASP A 296 -61.82 46.23 -43.70
C ASP A 296 -61.68 45.30 -42.50
N LEU A 297 -60.70 44.40 -42.52
CA LEU A 297 -60.53 43.46 -41.42
C LEU A 297 -60.27 44.19 -40.11
N GLY A 298 -59.42 45.22 -40.14
CA GLY A 298 -59.16 46.04 -38.96
C GLY A 298 -60.30 46.97 -38.57
N ILE A 299 -61.28 47.17 -39.44
CA ILE A 299 -62.50 47.84 -39.02
C ILE A 299 -63.39 46.88 -38.24
N GLU A 300 -63.44 45.62 -38.68
CA GLU A 300 -64.30 44.61 -38.06
C GLU A 300 -63.68 44.03 -36.80
N ILE A 301 -62.40 43.69 -36.84
CA ILE A 301 -61.73 43.11 -35.68
C ILE A 301 -60.78 44.14 -35.09
N PRO A 302 -60.45 44.05 -33.81
CA PRO A 302 -59.53 45.02 -33.22
C PRO A 302 -58.24 45.11 -34.04
N ALA A 303 -57.80 46.34 -34.30
CA ALA A 303 -56.68 46.54 -35.20
C ALA A 303 -55.42 45.83 -34.71
N GLU A 304 -55.26 45.69 -33.39
CA GLU A 304 -54.06 45.05 -32.88
C GLU A 304 -54.02 43.54 -33.13
N LYS A 305 -55.09 42.97 -33.69
CA LYS A 305 -55.12 41.54 -33.99
C LYS A 305 -54.89 41.23 -35.45
N VAL A 306 -54.85 42.25 -36.32
CA VAL A 306 -54.80 42.01 -37.77
C VAL A 306 -53.57 41.20 -38.14
N PHE A 307 -52.42 41.49 -37.54
CA PHE A 307 -51.21 40.75 -37.90
C PHE A 307 -51.34 39.27 -37.56
N LEU A 308 -52.09 38.94 -36.51
CA LEU A 308 -52.36 37.54 -36.22
C LEU A 308 -53.11 36.88 -37.37
N ALA A 309 -54.16 37.54 -37.87
CA ALA A 309 -54.92 36.98 -38.98
C ALA A 309 -54.08 36.93 -40.25
N GLN A 310 -53.23 37.94 -40.47
CA GLN A 310 -52.39 37.93 -41.66
C GLN A 310 -51.44 36.75 -41.67
N LYS A 311 -50.76 36.52 -40.55
CA LYS A 311 -49.75 35.47 -40.51
C LYS A 311 -50.39 34.09 -40.52
N MET A 312 -51.53 33.94 -39.84
CA MET A 312 -52.26 32.68 -39.91
C MET A 312 -52.66 32.37 -41.34
N ILE A 313 -53.27 33.33 -42.02
CA ILE A 313 -53.79 33.10 -43.36
C ILE A 313 -52.66 32.80 -44.34
N ILE A 314 -51.58 33.59 -44.28
CA ILE A 314 -50.47 33.38 -45.20
C ILE A 314 -49.85 32.00 -44.99
N GLY A 315 -49.65 31.62 -43.72
CA GLY A 315 -49.10 30.31 -43.43
C GLY A 315 -49.96 29.19 -44.00
N ARG A 316 -51.28 29.30 -43.84
CA ARG A 316 -52.16 28.23 -44.29
C ARG A 316 -52.29 28.21 -45.81
N CYS A 317 -52.16 29.37 -46.46
CA CYS A 317 -52.16 29.38 -47.92
C CYS A 317 -50.87 28.77 -48.47
N ASN A 318 -49.72 29.16 -47.92
CA ASN A 318 -48.46 28.51 -48.29
C ASN A 318 -48.57 27.00 -48.12
N ARG A 319 -48.99 26.56 -46.93
CA ARG A 319 -49.21 25.15 -46.65
C ARG A 319 -50.00 24.49 -47.77
N ALA A 320 -51.08 25.14 -48.21
CA ALA A 320 -51.93 24.60 -49.27
C ALA A 320 -51.36 24.79 -50.66
N GLY A 321 -50.41 25.71 -50.84
CA GLY A 321 -49.94 26.05 -52.16
C GLY A 321 -50.89 26.95 -52.93
N LYS A 322 -51.74 27.71 -52.24
CA LYS A 322 -52.63 28.58 -52.96
C LYS A 322 -52.21 30.04 -52.81
N PRO A 323 -52.33 30.83 -53.86
CA PRO A 323 -51.88 32.23 -53.80
C PRO A 323 -52.50 32.99 -52.64
N VAL A 324 -51.71 33.90 -52.07
CA VAL A 324 -52.20 34.78 -51.01
C VAL A 324 -51.65 36.18 -51.24
N ILE A 325 -52.52 37.17 -51.09
CA ILE A 325 -52.21 38.57 -51.34
C ILE A 325 -52.31 39.31 -50.02
N CYS A 326 -51.28 40.10 -49.71
CA CYS A 326 -51.34 41.04 -48.60
C CYS A 326 -51.68 42.42 -49.15
N ALA A 327 -52.73 43.04 -48.62
CA ALA A 327 -53.28 44.25 -49.20
C ALA A 327 -53.49 45.32 -48.15
N THR A 328 -53.48 46.58 -48.61
CA THR A 328 -54.00 47.74 -47.89
C THR A 328 -52.96 48.47 -47.04
N GLN A 329 -52.70 49.73 -47.40
CA GLN A 329 -51.93 50.66 -46.58
C GLN A 329 -50.48 50.22 -46.39
N MET A 330 -49.94 49.43 -47.32
CA MET A 330 -48.56 49.01 -47.19
C MET A 330 -47.61 50.20 -47.30
N LEU A 331 -47.87 51.13 -48.22
CA LEU A 331 -47.10 52.36 -48.36
C LEU A 331 -48.03 53.58 -48.33
N GLU A 332 -48.93 53.61 -47.34
CA GLU A 332 -50.01 54.59 -47.32
C GLU A 332 -49.50 56.02 -47.45
N SER A 333 -48.43 56.36 -46.72
CA SER A 333 -47.99 57.75 -46.73
C SER A 333 -47.55 58.20 -48.13
N MET A 334 -47.16 57.27 -49.00
CA MET A 334 -46.74 57.65 -50.33
C MET A 334 -47.88 58.17 -51.19
N ILE A 335 -49.12 58.19 -50.68
CA ILE A 335 -50.18 58.90 -51.38
C ILE A 335 -49.84 60.39 -51.47
N LYS A 336 -49.19 60.94 -50.43
CA LYS A 336 -48.81 62.34 -50.42
C LYS A 336 -47.31 62.59 -50.39
N LYS A 337 -46.49 61.59 -50.03
CA LYS A 337 -45.06 61.80 -49.93
C LYS A 337 -44.31 60.90 -50.90
N PRO A 338 -43.14 61.34 -51.40
CA PRO A 338 -42.37 60.53 -52.35
C PRO A 338 -41.52 59.44 -51.71
N ARG A 339 -41.47 59.35 -50.38
CA ARG A 339 -40.72 58.31 -49.69
C ARG A 339 -41.58 57.75 -48.56
N PRO A 340 -41.55 56.44 -48.34
CA PRO A 340 -42.39 55.83 -47.29
C PRO A 340 -41.79 56.03 -45.91
N THR A 341 -42.56 55.63 -44.90
CA THR A 341 -42.05 55.60 -43.55
C THR A 341 -41.29 54.31 -43.30
N ARG A 342 -40.55 54.28 -42.18
CA ARG A 342 -39.85 53.05 -41.81
C ARG A 342 -40.82 51.93 -41.47
N ALA A 343 -41.99 52.27 -40.91
CA ALA A 343 -42.99 51.24 -40.64
C ALA A 343 -43.53 50.62 -41.92
N GLU A 344 -43.62 51.41 -42.99
CA GLU A 344 -44.16 50.89 -44.24
C GLU A 344 -43.14 49.99 -44.95
N GLY A 345 -41.88 50.43 -45.01
CA GLY A 345 -40.85 49.54 -45.52
C GLY A 345 -40.81 48.22 -44.77
N SER A 346 -40.88 48.29 -43.44
CA SER A 346 -40.90 47.07 -42.64
C SER A 346 -42.15 46.23 -42.93
N ASP A 347 -43.30 46.88 -43.09
CA ASP A 347 -44.53 46.15 -43.36
C ASP A 347 -44.41 45.36 -44.66
N VAL A 348 -43.82 45.95 -45.69
CA VAL A 348 -43.65 45.26 -46.96
C VAL A 348 -42.68 44.08 -46.80
N ALA A 349 -41.52 44.34 -46.20
CA ALA A 349 -40.54 43.27 -46.00
C ALA A 349 -41.16 42.11 -45.23
N ASN A 350 -41.84 42.40 -44.13
CA ASN A 350 -42.38 41.32 -43.30
C ASN A 350 -43.49 40.56 -44.01
N ALA A 351 -44.25 41.25 -44.87
CA ALA A 351 -45.24 40.53 -45.67
C ALA A 351 -44.57 39.51 -46.59
N VAL A 352 -43.42 39.88 -47.15
CA VAL A 352 -42.69 38.95 -48.01
C VAL A 352 -42.06 37.84 -47.18
N LEU A 353 -41.58 38.18 -45.98
CA LEU A 353 -41.04 37.15 -45.09
C LEU A 353 -42.14 36.24 -44.57
N ASP A 354 -43.36 36.77 -44.38
CA ASP A 354 -44.48 35.92 -43.99
C ASP A 354 -44.75 34.84 -45.04
N GLY A 355 -44.59 35.18 -46.32
CA GLY A 355 -44.78 34.22 -47.39
C GLY A 355 -45.78 34.65 -48.46
N ALA A 356 -46.18 35.92 -48.42
CA ALA A 356 -47.18 36.41 -49.37
C ALA A 356 -46.71 36.25 -50.81
N ASP A 357 -47.53 35.61 -51.63
CA ASP A 357 -47.22 35.51 -53.05
C ASP A 357 -47.21 36.88 -53.70
N CYS A 358 -48.17 37.74 -53.34
CA CYS A 358 -48.28 39.08 -53.89
C CYS A 358 -48.49 40.11 -52.78
N ILE A 359 -48.07 41.33 -53.07
CA ILE A 359 -48.34 42.50 -52.25
C ILE A 359 -49.05 43.51 -53.13
N MET A 360 -49.84 44.38 -52.51
CA MET A 360 -50.79 45.20 -53.25
C MET A 360 -50.65 46.67 -52.89
N LEU A 361 -50.95 47.51 -53.86
CA LEU A 361 -51.10 48.95 -53.67
C LEU A 361 -52.51 49.34 -54.07
N SER A 362 -53.13 50.22 -53.27
CA SER A 362 -54.50 50.64 -53.53
C SER A 362 -54.47 52.13 -53.86
N GLY A 363 -54.78 53.01 -52.91
CA GLY A 363 -54.74 54.43 -53.18
C GLY A 363 -53.36 54.91 -53.59
N GLU A 364 -52.31 54.23 -53.13
CA GLU A 364 -50.96 54.64 -53.51
C GLU A 364 -50.81 54.76 -55.02
N THR A 365 -51.42 53.84 -55.77
CA THR A 365 -51.36 53.91 -57.23
C THR A 365 -52.63 54.42 -57.87
N ALA A 366 -53.79 54.25 -57.22
CA ALA A 366 -55.05 54.61 -57.86
C ALA A 366 -55.26 56.12 -57.88
N LYS A 367 -54.89 56.82 -56.81
CA LYS A 367 -55.17 58.25 -56.73
C LYS A 367 -54.04 59.09 -56.16
N GLY A 368 -52.97 58.51 -55.62
CA GLY A 368 -51.94 59.28 -54.95
C GLY A 368 -51.05 60.06 -55.90
N ASP A 369 -50.27 60.95 -55.31
CA ASP A 369 -49.35 61.81 -56.06
C ASP A 369 -48.11 61.07 -56.54
N TYR A 370 -47.89 59.84 -56.12
CA TYR A 370 -46.62 59.18 -56.43
C TYR A 370 -46.83 57.72 -56.77
N PRO A 371 -47.68 57.41 -57.75
CA PRO A 371 -47.90 55.99 -58.10
C PRO A 371 -46.63 55.23 -58.44
N LEU A 372 -45.79 55.79 -59.31
CA LEU A 372 -44.63 55.04 -59.80
C LEU A 372 -43.58 54.87 -58.72
N GLU A 373 -43.39 55.88 -57.86
CA GLU A 373 -42.48 55.72 -56.74
C GLU A 373 -42.94 54.60 -55.81
N ALA A 374 -44.25 54.43 -55.66
CA ALA A 374 -44.77 53.35 -54.82
C ALA A 374 -44.44 51.99 -55.41
N VAL A 375 -44.72 51.80 -56.70
CA VAL A 375 -44.37 50.54 -57.36
C VAL A 375 -42.89 50.25 -57.20
N ARG A 376 -42.04 51.25 -57.48
CA ARG A 376 -40.60 51.04 -57.41
C ARG A 376 -40.15 50.68 -56.00
N MET A 377 -40.80 51.24 -54.98
CA MET A 377 -40.38 50.93 -53.61
C MET A 377 -40.74 49.50 -53.24
N GLN A 378 -41.94 49.04 -53.61
CA GLN A 378 -42.29 47.65 -53.35
C GLN A 378 -41.33 46.71 -54.06
N HIS A 379 -40.98 47.02 -55.30
CA HIS A 379 -40.02 46.18 -56.03
C HIS A 379 -38.71 46.08 -55.29
N LEU A 380 -38.17 47.21 -54.83
CA LEU A 380 -36.88 47.20 -54.14
C LEU A 380 -36.95 46.39 -52.85
N ILE A 381 -38.02 46.57 -52.08
CA ILE A 381 -38.12 45.88 -50.80
C ILE A 381 -38.25 44.38 -51.00
N ALA A 382 -39.12 43.96 -51.92
CA ALA A 382 -39.38 42.54 -52.09
C ALA A 382 -38.11 41.75 -52.36
N ARG A 383 -37.27 42.23 -53.28
CA ARG A 383 -36.04 41.52 -53.60
C ARG A 383 -35.19 41.30 -52.35
N GLU A 384 -35.07 42.31 -51.50
CA GLU A 384 -34.28 42.17 -50.29
C GLU A 384 -34.89 41.13 -49.35
N ALA A 385 -36.21 41.21 -49.14
CA ALA A 385 -36.87 40.30 -48.22
C ALA A 385 -36.85 38.87 -48.73
N GLU A 386 -36.99 38.70 -50.05
CA GLU A 386 -36.97 37.36 -50.64
C GLU A 386 -35.65 36.65 -50.35
N ALA A 387 -34.54 37.39 -50.34
CA ALA A 387 -33.26 36.77 -50.02
C ALA A 387 -33.16 36.41 -48.55
N ALA A 388 -33.77 37.21 -47.68
CA ALA A 388 -33.67 37.03 -46.23
C ALA A 388 -34.59 35.94 -45.70
N MET A 389 -35.29 35.20 -46.56
CA MET A 389 -36.07 34.07 -46.08
C MET A 389 -35.13 32.94 -45.64
N PHE A 390 -35.64 32.08 -44.75
CA PHE A 390 -34.91 30.91 -44.29
C PHE A 390 -35.37 29.70 -45.11
N HIS A 391 -34.90 29.66 -46.36
CA HIS A 391 -35.40 28.68 -47.32
C HIS A 391 -35.27 27.25 -46.81
N ARG A 392 -34.13 26.91 -46.20
CA ARG A 392 -33.95 25.51 -45.79
C ARG A 392 -34.99 25.10 -44.76
N LYS A 393 -35.24 25.94 -43.75
CA LYS A 393 -36.27 25.64 -42.75
C LYS A 393 -37.66 25.68 -43.35
N LEU A 394 -37.92 26.68 -44.19
CA LEU A 394 -39.23 26.81 -44.82
C LEU A 394 -39.57 25.58 -45.64
N PHE A 395 -38.60 25.08 -46.41
CA PHE A 395 -38.85 23.90 -47.25
C PHE A 395 -39.16 22.68 -46.39
N GLU A 396 -38.35 22.45 -45.35
CA GLU A 396 -38.61 21.32 -44.45
C GLU A 396 -40.01 21.39 -43.87
N GLU A 397 -40.44 22.57 -43.45
CA GLU A 397 -41.71 22.68 -42.76
C GLU A 397 -42.87 22.55 -43.74
N LEU A 398 -42.72 23.08 -44.96
CA LEU A 398 -43.74 22.86 -45.98
C LEU A 398 -43.83 21.39 -46.36
N ALA A 399 -42.68 20.75 -46.58
CA ALA A 399 -42.67 19.31 -46.84
C ALA A 399 -43.35 18.56 -45.70
N ARG A 400 -43.08 18.96 -44.46
CA ARG A 400 -43.70 18.29 -43.31
C ARG A 400 -45.20 18.46 -43.33
N ALA A 401 -45.68 19.67 -43.65
CA ALA A 401 -47.12 19.94 -43.60
C ALA A 401 -47.88 19.20 -44.70
N SER A 402 -47.23 18.90 -45.82
CA SER A 402 -47.91 18.32 -46.97
C SER A 402 -47.62 16.83 -47.13
N SER A 403 -47.03 16.19 -46.13
CA SER A 403 -46.64 14.79 -46.26
C SER A 403 -47.83 13.85 -46.40
N HIS A 404 -49.05 14.34 -46.21
CA HIS A 404 -50.25 13.54 -46.48
C HIS A 404 -50.47 13.32 -47.97
N SER A 405 -49.73 14.01 -48.83
CA SER A 405 -49.87 13.89 -50.27
C SER A 405 -48.70 13.10 -50.84
N THR A 406 -49.01 12.15 -51.72
CA THR A 406 -48.00 11.40 -52.46
C THR A 406 -48.05 11.73 -53.96
N ASP A 407 -48.59 12.91 -54.29
CA ASP A 407 -48.77 13.32 -55.67
C ASP A 407 -47.48 13.26 -56.46
N LEU A 408 -47.56 12.75 -57.69
CA LEU A 408 -46.37 12.59 -58.51
C LEU A 408 -45.76 13.93 -58.91
N MET A 409 -46.59 14.88 -59.36
CA MET A 409 -46.05 16.19 -59.70
C MET A 409 -45.47 16.88 -58.48
N GLU A 410 -46.16 16.77 -57.34
CA GLU A 410 -45.59 17.28 -56.09
C GLU A 410 -44.21 16.68 -55.84
N ALA A 411 -44.05 15.38 -56.09
CA ALA A 411 -42.76 14.75 -55.88
C ALA A 411 -41.70 15.36 -56.79
N MET A 412 -42.03 15.55 -58.07
CA MET A 412 -41.09 16.18 -58.99
C MET A 412 -40.74 17.60 -58.54
N ALA A 413 -41.74 18.37 -58.10
CA ALA A 413 -41.49 19.74 -57.70
C ALA A 413 -40.53 19.80 -56.52
N MET A 414 -40.82 19.02 -55.46
CA MET A 414 -39.94 18.98 -54.30
C MET A 414 -38.53 18.56 -54.72
N GLY A 415 -38.41 17.48 -55.49
CA GLY A 415 -37.10 17.06 -55.96
C GLY A 415 -36.38 18.16 -56.71
N SER A 416 -37.11 18.93 -57.53
CA SER A 416 -36.49 19.99 -58.31
C SER A 416 -36.03 21.14 -57.41
N VAL A 417 -36.86 21.53 -56.44
CA VAL A 417 -36.46 22.61 -55.54
C VAL A 417 -35.24 22.18 -54.72
N GLU A 418 -35.29 20.98 -54.15
CA GLU A 418 -34.15 20.41 -53.44
C GLU A 418 -32.89 20.53 -54.30
N ALA A 419 -32.95 20.06 -55.55
CA ALA A 419 -31.79 20.11 -56.43
C ALA A 419 -31.33 21.54 -56.66
N SER A 420 -32.27 22.49 -56.81
CA SER A 420 -31.89 23.87 -57.04
C SER A 420 -31.17 24.47 -55.83
N TYR A 421 -31.60 24.09 -54.62
CA TYR A 421 -30.86 24.48 -53.42
C TYR A 421 -29.45 23.93 -53.45
N LYS A 422 -29.31 22.65 -53.82
CA LYS A 422 -28.03 21.96 -53.65
C LYS A 422 -26.95 22.55 -54.57
N CYS A 423 -27.28 22.77 -55.83
CA CYS A 423 -26.30 23.29 -56.79
C CYS A 423 -26.39 24.79 -56.98
N LEU A 424 -27.19 25.48 -56.16
CA LEU A 424 -27.37 26.92 -56.28
C LEU A 424 -27.76 27.30 -57.71
N ALA A 425 -28.74 26.58 -58.24
CA ALA A 425 -29.21 26.83 -59.59
C ALA A 425 -29.72 28.26 -59.71
N ALA A 426 -29.47 28.87 -60.87
CA ALA A 426 -29.87 30.25 -61.10
C ALA A 426 -31.34 30.39 -61.46
N ALA A 427 -32.02 29.30 -61.78
CA ALA A 427 -33.41 29.34 -62.19
C ALA A 427 -33.92 27.92 -62.36
N LEU A 428 -35.25 27.78 -62.27
CA LEU A 428 -35.94 26.57 -62.68
C LEU A 428 -36.79 26.88 -63.90
N ILE A 429 -36.61 26.11 -64.97
CA ILE A 429 -37.35 26.28 -66.21
C ILE A 429 -38.42 25.21 -66.25
N VAL A 430 -39.68 25.62 -66.42
CA VAL A 430 -40.81 24.70 -66.37
C VAL A 430 -41.68 24.92 -67.61
N LEU A 431 -41.84 23.87 -68.40
CA LEU A 431 -42.75 23.89 -69.55
C LEU A 431 -44.13 23.43 -69.10
N THR A 432 -45.13 24.31 -69.24
CA THR A 432 -46.46 24.00 -68.74
C THR A 432 -47.49 24.75 -69.57
N GLU A 433 -48.63 24.10 -69.81
CA GLU A 433 -49.75 24.75 -70.49
C GLU A 433 -50.81 25.24 -69.52
N SER A 434 -51.10 24.47 -68.47
CA SER A 434 -52.01 24.91 -67.42
C SER A 434 -51.32 25.69 -66.32
N GLY A 435 -49.99 25.58 -66.22
CA GLY A 435 -49.25 26.17 -65.14
C GLY A 435 -49.11 25.30 -63.91
N ARG A 436 -49.87 24.21 -63.81
CA ARG A 436 -49.91 23.42 -62.59
C ARG A 436 -48.52 23.01 -62.12
N SER A 437 -47.69 22.49 -63.03
CA SER A 437 -46.34 22.07 -62.65
C SER A 437 -45.56 23.25 -62.09
N ALA A 438 -45.68 24.43 -62.72
CA ALA A 438 -45.00 25.61 -62.21
C ALA A 438 -45.57 26.01 -60.84
N HIS A 439 -46.87 25.82 -60.64
CA HIS A 439 -47.48 26.16 -59.36
C HIS A 439 -46.95 25.28 -58.24
N GLN A 440 -46.80 23.98 -58.51
CA GLN A 440 -46.31 23.08 -57.48
C GLN A 440 -44.86 23.40 -57.12
N VAL A 441 -44.05 23.79 -58.10
CA VAL A 441 -42.69 24.24 -57.79
C VAL A 441 -42.74 25.50 -56.92
N ALA A 442 -43.60 26.46 -57.30
CA ALA A 442 -43.67 27.72 -56.57
C ALA A 442 -44.02 27.49 -55.11
N ARG A 443 -44.89 26.52 -54.82
CA ARG A 443 -45.36 26.35 -53.44
C ARG A 443 -44.27 25.84 -52.51
N TYR A 444 -43.21 25.23 -53.04
CA TYR A 444 -42.11 24.78 -52.20
C TYR A 444 -40.96 25.77 -52.18
N ARG A 445 -41.16 26.96 -52.74
CA ARG A 445 -40.37 28.15 -52.43
C ARG A 445 -38.89 28.00 -52.74
N PRO A 446 -38.52 27.80 -54.01
CA PRO A 446 -37.11 27.95 -54.37
C PRO A 446 -36.69 29.40 -54.22
N ARG A 447 -35.39 29.62 -54.08
CA ARG A 447 -34.93 31.01 -54.10
C ARG A 447 -34.67 31.50 -55.51
N ALA A 448 -34.33 30.60 -56.43
CA ALA A 448 -34.12 30.97 -57.81
C ALA A 448 -35.46 31.19 -58.51
N PRO A 449 -35.49 32.06 -59.53
CA PRO A 449 -36.75 32.32 -60.23
C PRO A 449 -37.22 31.12 -61.06
N ILE A 450 -38.53 31.02 -61.21
CA ILE A 450 -39.16 29.99 -62.02
C ILE A 450 -39.58 30.61 -63.35
N ILE A 451 -38.96 30.17 -64.44
CA ILE A 451 -39.33 30.60 -65.78
C ILE A 451 -40.31 29.58 -66.35
N ALA A 452 -41.58 29.95 -66.43
CA ALA A 452 -42.61 29.06 -66.95
C ALA A 452 -42.91 29.45 -68.40
N VAL A 453 -42.64 28.52 -69.32
CA VAL A 453 -42.89 28.73 -70.75
C VAL A 453 -44.21 28.06 -71.10
N THR A 454 -45.14 28.85 -71.64
CA THR A 454 -46.50 28.38 -71.90
C THR A 454 -46.97 28.95 -73.23
N ARG A 455 -47.74 28.17 -73.96
CA ARG A 455 -48.43 28.67 -75.14
C ARG A 455 -49.81 29.21 -74.81
N ASN A 456 -50.22 29.12 -73.54
CA ASN A 456 -51.52 29.56 -73.07
C ASN A 456 -51.37 30.98 -72.50
N HIS A 457 -51.90 31.97 -73.21
CA HIS A 457 -51.72 33.36 -72.79
C HIS A 457 -52.34 33.61 -71.42
N GLN A 458 -53.49 32.99 -71.15
CA GLN A 458 -54.14 33.22 -69.86
C GLN A 458 -53.35 32.59 -68.73
N THR A 459 -52.79 31.40 -68.95
CA THR A 459 -51.87 30.81 -67.99
C THR A 459 -50.78 31.81 -67.63
N ALA A 460 -50.16 32.43 -68.65
CA ALA A 460 -49.08 33.36 -68.40
C ALA A 460 -49.53 34.51 -67.51
N ARG A 461 -50.72 35.06 -67.77
CA ARG A 461 -51.19 36.20 -66.99
C ARG A 461 -51.51 35.80 -65.56
N GLN A 462 -52.23 34.68 -65.38
CA GLN A 462 -52.59 34.23 -64.05
C GLN A 462 -51.39 33.78 -63.23
N ALA A 463 -50.24 33.51 -63.89
CA ALA A 463 -49.08 32.99 -63.18
C ALA A 463 -48.53 33.97 -62.15
N HIS A 464 -48.76 35.28 -62.33
CA HIS A 464 -48.26 36.26 -61.39
C HIS A 464 -48.83 36.08 -59.98
N LEU A 465 -49.87 35.26 -59.83
CA LEU A 465 -50.45 35.00 -58.51
C LEU A 465 -49.55 34.13 -57.63
N TYR A 466 -48.54 33.48 -58.20
CA TYR A 466 -47.72 32.50 -57.49
C TYR A 466 -46.31 33.04 -57.35
N ARG A 467 -45.83 33.12 -56.11
CA ARG A 467 -44.49 33.61 -55.83
C ARG A 467 -43.47 32.99 -56.78
N GLY A 468 -42.73 33.84 -57.48
CA GLY A 468 -41.54 33.42 -58.18
C GLY A 468 -41.74 32.88 -59.59
N ILE A 469 -42.95 32.88 -60.13
CA ILE A 469 -43.18 32.39 -61.48
C ILE A 469 -43.05 33.56 -62.44
N PHE A 470 -42.01 33.54 -63.28
CA PHE A 470 -41.86 34.50 -64.36
C PHE A 470 -42.45 33.88 -65.62
N PRO A 471 -43.61 34.31 -66.08
CA PRO A 471 -44.24 33.67 -67.25
C PRO A 471 -43.62 34.17 -68.55
N VAL A 472 -43.46 33.23 -69.49
CA VAL A 472 -42.95 33.52 -70.82
C VAL A 472 -43.87 32.84 -71.82
N VAL A 473 -44.51 33.62 -72.68
CA VAL A 473 -45.46 33.10 -73.65
C VAL A 473 -44.70 32.63 -74.89
N CYS A 474 -44.85 31.35 -75.22
CA CYS A 474 -44.32 30.84 -76.47
C CYS A 474 -45.32 31.11 -77.58
N LYS A 475 -44.87 31.78 -78.64
CA LYS A 475 -45.73 32.09 -79.78
C LYS A 475 -45.35 31.30 -81.02
N ASP A 476 -44.27 30.53 -80.97
CA ASP A 476 -43.88 29.69 -82.10
C ASP A 476 -44.91 28.56 -82.27
N PRO A 477 -45.19 28.18 -83.51
CA PRO A 477 -46.07 27.02 -83.71
C PRO A 477 -45.46 25.76 -83.12
N VAL A 478 -46.31 24.76 -82.93
CA VAL A 478 -45.87 23.49 -82.35
C VAL A 478 -45.03 22.74 -83.35
N GLN A 479 -43.86 22.26 -82.91
CA GLN A 479 -43.00 21.46 -83.77
C GLN A 479 -43.53 20.03 -83.84
N GLU A 480 -43.32 19.39 -84.99
CA GLU A 480 -43.78 18.01 -85.18
C GLU A 480 -43.01 17.05 -84.27
N ALA A 481 -41.70 17.19 -84.20
CA ALA A 481 -40.88 16.36 -83.33
C ALA A 481 -40.98 16.90 -81.90
N TRP A 482 -41.62 16.13 -81.01
CA TRP A 482 -41.81 16.55 -79.63
C TRP A 482 -40.50 17.01 -79.01
N ALA A 483 -39.41 16.28 -79.24
CA ALA A 483 -38.13 16.68 -78.70
C ALA A 483 -37.72 18.05 -79.21
N GLU A 484 -38.00 18.34 -80.47
CA GLU A 484 -37.67 19.67 -81.02
C GLU A 484 -38.54 20.75 -80.40
N ASP A 485 -39.82 20.46 -80.19
CA ASP A 485 -40.71 21.46 -79.58
C ASP A 485 -40.31 21.73 -78.14
N VAL A 486 -39.84 20.70 -77.43
CA VAL A 486 -39.31 20.91 -76.08
C VAL A 486 -38.05 21.77 -76.14
N ASP A 487 -37.08 21.36 -76.98
CA ASP A 487 -35.85 22.14 -77.11
C ASP A 487 -36.13 23.60 -77.46
N LEU A 488 -37.10 23.84 -78.35
CA LEU A 488 -37.42 25.21 -78.72
C LEU A 488 -37.84 26.02 -77.50
N ARG A 489 -38.76 25.48 -76.70
CA ARG A 489 -39.27 26.23 -75.55
C ARG A 489 -38.22 26.38 -74.47
N VAL A 490 -37.39 25.35 -74.25
CA VAL A 490 -36.33 25.47 -73.26
C VAL A 490 -35.36 26.57 -73.67
N ASN A 491 -34.95 26.57 -74.94
CA ASN A 491 -34.02 27.60 -75.41
C ASN A 491 -34.63 28.99 -75.31
N LEU A 492 -35.92 29.12 -75.65
CA LEU A 492 -36.60 30.40 -75.44
C LEU A 492 -36.43 30.88 -74.01
N ALA A 493 -36.59 29.98 -73.04
CA ALA A 493 -36.38 30.35 -71.65
C ALA A 493 -34.94 30.78 -71.41
N MET A 494 -33.98 30.08 -72.00
CA MET A 494 -32.57 30.44 -71.83
C MET A 494 -32.31 31.88 -72.27
N ASN A 495 -32.87 32.28 -73.42
CA ASN A 495 -32.61 33.61 -73.93
C ASN A 495 -33.30 34.68 -73.10
N VAL A 496 -34.49 34.39 -72.58
CA VAL A 496 -35.14 35.33 -71.68
C VAL A 496 -34.32 35.52 -70.42
N GLY A 497 -33.90 34.41 -69.80
CA GLY A 497 -33.07 34.50 -68.61
C GLY A 497 -31.81 35.31 -68.84
N LYS A 498 -31.13 35.07 -69.96
CA LYS A 498 -29.93 35.85 -70.28
C LYS A 498 -30.27 37.30 -70.55
N ALA A 499 -31.34 37.56 -71.31
CA ALA A 499 -31.69 38.92 -71.67
C ALA A 499 -32.00 39.75 -70.43
N ARG A 500 -32.69 39.17 -69.46
CA ARG A 500 -33.09 39.89 -68.25
C ARG A 500 -32.05 39.80 -67.14
N GLY A 501 -30.94 39.11 -67.37
CA GLY A 501 -29.90 39.04 -66.35
C GLY A 501 -30.18 38.08 -65.22
N PHE A 502 -30.96 37.03 -65.47
CA PHE A 502 -31.17 36.00 -64.45
C PHE A 502 -29.99 35.04 -64.38
N PHE A 503 -29.37 34.75 -65.52
CA PHE A 503 -28.20 33.88 -65.54
C PHE A 503 -27.36 34.21 -66.77
N LYS A 504 -26.18 33.62 -66.82
CA LYS A 504 -25.26 33.79 -67.94
C LYS A 504 -24.70 32.43 -68.31
N LYS A 505 -24.06 32.39 -69.49
CA LYS A 505 -23.43 31.16 -69.97
C LYS A 505 -22.60 30.52 -68.87
N GLY A 506 -22.77 29.21 -68.71
CA GLY A 506 -22.04 28.47 -67.70
C GLY A 506 -22.72 28.36 -66.36
N ASP A 507 -23.73 29.18 -66.08
CA ASP A 507 -24.56 28.94 -64.92
C ASP A 507 -25.33 27.64 -65.11
N VAL A 508 -26.01 27.21 -64.05
CA VAL A 508 -26.75 25.96 -64.05
C VAL A 508 -28.20 26.23 -63.70
N VAL A 509 -29.12 25.55 -64.39
CA VAL A 509 -30.54 25.66 -64.13
C VAL A 509 -31.16 24.27 -64.07
N ILE A 510 -32.28 24.18 -63.37
CA ILE A 510 -33.11 22.97 -63.34
C ILE A 510 -34.18 23.14 -64.40
N VAL A 511 -34.39 22.10 -65.21
CA VAL A 511 -35.36 22.13 -66.31
C VAL A 511 -36.37 21.02 -66.11
N LEU A 512 -37.65 21.39 -66.09
CA LEU A 512 -38.75 20.45 -65.91
C LEU A 512 -39.57 20.39 -67.20
N THR A 513 -39.73 19.18 -67.74
CA THR A 513 -40.38 18.98 -69.03
C THR A 513 -41.26 17.73 -68.95
N GLY A 514 -42.08 17.54 -69.98
CA GLY A 514 -42.84 16.31 -70.15
C GLY A 514 -42.08 15.36 -71.05
N TRP A 515 -42.00 14.10 -70.61
CA TRP A 515 -41.27 13.11 -71.40
C TRP A 515 -41.93 12.89 -72.76
N ARG A 516 -43.26 12.87 -72.79
CA ARG A 516 -44.03 12.71 -74.01
C ARG A 516 -45.13 13.76 -74.03
N PRO A 517 -45.68 14.05 -75.21
CA PRO A 517 -46.65 15.16 -75.32
C PRO A 517 -47.85 15.02 -74.40
N GLY A 518 -48.24 13.81 -74.04
CA GLY A 518 -49.41 13.63 -73.20
C GLY A 518 -49.10 13.22 -71.78
N SER A 519 -47.87 13.46 -71.32
CA SER A 519 -47.49 13.05 -69.97
C SER A 519 -48.41 13.67 -68.91
N GLY A 520 -48.94 14.87 -69.17
CA GLY A 520 -49.85 15.52 -68.25
C GLY A 520 -49.19 16.38 -67.20
N PHE A 521 -47.91 16.20 -66.95
CA PHE A 521 -47.18 17.03 -66.00
C PHE A 521 -45.69 16.89 -66.31
N THR A 522 -44.88 17.72 -65.66
CA THR A 522 -43.43 17.68 -65.87
C THR A 522 -42.87 16.51 -65.07
N ASN A 523 -42.77 15.36 -65.75
CA ASN A 523 -42.23 14.14 -65.15
C ASN A 523 -40.74 13.96 -65.42
N THR A 524 -40.10 14.93 -66.05
CA THR A 524 -38.69 14.83 -66.41
C THR A 524 -37.95 16.04 -65.87
N MET A 525 -36.95 15.80 -65.03
CA MET A 525 -36.15 16.86 -64.45
C MET A 525 -34.70 16.69 -64.88
N ARG A 526 -34.09 17.77 -65.33
CA ARG A 526 -32.69 17.79 -65.74
C ARG A 526 -31.97 18.96 -65.09
N VAL A 527 -30.69 18.76 -64.79
CA VAL A 527 -29.78 19.84 -64.45
C VAL A 527 -29.02 20.19 -65.73
N VAL A 528 -29.10 21.45 -66.15
CA VAL A 528 -28.60 21.83 -67.46
C VAL A 528 -27.75 23.09 -67.36
N PRO A 529 -26.55 23.11 -67.92
CA PRO A 529 -25.77 24.34 -67.95
C PRO A 529 -26.36 25.31 -68.96
N VAL A 530 -26.28 26.59 -68.64
CA VAL A 530 -26.77 27.63 -69.53
C VAL A 530 -25.81 27.75 -70.70
N PRO A 531 -26.27 27.58 -71.95
CA PRO A 531 -25.42 27.74 -73.13
C PRO A 531 -25.11 29.21 -73.42
N PHE B 12 -54.99 -3.55 -40.00
CA PHE B 12 -53.87 -3.33 -40.89
C PHE B 12 -52.75 -2.52 -40.23
N ILE B 13 -51.59 -3.15 -40.05
CA ILE B 13 -50.41 -2.48 -39.50
C ILE B 13 -49.50 -2.09 -40.66
N GLN B 14 -49.12 -0.82 -40.71
CA GLN B 14 -48.25 -0.36 -41.77
C GLN B 14 -46.97 -1.19 -41.83
N THR B 15 -46.40 -1.28 -43.02
CA THR B 15 -45.17 -2.02 -43.23
C THR B 15 -43.96 -1.10 -43.08
N GLN B 16 -42.77 -1.71 -43.06
CA GLN B 16 -41.53 -0.97 -43.24
C GLN B 16 -41.31 0.08 -42.15
N GLN B 17 -41.88 -0.15 -40.96
CA GLN B 17 -41.80 0.82 -39.86
C GLN B 17 -42.20 2.21 -40.32
N LEU B 18 -43.19 2.28 -41.22
CA LEU B 18 -43.55 3.57 -41.79
C LEU B 18 -44.27 4.46 -40.78
N HIS B 19 -44.92 3.88 -39.77
CA HIS B 19 -45.49 4.72 -38.72
C HIS B 19 -44.39 5.43 -37.94
N ALA B 20 -43.33 4.71 -37.57
CA ALA B 20 -42.17 5.34 -36.98
C ALA B 20 -41.60 6.41 -37.91
N ALA B 21 -41.61 6.15 -39.21
CA ALA B 21 -41.02 7.09 -40.17
C ALA B 21 -41.65 8.47 -40.09
N MET B 22 -42.92 8.54 -39.72
CA MET B 22 -43.66 9.80 -39.66
C MET B 22 -43.49 10.54 -38.34
N ALA B 23 -42.58 10.08 -37.47
CA ALA B 23 -42.42 10.70 -36.16
C ALA B 23 -41.66 12.02 -36.27
N ASP B 24 -41.83 12.85 -35.25
CA ASP B 24 -41.16 14.14 -35.20
C ASP B 24 -39.84 14.09 -34.44
N THR B 25 -39.73 13.27 -33.40
CA THR B 25 -38.52 13.16 -32.61
C THR B 25 -37.95 11.75 -32.68
N PHE B 26 -36.64 11.64 -32.45
CA PHE B 26 -36.01 10.33 -32.39
C PHE B 26 -36.64 9.46 -31.30
N LEU B 27 -36.99 10.07 -30.17
CA LEU B 27 -37.65 9.33 -29.10
C LEU B 27 -38.99 8.76 -29.57
N GLU B 28 -39.83 9.61 -30.18
CA GLU B 28 -41.10 9.13 -30.69
C GLU B 28 -40.89 8.09 -31.78
N HIS B 29 -39.87 8.26 -32.61
CA HIS B 29 -39.56 7.25 -33.61
C HIS B 29 -39.23 5.92 -32.94
N MET B 30 -38.43 5.97 -31.87
CA MET B 30 -38.10 4.76 -31.13
C MET B 30 -39.35 4.14 -30.50
N CYS B 31 -40.26 4.99 -29.98
CA CYS B 31 -41.46 4.50 -29.33
C CYS B 31 -42.43 3.86 -30.31
N ARG B 32 -42.29 4.12 -31.61
CA ARG B 32 -43.20 3.61 -32.62
C ARG B 32 -42.67 2.36 -33.33
N LEU B 33 -41.44 1.94 -33.06
CA LEU B 33 -40.93 0.72 -33.67
C LEU B 33 -41.84 -0.45 -33.33
N ASP B 34 -42.20 -1.23 -34.34
CA ASP B 34 -43.30 -2.18 -34.24
C ASP B 34 -42.87 -3.53 -34.79
N ILE B 35 -42.87 -4.55 -33.94
CA ILE B 35 -42.46 -5.87 -34.37
C ILE B 35 -43.43 -6.53 -35.34
N ASP B 36 -44.62 -5.96 -35.49
CA ASP B 36 -45.61 -6.48 -36.44
C ASP B 36 -45.62 -5.72 -37.75
N SER B 37 -44.68 -4.80 -37.96
CA SER B 37 -44.55 -4.03 -39.20
C SER B 37 -43.51 -4.70 -40.08
N ALA B 38 -43.97 -5.33 -41.16
CA ALA B 38 -43.08 -6.22 -41.91
C ALA B 38 -42.12 -5.41 -42.79
N PRO B 39 -40.86 -5.82 -42.85
CA PRO B 39 -39.91 -5.15 -43.75
C PRO B 39 -40.17 -5.53 -45.21
N ILE B 40 -39.43 -4.89 -46.10
CA ILE B 40 -39.54 -5.20 -47.52
C ILE B 40 -38.66 -6.40 -47.85
N THR B 41 -38.74 -6.89 -49.09
CA THR B 41 -37.93 -8.03 -49.50
C THR B 41 -36.49 -7.64 -49.75
N ALA B 42 -36.25 -6.44 -50.27
CA ALA B 42 -34.90 -6.03 -50.63
C ALA B 42 -34.07 -5.78 -49.37
N ARG B 43 -32.86 -6.32 -49.35
CA ARG B 43 -31.90 -6.05 -48.29
C ARG B 43 -30.83 -5.12 -48.83
N ASN B 44 -30.62 -4.00 -48.13
CA ASN B 44 -29.68 -3.00 -48.62
C ASN B 44 -28.25 -3.23 -48.14
N THR B 45 -28.07 -3.74 -46.92
CA THR B 45 -26.74 -3.85 -46.34
C THR B 45 -25.98 -5.01 -46.96
N GLY B 46 -24.76 -4.74 -47.40
CA GLY B 46 -23.94 -5.78 -47.99
C GLY B 46 -23.40 -6.73 -46.92
N ILE B 47 -23.33 -8.01 -47.29
CA ILE B 47 -22.82 -9.06 -46.41
C ILE B 47 -21.51 -9.56 -46.99
N ILE B 48 -20.43 -9.44 -46.21
CA ILE B 48 -19.10 -9.90 -46.59
C ILE B 48 -18.80 -11.16 -45.78
N CYS B 49 -18.46 -12.24 -46.49
CA CYS B 49 -18.20 -13.54 -45.88
C CYS B 49 -16.74 -13.91 -46.06
N THR B 50 -16.08 -14.26 -44.95
CA THR B 50 -14.75 -14.85 -45.02
C THR B 50 -14.88 -16.31 -45.43
N ILE B 51 -14.18 -16.70 -46.49
CA ILE B 51 -14.27 -18.05 -47.05
C ILE B 51 -13.10 -18.88 -46.54
N GLY B 52 -13.41 -20.07 -46.02
CA GLY B 52 -12.39 -20.95 -45.52
C GLY B 52 -12.80 -22.41 -45.65
N PRO B 53 -12.18 -23.27 -44.84
CA PRO B 53 -12.48 -24.71 -44.93
C PRO B 53 -13.97 -25.02 -44.86
N ALA B 54 -14.74 -24.23 -44.10
CA ALA B 54 -16.15 -24.50 -43.95
C ALA B 54 -16.98 -24.12 -45.18
N SER B 55 -16.42 -23.32 -46.10
CA SER B 55 -17.27 -22.72 -47.12
C SER B 55 -16.60 -22.58 -48.49
N ARG B 56 -15.49 -23.25 -48.75
CA ARG B 56 -14.77 -23.01 -49.99
C ARG B 56 -15.13 -24.00 -51.11
N SER B 57 -16.06 -24.92 -50.88
CA SER B 57 -16.49 -25.82 -51.93
C SER B 57 -17.50 -25.14 -52.84
N VAL B 58 -17.45 -25.48 -54.13
CA VAL B 58 -18.37 -24.89 -55.09
C VAL B 58 -19.82 -25.11 -54.65
N GLU B 59 -20.12 -26.29 -54.12
CA GLU B 59 -21.47 -26.58 -53.65
C GLU B 59 -21.87 -25.65 -52.50
N THR B 60 -21.01 -25.53 -51.49
CA THR B 60 -21.33 -24.66 -50.36
C THR B 60 -21.36 -23.19 -50.77
N LEU B 61 -20.54 -22.79 -51.74
CA LEU B 61 -20.55 -21.41 -52.20
C LEU B 61 -21.84 -21.06 -52.93
N LYS B 62 -22.42 -22.02 -53.66
CA LYS B 62 -23.71 -21.78 -54.29
C LYS B 62 -24.77 -21.45 -53.25
N GLU B 63 -24.77 -22.18 -52.13
CA GLU B 63 -25.74 -21.90 -51.07
C GLU B 63 -25.41 -20.61 -50.32
N MET B 64 -24.11 -20.27 -50.22
CA MET B 64 -23.74 -18.99 -49.62
C MET B 64 -24.31 -17.83 -50.43
N ILE B 65 -24.26 -17.95 -51.77
CA ILE B 65 -24.81 -16.90 -52.62
C ILE B 65 -26.32 -16.80 -52.43
N LYS B 66 -27.01 -17.94 -52.49
CA LYS B 66 -28.46 -17.93 -52.31
C LYS B 66 -28.84 -17.43 -50.93
N SER B 67 -28.00 -17.67 -49.91
CA SER B 67 -28.26 -17.16 -48.58
C SER B 67 -28.04 -15.66 -48.47
N GLY B 68 -27.29 -15.06 -49.39
CA GLY B 68 -27.13 -13.62 -49.40
C GLY B 68 -25.71 -13.09 -49.41
N MET B 69 -24.73 -13.94 -49.64
CA MET B 69 -23.35 -13.47 -49.72
C MET B 69 -23.17 -12.53 -50.91
N ASN B 70 -22.59 -11.36 -50.65
CA ASN B 70 -22.27 -10.40 -51.70
C ASN B 70 -20.79 -10.33 -52.02
N VAL B 71 -19.94 -10.46 -51.00
CA VAL B 71 -18.49 -10.31 -51.15
C VAL B 71 -17.81 -11.49 -50.48
N ALA B 72 -16.93 -12.17 -51.22
CA ALA B 72 -16.10 -13.23 -50.67
C ALA B 72 -14.76 -12.63 -50.25
N ARG B 73 -14.41 -12.83 -48.98
CA ARG B 73 -13.17 -12.30 -48.43
C ARG B 73 -12.15 -13.42 -48.29
N MET B 74 -10.95 -13.20 -48.82
CA MET B 74 -9.83 -14.12 -48.67
C MET B 74 -8.87 -13.53 -47.64
N ASN B 75 -8.80 -14.15 -46.46
CA ASN B 75 -7.87 -13.70 -45.44
C ASN B 75 -6.49 -14.27 -45.76
N PHE B 76 -5.56 -13.38 -46.12
CA PHE B 76 -4.21 -13.79 -46.51
C PHE B 76 -3.27 -13.90 -45.32
N SER B 77 -3.76 -13.75 -44.09
CA SER B 77 -2.91 -14.01 -42.94
C SER B 77 -2.47 -15.46 -42.87
N HIS B 78 -3.19 -16.36 -43.56
CA HIS B 78 -2.80 -17.76 -43.68
C HIS B 78 -3.16 -18.23 -45.08
N GLY B 79 -2.62 -19.38 -45.45
CA GLY B 79 -2.88 -19.96 -46.76
C GLY B 79 -1.88 -19.52 -47.80
N THR B 80 -1.65 -20.41 -48.77
CA THR B 80 -0.73 -20.16 -49.87
C THR B 80 -1.46 -19.52 -51.04
N HIS B 81 -0.68 -18.86 -51.90
CA HIS B 81 -1.24 -18.34 -53.15
C HIS B 81 -1.99 -19.42 -53.90
N GLU B 82 -1.47 -20.65 -53.89
CA GLU B 82 -2.17 -21.75 -54.53
C GLU B 82 -3.50 -22.02 -53.85
N TYR B 83 -3.53 -21.98 -52.53
CA TYR B 83 -4.76 -22.24 -51.79
C TYR B 83 -5.81 -21.18 -52.09
N HIS B 84 -5.44 -19.90 -51.99
CA HIS B 84 -6.41 -18.84 -52.22
C HIS B 84 -6.83 -18.78 -53.69
N ALA B 85 -5.91 -19.05 -54.61
CA ALA B 85 -6.26 -19.05 -56.03
C ALA B 85 -7.38 -20.05 -56.30
N GLU B 86 -7.34 -21.20 -55.63
CA GLU B 86 -8.40 -22.19 -55.82
C GLU B 86 -9.71 -21.73 -55.19
N THR B 87 -9.63 -21.15 -53.99
CA THR B 87 -10.83 -20.59 -53.37
C THR B 87 -11.51 -19.59 -54.30
N ILE B 88 -10.73 -18.65 -54.85
CA ILE B 88 -11.27 -17.67 -55.77
C ILE B 88 -11.89 -18.35 -56.97
N LYS B 89 -11.20 -19.36 -57.54
CA LYS B 89 -11.74 -20.09 -58.67
C LYS B 89 -13.08 -20.72 -58.34
N ASN B 90 -13.26 -21.20 -57.12
CA ASN B 90 -14.53 -21.81 -56.74
C ASN B 90 -15.63 -20.78 -56.54
N VAL B 91 -15.29 -19.63 -55.95
CA VAL B 91 -16.26 -18.54 -55.84
C VAL B 91 -16.80 -18.19 -57.22
N ARG B 92 -15.89 -17.96 -58.17
CA ARG B 92 -16.31 -17.57 -59.52
C ARG B 92 -17.06 -18.68 -60.22
N THR B 93 -16.77 -19.94 -59.88
CA THR B 93 -17.53 -21.05 -60.45
C THR B 93 -18.96 -21.06 -59.92
N ALA B 94 -19.11 -20.93 -58.59
CA ALA B 94 -20.44 -20.87 -58.00
C ALA B 94 -21.18 -19.62 -58.47
N THR B 95 -20.50 -18.49 -58.51
CA THR B 95 -21.14 -17.25 -58.95
C THR B 95 -21.68 -17.37 -60.36
N GLU B 96 -20.88 -17.92 -61.28
CA GLU B 96 -21.31 -18.00 -62.67
C GLU B 96 -22.27 -19.13 -62.94
N SER B 97 -22.45 -20.07 -62.00
CA SER B 97 -23.45 -21.10 -62.17
C SER B 97 -24.85 -20.52 -62.33
N PHE B 98 -25.08 -19.31 -61.85
CA PHE B 98 -26.35 -18.62 -62.00
C PHE B 98 -26.38 -17.69 -63.20
N ALA B 99 -25.25 -17.52 -63.91
CA ALA B 99 -25.16 -16.57 -65.00
C ALA B 99 -26.10 -16.89 -66.15
N SER B 100 -26.78 -18.05 -66.13
CA SER B 100 -27.70 -18.38 -67.20
C SER B 100 -28.75 -17.29 -67.39
N ASP B 101 -29.36 -16.84 -66.29
CA ASP B 101 -30.49 -15.93 -66.33
C ASP B 101 -30.07 -14.54 -65.85
N PRO B 102 -29.85 -13.58 -66.75
CA PRO B 102 -29.43 -12.24 -66.31
C PRO B 102 -30.44 -11.55 -65.40
N ILE B 103 -31.67 -12.03 -65.33
CA ILE B 103 -32.66 -11.40 -64.45
C ILE B 103 -32.33 -11.69 -62.99
N LEU B 104 -31.89 -12.92 -62.70
CA LEU B 104 -31.65 -13.34 -61.32
C LEU B 104 -30.17 -13.40 -60.95
N TYR B 105 -29.27 -13.34 -61.92
CA TYR B 105 -27.84 -13.44 -61.63
C TYR B 105 -27.43 -12.35 -60.65
N ARG B 106 -26.68 -12.75 -59.62
CA ARG B 106 -26.21 -11.81 -58.60
C ARG B 106 -24.70 -11.70 -58.67
N PRO B 107 -24.15 -10.53 -58.96
CA PRO B 107 -22.69 -10.38 -58.92
C PRO B 107 -22.14 -10.61 -57.52
N VAL B 108 -20.91 -11.12 -57.47
CA VAL B 108 -20.22 -11.40 -56.21
C VAL B 108 -18.81 -10.85 -56.31
N ALA B 109 -18.41 -10.06 -55.34
CA ALA B 109 -17.08 -9.45 -55.34
C ALA B 109 -16.08 -10.33 -54.61
N VAL B 110 -14.80 -10.11 -54.90
CA VAL B 110 -13.70 -10.85 -54.31
C VAL B 110 -12.80 -9.86 -53.59
N ALA B 111 -12.60 -10.06 -52.30
CA ALA B 111 -11.79 -9.16 -51.47
C ALA B 111 -10.56 -9.89 -50.97
N LEU B 112 -9.43 -9.18 -50.99
CA LEU B 112 -8.16 -9.70 -50.46
C LEU B 112 -7.82 -8.90 -49.21
N ASP B 113 -7.83 -9.58 -48.07
CA ASP B 113 -7.52 -8.98 -46.78
C ASP B 113 -6.07 -9.31 -46.43
N THR B 114 -5.22 -8.29 -46.38
CA THR B 114 -3.79 -8.50 -46.26
C THR B 114 -3.40 -8.90 -44.84
N LYS B 115 -2.32 -9.67 -44.73
CA LYS B 115 -1.77 -9.97 -43.42
C LYS B 115 -1.31 -8.70 -42.72
N GLY B 116 -0.62 -7.83 -43.45
CA GLY B 116 -0.17 -6.56 -42.91
C GLY B 116 1.10 -6.70 -42.10
N PRO B 117 1.70 -5.58 -41.71
CA PRO B 117 2.88 -5.63 -40.85
C PRO B 117 2.54 -6.21 -39.48
N GLU B 118 3.57 -6.76 -38.83
CA GLU B 118 3.38 -7.47 -37.57
C GLU B 118 4.60 -7.33 -36.68
N ILE B 119 4.41 -7.61 -35.39
CA ILE B 119 5.49 -7.75 -34.42
C ILE B 119 5.36 -9.12 -33.78
N ARG B 120 6.42 -9.91 -33.81
CA ARG B 120 6.40 -11.27 -33.30
C ARG B 120 7.52 -11.48 -32.29
N THR B 121 7.26 -12.33 -31.30
CA THR B 121 8.31 -12.77 -30.39
C THR B 121 9.06 -13.96 -31.00
N GLY B 122 10.06 -14.45 -30.27
CA GLY B 122 10.88 -15.55 -30.73
C GLY B 122 10.47 -16.88 -30.13
N LEU B 123 11.32 -17.88 -30.36
CA LEU B 123 11.06 -19.21 -29.84
C LEU B 123 11.28 -19.27 -28.33
N ILE B 124 10.37 -19.94 -27.64
CA ILE B 124 10.54 -20.21 -26.21
C ILE B 124 11.45 -21.44 -26.07
N LYS B 125 12.63 -21.24 -25.50
CA LYS B 125 13.56 -22.32 -25.23
C LYS B 125 13.79 -23.18 -26.47
N GLY B 126 14.03 -22.51 -27.59
CA GLY B 126 14.37 -23.16 -28.84
C GLY B 126 13.30 -24.06 -29.41
N SER B 127 12.12 -24.06 -28.80
CA SER B 127 11.03 -24.93 -29.21
C SER B 127 9.83 -24.09 -29.67
N GLY B 128 9.17 -24.55 -30.74
CA GLY B 128 7.98 -23.88 -31.20
C GLY B 128 6.78 -24.11 -30.28
N THR B 129 6.66 -25.34 -29.76
CA THR B 129 5.50 -25.73 -28.97
C THR B 129 5.66 -25.46 -27.48
N ALA B 130 6.82 -24.97 -27.03
CA ALA B 130 7.04 -24.79 -25.61
C ALA B 130 6.41 -23.49 -25.12
N GLU B 131 6.32 -23.37 -23.79
CA GLU B 131 5.75 -22.21 -23.14
C GLU B 131 6.40 -22.03 -21.78
N VAL B 132 6.37 -20.79 -21.29
CA VAL B 132 6.70 -20.50 -19.90
C VAL B 132 5.53 -19.74 -19.30
N GLU B 133 5.54 -19.60 -17.98
CA GLU B 133 4.49 -18.90 -17.25
C GLU B 133 5.04 -17.59 -16.72
N LEU B 134 4.41 -16.49 -17.12
CA LEU B 134 4.71 -15.18 -16.53
C LEU B 134 3.73 -14.93 -15.39
N LYS B 135 4.25 -14.35 -14.31
CA LYS B 135 3.46 -14.12 -13.10
C LYS B 135 3.34 -12.62 -12.84
N LYS B 136 2.16 -12.19 -12.41
CA LYS B 136 1.94 -10.79 -12.12
C LYS B 136 2.99 -10.28 -11.13
N GLY B 137 3.57 -9.13 -11.44
CA GLY B 137 4.62 -8.54 -10.65
C GLY B 137 6.03 -8.93 -11.06
N ALA B 138 6.18 -10.01 -11.83
CA ALA B 138 7.50 -10.46 -12.23
C ALA B 138 8.17 -9.44 -13.14
N THR B 139 9.49 -9.54 -13.23
CA THR B 139 10.27 -8.73 -14.15
C THR B 139 10.51 -9.50 -15.44
N LEU B 140 10.34 -8.81 -16.57
CA LEU B 140 10.58 -9.41 -17.88
C LEU B 140 11.34 -8.41 -18.73
N LYS B 141 12.46 -8.86 -19.30
CA LYS B 141 13.29 -7.99 -20.12
C LYS B 141 12.98 -8.26 -21.59
N ILE B 142 12.79 -7.18 -22.34
CA ILE B 142 12.66 -7.25 -23.79
C ILE B 142 13.99 -6.88 -24.40
N THR B 143 14.54 -7.78 -25.22
CA THR B 143 15.83 -7.56 -25.84
C THR B 143 15.68 -7.60 -27.35
N LEU B 144 16.54 -6.85 -28.03
CA LEU B 144 16.65 -6.89 -29.48
C LEU B 144 17.93 -7.57 -29.94
N ASP B 145 18.74 -8.06 -29.00
CA ASP B 145 19.90 -8.89 -29.30
C ASP B 145 19.43 -10.20 -29.93
N ASN B 146 19.64 -10.36 -31.24
CA ASN B 146 19.13 -11.55 -31.92
C ASN B 146 19.77 -12.84 -31.42
N ALA B 147 20.74 -12.77 -30.51
CA ALA B 147 21.27 -13.98 -29.87
C ALA B 147 20.20 -14.69 -29.04
N TYR B 148 19.13 -14.01 -28.66
CA TYR B 148 18.05 -14.58 -27.87
C TYR B 148 16.81 -14.92 -28.69
N MET B 149 16.86 -14.72 -30.01
CA MET B 149 15.64 -14.88 -30.82
C MET B 149 15.10 -16.29 -30.77
N GLU B 150 15.90 -17.27 -30.34
CA GLU B 150 15.43 -18.64 -30.16
C GLU B 150 15.64 -19.11 -28.73
N LYS B 151 15.83 -18.19 -27.79
CA LYS B 151 16.05 -18.50 -26.38
C LYS B 151 15.18 -17.60 -25.50
N CYS B 152 13.89 -17.57 -25.78
CA CYS B 152 12.96 -16.83 -24.94
C CYS B 152 12.59 -17.66 -23.72
N ASP B 153 12.61 -17.02 -22.55
CA ASP B 153 12.21 -17.66 -21.30
C ASP B 153 11.44 -16.63 -20.48
N GLU B 154 11.21 -16.94 -19.20
CA GLU B 154 10.42 -16.06 -18.36
C GLU B 154 11.17 -14.81 -17.91
N ASN B 155 12.46 -14.69 -18.23
CA ASN B 155 13.24 -13.53 -17.84
C ASN B 155 13.58 -12.60 -19.00
N ILE B 156 13.79 -13.14 -20.19
CA ILE B 156 14.17 -12.36 -21.36
C ILE B 156 13.26 -12.74 -22.51
N LEU B 157 12.74 -11.73 -23.22
CA LEU B 157 11.86 -11.94 -24.36
C LEU B 157 12.39 -11.16 -25.55
N TRP B 158 12.53 -11.84 -26.68
CA TRP B 158 13.01 -11.23 -27.92
C TRP B 158 11.84 -11.03 -28.87
N LEU B 159 11.78 -9.86 -29.50
CA LEU B 159 10.81 -9.58 -30.55
C LEU B 159 11.52 -8.92 -31.72
N ASP B 160 10.87 -8.97 -32.88
CA ASP B 160 11.52 -8.63 -34.15
C ASP B 160 11.23 -7.21 -34.63
N TYR B 161 10.81 -6.32 -33.74
CA TYR B 161 10.58 -4.91 -34.07
C TYR B 161 11.72 -4.11 -33.45
N LYS B 162 12.76 -3.83 -34.23
CA LYS B 162 13.97 -3.24 -33.71
C LYS B 162 13.77 -1.81 -33.20
N ASN B 163 12.70 -1.14 -33.61
CA ASN B 163 12.45 0.23 -33.19
C ASN B 163 11.54 0.34 -31.97
N ILE B 164 11.25 -0.77 -31.29
CA ILE B 164 10.28 -0.73 -30.20
C ILE B 164 10.70 0.29 -29.14
N CYS B 165 12.00 0.36 -28.83
CA CYS B 165 12.46 1.30 -27.82
C CYS B 165 12.20 2.75 -28.21
N LYS B 166 12.09 3.04 -29.51
CA LYS B 166 11.93 4.42 -29.95
C LYS B 166 10.48 4.91 -29.92
N VAL B 167 9.52 4.01 -29.74
CA VAL B 167 8.11 4.38 -29.81
C VAL B 167 7.38 4.19 -28.48
N VAL B 168 8.07 3.70 -27.44
CA VAL B 168 7.45 3.53 -26.13
C VAL B 168 8.19 4.40 -25.12
N ASP B 169 7.51 4.66 -24.00
CA ASP B 169 8.05 5.42 -22.89
C ASP B 169 7.89 4.60 -21.61
N VAL B 170 8.61 5.03 -20.56
CA VAL B 170 8.37 4.44 -19.24
C VAL B 170 6.91 4.61 -18.88
N GLY B 171 6.26 3.51 -18.52
CA GLY B 171 4.84 3.49 -18.25
C GLY B 171 4.01 2.90 -19.38
N SER B 172 4.49 3.02 -20.62
CA SER B 172 3.80 2.41 -21.75
C SER B 172 3.59 0.93 -21.49
N LYS B 173 2.53 0.39 -22.09
CA LYS B 173 2.21 -1.03 -21.98
C LYS B 173 2.66 -1.76 -23.24
N VAL B 174 2.93 -3.06 -23.07
CA VAL B 174 3.22 -3.96 -24.18
C VAL B 174 2.30 -5.16 -24.03
N TYR B 175 1.43 -5.38 -25.00
CA TYR B 175 0.55 -6.53 -25.00
C TYR B 175 1.19 -7.64 -25.84
N VAL B 176 1.00 -8.87 -25.39
CA VAL B 176 1.59 -10.04 -26.05
C VAL B 176 0.53 -11.11 -26.21
N ASP B 177 0.44 -11.69 -27.41
CA ASP B 177 -0.51 -12.75 -27.72
C ASP B 177 -1.95 -12.24 -27.64
N ASP B 178 -2.35 -11.40 -28.59
CA ASP B 178 -3.72 -10.87 -28.67
C ASP B 178 -4.23 -10.36 -27.32
N GLY B 179 -3.35 -9.68 -26.60
CA GLY B 179 -3.72 -9.03 -25.35
C GLY B 179 -3.78 -9.92 -24.13
N LEU B 180 -3.51 -11.22 -24.28
CA LEU B 180 -3.56 -12.11 -23.12
C LEU B 180 -2.62 -11.62 -22.01
N ILE B 181 -1.44 -11.14 -22.38
CA ILE B 181 -0.42 -10.72 -21.44
C ILE B 181 -0.14 -9.24 -21.66
N SER B 182 0.01 -8.50 -20.55
CA SER B 182 0.34 -7.09 -20.62
C SER B 182 1.54 -6.80 -19.72
N LEU B 183 2.42 -5.92 -20.18
CA LEU B 183 3.61 -5.51 -19.47
C LEU B 183 3.68 -4.00 -19.42
N GLN B 184 4.23 -3.46 -18.34
CA GLN B 184 4.47 -2.03 -18.22
C GLN B 184 5.96 -1.77 -18.27
N VAL B 185 6.38 -0.91 -19.19
CA VAL B 185 7.79 -0.55 -19.27
C VAL B 185 8.20 0.16 -18.00
N LYS B 186 9.14 -0.43 -17.26
CA LYS B 186 9.67 0.14 -16.03
C LYS B 186 11.00 0.88 -16.26
N GLN B 187 11.91 0.27 -17.00
CA GLN B 187 13.14 0.91 -17.43
C GLN B 187 13.20 0.93 -18.95
N LYS B 188 13.82 1.98 -19.49
CA LYS B 188 13.98 2.14 -20.92
C LYS B 188 15.45 2.34 -21.23
N GLY B 189 16.04 1.40 -21.95
CA GLY B 189 17.41 1.52 -22.38
C GLY B 189 17.49 1.88 -23.85
N PRO B 190 18.71 1.93 -24.39
CA PRO B 190 18.85 2.27 -25.82
C PRO B 190 18.42 1.16 -26.75
N ASP B 191 18.35 -0.08 -26.28
CA ASP B 191 17.93 -1.19 -27.13
C ASP B 191 17.36 -2.34 -26.31
N PHE B 192 16.79 -2.03 -25.15
CA PHE B 192 16.12 -3.04 -24.34
C PHE B 192 15.10 -2.36 -23.43
N LEU B 193 14.15 -3.15 -22.95
CA LEU B 193 13.11 -2.66 -22.06
C LEU B 193 13.01 -3.57 -20.84
N VAL B 194 12.99 -2.96 -19.67
CA VAL B 194 12.76 -3.66 -18.41
C VAL B 194 11.29 -3.44 -18.06
N THR B 195 10.50 -4.51 -18.12
CA THR B 195 9.06 -4.43 -17.90
C THR B 195 8.65 -5.29 -16.73
N GLU B 196 7.59 -4.83 -16.04
CA GLU B 196 6.92 -5.60 -15.02
C GLU B 196 5.67 -6.23 -15.63
N VAL B 197 5.39 -7.47 -15.23
CA VAL B 197 4.19 -8.15 -15.71
C VAL B 197 2.98 -7.63 -14.96
N GLU B 198 1.93 -7.28 -15.70
CA GLU B 198 0.68 -6.83 -15.11
C GLU B 198 -0.39 -7.92 -15.15
N ASN B 199 -0.75 -8.37 -16.35
CA ASN B 199 -1.61 -9.53 -16.53
C ASN B 199 -0.73 -10.68 -17.01
N GLY B 200 -0.55 -11.69 -16.16
CA GLY B 200 0.28 -12.83 -16.48
C GLY B 200 -0.44 -13.81 -17.38
N GLY B 201 0.19 -14.95 -17.56
CA GLY B 201 -0.33 -15.99 -18.42
C GLY B 201 0.80 -16.82 -18.99
N PHE B 202 0.42 -17.78 -19.82
CA PHE B 202 1.38 -18.69 -20.43
C PHE B 202 1.83 -18.12 -21.77
N LEU B 203 3.11 -17.75 -21.85
CA LEU B 203 3.69 -17.19 -23.06
C LEU B 203 4.23 -18.31 -23.93
N GLY B 204 3.72 -18.40 -25.16
CA GLY B 204 4.20 -19.34 -26.14
C GLY B 204 5.24 -18.74 -27.04
N SER B 205 5.46 -19.38 -28.18
CA SER B 205 6.47 -18.95 -29.13
C SER B 205 5.84 -18.23 -30.31
N LYS B 206 6.57 -17.27 -30.86
CA LYS B 206 6.16 -16.54 -32.07
C LYS B 206 4.80 -15.89 -31.89
N LYS B 207 4.63 -15.17 -30.78
CA LYS B 207 3.38 -14.53 -30.44
C LYS B 207 3.33 -13.10 -30.96
N GLY B 208 2.10 -12.63 -31.22
CA GLY B 208 1.92 -11.26 -31.69
C GLY B 208 2.03 -10.25 -30.56
N VAL B 209 2.44 -9.04 -30.93
CA VAL B 209 2.73 -7.97 -29.99
C VAL B 209 2.01 -6.71 -30.42
N ASN B 210 1.44 -5.98 -29.46
CA ASN B 210 0.73 -4.75 -29.70
C ASN B 210 1.26 -3.66 -28.77
N LEU B 211 1.33 -2.43 -29.28
CA LEU B 211 1.87 -1.28 -28.55
C LEU B 211 0.78 -0.21 -28.47
N PRO B 212 -0.13 -0.31 -27.50
CA PRO B 212 -1.25 0.64 -27.42
C PRO B 212 -0.77 2.08 -27.31
N GLY B 213 -1.30 2.93 -28.18
CA GLY B 213 -1.01 4.34 -28.15
C GLY B 213 0.31 4.74 -28.77
N ALA B 214 1.09 3.79 -29.28
CA ALA B 214 2.35 4.10 -29.91
C ALA B 214 2.16 4.44 -31.38
N ALA B 215 3.00 5.34 -31.87
CA ALA B 215 3.11 5.59 -33.31
C ALA B 215 4.12 4.58 -33.86
N VAL B 216 3.61 3.43 -34.27
CA VAL B 216 4.45 2.35 -34.77
C VAL B 216 4.91 2.70 -36.18
N ASP B 217 6.21 2.57 -36.43
CA ASP B 217 6.78 2.95 -37.72
C ASP B 217 7.10 1.75 -38.60
N LEU B 218 6.45 0.61 -38.35
CA LEU B 218 6.53 -0.50 -39.30
C LEU B 218 6.12 -0.01 -40.68
N PRO B 219 6.63 -0.60 -41.75
CA PRO B 219 6.23 -0.16 -43.09
C PRO B 219 4.73 -0.36 -43.30
N ALA B 220 4.20 0.42 -44.25
CA ALA B 220 2.79 0.29 -44.58
C ALA B 220 2.46 -1.12 -45.06
N VAL B 221 3.40 -1.74 -45.77
CA VAL B 221 3.21 -3.08 -46.33
C VAL B 221 4.41 -3.94 -45.98
N SER B 222 4.15 -5.17 -45.56
CA SER B 222 5.21 -6.15 -45.43
C SER B 222 5.65 -6.65 -46.80
N GLU B 223 6.81 -7.31 -46.85
CA GLU B 223 7.25 -7.91 -48.09
C GLU B 223 6.26 -8.97 -48.56
N LYS B 224 5.69 -9.72 -47.61
CA LYS B 224 4.62 -10.66 -47.97
C LYS B 224 3.44 -9.95 -48.60
N ASP B 225 3.06 -8.79 -48.05
CA ASP B 225 1.95 -8.04 -48.60
C ASP B 225 2.22 -7.65 -50.06
N ILE B 226 3.41 -7.11 -50.33
CA ILE B 226 3.76 -6.75 -51.71
C ILE B 226 3.50 -7.92 -52.65
N GLN B 227 3.82 -9.13 -52.20
CA GLN B 227 3.59 -10.30 -53.06
C GLN B 227 2.11 -10.62 -53.17
N ASP B 228 1.37 -10.50 -52.06
CA ASP B 228 -0.05 -10.83 -52.08
C ASP B 228 -0.86 -9.79 -52.86
N LEU B 229 -0.44 -8.53 -52.82
CA LEU B 229 -1.11 -7.50 -53.61
C LEU B 229 -0.92 -7.76 -55.10
N LYS B 230 0.31 -8.08 -55.52
CA LYS B 230 0.55 -8.41 -56.93
C LYS B 230 -0.24 -9.65 -57.32
N PHE B 231 -0.27 -10.66 -56.46
CA PHE B 231 -1.15 -11.80 -56.68
C PHE B 231 -2.59 -11.34 -56.82
N GLY B 232 -2.99 -10.34 -56.02
CA GLY B 232 -4.35 -9.84 -56.11
C GLY B 232 -4.65 -9.20 -57.45
N VAL B 233 -3.72 -8.36 -57.94
CA VAL B 233 -3.86 -7.80 -59.28
C VAL B 233 -4.01 -8.90 -60.31
N GLU B 234 -3.15 -9.92 -60.22
CA GLU B 234 -3.19 -11.02 -61.17
C GLU B 234 -4.49 -11.81 -61.09
N GLN B 235 -5.06 -11.94 -59.90
CA GLN B 235 -6.31 -12.67 -59.73
C GLN B 235 -7.53 -11.83 -60.07
N ASP B 236 -7.35 -10.52 -60.30
CA ASP B 236 -8.44 -9.62 -60.68
C ASP B 236 -9.41 -9.43 -59.51
N VAL B 237 -8.87 -9.25 -58.31
CA VAL B 237 -9.72 -9.01 -57.15
C VAL B 237 -10.36 -7.62 -57.27
N ASP B 238 -11.55 -7.48 -56.70
CA ASP B 238 -12.30 -6.24 -56.82
C ASP B 238 -11.86 -5.19 -55.81
N MET B 239 -11.33 -5.62 -54.66
CA MET B 239 -11.00 -4.69 -53.59
C MET B 239 -9.92 -5.31 -52.71
N VAL B 240 -9.28 -4.45 -51.92
CA VAL B 240 -8.23 -4.86 -50.99
C VAL B 240 -8.55 -4.30 -49.61
N PHE B 241 -8.46 -5.15 -48.59
CA PHE B 241 -8.59 -4.74 -47.19
C PHE B 241 -7.18 -4.60 -46.63
N ALA B 242 -6.67 -3.37 -46.57
CA ALA B 242 -5.30 -3.12 -46.15
C ALA B 242 -5.22 -3.04 -44.63
N SER B 243 -4.41 -3.92 -44.04
CA SER B 243 -4.34 -4.04 -42.59
C SER B 243 -3.48 -2.94 -41.96
N PHE B 244 -3.82 -2.61 -40.72
CA PHE B 244 -2.96 -1.79 -39.85
C PHE B 244 -2.65 -0.43 -40.46
N ILE B 245 -3.66 0.17 -41.11
CA ILE B 245 -3.50 1.49 -41.71
C ILE B 245 -3.51 2.53 -40.61
N ARG B 246 -2.47 3.37 -40.56
CA ARG B 246 -2.29 4.34 -39.50
C ARG B 246 -2.27 5.79 -39.99
N LYS B 247 -2.15 6.02 -41.29
CA LYS B 247 -2.02 7.38 -41.81
C LYS B 247 -2.22 7.33 -43.32
N ALA B 248 -2.43 8.50 -43.91
CA ALA B 248 -2.64 8.58 -45.35
C ALA B 248 -1.46 7.99 -46.12
N ALA B 249 -0.23 8.28 -45.65
CA ALA B 249 0.96 7.77 -46.34
C ALA B 249 0.92 6.26 -46.51
N ASP B 250 0.32 5.53 -45.55
CA ASP B 250 0.23 4.08 -45.69
C ASP B 250 -0.69 3.69 -46.84
N VAL B 251 -1.82 4.40 -46.98
CA VAL B 251 -2.72 4.12 -48.09
C VAL B 251 -2.04 4.42 -49.41
N HIS B 252 -1.33 5.54 -49.48
CA HIS B 252 -0.62 5.88 -50.72
C HIS B 252 0.34 4.77 -51.12
N GLU B 253 1.02 4.16 -50.14
CA GLU B 253 1.91 3.05 -50.46
C GLU B 253 1.15 1.90 -51.10
N VAL B 254 0.03 1.49 -50.49
CA VAL B 254 -0.78 0.41 -51.07
C VAL B 254 -1.20 0.78 -52.48
N ARG B 255 -1.73 2.00 -52.67
CA ARG B 255 -2.12 2.48 -53.99
C ARG B 255 -0.95 2.34 -54.97
N LYS B 256 0.23 2.84 -54.58
CA LYS B 256 1.40 2.75 -55.43
C LYS B 256 1.76 1.29 -55.74
N ILE B 257 1.70 0.41 -54.73
CA ILE B 257 2.01 -0.99 -54.96
C ILE B 257 1.05 -1.59 -55.98
N LEU B 258 -0.24 -1.31 -55.86
CA LEU B 258 -1.20 -1.82 -56.83
C LEU B 258 -0.96 -1.22 -58.21
N GLY B 259 -0.39 -0.02 -58.28
CA GLY B 259 0.08 0.57 -59.51
C GLY B 259 -0.98 0.79 -60.58
N GLU B 260 -0.48 1.10 -61.78
CA GLU B 260 -1.36 1.39 -62.90
C GLU B 260 -2.31 0.23 -63.19
N LYS B 261 -1.79 -1.00 -63.16
CA LYS B 261 -2.61 -2.15 -63.53
C LYS B 261 -3.68 -2.44 -62.49
N GLY B 262 -3.47 -2.04 -61.24
CA GLY B 262 -4.47 -2.21 -60.20
C GLY B 262 -5.03 -0.89 -59.74
N LYS B 263 -5.16 0.08 -60.65
CA LYS B 263 -5.65 1.40 -60.28
C LYS B 263 -7.14 1.40 -60.01
N ASN B 264 -7.89 0.47 -60.59
CA ASN B 264 -9.32 0.39 -60.40
C ASN B 264 -9.71 -0.51 -59.22
N ILE B 265 -8.74 -1.03 -58.48
CA ILE B 265 -9.02 -1.87 -57.32
C ILE B 265 -9.24 -0.97 -56.11
N LYS B 266 -10.34 -1.19 -55.41
CA LYS B 266 -10.71 -0.32 -54.29
C LYS B 266 -9.92 -0.70 -53.05
N ILE B 267 -9.36 0.30 -52.39
CA ILE B 267 -8.58 0.11 -51.16
C ILE B 267 -9.47 0.41 -49.97
N ILE B 268 -9.74 -0.60 -49.16
CA ILE B 268 -10.48 -0.45 -47.91
C ILE B 268 -9.45 -0.43 -46.77
N SER B 269 -9.32 0.71 -46.11
CA SER B 269 -8.35 0.84 -45.04
C SER B 269 -8.90 0.27 -43.75
N LYS B 270 -8.12 -0.62 -43.12
CA LYS B 270 -8.52 -1.25 -41.86
C LYS B 270 -7.98 -0.42 -40.69
N ILE B 271 -8.89 0.11 -39.89
CA ILE B 271 -8.54 0.88 -38.70
C ILE B 271 -8.38 -0.09 -37.54
N GLU B 272 -7.16 -0.19 -37.00
CA GLU B 272 -6.84 -1.24 -36.03
C GLU B 272 -6.21 -0.76 -34.72
N ASN B 273 -5.90 0.52 -34.57
CA ASN B 273 -5.18 0.95 -33.38
C ASN B 273 -5.46 2.43 -33.11
N HIS B 274 -4.86 2.95 -32.04
CA HIS B 274 -5.10 4.32 -31.62
C HIS B 274 -4.77 5.30 -32.74
N GLU B 275 -3.60 5.15 -33.38
CA GLU B 275 -3.19 6.13 -34.38
C GLU B 275 -4.15 6.17 -35.55
N GLY B 276 -4.62 5.00 -36.00
CA GLY B 276 -5.60 4.98 -37.07
C GLY B 276 -6.86 5.74 -36.71
N VAL B 277 -7.31 5.61 -35.47
CA VAL B 277 -8.49 6.33 -35.02
C VAL B 277 -8.20 7.83 -34.91
N ARG B 278 -7.06 8.18 -34.32
CA ARG B 278 -6.73 9.58 -34.12
C ARG B 278 -6.50 10.32 -35.44
N ARG B 279 -5.95 9.62 -36.44
CA ARG B 279 -5.64 10.22 -37.73
C ARG B 279 -6.66 9.80 -38.80
N PHE B 280 -7.90 9.54 -38.40
CA PHE B 280 -8.84 8.89 -39.30
C PHE B 280 -9.20 9.78 -40.48
N ASP B 281 -9.29 11.09 -40.27
CA ASP B 281 -9.72 11.97 -41.35
C ASP B 281 -8.79 11.88 -42.54
N GLU B 282 -7.47 11.96 -42.31
CA GLU B 282 -6.53 11.88 -43.41
C GLU B 282 -6.51 10.50 -44.03
N ILE B 283 -6.85 9.46 -43.26
CA ILE B 283 -6.93 8.11 -43.81
C ILE B 283 -8.18 7.98 -44.69
N LEU B 284 -9.30 8.55 -44.24
CA LEU B 284 -10.52 8.46 -45.03
C LEU B 284 -10.38 9.21 -46.35
N GLU B 285 -9.77 10.39 -46.32
CA GLU B 285 -9.60 11.18 -47.54
C GLU B 285 -8.85 10.39 -48.61
N ALA B 286 -7.85 9.61 -48.21
CA ALA B 286 -7.01 8.89 -49.15
C ALA B 286 -7.55 7.52 -49.53
N SER B 287 -8.57 7.02 -48.85
CA SER B 287 -9.05 5.67 -49.06
C SER B 287 -10.32 5.66 -49.89
N ASP B 288 -10.61 4.50 -50.48
CA ASP B 288 -11.90 4.29 -51.13
C ASP B 288 -12.97 3.84 -50.15
N GLY B 289 -12.57 3.25 -49.02
CA GLY B 289 -13.50 2.80 -48.01
C GLY B 289 -12.76 2.51 -46.72
N ILE B 290 -13.53 2.11 -45.71
CA ILE B 290 -12.99 1.86 -44.38
C ILE B 290 -13.59 0.59 -43.82
N MET B 291 -12.78 -0.17 -43.09
CA MET B 291 -13.25 -1.27 -42.27
C MET B 291 -12.96 -0.95 -40.81
N VAL B 292 -14.00 -1.00 -39.97
CA VAL B 292 -13.82 -0.95 -38.53
C VAL B 292 -13.35 -2.35 -38.11
N ALA B 293 -12.03 -2.52 -37.96
CA ALA B 293 -11.46 -3.83 -37.63
C ALA B 293 -11.55 -4.01 -36.12
N ARG B 294 -12.77 -4.33 -35.67
CA ARG B 294 -13.07 -4.28 -34.24
C ARG B 294 -12.22 -5.27 -33.44
N GLY B 295 -11.99 -6.46 -33.99
CA GLY B 295 -11.18 -7.45 -33.32
C GLY B 295 -9.85 -6.92 -32.84
N ASP B 296 -9.00 -6.51 -33.77
CA ASP B 296 -7.68 -6.00 -33.40
C ASP B 296 -7.79 -4.67 -32.66
N LEU B 297 -8.74 -3.82 -33.07
CA LEU B 297 -8.93 -2.54 -32.41
C LEU B 297 -9.17 -2.72 -30.91
N GLY B 298 -9.93 -3.75 -30.54
CA GLY B 298 -10.20 -4.02 -29.14
C GLY B 298 -9.02 -4.57 -28.36
N ILE B 299 -8.04 -5.16 -29.07
CA ILE B 299 -6.78 -5.49 -28.41
C ILE B 299 -5.98 -4.21 -28.14
N GLU B 300 -5.95 -3.30 -29.12
CA GLU B 300 -5.12 -2.10 -29.00
C GLU B 300 -5.71 -1.09 -28.03
N ILE B 301 -7.02 -0.85 -28.08
CA ILE B 301 -7.65 0.12 -27.20
C ILE B 301 -8.53 -0.61 -26.19
N PRO B 302 -8.89 0.03 -25.07
CA PRO B 302 -9.79 -0.62 -24.13
C PRO B 302 -11.06 -1.08 -24.82
N ALA B 303 -11.52 -2.29 -24.48
CA ALA B 303 -12.66 -2.87 -25.17
C ALA B 303 -13.90 -2.00 -25.00
N GLU B 304 -14.06 -1.36 -23.85
CA GLU B 304 -15.24 -0.55 -23.58
C GLU B 304 -15.34 0.67 -24.47
N LYS B 305 -14.28 1.01 -25.21
CA LYS B 305 -14.28 2.19 -26.07
C LYS B 305 -14.49 1.88 -27.55
N VAL B 306 -14.53 0.60 -27.93
CA VAL B 306 -14.60 0.25 -29.34
C VAL B 306 -15.85 0.83 -30.00
N PHE B 307 -16.97 0.85 -29.27
CA PHE B 307 -18.20 1.34 -29.86
C PHE B 307 -18.10 2.82 -30.21
N LEU B 308 -17.32 3.59 -29.43
CA LEU B 308 -17.08 4.99 -29.79
C LEU B 308 -16.39 5.10 -31.13
N ALA B 309 -15.35 4.28 -31.35
CA ALA B 309 -14.66 4.30 -32.63
C ALA B 309 -15.57 3.86 -33.77
N GLN B 310 -16.36 2.80 -33.54
CA GLN B 310 -17.27 2.33 -34.58
C GLN B 310 -18.22 3.43 -35.03
N LYS B 311 -18.89 4.08 -34.08
CA LYS B 311 -19.91 5.05 -34.45
C LYS B 311 -19.31 6.31 -35.06
N MET B 312 -18.16 6.75 -34.53
CA MET B 312 -17.46 7.88 -35.14
C MET B 312 -17.07 7.56 -36.58
N ILE B 313 -16.51 6.37 -36.80
CA ILE B 313 -15.98 6.04 -38.12
C ILE B 313 -17.10 5.87 -39.13
N ILE B 314 -18.17 5.17 -38.74
CA ILE B 314 -19.32 5.02 -39.63
C ILE B 314 -19.96 6.37 -39.90
N GLY B 315 -20.07 7.22 -38.87
CA GLY B 315 -20.64 8.54 -39.07
C GLY B 315 -19.85 9.36 -40.08
N ARG B 316 -18.52 9.40 -39.92
CA ARG B 316 -17.72 10.19 -40.84
C ARG B 316 -17.69 9.58 -42.23
N CYS B 317 -17.82 8.25 -42.32
CA CYS B 317 -17.87 7.60 -43.63
C CYS B 317 -19.19 7.89 -44.33
N ASN B 318 -20.31 7.85 -43.59
CA ASN B 318 -21.58 8.27 -44.17
C ASN B 318 -21.50 9.70 -44.67
N ARG B 319 -20.99 10.59 -43.82
CA ARG B 319 -20.81 12.00 -44.19
C ARG B 319 -20.13 12.13 -45.54
N ALA B 320 -19.02 11.41 -45.73
CA ALA B 320 -18.25 11.56 -46.96
C ALA B 320 -18.78 10.72 -48.12
N GLY B 321 -19.76 9.86 -47.88
CA GLY B 321 -20.20 8.95 -48.91
C GLY B 321 -19.22 7.84 -49.20
N LYS B 322 -18.36 7.50 -48.25
CA LYS B 322 -17.44 6.42 -48.57
C LYS B 322 -17.84 5.14 -47.87
N PRO B 323 -17.72 4.00 -48.55
CA PRO B 323 -18.14 2.74 -47.93
C PRO B 323 -17.43 2.48 -46.62
N VAL B 324 -18.17 1.95 -45.65
CA VAL B 324 -17.64 1.58 -44.35
C VAL B 324 -18.14 0.18 -44.01
N ILE B 325 -17.25 -0.63 -43.42
CA ILE B 325 -17.54 -2.02 -43.10
C ILE B 325 -17.43 -2.20 -41.60
N CYS B 326 -18.39 -2.90 -41.01
CA CYS B 326 -18.33 -3.33 -39.62
C CYS B 326 -17.93 -4.80 -39.59
N ALA B 327 -16.93 -5.14 -38.77
CA ALA B 327 -16.36 -6.47 -38.82
C ALA B 327 -16.09 -7.02 -37.42
N THR B 328 -16.10 -8.35 -37.34
CA THR B 328 -15.46 -9.12 -36.28
C THR B 328 -16.39 -9.49 -35.14
N GLN B 329 -16.72 -10.77 -35.05
CA GLN B 329 -17.46 -11.37 -33.94
C GLN B 329 -18.91 -10.92 -33.90
N MET B 330 -19.48 -10.51 -35.03
CA MET B 330 -20.87 -10.07 -35.04
C MET B 330 -21.81 -11.22 -34.64
N LEU B 331 -21.55 -12.42 -35.15
CA LEU B 331 -22.35 -13.60 -34.84
C LEU B 331 -21.46 -14.72 -34.29
N GLU B 332 -20.48 -14.34 -33.47
CA GLU B 332 -19.41 -15.25 -33.06
C GLU B 332 -19.94 -16.60 -32.58
N SER B 333 -20.95 -16.59 -31.70
CA SER B 333 -21.38 -17.84 -31.11
C SER B 333 -21.95 -18.81 -32.14
N MET B 334 -22.33 -18.33 -33.32
CA MET B 334 -22.81 -19.22 -34.36
C MET B 334 -21.70 -20.04 -35.00
N ILE B 335 -20.44 -19.81 -34.62
CA ILE B 335 -19.37 -20.72 -35.00
C ILE B 335 -19.71 -22.14 -34.54
N LYS B 336 -20.22 -22.27 -33.32
CA LYS B 336 -20.58 -23.57 -32.76
C LYS B 336 -22.09 -23.76 -32.59
N LYS B 337 -22.90 -22.73 -32.80
CA LYS B 337 -24.33 -22.80 -32.51
C LYS B 337 -25.16 -22.38 -33.71
N PRO B 338 -26.33 -23.00 -33.90
CA PRO B 338 -27.19 -22.64 -35.04
C PRO B 338 -28.01 -21.38 -34.83
N ARG B 339 -28.03 -20.82 -33.62
CA ARG B 339 -28.73 -19.57 -33.32
C ARG B 339 -27.78 -18.61 -32.63
N PRO B 340 -27.96 -17.31 -32.83
CA PRO B 340 -27.07 -16.33 -32.19
C PRO B 340 -27.55 -15.96 -30.79
N THR B 341 -26.67 -15.29 -30.05
CA THR B 341 -27.07 -14.69 -28.79
C THR B 341 -27.87 -13.42 -29.04
N ARG B 342 -28.62 -13.01 -28.02
CA ARG B 342 -29.34 -11.75 -28.11
C ARG B 342 -28.39 -10.58 -28.31
N ALA B 343 -27.22 -10.63 -27.66
CA ALA B 343 -26.22 -9.58 -27.86
C ALA B 343 -25.79 -9.52 -29.32
N GLU B 344 -25.71 -10.67 -29.98
CA GLU B 344 -25.25 -10.69 -31.37
C GLU B 344 -26.31 -10.16 -32.32
N GLY B 345 -27.56 -10.61 -32.15
CA GLY B 345 -28.66 -10.00 -32.90
C GLY B 345 -28.70 -8.49 -32.72
N SER B 346 -28.45 -8.03 -31.49
CA SER B 346 -28.39 -6.60 -31.23
C SER B 346 -27.24 -5.93 -31.98
N ASP B 347 -26.08 -6.58 -32.00
CA ASP B 347 -24.90 -5.99 -32.62
C ASP B 347 -25.11 -5.76 -34.11
N VAL B 348 -25.73 -6.74 -34.79
CA VAL B 348 -25.96 -6.61 -36.23
C VAL B 348 -26.90 -5.45 -36.51
N ALA B 349 -28.04 -5.41 -35.81
CA ALA B 349 -29.04 -4.38 -36.08
C ALA B 349 -28.48 -2.99 -35.79
N ASN B 350 -27.80 -2.83 -34.66
CA ASN B 350 -27.25 -1.52 -34.30
C ASN B 350 -26.17 -1.08 -35.28
N ALA B 351 -25.44 -2.03 -35.86
CA ALA B 351 -24.44 -1.67 -36.86
C ALA B 351 -25.11 -1.10 -38.11
N VAL B 352 -26.20 -1.72 -38.54
CA VAL B 352 -26.96 -1.18 -39.67
C VAL B 352 -27.55 0.17 -39.30
N LEU B 353 -28.06 0.30 -38.07
CA LEU B 353 -28.63 1.57 -37.63
C LEU B 353 -27.56 2.66 -37.58
N ASP B 354 -26.32 2.31 -37.21
CA ASP B 354 -25.25 3.28 -37.25
C ASP B 354 -25.05 3.82 -38.66
N GLY B 355 -25.19 2.95 -39.67
CA GLY B 355 -25.10 3.37 -41.05
C GLY B 355 -24.11 2.58 -41.87
N ALA B 356 -23.74 1.40 -41.39
CA ALA B 356 -22.70 0.61 -42.04
C ALA B 356 -23.16 0.15 -43.43
N ASP B 357 -22.32 0.43 -44.43
CA ASP B 357 -22.63 -0.05 -45.78
C ASP B 357 -22.63 -1.57 -45.83
N CYS B 358 -21.71 -2.21 -45.12
CA CYS B 358 -21.56 -3.65 -45.16
C CYS B 358 -21.26 -4.18 -43.76
N ILE B 359 -21.73 -5.39 -43.51
CA ILE B 359 -21.39 -6.15 -42.30
C ILE B 359 -20.67 -7.41 -42.74
N MET B 360 -19.93 -8.02 -41.81
CA MET B 360 -18.97 -9.04 -42.19
C MET B 360 -19.03 -10.23 -41.26
N LEU B 361 -18.63 -11.39 -41.80
CA LEU B 361 -18.53 -12.64 -41.07
C LEU B 361 -17.12 -13.19 -41.27
N SER B 362 -16.50 -13.64 -40.17
CA SER B 362 -15.13 -14.14 -40.22
C SER B 362 -15.17 -15.62 -39.88
N GLY B 363 -14.84 -16.02 -38.65
CA GLY B 363 -14.91 -17.42 -38.29
C GLY B 363 -16.28 -18.03 -38.54
N GLU B 364 -17.33 -17.21 -38.44
CA GLU B 364 -18.69 -17.74 -38.61
C GLU B 364 -18.87 -18.41 -39.96
N THR B 365 -18.18 -17.93 -41.00
CA THR B 365 -18.25 -18.53 -42.33
C THR B 365 -16.98 -19.25 -42.75
N ALA B 366 -15.82 -18.88 -42.21
CA ALA B 366 -14.57 -19.48 -42.65
C ALA B 366 -14.42 -20.91 -42.13
N LYS B 367 -14.64 -21.11 -40.82
CA LYS B 367 -14.41 -22.41 -40.20
C LYS B 367 -15.56 -22.92 -39.35
N GLY B 368 -16.58 -22.10 -39.07
CA GLY B 368 -17.63 -22.49 -38.17
C GLY B 368 -18.49 -23.63 -38.72
N ASP B 369 -19.39 -24.12 -37.88
CA ASP B 369 -20.26 -25.25 -38.19
C ASP B 369 -21.59 -24.85 -38.81
N TYR B 370 -21.88 -23.55 -38.91
CA TYR B 370 -23.18 -23.08 -39.42
C TYR B 370 -22.97 -21.84 -40.28
N PRO B 371 -22.11 -21.91 -41.31
CA PRO B 371 -21.91 -20.73 -42.17
C PRO B 371 -23.19 -20.24 -42.83
N LEU B 372 -23.96 -21.15 -43.43
CA LEU B 372 -25.19 -20.74 -44.12
C LEU B 372 -26.16 -20.07 -43.16
N GLU B 373 -26.34 -20.66 -41.96
CA GLU B 373 -27.24 -20.06 -40.99
C GLU B 373 -26.79 -18.65 -40.59
N ALA B 374 -25.48 -18.44 -40.49
CA ALA B 374 -24.98 -17.13 -40.10
C ALA B 374 -25.27 -16.09 -41.18
N VAL B 375 -25.11 -16.46 -42.46
CA VAL B 375 -25.44 -15.56 -43.54
C VAL B 375 -26.92 -15.20 -43.50
N ARG B 376 -27.79 -16.21 -43.35
CA ARG B 376 -29.23 -15.96 -43.33
C ARG B 376 -29.61 -15.06 -42.16
N MET B 377 -28.97 -15.23 -41.01
CA MET B 377 -29.34 -14.43 -39.85
C MET B 377 -28.97 -12.96 -40.06
N GLN B 378 -27.80 -12.69 -40.64
CA GLN B 378 -27.44 -11.32 -40.97
C GLN B 378 -28.41 -10.72 -41.98
N HIS B 379 -28.80 -11.51 -43.00
CA HIS B 379 -29.76 -11.02 -43.97
C HIS B 379 -31.09 -10.66 -43.31
N LEU B 380 -31.56 -11.49 -42.36
CA LEU B 380 -32.82 -11.21 -41.68
C LEU B 380 -32.72 -9.96 -40.82
N ILE B 381 -31.64 -9.81 -40.06
CA ILE B 381 -31.51 -8.67 -39.17
C ILE B 381 -31.35 -7.38 -39.98
N ALA B 382 -30.57 -7.43 -41.06
CA ALA B 382 -30.33 -6.24 -41.87
C ALA B 382 -31.64 -5.61 -42.34
N ARG B 383 -32.56 -6.45 -42.84
CA ARG B 383 -33.81 -5.91 -43.38
C ARG B 383 -34.65 -5.25 -42.28
N GLU B 384 -34.76 -5.91 -41.12
CA GLU B 384 -35.50 -5.30 -40.01
C GLU B 384 -34.89 -3.96 -39.62
N ALA B 385 -33.55 -3.91 -39.50
CA ALA B 385 -32.91 -2.69 -39.06
C ALA B 385 -32.94 -1.60 -40.13
N GLU B 386 -32.93 -1.98 -41.41
CA GLU B 386 -33.01 -0.99 -42.47
C GLU B 386 -34.33 -0.22 -42.43
N ALA B 387 -35.42 -0.92 -42.12
CA ALA B 387 -36.70 -0.24 -41.94
C ALA B 387 -36.69 0.67 -40.71
N ALA B 388 -35.98 0.27 -39.66
CA ALA B 388 -36.01 0.98 -38.39
C ALA B 388 -35.13 2.24 -38.38
N MET B 389 -34.46 2.56 -39.48
CA MET B 389 -33.74 3.82 -39.56
C MET B 389 -34.72 4.99 -39.58
N PHE B 390 -34.23 6.17 -39.21
CA PHE B 390 -35.03 7.39 -39.18
C PHE B 390 -34.70 8.19 -40.43
N HIS B 391 -35.27 7.75 -41.55
CA HIS B 391 -34.80 8.19 -42.86
C HIS B 391 -34.90 9.71 -43.01
N ARG B 392 -36.04 10.30 -42.66
CA ARG B 392 -36.22 11.74 -42.89
C ARG B 392 -35.14 12.54 -42.18
N LYS B 393 -34.86 12.21 -40.91
CA LYS B 393 -33.82 12.92 -40.17
C LYS B 393 -32.43 12.61 -40.72
N LEU B 394 -32.19 11.35 -41.10
CA LEU B 394 -30.89 10.99 -41.67
C LEU B 394 -30.60 11.80 -42.92
N PHE B 395 -31.58 11.89 -43.82
CA PHE B 395 -31.39 12.66 -45.05
C PHE B 395 -31.08 14.12 -44.74
N GLU B 396 -31.83 14.73 -43.82
CA GLU B 396 -31.59 16.12 -43.48
C GLU B 396 -30.18 16.33 -42.94
N GLU B 397 -29.74 15.44 -42.05
CA GLU B 397 -28.43 15.62 -41.44
C GLU B 397 -27.32 15.36 -42.45
N LEU B 398 -27.51 14.39 -43.35
CA LEU B 398 -26.56 14.19 -44.43
C LEU B 398 -26.51 15.40 -45.34
N ALA B 399 -27.67 15.97 -45.67
CA ALA B 399 -27.70 17.20 -46.46
C ALA B 399 -26.95 18.31 -45.75
N ARG B 400 -27.22 18.51 -44.46
CA ARG B 400 -26.55 19.56 -43.71
C ARG B 400 -25.03 19.37 -43.72
N ALA B 401 -24.57 18.13 -43.52
CA ALA B 401 -23.13 17.89 -43.40
C ALA B 401 -22.39 18.17 -44.71
N SER B 402 -23.05 17.98 -45.85
CA SER B 402 -22.40 18.15 -47.15
C SER B 402 -22.83 19.43 -47.86
N SER B 403 -23.52 20.34 -47.18
CA SER B 403 -24.03 21.53 -47.86
C SER B 403 -22.91 22.43 -48.38
N HIS B 404 -21.66 22.19 -47.98
CA HIS B 404 -20.54 22.94 -48.55
C HIS B 404 -20.35 22.64 -50.03
N SER B 405 -20.84 21.49 -50.50
CA SER B 405 -20.68 21.08 -51.89
C SER B 405 -21.92 21.43 -52.71
N THR B 406 -21.70 21.97 -53.91
CA THR B 406 -22.75 22.22 -54.88
C THR B 406 -22.62 21.32 -56.10
N ASP B 407 -22.00 20.16 -55.93
CA ASP B 407 -21.80 19.21 -57.02
C ASP B 407 -23.13 18.90 -57.72
N LEU B 408 -23.06 18.74 -59.03
CA LEU B 408 -24.28 18.56 -59.82
C LEU B 408 -24.90 17.18 -59.60
N MET B 409 -24.07 16.13 -59.56
CA MET B 409 -24.62 14.79 -59.32
C MET B 409 -25.24 14.70 -57.93
N GLU B 410 -24.58 15.27 -56.92
CA GLU B 410 -25.18 15.33 -55.59
C GLU B 410 -26.56 15.98 -55.65
N ALA B 411 -26.70 17.04 -56.44
CA ALA B 411 -28.01 17.66 -56.59
C ALA B 411 -29.01 16.67 -57.17
N MET B 412 -28.62 15.99 -58.25
CA MET B 412 -29.49 14.97 -58.82
C MET B 412 -29.86 13.91 -57.79
N ALA B 413 -28.85 13.40 -57.07
CA ALA B 413 -29.11 12.35 -56.09
C ALA B 413 -30.06 12.84 -55.00
N MET B 414 -29.80 14.04 -54.46
CA MET B 414 -30.65 14.56 -53.41
C MET B 414 -32.06 14.83 -53.92
N GLY B 415 -32.17 15.38 -55.13
CA GLY B 415 -33.49 15.59 -55.70
C GLY B 415 -34.23 14.29 -55.93
N SER B 416 -33.51 13.24 -56.31
CA SER B 416 -34.14 11.95 -56.56
C SER B 416 -34.57 11.29 -55.25
N VAL B 417 -33.69 11.28 -54.25
CA VAL B 417 -34.04 10.72 -52.96
C VAL B 417 -35.25 11.45 -52.38
N GLU B 418 -35.22 12.78 -52.42
CA GLU B 418 -36.36 13.58 -51.97
C GLU B 418 -37.65 13.13 -52.67
N ALA B 419 -37.59 12.97 -53.99
CA ALA B 419 -38.78 12.57 -54.74
C ALA B 419 -39.22 11.16 -54.40
N SER B 420 -38.26 10.24 -54.21
CA SER B 420 -38.60 8.88 -53.86
C SER B 420 -39.34 8.80 -52.53
N TYR B 421 -39.01 9.68 -51.59
CA TYR B 421 -39.74 9.75 -50.34
C TYR B 421 -41.16 10.26 -50.56
N LYS B 422 -41.30 11.33 -51.34
CA LYS B 422 -42.60 11.99 -51.49
C LYS B 422 -43.64 11.05 -52.09
N CYS B 423 -43.30 10.38 -53.20
CA CYS B 423 -44.25 9.53 -53.90
C CYS B 423 -44.15 8.06 -53.47
N LEU B 424 -43.38 7.76 -52.42
CA LEU B 424 -43.26 6.39 -51.92
C LEU B 424 -42.78 5.44 -53.01
N ALA B 425 -41.82 5.89 -53.81
CA ALA B 425 -41.31 5.08 -54.90
C ALA B 425 -40.78 3.75 -54.38
N ALA B 426 -41.02 2.68 -55.14
CA ALA B 426 -40.55 1.36 -54.75
C ALA B 426 -39.06 1.16 -55.03
N ALA B 427 -38.48 1.95 -55.93
CA ALA B 427 -37.07 1.76 -56.25
C ALA B 427 -36.54 3.02 -56.93
N LEU B 428 -35.21 3.12 -56.95
CA LEU B 428 -34.50 4.07 -57.80
C LEU B 428 -33.67 3.27 -58.80
N ILE B 429 -33.83 3.60 -60.08
CA ILE B 429 -33.12 2.94 -61.17
C ILE B 429 -32.06 3.91 -61.68
N VAL B 430 -30.80 3.47 -61.67
CA VAL B 430 -29.68 4.31 -62.08
C VAL B 430 -28.86 3.57 -63.14
N LEU B 431 -28.68 4.20 -64.29
CA LEU B 431 -27.78 3.70 -65.33
C LEU B 431 -26.40 4.31 -65.13
N THR B 432 -25.37 3.48 -65.02
CA THR B 432 -24.04 3.98 -64.74
C THR B 432 -23.02 2.97 -65.19
N GLU B 433 -21.91 3.45 -65.76
CA GLU B 433 -20.79 2.59 -66.12
C GLU B 433 -19.72 2.55 -65.04
N SER B 434 -19.35 3.70 -64.48
CA SER B 434 -18.39 3.78 -63.41
C SER B 434 -19.01 3.56 -62.03
N GLY B 435 -20.32 3.75 -61.91
CA GLY B 435 -21.01 3.62 -60.65
C GLY B 435 -21.15 4.91 -59.86
N ARG B 436 -20.44 5.97 -60.24
CA ARG B 436 -20.44 7.20 -59.46
C ARG B 436 -21.86 7.69 -59.18
N SER B 437 -22.71 7.72 -60.21
CA SER B 437 -24.06 8.23 -60.03
C SER B 437 -24.83 7.44 -58.98
N ALA B 438 -24.70 6.12 -58.99
CA ALA B 438 -25.36 5.31 -57.97
C ALA B 438 -24.73 5.52 -56.59
N HIS B 439 -23.42 5.73 -56.53
CA HIS B 439 -22.77 5.97 -55.24
C HIS B 439 -23.29 7.24 -54.60
N GLN B 440 -23.47 8.31 -55.39
CA GLN B 440 -24.01 9.54 -54.84
C GLN B 440 -25.44 9.36 -54.34
N VAL B 441 -26.23 8.52 -55.02
CA VAL B 441 -27.58 8.24 -54.54
C VAL B 441 -27.53 7.45 -53.25
N ALA B 442 -26.67 6.43 -53.19
CA ALA B 442 -26.57 5.61 -51.99
C ALA B 442 -26.21 6.45 -50.77
N ARG B 443 -25.33 7.45 -50.94
CA ARG B 443 -24.86 8.21 -49.79
C ARG B 443 -25.96 9.05 -49.15
N TYR B 444 -27.05 9.32 -49.86
CA TYR B 444 -28.15 10.07 -49.26
C TYR B 444 -29.23 9.15 -48.73
N ARG B 445 -28.99 7.84 -48.72
CA ARG B 445 -29.67 6.87 -47.89
C ARG B 445 -31.17 6.82 -48.14
N PRO B 446 -31.61 6.56 -49.36
CA PRO B 446 -33.05 6.34 -49.58
C PRO B 446 -33.49 5.05 -48.91
N ARG B 447 -34.78 5.00 -48.59
CA ARG B 447 -35.35 3.77 -48.07
C ARG B 447 -35.40 2.70 -49.16
N ALA B 448 -35.79 3.09 -50.37
CA ALA B 448 -36.00 2.15 -51.46
C ALA B 448 -34.67 1.66 -52.03
N PRO B 449 -34.65 0.43 -52.54
CA PRO B 449 -33.40 -0.09 -53.13
C PRO B 449 -33.05 0.62 -54.43
N ILE B 450 -31.75 0.67 -54.70
CA ILE B 450 -31.20 1.31 -55.89
C ILE B 450 -30.80 0.21 -56.86
N ILE B 451 -31.48 0.13 -58.00
CA ILE B 451 -31.12 -0.84 -59.04
C ILE B 451 -30.17 -0.14 -60.01
N ALA B 452 -28.89 -0.51 -59.96
CA ALA B 452 -27.86 0.11 -60.79
C ALA B 452 -27.54 -0.81 -61.96
N VAL B 453 -27.96 -0.40 -63.16
CA VAL B 453 -27.73 -1.18 -64.37
C VAL B 453 -26.45 -0.71 -65.03
N THR B 454 -25.53 -1.64 -65.27
CA THR B 454 -24.24 -1.30 -65.86
C THR B 454 -23.76 -2.42 -66.77
N ARG B 455 -22.99 -2.05 -67.79
CA ARG B 455 -22.29 -3.01 -68.63
C ARG B 455 -20.89 -3.31 -68.12
N ASN B 456 -20.44 -2.61 -67.08
CA ASN B 456 -19.11 -2.82 -66.50
C ASN B 456 -19.22 -3.87 -65.39
N HIS B 457 -18.68 -5.06 -65.64
CA HIS B 457 -18.80 -6.15 -64.68
C HIS B 457 -18.11 -5.81 -63.36
N GLN B 458 -16.98 -5.12 -63.42
CA GLN B 458 -16.29 -4.74 -62.19
C GLN B 458 -17.09 -3.72 -61.40
N THR B 459 -17.68 -2.73 -62.08
CA THR B 459 -18.52 -1.78 -61.38
C THR B 459 -19.65 -2.48 -60.64
N ALA B 460 -20.24 -3.51 -61.26
CA ALA B 460 -21.30 -4.26 -60.60
C ALA B 460 -20.80 -4.92 -59.33
N ARG B 461 -19.65 -5.59 -59.41
CA ARG B 461 -19.13 -6.27 -58.22
C ARG B 461 -18.79 -5.28 -57.12
N GLN B 462 -18.18 -4.15 -57.46
CA GLN B 462 -17.82 -3.15 -56.46
C GLN B 462 -19.04 -2.40 -55.92
N ALA B 463 -20.17 -2.45 -56.61
CA ALA B 463 -21.36 -1.76 -56.10
C ALA B 463 -21.80 -2.28 -54.74
N HIS B 464 -21.40 -3.51 -54.39
CA HIS B 464 -21.81 -4.09 -53.12
C HIS B 464 -21.26 -3.33 -51.92
N LEU B 465 -20.21 -2.54 -52.09
CA LEU B 465 -19.68 -1.76 -50.97
C LEU B 465 -20.60 -0.63 -50.53
N TYR B 466 -21.64 -0.32 -51.31
CA TYR B 466 -22.49 0.84 -51.05
C TYR B 466 -23.88 0.39 -50.65
N ARG B 467 -24.37 0.93 -49.53
CA ARG B 467 -25.68 0.57 -49.02
C ARG B 467 -26.76 0.78 -50.08
N GLY B 468 -27.53 -0.27 -50.36
CA GLY B 468 -28.72 -0.17 -51.18
C GLY B 468 -28.54 -0.35 -52.66
N ILE B 469 -27.31 -0.52 -53.16
CA ILE B 469 -27.08 -0.63 -54.60
C ILE B 469 -27.16 -2.10 -54.99
N PHE B 470 -28.23 -2.48 -55.69
CA PHE B 470 -28.35 -3.81 -56.27
C PHE B 470 -27.80 -3.77 -57.70
N PRO B 471 -26.62 -4.32 -57.96
CA PRO B 471 -26.04 -4.21 -59.32
C PRO B 471 -26.70 -5.20 -60.27
N VAL B 472 -27.03 -4.73 -61.46
CA VAL B 472 -27.49 -5.58 -62.55
C VAL B 472 -26.54 -5.39 -63.72
N VAL B 473 -25.95 -6.48 -64.17
CA VAL B 473 -25.05 -6.46 -65.32
C VAL B 473 -25.87 -6.60 -66.59
N CYS B 474 -25.81 -5.60 -67.46
CA CYS B 474 -26.45 -5.66 -68.76
C CYS B 474 -25.50 -6.33 -69.75
N LYS B 475 -25.92 -7.46 -70.29
CA LYS B 475 -25.13 -8.21 -71.28
C LYS B 475 -25.63 -7.99 -72.69
N ASP B 476 -26.59 -7.09 -72.89
CA ASP B 476 -27.08 -6.80 -74.23
C ASP B 476 -26.07 -5.94 -75.00
N PRO B 477 -26.03 -6.08 -76.32
CA PRO B 477 -25.14 -5.22 -77.10
C PRO B 477 -25.62 -3.78 -77.09
N VAL B 478 -24.67 -2.86 -77.28
CA VAL B 478 -25.01 -1.45 -77.42
C VAL B 478 -25.94 -1.27 -78.61
N GLN B 479 -27.06 -0.60 -78.39
CA GLN B 479 -28.03 -0.38 -79.45
C GLN B 479 -27.59 0.77 -80.35
N GLU B 480 -28.17 0.80 -81.55
CA GLU B 480 -27.85 1.84 -82.52
C GLU B 480 -28.13 3.22 -81.94
N ALA B 481 -29.33 3.42 -81.41
CA ALA B 481 -29.78 4.72 -80.92
C ALA B 481 -29.64 4.81 -79.41
N TRP B 482 -29.21 5.98 -78.93
CA TRP B 482 -29.06 6.20 -77.49
C TRP B 482 -30.38 6.02 -76.76
N ALA B 483 -31.46 6.57 -77.30
CA ALA B 483 -32.76 6.46 -76.63
C ALA B 483 -33.13 5.00 -76.40
N GLU B 484 -32.95 4.15 -77.41
CA GLU B 484 -33.35 2.75 -77.28
C GLU B 484 -32.40 1.98 -76.38
N ASP B 485 -31.12 2.34 -76.34
CA ASP B 485 -30.20 1.67 -75.44
C ASP B 485 -30.53 2.01 -73.99
N VAL B 486 -30.96 3.24 -73.75
CA VAL B 486 -31.37 3.64 -72.40
C VAL B 486 -32.64 2.89 -72.00
N ASP B 487 -33.66 2.94 -72.84
CA ASP B 487 -34.91 2.27 -72.53
C ASP B 487 -34.67 0.78 -72.27
N LEU B 488 -33.76 0.17 -73.03
CA LEU B 488 -33.48 -1.25 -72.87
C LEU B 488 -32.93 -1.54 -71.48
N ARG B 489 -32.00 -0.72 -70.99
CA ARG B 489 -31.42 -0.95 -69.68
C ARG B 489 -32.42 -0.62 -68.57
N VAL B 490 -33.25 0.41 -68.78
CA VAL B 490 -34.29 0.73 -67.80
C VAL B 490 -35.29 -0.42 -67.71
N ASN B 491 -35.62 -1.03 -68.84
CA ASN B 491 -36.56 -2.16 -68.80
C ASN B 491 -35.90 -3.41 -68.25
N LEU B 492 -34.58 -3.53 -68.37
CA LEU B 492 -33.89 -4.61 -67.68
C LEU B 492 -34.02 -4.46 -66.17
N ALA B 493 -33.92 -3.23 -65.67
CA ALA B 493 -34.13 -2.99 -64.25
C ALA B 493 -35.57 -3.28 -63.86
N MET B 494 -36.53 -2.93 -64.72
CA MET B 494 -37.93 -3.21 -64.42
C MET B 494 -38.17 -4.71 -64.26
N ASN B 495 -37.55 -5.52 -65.12
CA ASN B 495 -37.80 -6.96 -65.08
C ASN B 495 -37.09 -7.62 -63.91
N VAL B 496 -35.89 -7.14 -63.57
CA VAL B 496 -35.20 -7.67 -62.40
C VAL B 496 -35.95 -7.28 -61.12
N GLY B 497 -36.48 -6.05 -61.07
CA GLY B 497 -37.21 -5.62 -59.89
C GLY B 497 -38.48 -6.42 -59.67
N LYS B 498 -39.25 -6.65 -60.74
CA LYS B 498 -40.45 -7.46 -60.61
C LYS B 498 -40.11 -8.91 -60.26
N ALA B 499 -39.07 -9.46 -60.88
CA ALA B 499 -38.75 -10.87 -60.67
C ALA B 499 -38.29 -11.13 -59.24
N ARG B 500 -37.56 -10.20 -58.64
CA ARG B 500 -37.09 -10.35 -57.27
C ARG B 500 -38.07 -9.83 -56.25
N GLY B 501 -39.26 -9.41 -56.67
CA GLY B 501 -40.25 -8.94 -55.71
C GLY B 501 -39.86 -7.65 -55.02
N PHE B 502 -39.19 -6.75 -55.74
CA PHE B 502 -38.94 -5.42 -55.20
C PHE B 502 -40.12 -4.49 -55.46
N PHE B 503 -40.78 -4.64 -56.60
CA PHE B 503 -42.00 -3.91 -56.90
C PHE B 503 -42.82 -4.73 -57.88
N LYS B 504 -43.99 -4.19 -58.25
CA LYS B 504 -44.87 -4.84 -59.20
C LYS B 504 -45.50 -3.77 -60.08
N LYS B 505 -46.17 -4.23 -61.14
CA LYS B 505 -46.83 -3.32 -62.07
C LYS B 505 -47.74 -2.37 -61.33
N GLY B 506 -47.65 -1.09 -61.66
CA GLY B 506 -48.44 -0.05 -61.03
C GLY B 506 -47.74 0.71 -59.93
N ASP B 507 -46.64 0.19 -59.41
CA ASP B 507 -45.80 0.96 -58.52
C ASP B 507 -45.10 2.07 -59.29
N VAL B 508 -44.43 2.95 -58.56
CA VAL B 508 -43.69 4.07 -59.15
C VAL B 508 -42.23 3.91 -58.77
N VAL B 509 -41.35 4.27 -59.70
CA VAL B 509 -39.92 4.26 -59.46
C VAL B 509 -39.31 5.55 -59.96
N ILE B 510 -38.18 5.92 -59.37
CA ILE B 510 -37.39 7.06 -59.82
C ILE B 510 -36.31 6.54 -60.76
N VAL B 511 -36.19 7.14 -61.94
CA VAL B 511 -35.28 6.67 -62.98
C VAL B 511 -34.27 7.77 -63.27
N LEU B 512 -32.98 7.43 -63.14
CA LEU B 512 -31.88 8.36 -63.35
C LEU B 512 -31.05 7.89 -64.54
N THR B 513 -30.89 8.77 -65.54
CA THR B 513 -30.24 8.41 -66.79
C THR B 513 -29.49 9.62 -67.33
N GLY B 514 -28.56 9.36 -68.24
CA GLY B 514 -27.88 10.42 -68.95
C GLY B 514 -28.72 10.89 -70.14
N TRP B 515 -28.84 12.21 -70.28
CA TRP B 515 -29.66 12.76 -71.36
C TRP B 515 -29.12 12.35 -72.72
N ARG B 516 -27.80 12.37 -72.89
CA ARG B 516 -27.16 11.95 -74.12
C ARG B 516 -26.01 11.03 -73.79
N PRO B 517 -25.41 10.35 -74.77
CA PRO B 517 -24.25 9.49 -74.48
C PRO B 517 -23.13 10.22 -73.78
N GLY B 518 -22.95 11.51 -74.08
CA GLY B 518 -21.87 12.31 -73.53
C GLY B 518 -22.12 12.92 -72.17
N SER B 519 -23.30 12.76 -71.61
CA SER B 519 -23.54 13.21 -70.24
C SER B 519 -22.65 12.41 -69.29
N GLY B 520 -21.85 13.12 -68.51
CA GLY B 520 -20.89 12.49 -67.62
C GLY B 520 -21.47 11.90 -66.35
N PHE B 521 -22.77 12.06 -66.14
CA PHE B 521 -23.47 11.52 -64.99
C PHE B 521 -24.94 11.44 -65.35
N THR B 522 -25.73 10.84 -64.46
CA THR B 522 -27.19 10.80 -64.67
C THR B 522 -27.75 12.19 -64.38
N ASN B 523 -27.92 12.98 -65.44
CA ASN B 523 -28.44 14.33 -65.33
C ASN B 523 -29.93 14.40 -65.63
N THR B 524 -30.62 13.27 -65.72
CA THR B 524 -32.02 13.21 -66.07
C THR B 524 -32.73 12.31 -65.07
N MET B 525 -33.73 12.86 -64.39
CA MET B 525 -34.52 12.10 -63.44
C MET B 525 -35.98 12.13 -63.85
N ARG B 526 -36.64 10.97 -63.71
CA ARG B 526 -38.04 10.81 -64.08
C ARG B 526 -38.76 10.00 -63.01
N VAL B 527 -40.01 10.38 -62.75
CA VAL B 527 -40.92 9.53 -62.00
C VAL B 527 -41.64 8.65 -63.01
N VAL B 528 -41.51 7.33 -62.86
CA VAL B 528 -41.96 6.38 -63.88
C VAL B 528 -42.76 5.25 -63.23
N PRO B 529 -43.93 4.91 -63.77
CA PRO B 529 -44.68 3.76 -63.25
C PRO B 529 -44.12 2.46 -63.78
N VAL B 530 -44.17 1.44 -62.92
CA VAL B 530 -43.75 0.10 -63.31
C VAL B 530 -44.81 -0.49 -64.23
N PRO B 531 -44.45 -0.89 -65.47
CA PRO B 531 -45.38 -1.44 -66.45
C PRO B 531 -45.56 -2.94 -66.29
N PHE C 12 -63.91 25.67 -25.62
CA PHE C 12 -62.87 26.44 -24.94
C PHE C 12 -61.70 26.74 -25.87
N ILE C 13 -61.44 28.03 -26.09
CA ILE C 13 -60.30 28.48 -26.89
C ILE C 13 -59.18 28.88 -25.93
N GLN C 14 -58.03 28.21 -26.04
CA GLN C 14 -56.91 28.52 -25.18
C GLN C 14 -56.56 30.00 -25.27
N THR C 15 -55.93 30.49 -24.22
CA THR C 15 -55.45 31.87 -24.14
C THR C 15 -53.98 31.92 -24.52
N GLN C 16 -53.49 33.15 -24.76
CA GLN C 16 -52.06 33.38 -24.91
C GLN C 16 -51.45 32.64 -26.10
N GLN C 17 -52.25 32.40 -27.15
CA GLN C 17 -51.76 31.66 -28.32
C GLN C 17 -51.10 30.35 -27.92
N LEU C 18 -51.54 29.76 -26.82
CA LEU C 18 -50.89 28.56 -26.29
C LEU C 18 -51.12 27.34 -27.17
N HIS C 19 -52.15 27.36 -28.02
CA HIS C 19 -52.25 26.28 -29.01
C HIS C 19 -51.13 26.39 -30.03
N ALA C 20 -50.90 27.60 -30.56
CA ALA C 20 -49.74 27.82 -31.41
C ALA C 20 -48.44 27.48 -30.68
N ALA C 21 -48.42 27.64 -29.36
CA ALA C 21 -47.19 27.38 -28.60
C ALA C 21 -46.78 25.91 -28.68
N MET C 22 -47.74 25.01 -28.79
CA MET C 22 -47.44 23.58 -28.81
C MET C 22 -47.07 23.07 -30.20
N ALA C 23 -46.92 23.95 -31.18
CA ALA C 23 -46.66 23.51 -32.55
C ALA C 23 -45.26 22.93 -32.68
N ASP C 24 -45.08 22.04 -33.65
CA ASP C 24 -43.80 21.40 -33.91
C ASP C 24 -42.88 22.29 -34.74
N THR C 25 -43.43 23.02 -35.70
CA THR C 25 -42.64 23.81 -36.63
C THR C 25 -43.07 25.27 -36.59
N PHE C 26 -42.19 26.14 -37.10
CA PHE C 26 -42.51 27.56 -37.20
C PHE C 26 -43.73 27.78 -38.08
N LEU C 27 -43.85 27.00 -39.15
CA LEU C 27 -45.00 27.14 -40.05
C LEU C 27 -46.30 26.77 -39.34
N GLU C 28 -46.29 25.65 -38.61
CA GLU C 28 -47.48 25.24 -37.89
C GLU C 28 -47.83 26.22 -36.77
N HIS C 29 -46.81 26.81 -36.13
CA HIS C 29 -47.06 27.83 -35.11
C HIS C 29 -47.77 29.03 -35.72
N MET C 30 -47.30 29.48 -36.87
CA MET C 30 -47.93 30.60 -37.56
C MET C 30 -49.35 30.24 -37.99
N CYS C 31 -49.55 29.03 -38.53
CA CYS C 31 -50.88 28.62 -38.94
C CYS C 31 -51.87 28.59 -37.78
N ARG C 32 -51.38 28.50 -36.54
CA ARG C 32 -52.22 28.37 -35.38
C ARG C 32 -52.57 29.70 -34.72
N LEU C 33 -52.03 30.81 -35.20
CA LEU C 33 -52.31 32.10 -34.57
C LEU C 33 -53.81 32.39 -34.63
N ASP C 34 -54.38 32.70 -33.47
CA ASP C 34 -55.82 32.70 -33.25
C ASP C 34 -56.25 34.08 -32.74
N ILE C 35 -56.99 34.83 -33.57
CA ILE C 35 -57.44 36.15 -33.15
C ILE C 35 -58.41 36.09 -31.97
N ASP C 36 -58.95 34.91 -31.68
CA ASP C 36 -59.86 34.72 -30.56
C ASP C 36 -59.17 34.21 -29.32
N SER C 37 -57.86 34.06 -29.35
CA SER C 37 -57.08 33.65 -28.19
C SER C 37 -56.59 34.90 -27.47
N ALA C 38 -57.23 35.24 -26.35
CA ALA C 38 -56.97 36.51 -25.69
C ALA C 38 -55.58 36.53 -25.05
N PRO C 39 -54.86 37.64 -25.16
CA PRO C 39 -53.57 37.75 -24.45
C PRO C 39 -53.77 37.94 -22.95
N ILE C 40 -52.68 37.96 -22.19
CA ILE C 40 -52.76 38.18 -20.75
C ILE C 40 -52.78 39.67 -20.46
N THR C 41 -52.88 40.02 -19.18
CA THR C 41 -52.91 41.43 -18.81
C THR C 41 -51.53 42.06 -18.92
N ALA C 42 -50.50 41.37 -18.44
CA ALA C 42 -49.16 41.94 -18.40
C ALA C 42 -48.62 42.18 -19.80
N ARG C 43 -47.96 43.33 -19.97
CA ARG C 43 -47.33 43.71 -21.22
C ARG C 43 -45.82 43.79 -20.98
N ASN C 44 -45.05 42.96 -21.68
CA ASN C 44 -43.63 42.81 -21.40
C ASN C 44 -42.76 43.85 -22.10
N THR C 45 -43.22 44.41 -23.21
CA THR C 45 -42.38 45.29 -24.02
C THR C 45 -42.42 46.72 -23.46
N GLY C 46 -41.25 47.33 -23.34
CA GLY C 46 -41.17 48.69 -22.81
C GLY C 46 -41.55 49.72 -23.87
N ILE C 47 -42.37 50.68 -23.45
CA ILE C 47 -42.81 51.77 -24.29
C ILE C 47 -42.04 53.03 -23.90
N ILE C 48 -41.23 53.54 -24.83
CA ILE C 48 -40.46 54.76 -24.62
C ILE C 48 -41.16 55.90 -25.35
N CYS C 49 -41.47 56.98 -24.63
CA CYS C 49 -42.20 58.11 -25.17
C CYS C 49 -41.33 59.36 -25.18
N THR C 50 -41.20 59.97 -26.35
CA THR C 50 -40.55 61.27 -26.47
C THR C 50 -41.50 62.34 -25.95
N ILE C 51 -41.04 63.13 -24.99
CA ILE C 51 -41.84 64.19 -24.41
C ILE C 51 -41.58 65.49 -25.15
N GLY C 52 -42.64 66.26 -25.38
CA GLY C 52 -42.55 67.51 -26.09
C GLY C 52 -43.72 68.41 -25.77
N PRO C 53 -43.99 69.38 -26.65
CA PRO C 53 -45.10 70.32 -26.38
C PRO C 53 -46.43 69.63 -26.15
N ALA C 54 -46.70 68.53 -26.84
CA ALA C 54 -48.01 67.88 -26.72
C ALA C 54 -48.15 67.05 -25.45
N SER C 55 -47.07 66.79 -24.72
CA SER C 55 -47.12 65.82 -23.64
C SER C 55 -46.30 66.20 -22.40
N ARG C 56 -45.80 67.42 -22.30
CA ARG C 56 -44.90 67.75 -21.20
C ARG C 56 -45.61 68.32 -19.98
N SER C 57 -46.92 68.56 -20.04
CA SER C 57 -47.63 69.04 -18.88
C SER C 57 -47.82 67.92 -17.86
N VAL C 58 -47.89 68.31 -16.59
CA VAL C 58 -48.12 67.32 -15.53
C VAL C 58 -49.42 66.57 -15.79
N GLU C 59 -50.49 67.32 -16.08
CA GLU C 59 -51.78 66.69 -16.35
C GLU C 59 -51.66 65.61 -17.42
N THR C 60 -51.01 65.93 -18.54
CA THR C 60 -50.91 64.96 -19.63
C THR C 60 -49.92 63.86 -19.31
N LEU C 61 -48.83 64.19 -18.63
CA LEU C 61 -47.85 63.17 -18.27
C LEU C 61 -48.46 62.12 -17.36
N LYS C 62 -49.40 62.50 -16.51
CA LYS C 62 -50.07 61.52 -15.66
C LYS C 62 -50.85 60.52 -16.49
N GLU C 63 -51.54 60.98 -17.53
CA GLU C 63 -52.30 60.07 -18.39
C GLU C 63 -51.39 59.20 -19.24
N MET C 64 -50.17 59.67 -19.53
CA MET C 64 -49.21 58.85 -20.26
C MET C 64 -48.78 57.65 -19.43
N ILE C 65 -48.46 57.89 -18.15
CA ILE C 65 -48.09 56.80 -17.25
C ILE C 65 -49.22 55.79 -17.16
N LYS C 66 -50.45 56.27 -16.99
CA LYS C 66 -51.60 55.38 -16.91
C LYS C 66 -51.81 54.63 -18.23
N SER C 67 -51.53 55.29 -19.36
CA SER C 67 -51.68 54.63 -20.65
C SER C 67 -50.61 53.58 -20.90
N GLY C 68 -49.43 53.72 -20.28
CA GLY C 68 -48.42 52.69 -20.39
C GLY C 68 -47.00 53.16 -20.62
N MET C 69 -46.75 54.47 -20.56
CA MET C 69 -45.38 54.94 -20.75
C MET C 69 -44.49 54.44 -19.63
N ASN C 70 -43.30 53.96 -20.02
CA ASN C 70 -42.31 53.48 -19.06
C ASN C 70 -41.03 54.30 -19.04
N VAL C 71 -40.71 55.01 -20.12
CA VAL C 71 -39.48 55.79 -20.21
C VAL C 71 -39.80 57.10 -20.91
N ALA C 72 -39.42 58.21 -20.30
CA ALA C 72 -39.57 59.53 -20.91
C ALA C 72 -38.27 59.89 -21.62
N ARG C 73 -38.37 60.21 -22.91
CA ARG C 73 -37.22 60.52 -23.74
C ARG C 73 -37.15 62.01 -23.99
N MET C 74 -36.03 62.62 -23.66
CA MET C 74 -35.76 64.02 -23.94
C MET C 74 -34.81 64.11 -25.12
N ASN C 75 -35.28 64.70 -26.22
CA ASN C 75 -34.51 64.81 -27.45
C ASN C 75 -33.76 66.14 -27.44
N PHE C 76 -32.45 66.08 -27.25
CA PHE C 76 -31.65 67.30 -27.16
C PHE C 76 -31.23 67.85 -28.52
N SER C 77 -31.80 67.33 -29.61
CA SER C 77 -31.62 68.00 -30.89
C SER C 77 -32.12 69.43 -30.85
N HIS C 78 -33.11 69.71 -30.01
CA HIS C 78 -33.63 71.04 -29.82
C HIS C 78 -33.93 71.25 -28.34
N GLY C 79 -34.20 72.50 -27.97
CA GLY C 79 -34.54 72.84 -26.60
C GLY C 79 -33.35 73.22 -25.76
N THR C 80 -33.55 74.17 -24.85
CA THR C 80 -32.51 74.60 -23.93
C THR C 80 -32.47 73.68 -22.71
N HIS C 81 -31.41 73.81 -21.92
CA HIS C 81 -31.36 73.09 -20.65
C HIS C 81 -32.53 73.48 -19.75
N GLU C 82 -32.96 74.74 -19.81
CA GLU C 82 -34.12 75.18 -19.04
C GLU C 82 -35.38 74.42 -19.46
N TYR C 83 -35.63 74.35 -20.77
CA TYR C 83 -36.81 73.64 -21.26
C TYR C 83 -36.81 72.20 -20.78
N HIS C 84 -35.70 71.49 -21.01
CA HIS C 84 -35.66 70.07 -20.65
C HIS C 84 -35.70 69.88 -19.14
N ALA C 85 -35.05 70.77 -18.38
CA ALA C 85 -35.11 70.68 -16.92
C ALA C 85 -36.56 70.71 -16.44
N GLU C 86 -37.38 71.58 -17.03
CA GLU C 86 -38.78 71.65 -16.62
C GLU C 86 -39.56 70.42 -17.07
N THR C 87 -39.30 69.94 -18.29
CA THR C 87 -39.90 68.69 -18.74
C THR C 87 -39.57 67.55 -17.78
N ILE C 88 -38.29 67.39 -17.46
CA ILE C 88 -37.88 66.36 -16.51
C ILE C 88 -38.60 66.54 -15.18
N LYS C 89 -38.75 67.79 -14.72
CA LYS C 89 -39.45 68.04 -13.47
C LYS C 89 -40.90 67.58 -13.54
N ASN C 90 -41.58 67.92 -14.63
CA ASN C 90 -42.98 67.52 -14.75
C ASN C 90 -43.13 66.00 -14.81
N VAL C 91 -42.17 65.30 -15.41
CA VAL C 91 -42.23 63.85 -15.43
C VAL C 91 -42.13 63.28 -14.03
N ARG C 92 -41.16 63.75 -13.25
CA ARG C 92 -41.00 63.27 -11.89
C ARG C 92 -42.20 63.66 -11.03
N THR C 93 -42.76 64.84 -11.26
CA THR C 93 -43.95 65.24 -10.52
C THR C 93 -45.13 64.34 -10.87
N ALA C 94 -45.34 64.07 -12.16
CA ALA C 94 -46.41 63.17 -12.57
C ALA C 94 -46.18 61.76 -12.05
N THR C 95 -44.93 61.30 -12.08
CA THR C 95 -44.63 59.94 -11.64
C THR C 95 -44.92 59.76 -10.16
N GLU C 96 -44.45 60.69 -9.32
CA GLU C 96 -44.63 60.55 -7.89
C GLU C 96 -46.06 60.79 -7.44
N SER C 97 -46.91 61.36 -8.31
CA SER C 97 -48.32 61.52 -7.94
C SER C 97 -48.99 60.19 -7.61
N PHE C 98 -48.42 59.07 -8.07
CA PHE C 98 -48.93 57.75 -7.74
C PHE C 98 -48.14 57.06 -6.63
N ALA C 99 -47.06 57.68 -6.14
CA ALA C 99 -46.23 57.05 -5.12
C ALA C 99 -46.97 56.82 -3.82
N SER C 100 -48.15 57.42 -3.63
CA SER C 100 -48.89 57.24 -2.39
C SER C 100 -49.31 55.79 -2.18
N ASP C 101 -49.30 54.97 -3.23
CA ASP C 101 -49.71 53.57 -3.17
C ASP C 101 -48.55 52.71 -3.65
N PRO C 102 -47.63 52.33 -2.75
CA PRO C 102 -46.45 51.56 -3.17
C PRO C 102 -46.80 50.25 -3.89
N ILE C 103 -48.08 49.91 -3.95
CA ILE C 103 -48.48 48.70 -4.65
C ILE C 103 -48.86 48.98 -6.10
N LEU C 104 -49.44 50.14 -6.39
CA LEU C 104 -49.81 50.51 -7.76
C LEU C 104 -48.83 51.51 -8.38
N TYR C 105 -47.71 51.76 -7.73
CA TYR C 105 -46.73 52.71 -8.24
C TYR C 105 -45.95 52.10 -9.40
N ARG C 106 -45.84 52.85 -10.49
CA ARG C 106 -45.06 52.43 -11.64
C ARG C 106 -43.85 53.34 -11.79
N PRO C 107 -42.63 52.84 -11.64
CA PRO C 107 -41.46 53.68 -11.88
C PRO C 107 -41.40 54.09 -13.35
N VAL C 108 -40.84 55.27 -13.59
CA VAL C 108 -40.71 55.84 -14.93
C VAL C 108 -39.27 56.32 -15.10
N ALA C 109 -38.60 55.84 -16.14
CA ALA C 109 -37.22 56.21 -16.41
C ALA C 109 -37.15 57.52 -17.19
N VAL C 110 -35.99 58.17 -17.09
CA VAL C 110 -35.71 59.41 -17.80
C VAL C 110 -34.51 59.17 -18.72
N ALA C 111 -34.67 59.51 -20.00
CA ALA C 111 -33.65 59.23 -21.00
C ALA C 111 -33.25 60.52 -21.71
N LEU C 112 -31.95 60.70 -21.89
CA LEU C 112 -31.41 61.83 -22.64
C LEU C 112 -30.89 61.34 -23.98
N ASP C 113 -31.45 61.87 -25.06
CA ASP C 113 -31.06 61.52 -26.42
C ASP C 113 -30.22 62.68 -26.96
N THR C 114 -28.92 62.43 -27.12
CA THR C 114 -28.00 63.49 -27.52
C THR C 114 -28.23 63.90 -28.97
N LYS C 115 -27.88 65.15 -29.27
CA LYS C 115 -27.97 65.63 -30.65
C LYS C 115 -26.91 64.94 -31.53
N GLY C 116 -25.66 64.93 -31.08
CA GLY C 116 -24.60 64.25 -31.78
C GLY C 116 -23.85 65.15 -32.74
N PRO C 117 -22.74 64.65 -33.27
CA PRO C 117 -22.00 65.41 -34.29
C PRO C 117 -22.76 65.49 -35.60
N GLU C 118 -22.53 66.59 -36.32
CA GLU C 118 -23.27 66.88 -37.55
C GLU C 118 -22.34 67.41 -38.63
N ILE C 119 -22.79 67.26 -39.88
CA ILE C 119 -22.23 67.97 -41.02
C ILE C 119 -23.30 68.93 -41.53
N ARG C 120 -22.94 70.20 -41.66
CA ARG C 120 -23.88 71.24 -42.06
C ARG C 120 -23.35 72.03 -43.25
N THR C 121 -24.26 72.50 -44.09
CA THR C 121 -23.90 73.39 -45.18
C THR C 121 -23.99 74.84 -44.69
N GLY C 122 -23.59 75.77 -45.55
CA GLY C 122 -23.61 77.18 -45.24
C GLY C 122 -24.90 77.85 -45.68
N LEU C 123 -24.84 79.19 -45.75
CA LEU C 123 -25.98 79.99 -46.13
C LEU C 123 -26.04 80.14 -47.65
N ILE C 124 -27.22 79.94 -48.21
CA ILE C 124 -27.43 80.22 -49.63
C ILE C 124 -27.48 81.73 -49.83
N LYS C 125 -26.55 82.26 -50.60
CA LYS C 125 -26.51 83.69 -50.95
C LYS C 125 -26.71 84.58 -49.72
N GLY C 126 -26.07 84.20 -48.61
CA GLY C 126 -26.07 85.00 -47.41
C GLY C 126 -27.35 85.03 -46.62
N SER C 127 -28.43 84.42 -47.11
CA SER C 127 -29.70 84.41 -46.40
C SER C 127 -29.98 83.03 -45.83
N GLY C 128 -30.53 83.00 -44.62
CA GLY C 128 -30.97 81.75 -44.03
C GLY C 128 -32.21 81.16 -44.67
N THR C 129 -32.91 81.92 -45.52
CA THR C 129 -34.13 81.47 -46.15
C THR C 129 -34.03 81.30 -47.66
N ALA C 130 -32.90 81.67 -48.27
CA ALA C 130 -32.77 81.55 -49.71
C ALA C 130 -32.64 80.08 -50.11
N GLU C 131 -32.77 79.84 -51.41
CA GLU C 131 -32.63 78.50 -51.96
C GLU C 131 -32.19 78.61 -53.41
N VAL C 132 -31.61 77.52 -53.91
CA VAL C 132 -31.27 77.39 -55.33
C VAL C 132 -31.63 75.98 -55.75
N GLU C 133 -31.86 75.83 -57.06
CA GLU C 133 -32.27 74.55 -57.62
C GLU C 133 -31.06 73.87 -58.24
N LEU C 134 -30.78 72.64 -57.79
CA LEU C 134 -29.77 71.81 -58.40
C LEU C 134 -30.44 70.90 -59.41
N LYS C 135 -29.89 70.86 -60.63
CA LYS C 135 -30.45 70.07 -61.71
C LYS C 135 -29.65 68.78 -61.90
N LYS C 136 -30.38 67.68 -62.10
CA LYS C 136 -29.72 66.41 -62.38
C LYS C 136 -28.67 66.58 -63.47
N GLY C 137 -27.47 66.05 -63.20
CA GLY C 137 -26.39 66.12 -64.15
C GLY C 137 -25.53 67.37 -64.07
N ALA C 138 -25.97 68.40 -63.37
CA ALA C 138 -25.19 69.63 -63.30
C ALA C 138 -23.98 69.44 -62.40
N THR C 139 -23.01 70.33 -62.55
CA THR C 139 -21.80 70.31 -61.74
C THR C 139 -21.99 71.14 -60.48
N LEU C 140 -21.44 70.66 -59.38
CA LEU C 140 -21.52 71.38 -58.11
C LEU C 140 -20.23 71.15 -57.34
N LYS C 141 -19.58 72.24 -56.93
CA LYS C 141 -18.32 72.19 -56.22
C LYS C 141 -18.58 72.35 -54.72
N ILE C 142 -18.14 71.37 -53.94
CA ILE C 142 -18.13 71.49 -52.48
C ILE C 142 -16.80 72.06 -52.07
N THR C 143 -16.83 73.15 -51.32
CA THR C 143 -15.62 73.81 -50.84
C THR C 143 -15.58 73.81 -49.33
N LEU C 144 -14.36 73.76 -48.79
CA LEU C 144 -14.12 73.94 -47.37
C LEU C 144 -13.60 75.34 -47.06
N ASP C 145 -13.46 76.19 -48.09
CA ASP C 145 -12.95 77.54 -47.91
C ASP C 145 -14.02 78.40 -47.23
N ASN C 146 -13.72 78.87 -46.01
CA ASN C 146 -14.69 79.64 -45.26
C ASN C 146 -15.05 80.97 -45.91
N ALA C 147 -14.37 81.36 -46.99
CA ALA C 147 -14.79 82.56 -47.71
C ALA C 147 -16.17 82.40 -48.32
N TYR C 148 -16.57 81.16 -48.59
CA TYR C 148 -17.87 80.85 -49.18
C TYR C 148 -18.88 80.32 -48.17
N MET C 149 -18.53 80.31 -46.88
CA MET C 149 -19.44 79.74 -45.89
C MET C 149 -20.74 80.52 -45.77
N GLU C 150 -20.84 81.69 -46.42
CA GLU C 150 -22.10 82.41 -46.53
C GLU C 150 -22.38 82.81 -47.98
N LYS C 151 -21.70 82.17 -48.93
CA LYS C 151 -21.86 82.43 -50.35
C LYS C 151 -22.21 81.15 -51.11
N CYS C 152 -23.06 80.32 -50.52
CA CYS C 152 -23.48 79.10 -51.20
C CYS C 152 -24.45 79.42 -52.33
N ASP C 153 -24.29 78.73 -53.45
CA ASP C 153 -25.18 78.85 -54.60
C ASP C 153 -25.20 77.52 -55.32
N GLU C 154 -25.78 77.50 -56.53
CA GLU C 154 -25.87 76.26 -57.29
C GLU C 154 -24.56 75.84 -57.91
N ASN C 155 -23.49 76.63 -57.74
CA ASN C 155 -22.16 76.29 -58.25
C ASN C 155 -21.21 75.87 -57.15
N ILE C 156 -21.16 76.62 -56.05
CA ILE C 156 -20.25 76.35 -54.95
C ILE C 156 -21.09 76.09 -53.70
N LEU C 157 -20.77 75.01 -52.99
CA LEU C 157 -21.46 74.65 -51.76
C LEU C 157 -20.43 74.45 -50.67
N TRP C 158 -20.50 75.28 -49.63
CA TRP C 158 -19.62 75.15 -48.48
C TRP C 158 -20.28 74.29 -47.41
N LEU C 159 -19.47 73.49 -46.72
CA LEU C 159 -19.92 72.75 -45.55
C LEU C 159 -18.80 72.77 -44.51
N ASP C 160 -19.13 72.34 -43.30
CA ASP C 160 -18.28 72.59 -42.13
C ASP C 160 -17.46 71.39 -41.70
N TYR C 161 -17.52 70.25 -42.40
CA TYR C 161 -16.72 69.08 -42.07
C TYR C 161 -15.43 69.15 -42.90
N LYS C 162 -14.32 69.44 -42.22
CA LYS C 162 -13.09 69.79 -42.93
C LYS C 162 -12.20 68.60 -43.27
N ASN C 163 -12.42 67.45 -42.65
CA ASN C 163 -11.74 66.22 -43.06
C ASN C 163 -12.51 65.47 -44.14
N ILE C 164 -13.55 66.07 -44.70
CA ILE C 164 -14.44 65.36 -45.62
C ILE C 164 -13.64 64.77 -46.78
N CYS C 165 -12.61 65.47 -47.25
CA CYS C 165 -11.82 64.97 -48.37
C CYS C 165 -10.99 63.75 -47.97
N LYS C 166 -10.72 63.57 -46.67
CA LYS C 166 -9.93 62.45 -46.21
C LYS C 166 -10.74 61.16 -46.05
N VAL C 167 -12.06 61.19 -46.27
CA VAL C 167 -12.91 60.05 -45.98
C VAL C 167 -13.80 59.68 -47.16
N VAL C 168 -13.76 60.40 -48.27
CA VAL C 168 -14.54 60.10 -49.45
C VAL C 168 -13.61 59.98 -50.65
N ASP C 169 -14.06 59.23 -51.65
CA ASP C 169 -13.28 58.97 -52.85
C ASP C 169 -14.06 59.39 -54.08
N VAL C 170 -13.37 59.36 -55.23
CA VAL C 170 -14.08 59.47 -56.50
C VAL C 170 -15.06 58.32 -56.60
N GLY C 171 -16.34 58.66 -56.85
CA GLY C 171 -17.40 57.68 -56.90
C GLY C 171 -18.26 57.65 -55.66
N SER C 172 -17.81 58.24 -54.56
CA SER C 172 -18.61 58.28 -53.35
C SER C 172 -19.80 59.22 -53.53
N LYS C 173 -20.87 58.95 -52.78
CA LYS C 173 -22.06 59.76 -52.79
C LYS C 173 -22.05 60.72 -51.60
N VAL C 174 -22.56 61.92 -51.82
CA VAL C 174 -22.80 62.88 -50.74
C VAL C 174 -24.30 63.17 -50.72
N TYR C 175 -24.90 63.08 -49.53
CA TYR C 175 -26.32 63.34 -49.35
C TYR C 175 -26.50 64.67 -48.62
N VAL C 176 -27.44 65.47 -49.11
CA VAL C 176 -27.72 66.79 -48.53
C VAL C 176 -29.21 66.89 -48.24
N ASP C 177 -29.54 67.44 -47.07
CA ASP C 177 -30.93 67.68 -46.65
C ASP C 177 -31.69 66.37 -46.49
N ASP C 178 -31.28 65.60 -45.49
CA ASP C 178 -31.89 64.32 -45.16
C ASP C 178 -32.14 63.46 -46.40
N GLY C 179 -31.13 63.41 -47.26
CA GLY C 179 -31.16 62.56 -48.44
C GLY C 179 -31.88 63.11 -49.63
N LEU C 180 -32.54 64.27 -49.51
CA LEU C 180 -33.31 64.81 -50.64
C LEU C 180 -32.44 65.04 -51.85
N ILE C 181 -31.20 65.48 -51.65
CA ILE C 181 -30.25 65.74 -52.72
C ILE C 181 -29.08 64.78 -52.57
N SER C 182 -28.54 64.31 -53.69
CA SER C 182 -27.39 63.41 -53.66
C SER C 182 -26.41 63.81 -54.75
N LEU C 183 -25.12 63.72 -54.44
CA LEU C 183 -24.05 64.07 -55.36
C LEU C 183 -23.08 62.91 -55.47
N GLN C 184 -22.43 62.82 -56.63
CA GLN C 184 -21.36 61.85 -56.84
C GLN C 184 -20.04 62.60 -56.99
N VAL C 185 -19.04 62.19 -56.21
CA VAL C 185 -17.71 62.77 -56.31
C VAL C 185 -17.10 62.38 -57.65
N LYS C 186 -16.75 63.38 -58.45
CA LYS C 186 -16.03 63.17 -59.70
C LYS C 186 -14.56 63.56 -59.62
N GLN C 187 -14.21 64.50 -58.76
CA GLN C 187 -12.83 64.94 -58.57
C GLN C 187 -12.63 65.30 -57.10
N LYS C 188 -11.49 64.87 -56.56
CA LYS C 188 -11.07 65.32 -55.24
C LYS C 188 -9.99 66.37 -55.37
N GLY C 189 -10.05 67.39 -54.52
CA GLY C 189 -9.00 68.38 -54.43
C GLY C 189 -8.43 68.41 -53.03
N PRO C 190 -7.49 69.32 -52.78
CA PRO C 190 -6.98 69.45 -51.40
C PRO C 190 -8.07 69.83 -50.40
N ASP C 191 -8.86 70.86 -50.72
CA ASP C 191 -9.90 71.34 -49.83
C ASP C 191 -11.22 71.52 -50.56
N PHE C 192 -11.46 70.73 -51.60
CA PHE C 192 -12.71 70.82 -52.36
C PHE C 192 -13.03 69.47 -52.98
N LEU C 193 -14.30 69.33 -53.37
CA LEU C 193 -14.77 68.17 -54.11
C LEU C 193 -15.60 68.65 -55.29
N VAL C 194 -15.30 68.14 -56.48
CA VAL C 194 -16.12 68.38 -57.65
C VAL C 194 -17.12 67.23 -57.75
N THR C 195 -18.41 67.56 -57.70
CA THR C 195 -19.46 66.55 -57.70
C THR C 195 -20.41 66.79 -58.87
N GLU C 196 -21.15 65.74 -59.21
CA GLU C 196 -22.22 65.79 -60.19
C GLU C 196 -23.53 65.47 -59.50
N VAL C 197 -24.56 66.26 -59.80
CA VAL C 197 -25.85 66.12 -59.12
C VAL C 197 -26.55 64.88 -59.63
N GLU C 198 -26.87 63.96 -58.71
CA GLU C 198 -27.63 62.76 -59.07
C GLU C 198 -29.13 63.02 -58.89
N ASN C 199 -29.55 63.22 -57.65
CA ASN C 199 -30.92 63.65 -57.35
C ASN C 199 -30.89 65.14 -57.07
N GLY C 200 -31.45 65.92 -58.00
CA GLY C 200 -31.56 67.35 -57.82
C GLY C 200 -32.72 67.73 -56.91
N GLY C 201 -32.88 69.03 -56.74
CA GLY C 201 -33.87 69.56 -55.83
C GLY C 201 -33.50 70.96 -55.42
N PHE C 202 -34.25 71.48 -54.46
CA PHE C 202 -34.07 72.85 -53.99
C PHE C 202 -33.22 72.84 -52.72
N LEU C 203 -32.04 73.45 -52.81
CA LEU C 203 -31.09 73.48 -51.71
C LEU C 203 -31.27 74.75 -50.90
N GLY C 204 -31.59 74.59 -49.61
CA GLY C 204 -31.66 75.71 -48.68
C GLY C 204 -30.35 75.88 -47.94
N SER C 205 -30.43 76.61 -46.83
CA SER C 205 -29.24 76.93 -46.05
C SER C 205 -29.13 76.01 -44.84
N LYS C 206 -27.88 75.73 -44.45
CA LYS C 206 -27.57 74.99 -43.23
C LYS C 206 -28.33 73.67 -43.17
N LYS C 207 -28.23 72.91 -44.26
CA LYS C 207 -28.84 71.60 -44.34
C LYS C 207 -27.86 70.53 -43.86
N GLY C 208 -28.42 69.40 -43.42
CA GLY C 208 -27.59 68.30 -42.96
C GLY C 208 -27.02 67.49 -44.11
N VAL C 209 -25.82 66.98 -43.88
CA VAL C 209 -25.10 66.20 -44.88
C VAL C 209 -24.82 64.81 -44.33
N ASN C 210 -24.94 63.81 -45.20
CA ASN C 210 -24.66 62.42 -44.85
C ASN C 210 -23.69 61.85 -45.88
N LEU C 211 -22.74 61.04 -45.40
CA LEU C 211 -21.70 60.45 -46.24
C LEU C 211 -21.89 58.95 -46.25
N PRO C 212 -22.74 58.41 -47.13
CA PRO C 212 -23.01 56.97 -47.11
C PRO C 212 -21.75 56.16 -47.42
N GLY C 213 -21.46 55.20 -46.54
CA GLY C 213 -20.34 54.29 -46.73
C GLY C 213 -19.04 54.77 -46.15
N ALA C 214 -18.94 56.02 -45.74
CA ALA C 214 -17.69 56.59 -45.27
C ALA C 214 -17.47 56.30 -43.79
N ALA C 215 -16.20 56.20 -43.41
CA ALA C 215 -15.80 56.17 -42.01
C ALA C 215 -15.60 57.63 -41.60
N VAL C 216 -16.63 58.23 -41.01
CA VAL C 216 -16.61 59.65 -40.67
C VAL C 216 -15.86 59.82 -39.37
N ASP C 217 -14.76 60.57 -39.39
CA ASP C 217 -13.89 60.71 -38.23
C ASP C 217 -14.30 61.84 -37.30
N LEU C 218 -15.53 62.34 -37.44
CA LEU C 218 -16.09 63.31 -36.51
C LEU C 218 -15.94 62.78 -35.09
N PRO C 219 -15.79 63.66 -34.09
CA PRO C 219 -15.68 63.19 -32.71
C PRO C 219 -16.92 62.41 -32.29
N ALA C 220 -16.75 61.57 -31.28
CA ALA C 220 -17.87 60.78 -30.77
C ALA C 220 -18.91 61.67 -30.10
N VAL C 221 -18.49 62.81 -29.57
CA VAL C 221 -19.39 63.76 -28.93
C VAL C 221 -19.00 65.16 -29.38
N SER C 222 -19.99 66.02 -29.51
CA SER C 222 -19.75 67.42 -29.85
C SER C 222 -19.55 68.24 -28.58
N GLU C 223 -19.11 69.49 -28.75
CA GLU C 223 -19.05 70.40 -27.61
C GLU C 223 -20.41 70.46 -26.93
N LYS C 224 -21.47 70.70 -27.70
CA LYS C 224 -22.82 70.72 -27.14
C LYS C 224 -23.12 69.42 -26.41
N ASP C 225 -22.77 68.27 -27.02
CA ASP C 225 -23.05 66.99 -26.38
C ASP C 225 -22.39 66.89 -25.03
N ILE C 226 -21.14 67.37 -24.92
CA ILE C 226 -20.44 67.30 -23.63
C ILE C 226 -21.19 68.10 -22.58
N GLN C 227 -21.63 69.31 -22.94
CA GLN C 227 -22.48 70.09 -22.04
C GLN C 227 -23.74 69.31 -21.67
N ASP C 228 -24.41 68.76 -22.68
CA ASP C 228 -25.68 68.09 -22.43
C ASP C 228 -25.50 66.84 -21.58
N LEU C 229 -24.37 66.15 -21.71
CA LEU C 229 -24.10 65.00 -20.87
C LEU C 229 -23.80 65.41 -19.43
N LYS C 230 -23.03 66.50 -19.26
CA LYS C 230 -22.85 67.07 -17.93
C LYS C 230 -24.22 67.37 -17.29
N PHE C 231 -25.08 68.06 -18.04
CA PHE C 231 -26.43 68.33 -17.58
C PHE C 231 -27.17 67.05 -17.25
N GLY C 232 -26.95 65.99 -18.04
CA GLY C 232 -27.64 64.73 -17.80
C GLY C 232 -27.26 64.09 -16.49
N VAL C 233 -25.98 64.19 -16.11
CA VAL C 233 -25.56 63.69 -14.80
C VAL C 233 -26.19 64.53 -13.70
N GLU C 234 -26.13 65.85 -13.84
CA GLU C 234 -26.72 66.73 -12.83
C GLU C 234 -28.20 66.45 -12.65
N GLN C 235 -28.92 66.16 -13.74
CA GLN C 235 -30.36 65.92 -13.66
C GLN C 235 -30.70 64.50 -13.22
N ASP C 236 -29.71 63.64 -13.00
CA ASP C 236 -29.96 62.29 -12.47
C ASP C 236 -30.73 61.44 -13.47
N VAL C 237 -30.28 61.45 -14.73
CA VAL C 237 -30.94 60.67 -15.77
C VAL C 237 -30.55 59.20 -15.64
N ASP C 238 -31.48 58.32 -16.05
CA ASP C 238 -31.26 56.89 -15.91
C ASP C 238 -30.44 56.30 -17.04
N MET C 239 -30.46 56.93 -18.22
CA MET C 239 -29.81 56.35 -19.39
C MET C 239 -29.51 57.47 -20.38
N VAL C 240 -28.68 57.14 -21.37
CA VAL C 240 -28.31 58.07 -22.43
C VAL C 240 -28.41 57.34 -23.76
N PHE C 241 -29.14 57.91 -24.70
CA PHE C 241 -29.17 57.42 -26.07
C PHE C 241 -28.12 58.20 -26.85
N ALA C 242 -27.01 57.53 -27.20
CA ALA C 242 -25.85 58.20 -27.78
C ALA C 242 -25.91 58.12 -29.30
N SER C 243 -25.96 59.29 -29.95
CA SER C 243 -26.19 59.36 -31.39
C SER C 243 -24.93 59.05 -32.19
N PHE C 244 -25.16 58.51 -33.39
CA PHE C 244 -24.13 58.41 -34.44
C PHE C 244 -22.92 57.60 -33.99
N ILE C 245 -23.17 56.51 -33.26
CA ILE C 245 -22.09 55.66 -32.76
C ILE C 245 -21.60 54.76 -33.91
N ARG C 246 -20.31 54.86 -34.22
CA ARG C 246 -19.73 54.14 -35.34
C ARG C 246 -18.71 53.10 -34.95
N LYS C 247 -18.29 53.06 -33.69
CA LYS C 247 -17.23 52.15 -33.27
C LYS C 247 -17.15 52.14 -31.76
N ALA C 248 -16.50 51.11 -31.22
CA ALA C 248 -16.41 50.96 -29.77
C ALA C 248 -15.78 52.19 -29.13
N ALA C 249 -14.73 52.73 -29.74
CA ALA C 249 -14.05 53.88 -29.17
C ALA C 249 -15.03 55.03 -28.91
N ASP C 250 -16.00 55.21 -29.80
CA ASP C 250 -17.01 56.25 -29.59
C ASP C 250 -17.79 55.99 -28.30
N VAL C 251 -18.18 54.73 -28.04
CA VAL C 251 -18.90 54.40 -26.82
C VAL C 251 -18.02 54.67 -25.60
N HIS C 252 -16.73 54.37 -25.71
CA HIS C 252 -15.82 54.59 -24.59
C HIS C 252 -15.70 56.07 -24.27
N GLU C 253 -15.71 56.92 -25.31
CA GLU C 253 -15.62 58.36 -25.07
C GLU C 253 -16.86 58.87 -24.34
N VAL C 254 -18.03 58.38 -24.71
CA VAL C 254 -19.26 58.74 -23.98
C VAL C 254 -19.15 58.29 -22.52
N ARG C 255 -18.79 57.03 -22.32
CA ARG C 255 -18.53 56.51 -20.98
C ARG C 255 -17.58 57.45 -20.23
N LYS C 256 -16.42 57.72 -20.82
CA LYS C 256 -15.46 58.63 -20.21
C LYS C 256 -16.11 59.95 -19.84
N ILE C 257 -16.77 60.60 -20.80
CA ILE C 257 -17.41 61.89 -20.55
C ILE C 257 -18.33 61.79 -19.33
N LEU C 258 -19.05 60.68 -19.20
CA LEU C 258 -19.93 60.50 -18.05
C LEU C 258 -19.14 60.31 -16.76
N GLY C 259 -17.94 59.75 -16.85
CA GLY C 259 -17.04 59.60 -15.71
C GLY C 259 -17.63 58.80 -14.55
N GLU C 260 -16.89 58.88 -13.43
CA GLU C 260 -17.30 58.22 -12.19
C GLU C 260 -18.71 58.63 -11.79
N LYS C 261 -18.96 59.95 -11.78
CA LYS C 261 -20.26 60.46 -11.38
C LYS C 261 -21.40 59.83 -12.16
N GLY C 262 -21.16 59.43 -13.40
CA GLY C 262 -22.21 58.85 -14.23
C GLY C 262 -22.01 57.39 -14.55
N LYS C 263 -21.13 56.71 -13.80
CA LYS C 263 -20.78 55.34 -14.12
C LYS C 263 -21.97 54.40 -14.13
N ASN C 264 -23.07 54.76 -13.45
CA ASN C 264 -24.24 53.91 -13.38
C ASN C 264 -25.34 54.31 -14.35
N ILE C 265 -25.08 55.29 -15.22
CA ILE C 265 -26.04 55.66 -16.26
C ILE C 265 -25.85 54.74 -17.46
N LYS C 266 -26.94 54.13 -17.92
CA LYS C 266 -26.85 53.16 -19.00
C LYS C 266 -26.65 53.88 -20.34
N ILE C 267 -25.73 53.38 -21.15
CA ILE C 267 -25.40 53.97 -22.44
C ILE C 267 -26.01 53.12 -23.55
N ILE C 268 -26.96 53.70 -24.29
CA ILE C 268 -27.63 53.05 -25.41
C ILE C 268 -27.07 53.65 -26.68
N SER C 269 -26.29 52.87 -27.42
CA SER C 269 -25.71 53.35 -28.68
C SER C 269 -26.75 53.31 -29.78
N LYS C 270 -26.90 54.41 -30.50
CA LYS C 270 -27.81 54.49 -31.64
C LYS C 270 -27.04 54.14 -32.91
N ILE C 271 -27.51 53.11 -33.61
CA ILE C 271 -26.90 52.68 -34.87
C ILE C 271 -27.55 53.46 -36.00
N GLU C 272 -26.75 54.25 -36.72
CA GLU C 272 -27.30 55.25 -37.63
C GLU C 272 -26.71 55.25 -39.03
N ASN C 273 -25.68 54.47 -39.33
CA ASN C 273 -25.04 54.57 -40.63
C ASN C 273 -24.36 53.25 -40.95
N HIS C 274 -23.75 53.18 -42.14
CA HIS C 274 -23.12 51.95 -42.59
C HIS C 274 -22.08 51.45 -41.58
N GLU C 275 -21.12 52.29 -41.21
CA GLU C 275 -20.05 51.84 -40.33
C GLU C 275 -20.59 51.26 -39.04
N GLY C 276 -21.56 51.94 -38.42
CA GLY C 276 -22.16 51.44 -37.20
C GLY C 276 -22.74 50.05 -37.35
N VAL C 277 -23.31 49.74 -38.52
CA VAL C 277 -23.83 48.40 -38.75
C VAL C 277 -22.68 47.42 -38.97
N ARG C 278 -21.68 47.81 -39.75
CA ARG C 278 -20.57 46.91 -40.06
C ARG C 278 -19.73 46.61 -38.83
N ARG C 279 -19.63 47.54 -37.89
CA ARG C 279 -18.85 47.35 -36.67
C ARG C 279 -19.73 47.09 -35.46
N PHE C 280 -20.89 46.46 -35.66
CA PHE C 280 -21.87 46.36 -34.59
C PHE C 280 -21.34 45.53 -33.42
N ASP C 281 -20.70 44.40 -33.69
CA ASP C 281 -20.26 43.51 -32.62
C ASP C 281 -19.45 44.25 -31.57
N GLU C 282 -18.40 44.97 -31.99
CA GLU C 282 -17.60 45.71 -31.04
C GLU C 282 -18.43 46.79 -30.34
N ILE C 283 -19.29 47.49 -31.09
CA ILE C 283 -20.16 48.48 -30.47
C ILE C 283 -21.03 47.83 -29.40
N LEU C 284 -21.64 46.70 -29.73
CA LEU C 284 -22.51 46.01 -28.78
C LEU C 284 -21.74 45.65 -27.51
N GLU C 285 -20.55 45.06 -27.68
CA GLU C 285 -19.75 44.68 -26.53
C GLU C 285 -19.49 45.87 -25.61
N ALA C 286 -19.29 47.05 -26.19
CA ALA C 286 -18.97 48.23 -25.38
C ALA C 286 -20.20 48.90 -24.79
N SER C 287 -21.39 48.63 -25.32
CA SER C 287 -22.59 49.36 -24.93
C SER C 287 -23.37 48.59 -23.87
N ASP C 288 -24.21 49.34 -23.15
CA ASP C 288 -25.20 48.72 -22.27
C ASP C 288 -26.48 48.33 -23.02
N GLY C 289 -26.70 48.91 -24.19
CA GLY C 289 -27.89 48.65 -24.98
C GLY C 289 -27.76 49.32 -26.32
N ILE C 290 -28.75 49.05 -27.17
CA ILE C 290 -28.73 49.53 -28.55
C ILE C 290 -30.08 50.10 -28.91
N MET C 291 -30.06 51.13 -29.76
CA MET C 291 -31.27 51.61 -30.42
C MET C 291 -31.08 51.48 -31.92
N VAL C 292 -32.06 50.87 -32.59
CA VAL C 292 -32.10 50.87 -34.05
C VAL C 292 -32.72 52.19 -34.47
N ALA C 293 -31.88 53.18 -34.76
CA ALA C 293 -32.34 54.51 -35.17
C ALA C 293 -32.69 54.47 -36.65
N ARG C 294 -33.85 53.85 -36.93
CA ARG C 294 -34.23 53.53 -38.31
C ARG C 294 -34.31 54.80 -39.17
N GLY C 295 -34.83 55.89 -38.61
CA GLY C 295 -34.95 57.12 -39.36
C GLY C 295 -33.66 57.53 -40.04
N ASP C 296 -32.63 57.82 -39.25
CA ASP C 296 -31.35 58.24 -39.82
C ASP C 296 -30.70 57.09 -40.60
N LEU C 297 -30.82 55.86 -40.10
CA LEU C 297 -30.22 54.73 -40.80
C LEU C 297 -30.73 54.64 -42.23
N GLY C 298 -32.02 54.89 -42.44
CA GLY C 298 -32.60 54.84 -43.77
C GLY C 298 -32.20 56.00 -44.65
N ILE C 299 -31.78 57.11 -44.06
CA ILE C 299 -31.14 58.18 -44.84
C ILE C 299 -29.76 57.73 -45.31
N GLU C 300 -29.02 57.04 -44.44
CA GLU C 300 -27.64 56.65 -44.72
C GLU C 300 -27.57 55.45 -45.66
N ILE C 301 -28.39 54.43 -45.44
CA ILE C 301 -28.38 53.24 -46.26
C ILE C 301 -29.71 53.16 -47.01
N PRO C 302 -29.79 52.39 -48.08
CA PRO C 302 -31.07 52.29 -48.83
C PRO C 302 -32.19 51.85 -47.90
N ALA C 303 -33.30 52.60 -47.94
CA ALA C 303 -34.39 52.35 -47.01
C ALA C 303 -34.90 50.92 -47.09
N GLU C 304 -34.81 50.29 -48.27
CA GLU C 304 -35.28 48.92 -48.40
C GLU C 304 -34.40 47.91 -47.68
N LYS C 305 -33.24 48.32 -47.16
CA LYS C 305 -32.38 47.43 -46.40
C LYS C 305 -32.50 47.60 -44.90
N VAL C 306 -33.23 48.61 -44.43
CA VAL C 306 -33.25 48.90 -43.00
C VAL C 306 -33.71 47.69 -42.20
N PHE C 307 -34.71 46.95 -42.72
CA PHE C 307 -35.24 45.82 -41.97
C PHE C 307 -34.18 44.74 -41.74
N LEU C 308 -33.25 44.58 -42.69
CA LEU C 308 -32.15 43.65 -42.48
C LEU C 308 -31.33 44.03 -41.26
N ALA C 309 -30.91 45.29 -41.19
CA ALA C 309 -30.14 45.76 -40.04
C ALA C 309 -30.96 45.66 -38.76
N GLN C 310 -32.24 46.03 -38.82
CA GLN C 310 -33.08 45.94 -37.63
C GLN C 310 -33.13 44.51 -37.08
N LYS C 311 -33.28 43.53 -37.97
CA LYS C 311 -33.41 42.15 -37.51
C LYS C 311 -32.06 41.56 -37.08
N MET C 312 -31.00 41.89 -37.82
CA MET C 312 -29.66 41.48 -37.39
C MET C 312 -29.34 42.02 -36.00
N ILE C 313 -29.66 43.30 -35.76
CA ILE C 313 -29.26 43.95 -34.52
C ILE C 313 -30.06 43.42 -33.34
N ILE C 314 -31.38 43.32 -33.49
CA ILE C 314 -32.20 42.77 -32.43
C ILE C 314 -31.75 41.35 -32.10
N GLY C 315 -31.55 40.53 -33.14
CA GLY C 315 -31.13 39.17 -32.91
C GLY C 315 -29.85 39.06 -32.10
N ARG C 316 -28.84 39.87 -32.44
CA ARG C 316 -27.58 39.80 -31.71
C ARG C 316 -27.71 40.37 -30.32
N CYS C 317 -28.57 41.38 -30.13
CA CYS C 317 -28.82 41.89 -28.79
C CYS C 317 -29.52 40.84 -27.93
N ASN C 318 -30.51 40.15 -28.49
CA ASN C 318 -31.11 39.02 -27.77
C ASN C 318 -30.06 37.99 -27.40
N ARG C 319 -29.14 37.72 -28.32
CA ARG C 319 -28.07 36.75 -28.08
C ARG C 319 -27.25 37.15 -26.86
N ALA C 320 -26.87 38.42 -26.77
CA ALA C 320 -26.03 38.90 -25.69
C ALA C 320 -26.80 39.25 -24.43
N GLY C 321 -28.14 39.29 -24.50
CA GLY C 321 -28.93 39.71 -23.36
C GLY C 321 -28.89 41.21 -23.11
N LYS C 322 -28.64 42.01 -24.16
CA LYS C 322 -28.56 43.44 -23.97
C LYS C 322 -29.76 44.15 -24.58
N PRO C 323 -30.30 45.16 -23.90
CA PRO C 323 -31.54 45.78 -24.37
C PRO C 323 -31.38 46.37 -25.76
N VAL C 324 -32.45 46.27 -26.56
CA VAL C 324 -32.48 46.81 -27.90
C VAL C 324 -33.81 47.53 -28.09
N ILE C 325 -33.77 48.74 -28.63
CA ILE C 325 -34.94 49.59 -28.82
C ILE C 325 -35.18 49.76 -30.31
N CYS C 326 -36.43 49.57 -30.73
CA CYS C 326 -36.85 49.86 -32.09
C CYS C 326 -37.53 51.23 -32.11
N ALA C 327 -37.04 52.13 -32.95
CA ALA C 327 -37.48 53.52 -32.92
C ALA C 327 -37.81 54.02 -34.32
N THR C 328 -38.70 55.03 -34.35
CA THR C 328 -38.90 55.91 -35.51
C THR C 328 -40.10 55.53 -36.35
N GLN C 329 -41.13 56.39 -36.35
CA GLN C 329 -42.26 56.31 -37.26
C GLN C 329 -43.09 55.04 -37.06
N MET C 330 -43.00 54.42 -35.88
CA MET C 330 -43.74 53.18 -35.65
C MET C 330 -45.25 53.40 -35.80
N LEU C 331 -45.74 54.54 -35.33
CA LEU C 331 -47.16 54.91 -35.46
C LEU C 331 -47.31 56.30 -36.05
N GLU C 332 -46.52 56.61 -37.09
CA GLU C 332 -46.40 57.98 -37.57
C GLU C 332 -47.76 58.62 -37.83
N SER C 333 -48.62 57.94 -38.58
CA SER C 333 -49.86 58.56 -39.02
C SER C 333 -50.72 59.06 -37.86
N MET C 334 -50.47 58.59 -36.63
CA MET C 334 -51.24 59.03 -35.48
C MET C 334 -50.80 60.40 -34.96
N ILE C 335 -49.80 61.02 -35.58
CA ILE C 335 -49.53 62.42 -35.28
C ILE C 335 -50.75 63.26 -35.60
N LYS C 336 -51.49 62.89 -36.64
CA LYS C 336 -52.66 63.63 -37.09
C LYS C 336 -53.96 62.84 -37.04
N LYS C 337 -53.91 61.54 -36.76
CA LYS C 337 -55.12 60.72 -36.74
C LYS C 337 -55.17 59.89 -35.47
N PRO C 338 -56.37 59.56 -34.99
CA PRO C 338 -56.50 58.80 -33.74
C PRO C 338 -56.33 57.29 -33.89
N ARG C 339 -56.13 56.80 -35.11
CA ARG C 339 -55.90 55.38 -35.35
C ARG C 339 -54.73 55.22 -36.32
N PRO C 340 -53.98 54.13 -36.20
CA PRO C 340 -52.82 53.91 -37.07
C PRO C 340 -53.22 53.21 -38.36
N THR C 341 -52.26 53.15 -39.28
CA THR C 341 -52.42 52.36 -40.49
C THR C 341 -52.13 50.89 -40.21
N ARG C 342 -52.46 50.05 -41.17
CA ARG C 342 -52.19 48.61 -41.02
C ARG C 342 -50.69 48.33 -41.09
N ALA C 343 -49.96 49.08 -41.91
CA ALA C 343 -48.50 48.92 -41.93
C ALA C 343 -47.90 49.24 -40.57
N GLU C 344 -48.45 50.23 -39.87
CA GLU C 344 -47.90 50.63 -38.59
C GLU C 344 -48.23 49.61 -37.50
N GLY C 345 -49.50 49.16 -37.45
CA GLY C 345 -49.84 48.10 -36.52
C GLY C 345 -48.98 46.86 -36.72
N SER C 346 -48.72 46.51 -37.98
CA SER C 346 -47.88 45.36 -38.27
C SER C 346 -46.42 45.62 -37.93
N ASP C 347 -45.95 46.86 -38.15
CA ASP C 347 -44.56 47.18 -37.82
C ASP C 347 -44.30 47.03 -36.33
N VAL C 348 -45.25 47.46 -35.49
CA VAL C 348 -45.09 47.32 -34.06
C VAL C 348 -45.07 45.84 -33.67
N ALA C 349 -46.07 45.08 -34.14
CA ALA C 349 -46.14 43.67 -33.80
C ALA C 349 -44.90 42.91 -34.26
N ASN C 350 -44.40 43.21 -35.46
CA ASN C 350 -43.22 42.52 -35.95
C ASN C 350 -41.97 42.94 -35.20
N ALA C 351 -41.92 44.18 -34.70
CA ALA C 351 -40.80 44.60 -33.86
C ALA C 351 -40.75 43.77 -32.58
N VAL C 352 -41.93 43.49 -31.99
CA VAL C 352 -41.98 42.68 -30.78
C VAL C 352 -41.67 41.22 -31.11
N LEU C 353 -42.24 40.70 -32.20
CA LEU C 353 -41.90 39.35 -32.64
C LEU C 353 -40.41 39.23 -32.94
N ASP C 354 -39.79 40.29 -33.45
CA ASP C 354 -38.34 40.28 -33.69
C ASP C 354 -37.58 40.03 -32.39
N GLY C 355 -38.05 40.61 -31.28
CA GLY C 355 -37.40 40.44 -30.00
C GLY C 355 -37.01 41.74 -29.31
N ALA C 356 -37.53 42.86 -29.82
CA ALA C 356 -37.16 44.15 -29.25
C ALA C 356 -37.61 44.25 -27.80
N ASP C 357 -36.71 44.74 -26.94
CA ASP C 357 -37.06 44.95 -25.54
C ASP C 357 -38.01 46.12 -25.38
N CYS C 358 -37.80 47.19 -26.15
CA CYS C 358 -38.61 48.39 -26.08
C CYS C 358 -38.94 48.86 -27.49
N ILE C 359 -40.08 49.53 -27.61
CA ILE C 359 -40.48 50.24 -28.82
C ILE C 359 -40.67 51.70 -28.45
N MET C 360 -40.50 52.58 -29.43
CA MET C 360 -40.40 53.99 -29.16
C MET C 360 -41.42 54.80 -29.94
N LEU C 361 -41.76 55.96 -29.39
CA LEU C 361 -42.60 56.96 -30.03
C LEU C 361 -41.86 58.28 -30.01
N SER C 362 -41.82 58.97 -31.15
CA SER C 362 -41.14 60.25 -31.25
C SER C 362 -42.18 61.32 -31.47
N GLY C 363 -42.46 61.75 -32.71
CA GLY C 363 -43.46 62.78 -32.94
C GLY C 363 -44.84 62.37 -32.48
N GLU C 364 -45.14 61.06 -32.47
CA GLU C 364 -46.47 60.62 -32.07
C GLU C 364 -46.82 61.07 -30.66
N THR C 365 -45.83 61.25 -29.79
CA THR C 365 -46.07 61.73 -28.45
C THR C 365 -45.46 63.10 -28.18
N ALA C 366 -44.41 63.48 -28.90
CA ALA C 366 -43.77 64.76 -28.64
C ALA C 366 -44.63 65.92 -29.12
N LYS C 367 -45.27 65.79 -30.29
CA LYS C 367 -45.97 66.91 -30.89
C LYS C 367 -47.32 66.56 -31.52
N GLY C 368 -47.69 65.29 -31.57
CA GLY C 368 -48.89 64.89 -32.28
C GLY C 368 -50.17 65.30 -31.56
N ASP C 369 -51.29 65.03 -32.22
CA ASP C 369 -52.60 65.36 -31.68
C ASP C 369 -53.18 64.27 -30.79
N TYR C 370 -52.62 63.05 -30.81
CA TYR C 370 -53.18 61.91 -30.08
C TYR C 370 -52.06 61.14 -29.39
N PRO C 371 -51.30 61.81 -28.51
CA PRO C 371 -50.18 61.10 -27.86
C PRO C 371 -50.65 59.97 -26.96
N LEU C 372 -51.78 60.15 -26.27
CA LEU C 372 -52.28 59.10 -25.39
C LEU C 372 -52.77 57.90 -26.19
N GLU C 373 -53.48 58.14 -27.29
CA GLU C 373 -53.95 57.04 -28.13
C GLU C 373 -52.77 56.29 -28.74
N ALA C 374 -51.71 57.00 -29.10
CA ALA C 374 -50.52 56.34 -29.62
C ALA C 374 -49.93 55.39 -28.57
N VAL C 375 -49.76 55.87 -27.34
CA VAL C 375 -49.24 55.01 -26.29
C VAL C 375 -50.15 53.81 -26.07
N ARG C 376 -51.46 54.04 -26.04
CA ARG C 376 -52.40 52.94 -25.80
C ARG C 376 -52.41 51.93 -26.95
N MET C 377 -52.11 52.37 -28.17
CA MET C 377 -52.09 51.43 -29.28
C MET C 377 -50.86 50.53 -29.25
N GLN C 378 -49.68 51.11 -28.96
CA GLN C 378 -48.50 50.28 -28.78
C GLN C 378 -48.71 49.28 -27.66
N HIS C 379 -49.44 49.68 -26.60
CA HIS C 379 -49.69 48.76 -25.50
C HIS C 379 -50.54 47.57 -25.94
N LEU C 380 -51.60 47.84 -26.69
CA LEU C 380 -52.46 46.75 -27.16
C LEU C 380 -51.68 45.81 -28.09
N ILE C 381 -50.96 46.37 -29.07
CA ILE C 381 -50.26 45.55 -30.05
C ILE C 381 -49.22 44.67 -29.38
N ALA C 382 -48.46 45.24 -28.45
CA ALA C 382 -47.34 44.50 -27.84
C ALA C 382 -47.83 43.24 -27.13
N ARG C 383 -48.87 43.37 -26.30
CA ARG C 383 -49.42 42.22 -25.61
C ARG C 383 -49.77 41.10 -26.60
N GLU C 384 -50.47 41.45 -27.68
CA GLU C 384 -50.81 40.46 -28.69
C GLU C 384 -49.55 39.83 -29.28
N ALA C 385 -48.62 40.66 -29.73
CA ALA C 385 -47.40 40.13 -30.34
C ALA C 385 -46.60 39.28 -29.36
N GLU C 386 -46.63 39.61 -28.07
CA GLU C 386 -45.88 38.86 -27.09
C GLU C 386 -46.39 37.42 -26.98
N ALA C 387 -47.71 37.26 -26.87
CA ALA C 387 -48.29 35.91 -26.88
C ALA C 387 -47.91 35.15 -28.15
N ALA C 388 -47.84 35.84 -29.29
CA ALA C 388 -47.61 35.19 -30.57
C ALA C 388 -46.16 34.79 -30.81
N MET C 389 -45.25 35.05 -29.87
CA MET C 389 -43.89 34.55 -30.03
C MET C 389 -43.88 33.03 -29.92
N PHE C 390 -42.81 32.42 -30.46
CA PHE C 390 -42.63 30.97 -30.42
C PHE C 390 -41.62 30.65 -29.32
N HIS C 391 -42.09 30.72 -28.08
CA HIS C 391 -41.19 30.70 -26.92
C HIS C 391 -40.30 29.46 -26.92
N ARG C 392 -40.89 28.29 -27.14
CA ARG C 392 -40.11 27.06 -27.04
C ARG C 392 -38.90 27.10 -27.96
N LYS C 393 -39.12 27.46 -29.23
CA LYS C 393 -37.99 27.54 -30.16
C LYS C 393 -37.06 28.69 -29.81
N LEU C 394 -37.61 29.83 -29.40
CA LEU C 394 -36.78 30.96 -28.99
C LEU C 394 -35.86 30.57 -27.84
N PHE C 395 -36.41 29.90 -26.83
CA PHE C 395 -35.60 29.48 -25.68
C PHE C 395 -34.50 28.52 -26.12
N GLU C 396 -34.85 27.48 -26.87
CA GLU C 396 -33.85 26.53 -27.35
C GLU C 396 -32.73 27.24 -28.08
N GLU C 397 -33.08 28.19 -28.97
CA GLU C 397 -32.07 28.82 -29.81
C GLU C 397 -31.21 29.79 -29.02
N LEU C 398 -31.79 30.48 -28.03
CA LEU C 398 -30.99 31.32 -27.15
C LEU C 398 -30.04 30.47 -26.31
N ALA C 399 -30.54 29.35 -25.78
CA ALA C 399 -29.66 28.42 -25.06
C ALA C 399 -28.50 27.98 -25.93
N ARG C 400 -28.80 27.54 -27.17
CA ARG C 400 -27.73 27.12 -28.06
C ARG C 400 -26.73 28.24 -28.29
N ALA C 401 -27.21 29.47 -28.46
CA ALA C 401 -26.31 30.57 -28.83
C ALA C 401 -25.35 30.92 -27.71
N SER C 402 -25.72 30.68 -26.46
CA SER C 402 -24.88 31.04 -25.32
C SER C 402 -24.32 29.83 -24.59
N SER C 403 -24.39 28.64 -25.19
CA SER C 403 -23.96 27.42 -24.50
C SER C 403 -22.47 27.42 -24.21
N HIS C 404 -21.69 28.33 -24.79
CA HIS C 404 -20.28 28.45 -24.42
C HIS C 404 -20.11 28.96 -23.01
N SER C 405 -21.10 29.69 -22.50
CA SER C 405 -21.05 30.23 -21.15
C SER C 405 -21.59 29.20 -20.15
N THR C 406 -20.89 29.08 -19.02
CA THR C 406 -21.33 28.25 -17.90
C THR C 406 -21.72 29.09 -16.68
N ASP C 407 -21.97 30.37 -16.88
CA ASP C 407 -22.26 31.28 -15.79
C ASP C 407 -23.37 30.73 -14.90
N LEU C 408 -23.24 30.95 -13.59
CA LEU C 408 -24.20 30.36 -12.66
C LEU C 408 -25.55 31.06 -12.73
N MET C 409 -25.56 32.40 -12.81
CA MET C 409 -26.84 33.09 -12.90
C MET C 409 -27.58 32.71 -14.18
N GLU C 410 -26.85 32.49 -15.26
CA GLU C 410 -27.49 32.00 -16.48
C GLU C 410 -28.13 30.64 -16.26
N ALA C 411 -27.45 29.75 -15.53
CA ALA C 411 -28.03 28.45 -15.21
C ALA C 411 -29.30 28.61 -14.37
N MET C 412 -29.27 29.51 -13.38
CA MET C 412 -30.46 29.75 -12.57
C MET C 412 -31.59 30.33 -13.41
N ALA C 413 -31.25 31.23 -14.33
CA ALA C 413 -32.28 31.85 -15.18
C ALA C 413 -32.88 30.84 -16.15
N MET C 414 -32.01 30.03 -16.79
CA MET C 414 -32.51 29.05 -17.75
C MET C 414 -33.36 27.99 -17.06
N GLY C 415 -32.93 27.50 -15.90
CA GLY C 415 -33.75 26.56 -15.15
C GLY C 415 -35.06 27.17 -14.67
N SER C 416 -35.05 28.46 -14.36
CA SER C 416 -36.28 29.13 -13.91
C SER C 416 -37.26 29.31 -15.06
N VAL C 417 -36.80 29.84 -16.19
CA VAL C 417 -37.67 29.97 -17.36
C VAL C 417 -38.19 28.60 -17.77
N GLU C 418 -37.28 27.63 -17.86
CA GLU C 418 -37.68 26.26 -18.16
C GLU C 418 -38.80 25.80 -17.22
N ALA C 419 -38.60 26.00 -15.92
CA ALA C 419 -39.64 25.65 -14.97
C ALA C 419 -40.93 26.43 -15.23
N SER C 420 -40.81 27.73 -15.52
CA SER C 420 -42.00 28.53 -15.75
C SER C 420 -42.79 28.03 -16.95
N TYR C 421 -42.10 27.53 -17.98
CA TYR C 421 -42.78 26.93 -19.12
C TYR C 421 -43.53 25.66 -18.72
N LYS C 422 -42.83 24.75 -18.02
CA LYS C 422 -43.41 23.45 -17.70
C LYS C 422 -44.73 23.57 -16.96
N CYS C 423 -44.77 24.36 -15.89
CA CYS C 423 -45.96 24.48 -15.05
C CYS C 423 -46.79 25.71 -15.36
N LEU C 424 -46.52 26.39 -16.48
CA LEU C 424 -47.27 27.57 -16.88
C LEU C 424 -47.42 28.55 -15.73
N ALA C 425 -46.28 28.86 -15.11
CA ALA C 425 -46.26 29.83 -14.02
C ALA C 425 -46.84 31.16 -14.46
N ALA C 426 -47.60 31.78 -13.57
CA ALA C 426 -48.20 33.08 -13.88
C ALA C 426 -47.20 34.23 -13.78
N ALA C 427 -46.00 33.99 -13.25
CA ALA C 427 -45.02 35.05 -13.11
C ALA C 427 -43.74 34.45 -12.57
N LEU C 428 -42.67 35.24 -12.62
CA LEU C 428 -41.42 34.96 -11.92
C LEU C 428 -41.11 36.16 -11.04
N ILE C 429 -40.80 35.89 -9.77
CA ILE C 429 -40.49 36.93 -8.79
C ILE C 429 -39.00 36.88 -8.51
N VAL C 430 -38.32 37.99 -8.77
CA VAL C 430 -36.87 38.09 -8.62
C VAL C 430 -36.55 39.18 -7.60
N LEU C 431 -35.80 38.81 -6.58
CA LEU C 431 -35.28 39.76 -5.60
C LEU C 431 -33.87 40.15 -6.02
N THR C 432 -33.67 41.43 -6.32
CA THR C 432 -32.42 41.89 -6.88
C THR C 432 -32.23 43.37 -6.55
N GLU C 433 -31.00 43.75 -6.21
CA GLU C 433 -30.65 45.14 -5.97
C GLU C 433 -30.06 45.79 -7.20
N SER C 434 -29.08 45.14 -7.83
CA SER C 434 -28.52 45.64 -9.07
C SER C 434 -29.40 45.35 -10.28
N GLY C 435 -30.28 44.35 -10.18
CA GLY C 435 -31.08 43.92 -11.30
C GLY C 435 -30.44 42.83 -12.14
N ARG C 436 -29.18 42.48 -11.89
CA ARG C 436 -28.49 41.50 -12.71
C ARG C 436 -29.28 40.20 -12.81
N SER C 437 -29.68 39.64 -11.67
CA SER C 437 -30.42 38.38 -11.70
C SER C 437 -31.65 38.47 -12.59
N ALA C 438 -32.40 39.58 -12.49
CA ALA C 438 -33.59 39.73 -13.30
C ALA C 438 -33.25 39.89 -14.78
N HIS C 439 -32.20 40.66 -15.08
CA HIS C 439 -31.77 40.83 -16.47
C HIS C 439 -31.51 39.48 -17.13
N GLN C 440 -30.96 38.53 -16.38
CA GLN C 440 -30.66 37.22 -16.97
C GLN C 440 -31.91 36.39 -17.17
N VAL C 441 -32.92 36.55 -16.31
CA VAL C 441 -34.20 35.89 -16.55
C VAL C 441 -34.84 36.43 -17.82
N ALA C 442 -34.87 37.77 -17.96
CA ALA C 442 -35.45 38.38 -19.15
C ALA C 442 -34.71 37.95 -20.41
N ARG C 443 -33.38 37.83 -20.33
CA ARG C 443 -32.57 37.45 -21.48
C ARG C 443 -33.07 36.16 -22.12
N TYR C 444 -33.63 35.24 -21.34
CA TYR C 444 -34.10 33.96 -21.87
C TYR C 444 -35.60 33.95 -22.09
N ARG C 445 -36.26 35.10 -22.00
CA ARG C 445 -37.55 35.35 -22.63
C ARG C 445 -38.64 34.37 -22.18
N PRO C 446 -39.01 34.35 -20.90
CA PRO C 446 -40.24 33.65 -20.52
C PRO C 446 -41.44 34.38 -21.07
N ARG C 447 -42.58 33.69 -21.10
CA ARG C 447 -43.80 34.39 -21.48
C ARG C 447 -44.45 35.08 -20.29
N ALA C 448 -44.29 34.53 -19.08
CA ALA C 448 -44.85 35.14 -17.89
C ALA C 448 -44.02 36.36 -17.49
N PRO C 449 -44.65 37.37 -16.87
CA PRO C 449 -43.92 38.58 -16.50
C PRO C 449 -42.95 38.35 -15.35
N ILE C 450 -41.93 39.19 -15.30
CA ILE C 450 -40.88 39.14 -14.29
C ILE C 450 -41.12 40.30 -13.33
N ILE C 451 -41.51 39.97 -12.10
CA ILE C 451 -41.74 40.98 -11.06
C ILE C 451 -40.46 41.09 -10.25
N ALA C 452 -39.71 42.18 -10.46
CA ALA C 452 -38.41 42.38 -9.84
C ALA C 452 -38.56 43.35 -8.68
N VAL C 453 -38.29 42.87 -7.47
CA VAL C 453 -38.37 43.66 -6.25
C VAL C 453 -36.98 44.18 -5.92
N THR C 454 -36.83 45.49 -5.83
CA THR C 454 -35.56 46.10 -5.50
C THR C 454 -35.79 47.27 -4.56
N ARG C 455 -34.80 47.53 -3.71
CA ARG C 455 -34.78 48.73 -2.90
C ARG C 455 -33.99 49.85 -3.55
N ASN C 456 -33.51 49.63 -4.77
CA ASN C 456 -32.69 50.59 -5.51
C ASN C 456 -33.57 51.23 -6.58
N HIS C 457 -34.00 52.48 -6.33
CA HIS C 457 -34.93 53.13 -7.26
C HIS C 457 -34.37 53.18 -8.67
N GLN C 458 -33.09 53.50 -8.82
CA GLN C 458 -32.49 53.57 -10.16
C GLN C 458 -32.57 52.22 -10.85
N THR C 459 -32.20 51.15 -10.14
CA THR C 459 -32.35 49.80 -10.68
C THR C 459 -33.77 49.57 -11.19
N ALA C 460 -34.76 50.11 -10.48
CA ALA C 460 -36.15 49.92 -10.89
C ALA C 460 -36.46 50.68 -12.17
N ARG C 461 -35.99 51.93 -12.28
CA ARG C 461 -36.24 52.70 -13.49
C ARG C 461 -35.53 52.11 -14.70
N GLN C 462 -34.28 51.67 -14.53
CA GLN C 462 -33.55 51.09 -15.64
C GLN C 462 -34.05 49.71 -16.03
N ALA C 463 -34.86 49.07 -15.18
CA ALA C 463 -35.37 47.73 -15.50
C ALA C 463 -36.25 47.75 -16.75
N HIS C 464 -36.90 48.88 -17.03
CA HIS C 464 -37.77 48.96 -18.20
C HIS C 464 -37.02 48.71 -19.50
N LEU C 465 -35.68 48.74 -19.48
CA LEU C 465 -34.91 48.46 -20.69
C LEU C 465 -34.99 46.99 -21.09
N TYR C 466 -35.46 46.11 -20.21
CA TYR C 466 -35.42 44.68 -20.43
C TYR C 466 -36.82 44.11 -20.55
N ARG C 467 -37.06 43.37 -21.63
CA ARG C 467 -38.36 42.75 -21.86
C ARG C 467 -38.84 42.00 -20.63
N GLY C 468 -40.05 42.31 -20.19
CA GLY C 468 -40.76 41.50 -19.23
C GLY C 468 -40.51 41.82 -17.76
N ILE C 469 -39.64 42.77 -17.45
CA ILE C 469 -39.29 43.06 -16.06
C ILE C 469 -40.21 44.17 -15.55
N PHE C 470 -41.13 43.80 -14.65
CA PHE C 470 -41.98 44.77 -13.96
C PHE C 470 -41.33 45.18 -12.64
N PRO C 471 -40.68 46.33 -12.58
CA PRO C 471 -39.95 46.70 -11.36
C PRO C 471 -40.90 47.12 -10.25
N VAL C 472 -40.60 46.67 -9.04
CA VAL C 472 -41.37 47.00 -7.85
C VAL C 472 -40.41 47.52 -6.78
N VAL C 473 -40.57 48.78 -6.41
CA VAL C 473 -39.69 49.40 -5.43
C VAL C 473 -40.16 49.04 -4.02
N CYS C 474 -39.32 48.36 -3.26
CA CYS C 474 -39.58 48.09 -1.86
C CYS C 474 -39.09 49.27 -1.04
N LYS C 475 -40.01 49.93 -0.35
CA LYS C 475 -39.66 51.03 0.54
C LYS C 475 -39.68 50.62 2.01
N ASP C 476 -40.05 49.38 2.30
CA ASP C 476 -39.97 48.88 3.67
C ASP C 476 -38.51 48.87 4.13
N PRO C 477 -38.28 48.95 5.43
CA PRO C 477 -36.91 48.82 5.93
C PRO C 477 -36.47 47.37 5.97
N VAL C 478 -35.16 47.17 5.81
CA VAL C 478 -34.61 45.83 5.92
C VAL C 478 -34.99 45.24 7.26
N GLN C 479 -35.23 43.94 7.28
CA GLN C 479 -35.47 43.19 8.50
C GLN C 479 -34.18 42.54 8.96
N GLU C 480 -34.02 42.41 10.27
CA GLU C 480 -32.82 41.75 10.81
C GLU C 480 -32.70 40.34 10.26
N ALA C 481 -33.78 39.56 10.32
CA ALA C 481 -33.78 38.19 9.83
C ALA C 481 -33.83 38.18 8.30
N TRP C 482 -32.83 37.58 7.69
CA TRP C 482 -32.80 37.49 6.22
C TRP C 482 -34.06 36.82 5.69
N ALA C 483 -34.49 35.74 6.34
CA ALA C 483 -35.69 35.04 5.88
C ALA C 483 -36.92 35.94 5.94
N GLU C 484 -37.02 36.77 6.99
CA GLU C 484 -38.16 37.66 7.11
C GLU C 484 -38.09 38.80 6.09
N ASP C 485 -36.88 39.26 5.76
CA ASP C 485 -36.74 40.28 4.74
C ASP C 485 -37.07 39.71 3.36
N VAL C 486 -36.59 38.51 3.06
CA VAL C 486 -36.95 37.84 1.80
C VAL C 486 -38.46 37.66 1.73
N ASP C 487 -39.05 37.03 2.75
CA ASP C 487 -40.50 36.80 2.75
C ASP C 487 -41.27 38.11 2.62
N LEU C 488 -40.75 39.19 3.20
CA LEU C 488 -41.43 40.49 3.06
C LEU C 488 -41.49 40.91 1.61
N ARG C 489 -40.34 40.94 0.93
CA ARG C 489 -40.30 41.36 -0.47
C ARG C 489 -41.04 40.40 -1.37
N VAL C 490 -41.02 39.10 -1.07
CA VAL C 490 -41.79 38.15 -1.88
C VAL C 490 -43.28 38.44 -1.75
N ASN C 491 -43.75 38.72 -0.52
CA ASN C 491 -45.16 39.03 -0.33
C ASN C 491 -45.54 40.34 -1.00
N LEU C 492 -44.61 41.29 -1.06
CA LEU C 492 -44.86 42.51 -1.81
C LEU C 492 -45.14 42.19 -3.28
N ALA C 493 -44.27 41.38 -3.90
CA ALA C 493 -44.50 40.97 -5.28
C ALA C 493 -45.82 40.24 -5.43
N MET C 494 -46.19 39.43 -4.44
CA MET C 494 -47.48 38.74 -4.48
C MET C 494 -48.62 39.75 -4.51
N ASN C 495 -48.60 40.72 -3.61
CA ASN C 495 -49.67 41.70 -3.53
C ASN C 495 -49.74 42.55 -4.80
N VAL C 496 -48.58 42.97 -5.31
CA VAL C 496 -48.57 43.73 -6.56
C VAL C 496 -49.23 42.91 -7.66
N GLY C 497 -48.78 41.67 -7.85
CA GLY C 497 -49.31 40.85 -8.93
C GLY C 497 -50.81 40.61 -8.82
N LYS C 498 -51.31 40.45 -7.60
CA LYS C 498 -52.74 40.24 -7.42
C LYS C 498 -53.51 41.53 -7.69
N ALA C 499 -52.97 42.67 -7.25
CA ALA C 499 -53.66 43.94 -7.46
C ALA C 499 -53.60 44.37 -8.93
N ARG C 500 -52.56 43.98 -9.66
CA ARG C 500 -52.42 44.34 -11.05
C ARG C 500 -53.03 43.30 -11.99
N GLY C 501 -53.61 42.23 -11.44
CA GLY C 501 -54.28 41.22 -12.25
C GLY C 501 -53.37 40.21 -12.93
N PHE C 502 -52.10 40.13 -12.54
CA PHE C 502 -51.21 39.16 -13.18
C PHE C 502 -51.54 37.74 -12.74
N PHE C 503 -52.01 37.55 -11.51
CA PHE C 503 -52.36 36.23 -11.04
C PHE C 503 -53.26 36.36 -9.81
N LYS C 504 -53.89 35.25 -9.46
CA LYS C 504 -54.81 35.17 -8.33
C LYS C 504 -54.38 34.04 -7.40
N LYS C 505 -55.01 33.99 -6.23
CA LYS C 505 -54.75 32.93 -5.27
C LYS C 505 -54.89 31.56 -5.94
N GLY C 506 -53.91 30.69 -5.70
CA GLY C 506 -53.90 29.36 -6.26
C GLY C 506 -53.03 29.19 -7.49
N ASP C 507 -52.73 30.27 -8.20
CA ASP C 507 -51.80 30.17 -9.30
C ASP C 507 -50.40 29.87 -8.78
N VAL C 508 -49.52 29.48 -9.69
CA VAL C 508 -48.15 29.10 -9.35
C VAL C 508 -47.20 30.13 -9.94
N VAL C 509 -46.15 30.47 -9.19
CA VAL C 509 -45.11 31.39 -9.64
C VAL C 509 -43.75 30.80 -9.33
N ILE C 510 -42.74 31.31 -10.02
CA ILE C 510 -41.34 30.98 -9.75
C ILE C 510 -40.76 32.11 -8.92
N VAL C 511 -39.99 31.76 -7.88
CA VAL C 511 -39.44 32.75 -6.97
C VAL C 511 -37.93 32.56 -6.89
N LEU C 512 -37.19 33.62 -7.20
CA LEU C 512 -35.74 33.61 -7.21
C LEU C 512 -35.23 34.52 -6.09
N THR C 513 -34.38 33.97 -5.23
CA THR C 513 -33.87 34.69 -4.07
C THR C 513 -32.44 34.27 -3.79
N GLY C 514 -31.73 35.11 -3.03
CA GLY C 514 -30.42 34.73 -2.52
C GLY C 514 -30.59 33.90 -1.26
N TRP C 515 -29.88 32.77 -1.20
CA TRP C 515 -30.01 31.89 -0.05
C TRP C 515 -29.58 32.59 1.23
N ARG C 516 -28.56 33.44 1.15
CA ARG C 516 -28.06 34.19 2.29
C ARG C 516 -27.91 35.66 1.90
N PRO C 517 -27.76 36.55 2.89
CA PRO C 517 -27.62 37.97 2.57
C PRO C 517 -26.42 38.27 1.68
N GLY C 518 -25.39 37.44 1.72
CA GLY C 518 -24.18 37.65 0.96
C GLY C 518 -24.09 36.95 -0.36
N SER C 519 -25.11 36.20 -0.75
CA SER C 519 -25.11 35.57 -2.07
C SER C 519 -25.06 36.65 -3.14
N GLY C 520 -24.18 36.45 -4.14
CA GLY C 520 -24.02 37.45 -5.18
C GLY C 520 -25.16 37.53 -6.17
N PHE C 521 -26.02 36.51 -6.23
CA PHE C 521 -27.10 36.45 -7.19
C PHE C 521 -28.24 35.62 -6.59
N THR C 522 -29.30 35.44 -7.37
CA THR C 522 -30.43 34.63 -6.94
C THR C 522 -30.09 33.16 -7.18
N ASN C 523 -29.42 32.57 -6.19
CA ASN C 523 -28.99 31.18 -6.27
C ASN C 523 -30.04 30.21 -5.75
N THR C 524 -31.21 30.70 -5.36
CA THR C 524 -32.29 29.88 -4.86
C THR C 524 -33.52 30.09 -5.73
N MET C 525 -34.10 28.99 -6.21
CA MET C 525 -35.32 29.03 -6.99
C MET C 525 -36.37 28.12 -6.37
N ARG C 526 -37.59 28.63 -6.28
CA ARG C 526 -38.72 27.89 -5.75
C ARG C 526 -39.91 28.00 -6.69
N VAL C 527 -40.72 26.96 -6.73
CA VAL C 527 -42.06 27.02 -7.27
C VAL C 527 -43.01 27.20 -6.10
N VAL C 528 -43.89 28.20 -6.18
CA VAL C 528 -44.66 28.62 -5.02
C VAL C 528 -46.09 29.00 -5.41
N PRO C 529 -47.10 28.49 -4.72
CA PRO C 529 -48.47 28.89 -5.02
C PRO C 529 -48.76 30.29 -4.50
N VAL C 530 -49.62 31.00 -5.20
CA VAL C 530 -50.02 32.34 -4.75
C VAL C 530 -51.03 32.20 -3.62
N PRO C 531 -50.79 32.81 -2.46
CA PRO C 531 -51.68 32.70 -1.30
C PRO C 531 -52.96 33.52 -1.48
N PHE D 12 -5.73 19.96 -25.51
CA PHE D 12 -6.84 19.82 -24.57
C PHE D 12 -8.03 19.14 -25.21
N ILE D 13 -8.26 17.87 -24.84
CA ILE D 13 -9.46 17.14 -25.23
C ILE D 13 -10.45 17.24 -24.08
N GLN D 14 -11.66 17.70 -24.39
CA GLN D 14 -12.70 17.73 -23.38
C GLN D 14 -12.91 16.33 -22.81
N THR D 15 -13.57 16.27 -21.66
CA THR D 15 -13.97 15.01 -21.06
C THR D 15 -15.46 14.77 -21.32
N GLN D 16 -15.90 13.55 -21.06
CA GLN D 16 -17.32 13.23 -21.01
C GLN D 16 -18.00 13.39 -22.36
N GLN D 17 -17.25 13.31 -23.46
CA GLN D 17 -17.80 13.47 -24.80
C GLN D 17 -18.51 14.82 -24.95
N LEU D 18 -17.95 15.85 -24.30
CA LEU D 18 -18.61 17.14 -24.30
C LEU D 18 -18.50 17.85 -25.65
N HIS D 19 -17.48 17.52 -26.43
CA HIS D 19 -17.41 18.06 -27.79
C HIS D 19 -18.58 17.54 -28.63
N ALA D 20 -18.81 16.23 -28.59
CA ALA D 20 -20.00 15.68 -29.25
C ALA D 20 -21.27 16.33 -28.70
N ALA D 21 -21.31 16.59 -27.39
CA ALA D 21 -22.50 17.14 -26.77
C ALA D 21 -22.95 18.45 -27.42
N MET D 22 -22.00 19.21 -27.98
CA MET D 22 -22.29 20.51 -28.57
C MET D 22 -22.69 20.44 -30.04
N ALA D 23 -22.81 19.24 -30.60
CA ALA D 23 -23.20 19.11 -32.00
C ALA D 23 -24.63 19.60 -32.20
N ASP D 24 -24.93 19.98 -33.44
CA ASP D 24 -26.28 20.38 -33.81
C ASP D 24 -27.14 19.21 -34.28
N THR D 25 -26.53 18.17 -34.85
CA THR D 25 -27.26 17.05 -35.39
C THR D 25 -26.79 15.74 -34.74
N PHE D 26 -27.69 14.74 -34.79
CA PHE D 26 -27.31 13.40 -34.37
C PHE D 26 -26.08 12.91 -35.13
N LEU D 27 -26.11 13.05 -36.46
CA LEU D 27 -24.98 12.63 -37.28
C LEU D 27 -23.68 13.27 -36.77
N GLU D 28 -23.68 14.59 -36.63
CA GLU D 28 -22.47 15.28 -36.18
C GLU D 28 -22.10 14.85 -34.76
N HIS D 29 -23.10 14.63 -33.90
CA HIS D 29 -22.82 14.09 -32.57
C HIS D 29 -22.03 12.80 -32.67
N MET D 30 -22.54 11.85 -33.46
CA MET D 30 -21.85 10.58 -33.65
C MET D 30 -20.43 10.79 -34.19
N CYS D 31 -20.28 11.71 -35.14
CA CYS D 31 -18.97 11.96 -35.74
C CYS D 31 -17.97 12.49 -34.73
N ARG D 32 -18.42 13.03 -33.60
CA ARG D 32 -17.54 13.63 -32.61
C ARG D 32 -17.22 12.69 -31.45
N LEU D 33 -17.71 11.46 -31.46
CA LEU D 33 -17.39 10.52 -30.39
C LEU D 33 -15.88 10.27 -30.38
N ASP D 34 -15.27 10.48 -29.23
CA ASP D 34 -13.81 10.58 -29.09
C ASP D 34 -13.33 9.54 -28.09
N ILE D 35 -12.62 8.51 -28.58
CA ILE D 35 -12.09 7.48 -27.69
C ILE D 35 -11.12 8.05 -26.68
N ASP D 36 -10.60 9.25 -26.92
CA ASP D 36 -9.69 9.91 -25.99
C ASP D 36 -10.38 10.91 -25.09
N SER D 37 -11.71 10.96 -25.11
CA SER D 37 -12.48 11.81 -24.21
C SER D 37 -12.84 11.00 -22.97
N ALA D 38 -12.34 11.40 -21.82
CA ALA D 38 -12.43 10.58 -20.62
C ALA D 38 -13.84 10.67 -20.04
N PRO D 39 -14.47 9.54 -19.70
CA PRO D 39 -15.74 9.60 -18.97
C PRO D 39 -15.52 10.07 -17.54
N ILE D 40 -16.60 10.20 -16.77
CA ILE D 40 -16.47 10.63 -15.38
C ILE D 40 -16.41 9.40 -14.49
N THR D 41 -16.16 9.61 -13.20
CA THR D 41 -16.09 8.50 -12.26
C THR D 41 -17.46 7.88 -12.05
N ALA D 42 -18.47 8.70 -11.76
CA ALA D 42 -19.80 8.20 -11.46
C ALA D 42 -20.35 7.36 -12.62
N ARG D 43 -20.91 6.20 -12.29
CA ARG D 43 -21.58 5.33 -13.24
C ARG D 43 -23.07 5.34 -12.93
N ASN D 44 -23.89 5.68 -13.93
CA ASN D 44 -25.31 5.93 -13.70
C ASN D 44 -26.20 4.72 -13.96
N THR D 45 -25.76 3.76 -14.77
CA THR D 45 -26.60 2.62 -15.12
C THR D 45 -26.46 1.55 -14.03
N GLY D 46 -27.58 1.22 -13.40
CA GLY D 46 -27.56 0.19 -12.37
C GLY D 46 -27.20 -1.17 -12.97
N ILE D 47 -26.44 -1.95 -12.22
CA ILE D 47 -26.04 -3.29 -12.63
C ILE D 47 -26.78 -4.29 -11.75
N ILE D 48 -27.53 -5.19 -12.38
CA ILE D 48 -28.28 -6.24 -11.69
C ILE D 48 -27.56 -7.56 -11.93
N CYS D 49 -27.25 -8.27 -10.85
CA CYS D 49 -26.49 -9.52 -10.92
C CYS D 49 -27.33 -10.68 -10.41
N THR D 50 -27.43 -11.72 -11.22
CA THR D 50 -28.05 -12.96 -10.78
C THR D 50 -27.07 -13.73 -9.90
N ILE D 51 -27.52 -14.11 -8.71
CA ILE D 51 -26.68 -14.82 -7.76
C ILE D 51 -26.94 -16.31 -7.90
N GLY D 52 -25.88 -17.10 -7.72
CA GLY D 52 -25.98 -18.54 -7.79
C GLY D 52 -24.73 -19.22 -7.28
N PRO D 53 -24.51 -20.46 -7.72
CA PRO D 53 -23.35 -21.22 -7.23
C PRO D 53 -22.03 -20.47 -7.33
N ALA D 54 -21.83 -19.71 -8.40
CA ALA D 54 -20.56 -19.04 -8.62
C ALA D 54 -20.39 -17.77 -7.81
N SER D 55 -21.41 -17.32 -7.09
CA SER D 55 -21.33 -16.00 -6.48
C SER D 55 -22.09 -15.84 -5.16
N ARG D 56 -22.60 -16.91 -4.55
CA ARG D 56 -23.40 -16.77 -3.34
C ARG D 56 -22.58 -16.82 -2.07
N SER D 57 -21.25 -16.97 -2.15
CA SER D 57 -20.42 -16.94 -0.97
C SER D 57 -20.24 -15.51 -0.48
N VAL D 58 -20.29 -15.32 0.85
CA VAL D 58 -20.13 -13.98 1.41
C VAL D 58 -18.85 -13.34 0.91
N GLU D 59 -17.78 -14.14 0.77
CA GLU D 59 -16.52 -13.60 0.28
C GLU D 59 -16.66 -13.06 -1.14
N THR D 60 -17.36 -13.79 -2.01
CA THR D 60 -17.53 -13.36 -3.39
C THR D 60 -18.45 -12.15 -3.49
N LEU D 61 -19.58 -12.20 -2.78
CA LEU D 61 -20.54 -11.10 -2.84
C LEU D 61 -19.90 -9.78 -2.45
N LYS D 62 -18.97 -9.79 -1.49
CA LYS D 62 -18.25 -8.57 -1.15
C LYS D 62 -17.53 -8.01 -2.37
N GLU D 63 -16.87 -8.88 -3.14
CA GLU D 63 -16.21 -8.42 -4.35
C GLU D 63 -17.21 -8.01 -5.43
N MET D 64 -18.37 -8.68 -5.48
CA MET D 64 -19.44 -8.26 -6.38
C MET D 64 -19.82 -6.81 -6.14
N ILE D 65 -19.96 -6.42 -4.87
CA ILE D 65 -20.34 -5.05 -4.53
C ILE D 65 -19.22 -4.09 -4.91
N LYS D 66 -17.99 -4.40 -4.51
CA LYS D 66 -16.86 -3.54 -4.86
C LYS D 66 -16.67 -3.46 -6.36
N SER D 67 -17.05 -4.50 -7.10
CA SER D 67 -16.99 -4.47 -8.55
C SER D 67 -18.14 -3.71 -9.19
N GLY D 68 -19.17 -3.36 -8.43
CA GLY D 68 -20.24 -2.52 -8.93
C GLY D 68 -21.64 -3.10 -8.89
N MET D 69 -21.85 -4.30 -8.36
CA MET D 69 -23.21 -4.84 -8.27
C MET D 69 -24.10 -3.88 -7.49
N ASN D 70 -25.31 -3.67 -8.00
CA ASN D 70 -26.31 -2.81 -7.35
C ASN D 70 -27.51 -3.57 -6.84
N VAL D 71 -27.95 -4.60 -7.56
CA VAL D 71 -29.15 -5.37 -7.21
C VAL D 71 -28.82 -6.85 -7.36
N ALA D 72 -29.18 -7.63 -6.35
CA ALA D 72 -28.98 -9.07 -6.37
C ALA D 72 -30.28 -9.75 -6.75
N ARG D 73 -30.27 -10.46 -7.88
CA ARG D 73 -31.46 -11.10 -8.41
C ARG D 73 -31.45 -12.58 -8.05
N MET D 74 -32.52 -13.03 -7.40
CA MET D 74 -32.70 -14.44 -7.06
C MET D 74 -33.68 -15.03 -8.06
N ASN D 75 -33.21 -15.97 -8.87
CA ASN D 75 -34.05 -16.61 -9.88
C ASN D 75 -34.74 -17.82 -9.23
N PHE D 76 -36.04 -17.72 -9.03
CA PHE D 76 -36.81 -18.80 -8.43
C PHE D 76 -37.27 -19.85 -9.45
N SER D 77 -36.65 -19.90 -10.63
CA SER D 77 -36.90 -21.01 -11.53
C SER D 77 -36.38 -22.31 -10.95
N HIS D 78 -35.36 -22.23 -10.09
CA HIS D 78 -34.82 -23.38 -9.39
C HIS D 78 -34.46 -22.95 -7.97
N GLY D 79 -34.16 -23.92 -7.13
CA GLY D 79 -33.76 -23.63 -5.76
C GLY D 79 -34.93 -23.52 -4.81
N THR D 80 -34.74 -24.01 -3.58
CA THR D 80 -35.78 -24.03 -2.57
C THR D 80 -35.77 -22.76 -1.74
N HIS D 81 -36.84 -22.57 -0.96
CA HIS D 81 -36.94 -21.41 -0.08
C HIS D 81 -35.74 -21.34 0.87
N GLU D 82 -35.25 -22.49 1.33
CA GLU D 82 -34.09 -22.51 2.21
C GLU D 82 -32.83 -22.08 1.47
N TYR D 83 -32.71 -22.47 0.20
CA TYR D 83 -31.54 -22.10 -0.59
C TYR D 83 -31.50 -20.59 -0.83
N HIS D 84 -32.63 -20.01 -1.25
CA HIS D 84 -32.64 -18.58 -1.53
C HIS D 84 -32.53 -17.76 -0.26
N ALA D 85 -33.15 -18.23 0.83
CA ALA D 85 -33.03 -17.52 2.10
C ALA D 85 -31.56 -17.36 2.50
N GLU D 86 -30.76 -18.42 2.29
CA GLU D 86 -29.35 -18.35 2.64
C GLU D 86 -28.60 -17.37 1.75
N THR D 87 -28.93 -17.35 0.45
CA THR D 87 -28.31 -16.37 -0.45
C THR D 87 -28.65 -14.95 -0.01
N ILE D 88 -29.93 -14.68 0.24
CA ILE D 88 -30.33 -13.36 0.70
C ILE D 88 -29.57 -12.97 1.96
N LYS D 89 -29.41 -13.91 2.89
CA LYS D 89 -28.65 -13.63 4.11
C LYS D 89 -27.20 -13.26 3.76
N ASN D 90 -26.56 -14.07 2.92
CA ASN D 90 -25.18 -13.77 2.53
C ASN D 90 -25.09 -12.40 1.87
N VAL D 91 -26.00 -12.12 0.94
CA VAL D 91 -26.04 -10.81 0.31
C VAL D 91 -26.07 -9.71 1.35
N ARG D 92 -26.96 -9.84 2.33
CA ARG D 92 -27.07 -8.80 3.36
C ARG D 92 -25.84 -8.78 4.26
N THR D 93 -25.28 -9.95 4.56
CA THR D 93 -24.03 -10.00 5.31
C THR D 93 -22.94 -9.25 4.57
N ALA D 94 -22.69 -9.63 3.32
CA ALA D 94 -21.73 -8.91 2.49
C ALA D 94 -22.06 -7.42 2.45
N THR D 95 -23.33 -7.08 2.25
CA THR D 95 -23.72 -5.68 2.16
C THR D 95 -23.36 -4.93 3.44
N GLU D 96 -23.75 -5.47 4.59
CA GLU D 96 -23.54 -4.77 5.85
C GLU D 96 -22.08 -4.78 6.30
N SER D 97 -21.22 -5.58 5.67
CA SER D 97 -19.80 -5.58 6.02
C SER D 97 -19.13 -4.25 5.70
N PHE D 98 -19.79 -3.38 4.92
CA PHE D 98 -19.28 -2.04 4.66
C PHE D 98 -20.02 -0.98 5.47
N ALA D 99 -20.93 -1.38 6.36
CA ALA D 99 -21.77 -0.42 7.07
C ALA D 99 -20.97 0.46 8.02
N SER D 100 -19.84 -0.03 8.53
CA SER D 100 -19.05 0.74 9.49
C SER D 100 -18.80 2.15 8.98
N ASP D 101 -18.38 2.27 7.71
CA ASP D 101 -18.12 3.57 7.09
C ASP D 101 -19.31 3.96 6.23
N PRO D 102 -20.26 4.74 6.78
CA PRO D 102 -21.47 5.08 6.01
C PRO D 102 -21.21 6.04 4.86
N ILE D 103 -19.99 6.57 4.73
CA ILE D 103 -19.67 7.40 3.57
C ILE D 103 -19.37 6.54 2.35
N LEU D 104 -18.79 5.35 2.56
CA LEU D 104 -18.47 4.44 1.47
C LEU D 104 -19.38 3.23 1.42
N TYR D 105 -20.57 3.33 2.03
CA TYR D 105 -21.51 2.21 2.09
C TYR D 105 -22.43 2.25 0.88
N ARG D 106 -22.53 1.13 0.17
CA ARG D 106 -23.39 1.03 -1.00
C ARG D 106 -24.64 0.24 -0.65
N PRO D 107 -25.82 0.85 -0.62
CA PRO D 107 -27.04 0.05 -0.49
C PRO D 107 -27.15 -0.96 -1.62
N VAL D 108 -27.65 -2.14 -1.29
CA VAL D 108 -27.80 -3.24 -2.23
C VAL D 108 -29.23 -3.75 -2.14
N ALA D 109 -29.91 -3.84 -3.27
CA ALA D 109 -31.31 -4.24 -3.31
C ALA D 109 -31.43 -5.74 -3.61
N VAL D 110 -32.56 -6.31 -3.20
CA VAL D 110 -32.85 -7.72 -3.35
C VAL D 110 -34.09 -7.87 -4.22
N ALA D 111 -33.95 -8.59 -5.33
CA ALA D 111 -35.03 -8.77 -6.29
C ALA D 111 -35.35 -10.25 -6.43
N LEU D 112 -36.65 -10.56 -6.44
CA LEU D 112 -37.14 -11.93 -6.57
C LEU D 112 -37.74 -12.10 -7.96
N ASP D 113 -37.12 -12.98 -8.76
CA ASP D 113 -37.57 -13.25 -10.13
C ASP D 113 -38.39 -14.55 -10.10
N THR D 114 -39.69 -14.44 -10.36
CA THR D 114 -40.59 -15.56 -10.21
C THR D 114 -40.41 -16.57 -11.34
N LYS D 115 -40.75 -17.83 -11.03
CA LYS D 115 -40.77 -18.86 -12.07
C LYS D 115 -41.85 -18.56 -13.10
N GLY D 116 -43.07 -18.29 -12.63
CA GLY D 116 -44.16 -17.91 -13.50
C GLY D 116 -44.85 -19.11 -14.14
N PRO D 117 -45.97 -18.87 -14.80
CA PRO D 117 -46.67 -19.96 -15.49
C PRO D 117 -45.83 -20.53 -16.62
N GLU D 118 -46.02 -21.82 -16.90
CA GLU D 118 -45.25 -22.52 -17.92
C GLU D 118 -46.14 -23.55 -18.60
N ILE D 119 -45.72 -23.94 -19.79
CA ILE D 119 -46.25 -25.12 -20.46
C ILE D 119 -45.12 -26.14 -20.53
N ARG D 120 -45.37 -27.33 -20.00
CA ARG D 120 -44.37 -28.40 -19.92
C ARG D 120 -44.89 -29.65 -20.62
N THR D 121 -43.97 -30.40 -21.23
CA THR D 121 -44.28 -31.70 -21.79
C THR D 121 -44.16 -32.78 -20.70
N GLY D 122 -44.38 -34.03 -21.09
CA GLY D 122 -44.35 -35.15 -20.19
C GLY D 122 -43.02 -35.88 -20.19
N LEU D 123 -43.05 -37.14 -19.77
CA LEU D 123 -41.87 -37.97 -19.68
C LEU D 123 -41.74 -38.86 -20.91
N ILE D 124 -40.51 -39.03 -21.38
CA ILE D 124 -40.20 -39.92 -22.49
C ILE D 124 -39.92 -41.30 -21.91
N LYS D 125 -40.77 -42.27 -22.21
CA LYS D 125 -40.57 -43.65 -21.76
C LYS D 125 -40.42 -43.72 -20.24
N GLY D 126 -41.21 -42.90 -19.53
CA GLY D 126 -41.16 -42.85 -18.09
C GLY D 126 -39.88 -42.30 -17.50
N SER D 127 -38.93 -41.86 -18.32
CA SER D 127 -37.63 -41.42 -17.85
C SER D 127 -37.48 -39.91 -17.99
N GLY D 128 -36.75 -39.31 -17.05
CA GLY D 128 -36.43 -37.91 -17.11
C GLY D 128 -35.26 -37.56 -17.99
N THR D 129 -34.49 -38.55 -18.44
CA THR D 129 -33.33 -38.32 -19.28
C THR D 129 -33.45 -38.94 -20.67
N ALA D 130 -34.51 -39.69 -20.95
CA ALA D 130 -34.68 -40.30 -22.26
C ALA D 130 -34.92 -39.23 -23.32
N GLU D 131 -34.60 -39.57 -24.56
CA GLU D 131 -34.79 -38.67 -25.69
C GLU D 131 -35.24 -39.46 -26.91
N VAL D 132 -36.01 -38.81 -27.77
CA VAL D 132 -36.33 -39.30 -29.10
C VAL D 132 -35.97 -38.22 -30.10
N GLU D 133 -35.70 -38.63 -31.33
CA GLU D 133 -35.36 -37.70 -32.40
C GLU D 133 -36.59 -37.45 -33.25
N LEU D 134 -36.99 -36.18 -33.36
CA LEU D 134 -38.02 -35.76 -34.29
C LEU D 134 -37.38 -35.43 -35.62
N LYS D 135 -37.96 -35.93 -36.71
CA LYS D 135 -37.40 -35.74 -38.04
C LYS D 135 -38.19 -34.69 -38.82
N LYS D 136 -37.47 -33.84 -39.54
CA LYS D 136 -38.11 -32.76 -40.30
C LYS D 136 -39.13 -33.34 -41.27
N GLY D 137 -40.36 -32.82 -41.19
CA GLY D 137 -41.44 -33.25 -42.05
C GLY D 137 -42.33 -34.34 -41.47
N ALA D 138 -41.94 -34.93 -40.33
CA ALA D 138 -42.71 -36.03 -39.76
C ALA D 138 -43.99 -35.51 -39.12
N THR D 139 -44.82 -36.45 -38.66
CA THR D 139 -46.05 -36.15 -37.97
C THR D 139 -45.87 -36.35 -36.47
N LEU D 140 -46.63 -35.60 -35.69
CA LEU D 140 -46.54 -35.67 -34.23
C LEU D 140 -47.83 -35.14 -33.63
N LYS D 141 -48.55 -36.00 -32.92
CA LYS D 141 -49.80 -35.63 -32.28
C LYS D 141 -49.55 -35.15 -30.87
N ILE D 142 -50.03 -33.94 -30.56
CA ILE D 142 -50.00 -33.42 -29.20
C ILE D 142 -51.31 -33.82 -28.52
N THR D 143 -51.20 -34.43 -27.33
CA THR D 143 -52.36 -34.91 -26.61
C THR D 143 -52.44 -34.29 -25.22
N LEU D 144 -53.66 -34.19 -24.72
CA LEU D 144 -53.93 -33.83 -23.34
C LEU D 144 -54.40 -35.03 -22.52
N ASP D 145 -54.50 -36.21 -23.13
CA ASP D 145 -54.91 -37.42 -22.43
C ASP D 145 -53.82 -37.82 -21.44
N ASN D 146 -54.11 -37.68 -20.14
CA ASN D 146 -53.10 -37.94 -19.12
C ASN D 146 -52.62 -39.38 -19.11
N ALA D 147 -53.26 -40.28 -19.85
CA ALA D 147 -52.72 -41.63 -20.00
C ALA D 147 -51.35 -41.62 -20.66
N TYR D 148 -50.94 -40.51 -21.26
CA TYR D 148 -49.66 -40.39 -21.95
C TYR D 148 -48.68 -39.47 -21.25
N MET D 149 -49.06 -38.85 -20.13
CA MET D 149 -48.21 -37.84 -19.53
C MET D 149 -46.85 -38.38 -19.12
N GLU D 150 -46.74 -39.69 -18.88
CA GLU D 150 -45.45 -40.32 -18.62
C GLU D 150 -45.07 -41.30 -19.73
N LYS D 151 -45.64 -41.14 -20.92
CA LYS D 151 -45.46 -42.07 -22.02
C LYS D 151 -45.31 -41.32 -23.34
N CYS D 152 -44.43 -40.33 -23.37
CA CYS D 152 -44.17 -39.53 -24.56
C CYS D 152 -43.14 -40.22 -25.45
N ASP D 153 -43.31 -40.05 -26.76
CA ASP D 153 -42.41 -40.66 -27.73
C ASP D 153 -42.48 -39.86 -29.03
N GLU D 154 -41.77 -40.35 -30.05
CA GLU D 154 -41.63 -39.59 -31.29
C GLU D 154 -42.94 -39.39 -32.03
N ASN D 155 -43.99 -40.14 -31.67
CA ASN D 155 -45.26 -40.07 -32.38
C ASN D 155 -46.36 -39.35 -31.61
N ILE D 156 -46.26 -39.28 -30.28
CA ILE D 156 -47.25 -38.59 -29.47
C ILE D 156 -46.52 -37.86 -28.35
N LEU D 157 -47.02 -36.67 -28.01
CA LEU D 157 -46.38 -35.81 -27.01
C LEU D 157 -47.47 -35.22 -26.13
N TRP D 158 -47.36 -35.44 -24.83
CA TRP D 158 -48.28 -34.91 -23.85
C TRP D 158 -47.74 -33.61 -23.28
N LEU D 159 -48.64 -32.69 -22.94
CA LEU D 159 -48.27 -31.45 -22.27
C LEU D 159 -49.39 -31.05 -21.32
N ASP D 160 -49.06 -30.15 -20.40
CA ASP D 160 -49.90 -29.88 -19.24
C ASP D 160 -50.72 -28.59 -19.37
N TYR D 161 -50.81 -28.02 -20.57
CA TYR D 161 -51.67 -26.86 -20.82
C TYR D 161 -52.96 -27.36 -21.44
N LYS D 162 -54.03 -27.42 -20.64
CA LYS D 162 -55.26 -28.08 -21.05
C LYS D 162 -56.09 -27.23 -21.99
N ASN D 163 -55.97 -25.90 -21.92
CA ASN D 163 -56.68 -25.01 -22.82
C ASN D 163 -55.93 -24.76 -24.13
N ILE D 164 -54.97 -25.61 -24.48
CA ILE D 164 -54.10 -25.28 -25.61
C ILE D 164 -54.89 -25.19 -26.91
N CYS D 165 -55.80 -26.13 -27.14
CA CYS D 165 -56.57 -26.13 -28.37
C CYS D 165 -57.45 -24.89 -28.51
N LYS D 166 -57.74 -24.22 -27.40
CA LYS D 166 -58.61 -23.04 -27.41
C LYS D 166 -57.90 -21.76 -27.81
N VAL D 167 -56.57 -21.77 -27.91
CA VAL D 167 -55.83 -20.52 -28.12
C VAL D 167 -54.93 -20.61 -29.35
N VAL D 168 -54.79 -21.81 -29.92
CA VAL D 168 -54.08 -21.97 -31.18
C VAL D 168 -55.09 -22.31 -32.26
N ASP D 169 -54.68 -22.08 -33.51
CA ASP D 169 -55.50 -22.37 -34.67
C ASP D 169 -54.72 -23.24 -35.63
N VAL D 170 -55.45 -23.86 -36.57
CA VAL D 170 -54.80 -24.57 -37.65
C VAL D 170 -53.81 -23.64 -38.33
N GLY D 171 -52.59 -24.12 -38.56
CA GLY D 171 -51.53 -23.32 -39.11
C GLY D 171 -50.63 -22.66 -38.08
N SER D 172 -51.09 -22.55 -36.83
CA SER D 172 -50.26 -22.03 -35.76
C SER D 172 -49.01 -22.88 -35.58
N LYS D 173 -48.05 -22.34 -34.84
CA LYS D 173 -46.79 -23.00 -34.57
C LYS D 173 -46.67 -23.30 -33.07
N VAL D 174 -46.06 -24.45 -32.76
CA VAL D 174 -45.75 -24.84 -31.39
C VAL D 174 -44.25 -25.03 -31.30
N TYR D 175 -43.60 -24.27 -30.42
CA TYR D 175 -42.18 -24.42 -30.16
C TYR D 175 -41.99 -25.31 -28.93
N VAL D 176 -40.93 -26.13 -28.95
CA VAL D 176 -40.66 -27.06 -27.86
C VAL D 176 -39.18 -26.93 -27.47
N ASP D 177 -38.94 -26.77 -26.17
CA ASP D 177 -37.60 -26.74 -25.60
C ASP D 177 -36.82 -25.50 -26.02
N ASP D 178 -37.19 -24.34 -25.47
CA ASP D 178 -36.48 -23.08 -25.73
C ASP D 178 -36.33 -22.83 -27.23
N GLY D 179 -37.35 -23.19 -27.99
CA GLY D 179 -37.35 -22.98 -29.42
C GLY D 179 -36.55 -23.96 -30.24
N LEU D 180 -35.95 -24.97 -29.61
CA LEU D 180 -35.13 -25.93 -30.33
C LEU D 180 -35.93 -26.65 -31.42
N ILE D 181 -37.20 -26.93 -31.16
CA ILE D 181 -38.06 -27.67 -32.08
C ILE D 181 -39.31 -26.85 -32.37
N SER D 182 -39.73 -26.84 -33.63
CA SER D 182 -40.92 -26.11 -34.04
C SER D 182 -41.87 -27.05 -34.76
N LEU D 183 -43.15 -27.00 -34.38
CA LEU D 183 -44.21 -27.78 -34.97
C LEU D 183 -45.29 -26.86 -35.51
N GLN D 184 -45.98 -27.30 -36.55
CA GLN D 184 -47.07 -26.53 -37.14
C GLN D 184 -48.37 -27.31 -37.01
N VAL D 185 -49.42 -26.62 -36.57
CA VAL D 185 -50.71 -27.25 -36.31
C VAL D 185 -51.41 -27.52 -37.63
N LYS D 186 -51.51 -28.79 -38.02
CA LYS D 186 -52.22 -29.18 -39.23
C LYS D 186 -53.71 -29.40 -38.97
N GLN D 187 -54.04 -30.20 -37.97
CA GLN D 187 -55.42 -30.48 -37.62
C GLN D 187 -55.68 -30.13 -36.15
N LYS D 188 -56.95 -29.95 -35.83
CA LYS D 188 -57.38 -29.56 -34.49
C LYS D 188 -58.48 -30.50 -34.05
N GLY D 189 -58.38 -31.02 -32.83
CA GLY D 189 -59.34 -31.96 -32.31
C GLY D 189 -59.89 -31.53 -30.96
N PRO D 190 -60.72 -32.38 -30.35
CA PRO D 190 -61.27 -32.03 -29.04
C PRO D 190 -60.20 -31.84 -27.97
N ASP D 191 -59.29 -32.80 -27.84
CA ASP D 191 -58.24 -32.73 -26.83
C ASP D 191 -56.88 -33.08 -27.43
N PHE D 192 -56.67 -32.78 -28.71
CA PHE D 192 -55.41 -33.11 -29.34
C PHE D 192 -55.16 -32.16 -30.50
N LEU D 193 -53.90 -32.12 -30.93
CA LEU D 193 -53.46 -31.37 -32.10
C LEU D 193 -52.58 -32.28 -32.94
N VAL D 194 -52.82 -32.32 -34.25
CA VAL D 194 -51.95 -33.03 -35.18
C VAL D 194 -51.05 -32.00 -35.84
N THR D 195 -49.74 -32.16 -35.66
CA THR D 195 -48.78 -31.16 -36.12
C THR D 195 -47.74 -31.81 -37.00
N GLU D 196 -47.07 -30.98 -37.79
CA GLU D 196 -45.95 -31.39 -38.63
C GLU D 196 -44.65 -30.81 -38.06
N VAL D 197 -43.59 -31.61 -38.12
CA VAL D 197 -42.30 -31.21 -37.56
C VAL D 197 -41.59 -30.33 -38.58
N GLU D 198 -41.54 -29.03 -38.31
CA GLU D 198 -40.77 -28.11 -39.14
C GLU D 198 -39.29 -28.30 -38.88
N ASN D 199 -38.81 -27.79 -37.75
CA ASN D 199 -37.44 -28.05 -37.30
C ASN D 199 -37.45 -29.28 -36.40
N GLY D 200 -36.59 -30.24 -36.72
CA GLY D 200 -36.45 -31.44 -35.92
C GLY D 200 -35.34 -31.30 -34.88
N GLY D 201 -34.99 -32.45 -34.30
CA GLY D 201 -33.98 -32.51 -33.27
C GLY D 201 -34.38 -33.53 -32.23
N PHE D 202 -33.69 -33.48 -31.09
CA PHE D 202 -33.88 -34.44 -30.02
C PHE D 202 -34.84 -33.87 -28.97
N LEU D 203 -35.95 -34.55 -28.76
CA LEU D 203 -36.96 -34.14 -27.79
C LEU D 203 -36.73 -34.84 -26.46
N GLY D 204 -36.59 -34.07 -25.39
CA GLY D 204 -36.41 -34.59 -24.05
C GLY D 204 -37.71 -34.60 -23.26
N SER D 205 -37.57 -34.71 -21.95
CA SER D 205 -38.70 -34.81 -21.04
C SER D 205 -38.93 -33.48 -20.32
N LYS D 206 -40.19 -33.22 -20.02
CA LYS D 206 -40.60 -32.03 -19.28
C LYS D 206 -39.87 -30.78 -19.80
N LYS D 207 -40.03 -30.56 -21.09
CA LYS D 207 -39.44 -29.41 -21.77
C LYS D 207 -40.44 -28.26 -21.83
N GLY D 208 -39.90 -27.05 -21.99
CA GLY D 208 -40.75 -25.89 -22.13
C GLY D 208 -41.39 -25.83 -23.50
N VAL D 209 -42.62 -25.33 -23.53
CA VAL D 209 -43.37 -25.14 -24.76
C VAL D 209 -43.75 -23.67 -24.87
N ASN D 210 -43.57 -23.10 -26.06
CA ASN D 210 -43.94 -21.73 -26.34
C ASN D 210 -44.93 -21.71 -27.50
N LEU D 211 -45.94 -20.84 -27.40
CA LEU D 211 -46.99 -20.72 -28.40
C LEU D 211 -46.93 -19.32 -29.01
N PRO D 212 -46.16 -19.12 -30.08
CA PRO D 212 -45.98 -17.77 -30.63
C PRO D 212 -47.27 -17.24 -31.21
N GLY D 213 -47.61 -16.00 -30.85
CA GLY D 213 -48.81 -15.34 -31.33
C GLY D 213 -50.06 -15.64 -30.52
N ALA D 214 -50.08 -16.73 -29.77
CA ALA D 214 -51.28 -17.12 -29.04
C ALA D 214 -51.54 -16.17 -27.87
N ALA D 215 -52.81 -16.03 -27.53
CA ALA D 215 -53.21 -15.36 -26.29
C ALA D 215 -53.33 -16.45 -25.23
N VAL D 216 -52.21 -16.73 -24.56
CA VAL D 216 -52.18 -17.80 -23.56
C VAL D 216 -52.96 -17.36 -22.33
N ASP D 217 -53.95 -18.17 -21.94
CA ASP D 217 -54.83 -17.82 -20.84
C ASP D 217 -54.40 -18.46 -19.51
N LEU D 218 -53.16 -18.92 -19.42
CA LEU D 218 -52.63 -19.35 -18.13
C LEU D 218 -52.85 -18.24 -17.12
N PRO D 219 -52.94 -18.56 -15.82
CA PRO D 219 -53.13 -17.51 -14.82
C PRO D 219 -51.91 -16.62 -14.71
N ALA D 220 -52.09 -15.47 -14.04
CA ALA D 220 -50.99 -14.55 -13.86
C ALA D 220 -49.87 -15.16 -13.04
N VAL D 221 -50.22 -15.90 -12.00
CA VAL D 221 -49.25 -16.54 -11.12
C VAL D 221 -49.60 -18.01 -10.98
N SER D 222 -48.58 -18.86 -10.98
CA SER D 222 -48.77 -20.26 -10.63
C SER D 222 -48.92 -20.39 -9.13
N GLU D 223 -49.38 -21.56 -8.69
CA GLU D 223 -49.47 -21.82 -7.26
C GLU D 223 -48.11 -21.70 -6.60
N LYS D 224 -47.04 -22.04 -7.33
CA LYS D 224 -45.69 -21.87 -6.79
C LYS D 224 -45.32 -20.40 -6.67
N ASP D 225 -45.71 -19.59 -7.65
CA ASP D 225 -45.43 -18.15 -7.56
C ASP D 225 -46.01 -17.56 -6.29
N ILE D 226 -47.23 -17.97 -5.92
CA ILE D 226 -47.90 -17.41 -4.76
C ILE D 226 -47.09 -17.70 -3.49
N GLN D 227 -46.58 -18.92 -3.36
CA GLN D 227 -45.72 -19.24 -2.22
C GLN D 227 -44.45 -18.40 -2.25
N ASP D 228 -43.81 -18.30 -3.41
CA ASP D 228 -42.58 -17.54 -3.53
C ASP D 228 -42.81 -16.06 -3.24
N LEU D 229 -43.91 -15.51 -3.75
CA LEU D 229 -44.24 -14.11 -3.46
C LEU D 229 -44.43 -13.89 -1.96
N LYS D 230 -45.12 -14.81 -1.29
CA LYS D 230 -45.24 -14.70 0.16
C LYS D 230 -43.89 -14.84 0.83
N PHE D 231 -43.06 -15.76 0.35
CA PHE D 231 -41.68 -15.86 0.84
C PHE D 231 -40.96 -14.53 0.68
N GLY D 232 -41.09 -13.90 -0.49
CA GLY D 232 -40.43 -12.62 -0.72
C GLY D 232 -40.90 -11.53 0.21
N VAL D 233 -42.19 -11.53 0.56
CA VAL D 233 -42.68 -10.58 1.56
C VAL D 233 -41.98 -10.84 2.90
N GLU D 234 -41.99 -12.10 3.36
CA GLU D 234 -41.31 -12.46 4.59
C GLU D 234 -39.88 -11.96 4.61
N GLN D 235 -39.16 -12.19 3.51
CA GLN D 235 -37.74 -11.86 3.41
C GLN D 235 -37.48 -10.39 3.08
N ASP D 236 -38.53 -9.58 2.94
CA ASP D 236 -38.40 -8.13 2.79
C ASP D 236 -37.68 -7.75 1.50
N VAL D 237 -37.94 -8.49 0.42
CA VAL D 237 -37.33 -8.15 -0.85
C VAL D 237 -37.79 -6.75 -1.28
N ASP D 238 -36.97 -6.11 -2.10
CA ASP D 238 -37.23 -4.74 -2.53
C ASP D 238 -38.05 -4.66 -3.80
N MET D 239 -37.97 -5.67 -4.66
CA MET D 239 -38.68 -5.64 -5.94
C MET D 239 -38.95 -7.06 -6.40
N VAL D 240 -39.94 -7.20 -7.26
CA VAL D 240 -40.36 -8.48 -7.82
C VAL D 240 -40.32 -8.38 -9.34
N PHE D 241 -39.60 -9.30 -9.97
CA PHE D 241 -39.59 -9.41 -11.42
C PHE D 241 -40.63 -10.47 -11.80
N ALA D 242 -41.82 -10.01 -12.20
CA ALA D 242 -42.94 -10.92 -12.47
C ALA D 242 -42.87 -11.41 -13.91
N SER D 243 -42.97 -12.72 -14.08
CA SER D 243 -42.71 -13.37 -15.36
C SER D 243 -43.97 -13.48 -16.21
N PHE D 244 -43.77 -13.44 -17.53
CA PHE D 244 -44.80 -13.76 -18.50
C PHE D 244 -46.02 -12.86 -18.35
N ILE D 245 -45.78 -11.58 -18.07
CA ILE D 245 -46.86 -10.61 -17.96
C ILE D 245 -47.38 -10.28 -19.35
N ARG D 246 -48.67 -10.55 -19.57
CA ARG D 246 -49.28 -10.39 -20.89
C ARG D 246 -50.30 -9.27 -20.96
N LYS D 247 -50.77 -8.76 -19.82
CA LYS D 247 -51.85 -7.79 -19.82
C LYS D 247 -51.86 -7.09 -18.47
N ALA D 248 -52.50 -5.91 -18.44
CA ALA D 248 -52.59 -5.15 -17.20
C ALA D 248 -53.15 -6.00 -16.06
N ALA D 249 -54.11 -6.88 -16.37
CA ALA D 249 -54.72 -7.70 -15.33
C ALA D 249 -53.68 -8.55 -14.62
N ASP D 250 -52.72 -9.10 -15.37
CA ASP D 250 -51.67 -9.91 -14.75
C ASP D 250 -50.93 -9.12 -13.68
N VAL D 251 -50.64 -7.84 -13.97
CA VAL D 251 -49.93 -7.02 -13.00
C VAL D 251 -50.78 -6.81 -11.75
N HIS D 252 -52.05 -6.46 -11.94
CA HIS D 252 -52.95 -6.26 -10.79
C HIS D 252 -53.01 -7.51 -9.94
N GLU D 253 -52.95 -8.69 -10.56
CA GLU D 253 -53.00 -9.94 -9.80
C GLU D 253 -51.74 -10.10 -8.95
N VAL D 254 -50.57 -9.80 -9.51
CA VAL D 254 -49.36 -9.81 -8.69
C VAL D 254 -49.46 -8.79 -7.56
N ARG D 255 -50.02 -7.61 -7.86
CA ARG D 255 -50.24 -6.64 -6.80
C ARG D 255 -51.13 -7.19 -5.71
N LYS D 256 -52.22 -7.87 -6.10
CA LYS D 256 -53.12 -8.50 -5.15
C LYS D 256 -52.35 -9.45 -4.23
N ILE D 257 -51.64 -10.42 -4.83
CA ILE D 257 -50.94 -11.44 -4.04
C ILE D 257 -49.99 -10.78 -3.05
N LEU D 258 -49.19 -9.81 -3.50
CA LEU D 258 -48.31 -9.10 -2.59
C LEU D 258 -49.10 -8.36 -1.51
N GLY D 259 -50.29 -7.87 -1.85
CA GLY D 259 -51.24 -7.30 -0.94
C GLY D 259 -50.74 -6.12 -0.13
N GLU D 260 -51.42 -5.91 1.00
CA GLU D 260 -51.18 -4.74 1.84
C GLU D 260 -49.79 -4.77 2.47
N LYS D 261 -49.30 -5.94 2.85
CA LYS D 261 -48.00 -6.00 3.51
C LYS D 261 -46.84 -5.83 2.53
N GLY D 262 -47.06 -6.14 1.27
CA GLY D 262 -46.04 -5.95 0.26
C GLY D 262 -46.34 -4.80 -0.69
N LYS D 263 -47.18 -3.86 -0.23
CA LYS D 263 -47.62 -2.79 -1.10
C LYS D 263 -46.48 -1.88 -1.56
N ASN D 264 -45.34 -1.92 -0.89
CA ASN D 264 -44.21 -1.06 -1.24
C ASN D 264 -43.12 -1.78 -2.01
N ILE D 265 -43.29 -3.07 -2.28
CA ILE D 265 -42.35 -3.80 -3.14
C ILE D 265 -42.70 -3.50 -4.60
N LYS D 266 -41.70 -3.09 -5.37
CA LYS D 266 -41.93 -2.64 -6.74
C LYS D 266 -42.10 -3.82 -7.68
N ILE D 267 -43.05 -3.69 -8.61
CA ILE D 267 -43.41 -4.77 -9.53
C ILE D 267 -42.83 -4.44 -10.90
N ILE D 268 -41.82 -5.20 -11.31
CA ILE D 268 -41.23 -5.09 -12.64
C ILE D 268 -41.83 -6.19 -13.50
N SER D 269 -42.57 -5.79 -14.53
CA SER D 269 -43.17 -6.76 -15.43
C SER D 269 -42.16 -7.20 -16.48
N LYS D 270 -41.99 -8.52 -16.62
CA LYS D 270 -41.13 -9.09 -17.66
C LYS D 270 -41.96 -9.28 -18.93
N ILE D 271 -41.57 -8.57 -19.99
CA ILE D 271 -42.22 -8.71 -21.30
C ILE D 271 -41.53 -9.85 -22.03
N GLU D 272 -42.30 -10.89 -22.38
CA GLU D 272 -41.73 -12.15 -22.83
C GLU D 272 -42.29 -12.73 -24.12
N ASN D 273 -43.40 -12.21 -24.64
CA ASN D 273 -44.02 -12.81 -25.82
C ASN D 273 -44.73 -11.73 -26.62
N HIS D 274 -45.41 -12.17 -27.69
CA HIS D 274 -46.07 -11.22 -28.60
C HIS D 274 -47.11 -10.39 -27.87
N GLU D 275 -48.01 -11.04 -27.13
CA GLU D 275 -49.07 -10.31 -26.46
C GLU D 275 -48.52 -9.27 -25.51
N GLY D 276 -47.44 -9.60 -24.79
CA GLY D 276 -46.82 -8.63 -23.91
C GLY D 276 -46.37 -7.38 -24.65
N VAL D 277 -45.73 -7.56 -25.81
CA VAL D 277 -45.34 -6.41 -26.62
C VAL D 277 -46.57 -5.67 -27.10
N ARG D 278 -47.54 -6.39 -27.67
CA ARG D 278 -48.70 -5.75 -28.28
C ARG D 278 -49.53 -4.97 -27.26
N ARG D 279 -49.61 -5.45 -26.01
CA ARG D 279 -50.36 -4.78 -24.97
C ARG D 279 -49.47 -4.01 -24.00
N PHE D 280 -48.33 -3.52 -24.49
CA PHE D 280 -47.32 -2.97 -23.58
C PHE D 280 -47.84 -1.72 -22.86
N ASP D 281 -48.59 -0.87 -23.55
CA ASP D 281 -48.99 0.40 -22.95
C ASP D 281 -49.74 0.19 -21.64
N GLU D 282 -50.72 -0.73 -21.64
CA GLU D 282 -51.49 -0.96 -20.42
C GLU D 282 -50.65 -1.67 -19.37
N ILE D 283 -49.76 -2.57 -19.80
CA ILE D 283 -48.83 -3.20 -18.86
C ILE D 283 -47.95 -2.16 -18.19
N LEU D 284 -47.38 -1.26 -18.99
CA LEU D 284 -46.54 -0.21 -18.43
C LEU D 284 -47.30 0.63 -17.41
N GLU D 285 -48.53 1.00 -17.75
CA GLU D 285 -49.31 1.86 -16.86
C GLU D 285 -49.48 1.21 -15.49
N ALA D 286 -49.68 -0.10 -15.46
CA ALA D 286 -49.96 -0.79 -14.20
C ALA D 286 -48.71 -1.15 -13.41
N SER D 287 -47.55 -1.15 -14.05
CA SER D 287 -46.33 -1.67 -13.45
C SER D 287 -45.50 -0.54 -12.82
N ASP D 288 -44.58 -0.95 -11.95
CA ASP D 288 -43.59 -0.03 -11.41
C ASP D 288 -42.37 0.08 -12.33
N GLY D 289 -42.09 -0.97 -13.09
CA GLY D 289 -40.97 -0.99 -14.01
C GLY D 289 -41.16 -2.13 -14.98
N ILE D 290 -40.19 -2.25 -15.90
CA ILE D 290 -40.28 -3.20 -16.99
C ILE D 290 -38.94 -3.88 -17.17
N MET D 291 -38.97 -5.19 -17.44
CA MET D 291 -37.80 -5.91 -17.90
C MET D 291 -38.02 -6.37 -19.33
N VAL D 292 -37.05 -6.07 -20.20
CA VAL D 292 -37.03 -6.63 -21.54
C VAL D 292 -36.38 -8.01 -21.45
N ALA D 293 -37.21 -9.05 -21.32
CA ALA D 293 -36.71 -10.41 -21.13
C ALA D 293 -36.34 -10.98 -22.51
N ARG D 294 -35.20 -10.49 -23.02
CA ARG D 294 -34.83 -10.79 -24.41
C ARG D 294 -34.65 -12.28 -24.65
N GLY D 295 -34.21 -13.03 -23.64
CA GLY D 295 -34.07 -14.46 -23.77
C GLY D 295 -35.37 -15.16 -24.15
N ASP D 296 -36.40 -15.03 -23.31
CA ASP D 296 -37.68 -15.66 -23.63
C ASP D 296 -38.37 -14.96 -24.79
N LEU D 297 -38.19 -13.64 -24.93
CA LEU D 297 -38.79 -12.92 -26.05
C LEU D 297 -38.27 -13.45 -27.38
N GLY D 298 -36.96 -13.70 -27.47
CA GLY D 298 -36.36 -14.23 -28.69
C GLY D 298 -36.78 -15.64 -29.01
N ILE D 299 -37.35 -16.37 -28.04
CA ILE D 299 -37.92 -17.67 -28.33
C ILE D 299 -39.33 -17.51 -28.91
N GLU D 300 -40.10 -16.55 -28.39
CA GLU D 300 -41.48 -16.37 -28.82
C GLU D 300 -41.56 -15.65 -30.17
N ILE D 301 -40.84 -14.54 -30.31
CA ILE D 301 -40.87 -13.75 -31.54
C ILE D 301 -39.59 -14.02 -32.33
N PRO D 302 -39.56 -13.72 -33.62
CA PRO D 302 -38.33 -13.92 -34.40
C PRO D 302 -37.16 -13.15 -33.78
N ALA D 303 -36.00 -13.80 -33.74
CA ALA D 303 -34.84 -13.21 -33.07
C ALA D 303 -34.47 -11.86 -33.68
N GLU D 304 -34.53 -11.75 -35.01
CA GLU D 304 -34.15 -10.51 -35.68
C GLU D 304 -35.07 -9.35 -35.36
N LYS D 305 -36.20 -9.59 -34.69
CA LYS D 305 -37.12 -8.53 -34.29
C LYS D 305 -36.92 -8.08 -32.85
N VAL D 306 -36.07 -8.76 -32.08
CA VAL D 306 -35.96 -8.48 -30.65
C VAL D 306 -35.53 -7.04 -30.43
N PHE D 307 -34.64 -6.51 -31.28
CA PHE D 307 -34.15 -5.16 -31.05
C PHE D 307 -35.24 -4.13 -31.22
N LEU D 308 -36.24 -4.40 -32.05
CA LEU D 308 -37.38 -3.50 -32.17
C LEU D 308 -38.13 -3.40 -30.85
N ALA D 309 -38.46 -4.55 -30.25
CA ALA D 309 -39.14 -4.54 -28.96
C ALA D 309 -38.31 -3.84 -27.90
N GLN D 310 -37.01 -4.15 -27.84
CA GLN D 310 -36.15 -3.51 -26.85
C GLN D 310 -36.20 -1.99 -26.98
N LYS D 311 -35.94 -1.47 -28.18
CA LYS D 311 -35.91 -0.02 -28.35
C LYS D 311 -37.29 0.59 -28.12
N MET D 312 -38.34 -0.07 -28.60
CA MET D 312 -39.69 0.43 -28.34
C MET D 312 -39.96 0.51 -26.85
N ILE D 313 -39.66 -0.56 -26.11
CA ILE D 313 -40.00 -0.61 -24.70
C ILE D 313 -39.18 0.40 -23.91
N ILE D 314 -37.87 0.47 -24.16
CA ILE D 314 -37.04 1.42 -23.44
C ILE D 314 -37.52 2.85 -23.70
N GLY D 315 -37.86 3.14 -24.96
CA GLY D 315 -38.32 4.48 -25.29
C GLY D 315 -39.57 4.87 -24.53
N ARG D 316 -40.58 3.99 -24.53
CA ARG D 316 -41.82 4.31 -23.84
C ARG D 316 -41.62 4.36 -22.33
N CYS D 317 -40.73 3.52 -21.79
CA CYS D 317 -40.40 3.61 -20.37
C CYS D 317 -39.75 4.94 -20.03
N ASN D 318 -38.76 5.37 -20.82
CA ASN D 318 -38.14 6.68 -20.61
C ASN D 318 -39.20 7.78 -20.67
N ARG D 319 -40.09 7.70 -21.66
CA ARG D 319 -41.16 8.68 -21.79
C ARG D 319 -41.99 8.78 -20.52
N ALA D 320 -42.36 7.63 -19.94
CA ALA D 320 -43.15 7.62 -18.73
C ALA D 320 -42.32 7.83 -17.47
N GLY D 321 -41.00 7.77 -17.57
CA GLY D 321 -40.18 7.87 -16.38
C GLY D 321 -40.29 6.66 -15.48
N LYS D 322 -40.52 5.47 -16.05
CA LYS D 322 -40.56 4.26 -15.27
C LYS D 322 -39.33 3.40 -15.57
N PRO D 323 -38.76 2.77 -14.55
CA PRO D 323 -37.50 2.04 -14.76
C PRO D 323 -37.66 0.93 -15.78
N VAL D 324 -36.64 0.74 -16.59
CA VAL D 324 -36.60 -0.34 -17.57
C VAL D 324 -35.28 -1.08 -17.45
N ILE D 325 -35.33 -2.40 -17.54
CA ILE D 325 -34.15 -3.26 -17.43
C ILE D 325 -33.92 -3.97 -18.76
N CYS D 326 -32.68 -3.98 -19.21
CA CYS D 326 -32.27 -4.80 -20.34
C CYS D 326 -31.55 -6.03 -19.80
N ALA D 327 -31.96 -7.21 -20.25
CA ALA D 327 -31.48 -8.45 -19.66
C ALA D 327 -31.14 -9.47 -20.74
N THR D 328 -30.27 -10.42 -20.35
CA THR D 328 -30.08 -11.71 -21.00
C THR D 328 -28.99 -11.71 -22.06
N GLN D 329 -27.92 -12.47 -21.79
CA GLN D 329 -26.85 -12.75 -22.75
C GLN D 329 -26.07 -11.49 -23.12
N MET D 330 -26.08 -10.48 -22.26
CA MET D 330 -25.36 -9.24 -22.58
C MET D 330 -23.86 -9.50 -22.69
N LEU D 331 -23.33 -10.39 -21.86
CA LEU D 331 -21.92 -10.77 -21.87
C LEU D 331 -21.77 -12.28 -21.85
N GLU D 332 -22.61 -12.97 -22.63
CA GLU D 332 -22.74 -14.42 -22.50
C GLU D 332 -21.38 -15.12 -22.56
N SER D 333 -20.54 -14.75 -23.53
CA SER D 333 -19.26 -15.44 -23.72
C SER D 333 -18.39 -15.38 -22.48
N MET D 334 -18.65 -14.45 -21.56
CA MET D 334 -17.85 -14.33 -20.35
C MET D 334 -18.19 -15.38 -19.29
N ILE D 335 -19.16 -16.26 -19.57
CA ILE D 335 -19.37 -17.42 -18.71
C ILE D 335 -18.14 -18.31 -18.71
N LYS D 336 -17.46 -18.43 -19.86
CA LYS D 336 -16.28 -19.26 -20.00
C LYS D 336 -15.01 -18.47 -20.32
N LYS D 337 -15.11 -17.16 -20.56
CA LYS D 337 -13.93 -16.39 -20.92
C LYS D 337 -13.86 -15.13 -20.07
N PRO D 338 -12.65 -14.64 -19.80
CA PRO D 338 -12.48 -13.42 -18.99
C PRO D 338 -12.60 -12.11 -19.75
N ARG D 339 -12.79 -12.15 -21.06
CA ARG D 339 -13.02 -10.95 -21.87
C ARG D 339 -14.19 -11.20 -22.81
N PRO D 340 -15.02 -10.19 -23.06
CA PRO D 340 -16.20 -10.38 -23.89
C PRO D 340 -15.89 -10.22 -25.37
N THR D 341 -16.83 -10.66 -26.20
CA THR D 341 -16.73 -10.43 -27.62
C THR D 341 -17.06 -8.97 -27.94
N ARG D 342 -16.79 -8.58 -29.20
CA ARG D 342 -17.07 -7.21 -29.61
C ARG D 342 -18.57 -6.96 -29.72
N ALA D 343 -19.33 -7.95 -30.20
CA ALA D 343 -20.78 -7.81 -30.26
C ALA D 343 -21.37 -7.59 -28.86
N GLU D 344 -20.76 -8.19 -27.84
CA GLU D 344 -21.28 -8.08 -26.48
C GLU D 344 -20.99 -6.72 -25.86
N GLY D 345 -19.79 -6.19 -26.10
CA GLY D 345 -19.51 -4.82 -25.67
C GLY D 345 -20.37 -3.82 -26.40
N SER D 346 -20.62 -4.06 -27.69
CA SER D 346 -21.57 -3.25 -28.45
C SER D 346 -22.95 -3.31 -27.81
N ASP D 347 -23.45 -4.51 -27.54
CA ASP D 347 -24.80 -4.67 -27.01
C ASP D 347 -24.97 -3.91 -25.69
N VAL D 348 -23.99 -3.99 -24.79
CA VAL D 348 -24.11 -3.26 -23.53
C VAL D 348 -24.16 -1.77 -23.78
N ALA D 349 -23.25 -1.26 -24.61
CA ALA D 349 -23.20 0.18 -24.85
C ALA D 349 -24.48 0.68 -25.50
N ASN D 350 -24.99 -0.04 -26.49
CA ASN D 350 -26.23 0.36 -27.14
C ASN D 350 -27.42 0.22 -26.21
N ALA D 351 -27.35 -0.66 -25.21
CA ALA D 351 -28.40 -0.72 -24.20
C ALA D 351 -28.44 0.57 -23.40
N VAL D 352 -27.27 1.10 -23.05
CA VAL D 352 -27.21 2.36 -22.32
C VAL D 352 -27.62 3.51 -23.21
N LEU D 353 -27.16 3.51 -24.46
CA LEU D 353 -27.55 4.55 -25.41
C LEU D 353 -29.05 4.52 -25.67
N ASP D 354 -29.65 3.33 -25.68
CA ASP D 354 -31.10 3.23 -25.82
C ASP D 354 -31.83 3.97 -24.71
N GLY D 355 -31.33 3.85 -23.48
CA GLY D 355 -31.92 4.54 -22.34
C GLY D 355 -32.23 3.65 -21.15
N ALA D 356 -31.71 2.42 -21.17
CA ALA D 356 -32.01 1.46 -20.12
C ALA D 356 -31.53 1.97 -18.77
N ASP D 357 -32.40 1.87 -17.76
CA ASP D 357 -32.03 2.27 -16.41
C ASP D 357 -31.02 1.30 -15.81
N CYS D 358 -31.21 0.00 -16.00
CA CYS D 358 -30.31 -1.02 -15.51
C CYS D 358 -29.99 -2.00 -16.61
N ILE D 359 -28.80 -2.60 -16.54
CA ILE D 359 -28.41 -3.73 -17.35
C ILE D 359 -28.20 -4.92 -16.44
N MET D 360 -28.43 -6.12 -16.97
CA MET D 360 -28.50 -7.31 -16.15
C MET D 360 -27.47 -8.34 -16.59
N LEU D 361 -27.04 -9.14 -15.63
CA LEU D 361 -26.23 -10.33 -15.87
C LEU D 361 -26.97 -11.53 -15.29
N SER D 362 -26.97 -12.64 -16.04
CA SER D 362 -27.66 -13.84 -15.59
C SER D 362 -26.60 -14.92 -15.39
N GLY D 363 -26.45 -15.84 -16.35
CA GLY D 363 -25.44 -16.87 -16.20
C GLY D 363 -24.05 -16.32 -15.94
N GLU D 364 -23.76 -15.11 -16.44
CA GLU D 364 -22.43 -14.56 -16.30
C GLU D 364 -22.01 -14.46 -14.84
N THR D 365 -22.96 -14.23 -13.93
CA THR D 365 -22.64 -14.15 -12.52
C THR D 365 -23.22 -15.29 -11.68
N ALA D 366 -24.23 -16.00 -12.19
CA ALA D 366 -24.86 -17.05 -11.41
C ALA D 366 -24.02 -18.32 -11.40
N LYS D 367 -23.40 -18.66 -12.54
CA LYS D 367 -22.68 -19.94 -12.63
C LYS D 367 -21.35 -19.87 -13.37
N GLY D 368 -21.04 -18.79 -14.08
CA GLY D 368 -19.85 -18.75 -14.91
C GLY D 368 -18.55 -18.60 -14.13
N ASP D 369 -17.44 -18.73 -14.85
CA ASP D 369 -16.11 -18.73 -14.25
C ASP D 369 -15.56 -17.34 -13.97
N TYR D 370 -16.18 -16.28 -14.48
CA TYR D 370 -15.65 -14.93 -14.35
C TYR D 370 -16.76 -13.96 -13.98
N PRO D 371 -17.44 -14.20 -12.87
CA PRO D 371 -18.52 -13.27 -12.46
C PRO D 371 -18.01 -11.87 -12.16
N LEU D 372 -16.83 -11.75 -11.54
CA LEU D 372 -16.31 -10.43 -11.22
C LEU D 372 -15.91 -9.67 -12.48
N GLU D 373 -15.38 -10.38 -13.48
CA GLU D 373 -14.99 -9.71 -14.72
C GLU D 373 -16.21 -9.24 -15.50
N ALA D 374 -17.31 -9.99 -15.46
CA ALA D 374 -18.54 -9.53 -16.11
C ALA D 374 -19.06 -8.26 -15.48
N VAL D 375 -19.07 -8.19 -14.14
CA VAL D 375 -19.54 -6.99 -13.46
C VAL D 375 -18.64 -5.80 -13.80
N ARG D 376 -17.33 -6.00 -13.76
CA ARG D 376 -16.41 -4.90 -14.02
C ARG D 376 -16.51 -4.40 -15.45
N MET D 377 -16.75 -5.31 -16.41
CA MET D 377 -16.87 -4.89 -17.80
C MET D 377 -18.11 -4.03 -18.01
N GLN D 378 -19.28 -4.54 -17.64
CA GLN D 378 -20.50 -3.74 -17.71
C GLN D 378 -20.32 -2.37 -17.09
N HIS D 379 -19.68 -2.32 -15.91
CA HIS D 379 -19.42 -1.04 -15.28
C HIS D 379 -18.62 -0.12 -16.19
N LEU D 380 -17.58 -0.66 -16.84
CA LEU D 380 -16.73 0.17 -17.69
C LEU D 380 -17.46 0.62 -18.94
N ILE D 381 -18.22 -0.28 -19.58
CA ILE D 381 -18.94 0.09 -20.80
C ILE D 381 -19.99 1.14 -20.49
N ALA D 382 -20.73 0.98 -19.39
CA ALA D 382 -21.82 1.89 -19.09
C ALA D 382 -21.32 3.32 -18.95
N ARG D 383 -20.19 3.52 -18.27
CA ARG D 383 -19.67 4.87 -18.10
C ARG D 383 -19.34 5.51 -19.45
N GLU D 384 -18.77 4.73 -20.37
CA GLU D 384 -18.47 5.27 -21.69
C GLU D 384 -19.76 5.57 -22.46
N ALA D 385 -20.73 4.66 -22.40
CA ALA D 385 -21.99 4.87 -23.10
C ALA D 385 -22.76 6.05 -22.51
N GLU D 386 -22.67 6.25 -21.20
CA GLU D 386 -23.42 7.33 -20.56
C GLU D 386 -22.95 8.70 -21.06
N ALA D 387 -21.64 8.86 -21.25
CA ALA D 387 -21.12 10.14 -21.74
C ALA D 387 -21.44 10.34 -23.22
N ALA D 388 -21.59 9.24 -23.97
CA ALA D 388 -21.86 9.29 -25.39
C ALA D 388 -23.33 9.55 -25.71
N MET D 389 -24.19 9.70 -24.71
CA MET D 389 -25.57 10.07 -24.98
C MET D 389 -25.62 11.50 -25.53
N PHE D 390 -26.70 11.78 -26.27
CA PHE D 390 -26.93 13.13 -26.81
C PHE D 390 -27.92 13.82 -25.89
N HIS D 391 -27.41 14.27 -24.73
CA HIS D 391 -28.29 14.75 -23.67
C HIS D 391 -29.19 15.88 -24.12
N ARG D 392 -28.65 16.87 -24.84
CA ARG D 392 -29.46 18.03 -25.20
C ARG D 392 -30.68 17.61 -26.02
N LYS D 393 -30.49 16.76 -27.03
CA LYS D 393 -31.62 16.25 -27.79
C LYS D 393 -32.54 15.42 -26.93
N LEU D 394 -31.96 14.50 -26.14
CA LEU D 394 -32.77 13.64 -25.26
C LEU D 394 -33.66 14.48 -24.36
N PHE D 395 -33.10 15.51 -23.72
CA PHE D 395 -33.90 16.35 -22.83
C PHE D 395 -35.05 17.00 -23.59
N GLU D 396 -34.77 17.59 -24.75
CA GLU D 396 -35.79 18.28 -25.52
C GLU D 396 -36.93 17.33 -25.90
N GLU D 397 -36.59 16.10 -26.29
CA GLU D 397 -37.61 15.18 -26.78
C GLU D 397 -38.42 14.59 -25.63
N LEU D 398 -37.80 14.38 -24.47
CA LEU D 398 -38.56 13.97 -23.28
C LEU D 398 -39.49 15.09 -22.83
N ALA D 399 -38.98 16.33 -22.78
CA ALA D 399 -39.85 17.46 -22.45
C ALA D 399 -40.99 17.58 -23.45
N ARG D 400 -40.71 17.33 -24.73
CA ARG D 400 -41.75 17.33 -25.75
C ARG D 400 -42.82 16.28 -25.44
N ALA D 401 -42.37 15.06 -25.09
CA ALA D 401 -43.30 13.96 -24.88
C ALA D 401 -44.21 14.19 -23.67
N SER D 402 -43.75 14.93 -22.68
CA SER D 402 -44.49 15.09 -21.43
C SER D 402 -45.14 16.47 -21.29
N SER D 403 -45.10 17.29 -22.35
CA SER D 403 -45.54 18.68 -22.22
C SER D 403 -47.03 18.81 -21.90
N HIS D 404 -47.81 17.74 -22.07
CA HIS D 404 -49.20 17.78 -21.63
C HIS D 404 -49.33 17.89 -20.12
N SER D 405 -48.26 17.57 -19.38
CA SER D 405 -48.26 17.58 -17.92
C SER D 405 -47.67 18.90 -17.43
N THR D 406 -48.36 19.53 -16.48
CA THR D 406 -47.86 20.74 -15.82
C THR D 406 -47.45 20.46 -14.38
N ASP D 407 -47.13 19.20 -14.07
CA ASP D 407 -46.79 18.81 -12.71
C ASP D 407 -45.67 19.68 -12.14
N LEU D 408 -45.84 20.09 -10.88
CA LEU D 408 -44.88 21.00 -10.26
C LEU D 408 -43.52 20.35 -10.05
N MET D 409 -43.50 19.08 -9.61
CA MET D 409 -42.21 18.42 -9.42
C MET D 409 -41.48 18.24 -10.75
N GLU D 410 -42.20 17.82 -11.80
CA GLU D 410 -41.59 17.76 -13.12
C GLU D 410 -40.94 19.09 -13.48
N ALA D 411 -41.62 20.20 -13.18
CA ALA D 411 -41.05 21.52 -13.45
C ALA D 411 -39.74 21.70 -12.70
N MET D 412 -39.72 21.36 -11.40
CA MET D 412 -38.50 21.46 -10.61
C MET D 412 -37.41 20.55 -11.17
N ALA D 413 -37.77 19.34 -11.58
CA ALA D 413 -36.79 18.43 -12.16
C ALA D 413 -36.22 19.00 -13.45
N MET D 414 -37.10 19.45 -14.35
CA MET D 414 -36.65 19.94 -15.65
C MET D 414 -35.78 21.18 -15.50
N GLY D 415 -36.17 22.10 -14.62
CA GLY D 415 -35.35 23.28 -14.38
C GLY D 415 -34.01 22.93 -13.77
N SER D 416 -33.99 21.96 -12.85
CA SER D 416 -32.74 21.57 -12.22
C SER D 416 -31.82 20.85 -13.21
N VAL D 417 -32.37 19.94 -14.00
CA VAL D 417 -31.56 19.27 -15.02
C VAL D 417 -31.08 20.27 -16.05
N GLU D 418 -31.95 21.22 -16.43
CA GLU D 418 -31.53 22.29 -17.34
C GLU D 418 -30.37 23.08 -16.75
N ALA D 419 -30.44 23.39 -15.45
CA ALA D 419 -29.36 24.14 -14.81
C ALA D 419 -28.08 23.34 -14.76
N SER D 420 -28.17 22.04 -14.45
CA SER D 420 -26.96 21.22 -14.39
C SER D 420 -26.28 21.15 -15.75
N TYR D 421 -27.06 21.14 -16.84
CA TYR D 421 -26.48 21.27 -18.17
C TYR D 421 -25.73 22.58 -18.31
N LYS D 422 -26.38 23.69 -17.96
CA LYS D 422 -25.83 25.01 -18.25
C LYS D 422 -24.48 25.22 -17.57
N CYS D 423 -24.42 24.99 -16.25
CA CYS D 423 -23.19 25.21 -15.49
C CYS D 423 -22.33 23.95 -15.39
N LEU D 424 -22.65 22.90 -16.15
CA LEU D 424 -21.91 21.65 -16.08
C LEU D 424 -21.72 21.21 -14.63
N ALA D 425 -22.83 21.20 -13.89
CA ALA D 425 -22.77 20.84 -12.48
C ALA D 425 -22.20 19.43 -12.31
N ALA D 426 -21.57 19.20 -11.16
CA ALA D 426 -20.94 17.92 -10.89
C ALA D 426 -21.91 16.88 -10.36
N ALA D 427 -23.09 17.30 -9.88
CA ALA D 427 -24.09 16.38 -9.36
C ALA D 427 -25.34 17.16 -9.04
N LEU D 428 -26.42 16.42 -8.75
CA LEU D 428 -27.65 16.98 -8.21
C LEU D 428 -27.95 16.28 -6.90
N ILE D 429 -27.98 17.05 -5.82
CA ILE D 429 -28.31 16.51 -4.50
C ILE D 429 -29.80 16.67 -4.28
N VAL D 430 -30.50 15.56 -4.04
CA VAL D 430 -31.94 15.54 -3.83
C VAL D 430 -32.22 14.91 -2.48
N LEU D 431 -32.90 15.64 -1.62
CA LEU D 431 -33.38 15.11 -0.35
C LEU D 431 -34.80 14.58 -0.55
N THR D 432 -34.99 13.29 -0.33
CA THR D 432 -36.29 12.67 -0.56
C THR D 432 -36.45 11.48 0.38
N GLU D 433 -37.64 11.33 0.94
CA GLU D 433 -37.94 10.15 1.76
C GLU D 433 -38.58 9.05 0.94
N SER D 434 -39.60 9.38 0.14
CA SER D 434 -40.19 8.38 -0.73
C SER D 434 -39.31 8.10 -1.94
N GLY D 435 -38.51 9.09 -2.36
CA GLY D 435 -37.72 9.01 -3.56
C GLY D 435 -38.33 9.70 -4.77
N ARG D 436 -39.59 10.14 -4.67
CA ARG D 436 -40.29 10.65 -5.85
C ARG D 436 -39.55 11.82 -6.49
N SER D 437 -39.06 12.76 -5.69
CA SER D 437 -38.35 13.90 -6.27
C SER D 437 -37.11 13.46 -7.02
N ALA D 438 -36.35 12.52 -6.46
CA ALA D 438 -35.16 12.02 -7.15
C ALA D 438 -35.55 11.29 -8.44
N HIS D 439 -36.65 10.54 -8.42
CA HIS D 439 -37.08 9.83 -9.61
C HIS D 439 -37.37 10.79 -10.76
N GLN D 440 -38.07 11.90 -10.47
CA GLN D 440 -38.38 12.87 -11.52
C GLN D 440 -37.12 13.51 -12.09
N VAL D 441 -36.09 13.69 -11.27
CA VAL D 441 -34.83 14.23 -11.81
C VAL D 441 -34.18 13.21 -12.74
N ALA D 442 -34.16 11.94 -12.33
CA ALA D 442 -33.56 10.91 -13.19
C ALA D 442 -34.33 10.76 -14.49
N ARG D 443 -35.64 11.01 -14.47
CA ARG D 443 -36.47 10.85 -15.65
C ARG D 443 -36.04 11.77 -16.78
N TYR D 444 -35.51 12.95 -16.47
CA TYR D 444 -35.09 13.90 -17.49
C TYR D 444 -33.59 13.84 -17.75
N ARG D 445 -32.91 12.79 -17.28
CA ARG D 445 -31.62 12.34 -17.78
C ARG D 445 -30.53 13.40 -17.73
N PRO D 446 -30.18 13.91 -16.55
CA PRO D 446 -28.95 14.69 -16.45
C PRO D 446 -27.76 13.81 -16.76
N ARG D 447 -26.64 14.44 -17.11
CA ARG D 447 -25.43 13.64 -17.23
C ARG D 447 -24.73 13.50 -15.89
N ALA D 448 -24.96 14.44 -14.98
CA ALA D 448 -24.36 14.39 -13.66
C ALA D 448 -25.09 13.38 -12.78
N PRO D 449 -24.39 12.76 -11.84
CA PRO D 449 -25.05 11.80 -10.93
C PRO D 449 -25.97 12.51 -9.94
N ILE D 450 -27.04 11.82 -9.57
CA ILE D 450 -28.00 12.30 -8.60
C ILE D 450 -27.72 11.63 -7.27
N ILE D 451 -27.23 12.40 -6.30
CA ILE D 451 -27.00 11.90 -4.96
C ILE D 451 -28.29 12.11 -4.18
N ALA D 452 -28.99 11.02 -3.87
CA ALA D 452 -30.27 11.06 -3.18
C ALA D 452 -30.06 10.65 -1.72
N VAL D 453 -30.34 11.58 -0.80
CA VAL D 453 -30.23 11.33 0.63
C VAL D 453 -31.62 10.96 1.16
N THR D 454 -31.74 9.79 1.75
CA THR D 454 -32.98 9.32 2.33
C THR D 454 -32.71 8.73 3.69
N ARG D 455 -33.65 8.91 4.61
CA ARG D 455 -33.65 8.16 5.86
C ARG D 455 -34.46 6.88 5.75
N ASN D 456 -34.99 6.60 4.57
CA ASN D 456 -35.78 5.40 4.30
C ASN D 456 -34.88 4.38 3.61
N HIS D 457 -34.54 3.30 4.33
CA HIS D 457 -33.59 2.33 3.81
C HIS D 457 -34.11 1.65 2.55
N GLN D 458 -35.41 1.40 2.49
CA GLN D 458 -35.97 0.75 1.31
C GLN D 458 -35.97 1.69 0.11
N THR D 459 -36.35 2.95 0.31
CA THR D 459 -36.22 3.96 -0.73
C THR D 459 -34.83 3.90 -1.35
N ALA D 460 -33.80 3.81 -0.50
CA ALA D 460 -32.43 3.77 -0.99
C ALA D 460 -32.19 2.55 -1.87
N ARG D 461 -32.61 1.38 -1.39
CA ARG D 461 -32.38 0.16 -2.17
C ARG D 461 -33.15 0.21 -3.49
N GLN D 462 -34.41 0.64 -3.46
CA GLN D 462 -35.20 0.72 -4.69
C GLN D 462 -34.69 1.79 -5.65
N ALA D 463 -33.85 2.72 -5.16
CA ALA D 463 -33.36 3.79 -6.02
C ALA D 463 -32.52 3.27 -7.19
N HIS D 464 -31.95 2.07 -7.07
CA HIS D 464 -31.09 1.54 -8.12
C HIS D 464 -31.84 1.27 -9.41
N LEU D 465 -33.16 1.32 -9.42
CA LEU D 465 -33.93 1.08 -10.62
C LEU D 465 -33.97 2.29 -11.56
N TYR D 466 -33.58 3.47 -11.08
CA TYR D 466 -33.64 4.70 -11.87
C TYR D 466 -32.22 5.13 -12.22
N ARG D 467 -32.00 5.42 -13.50
CA ARG D 467 -30.68 5.82 -13.98
C ARG D 467 -30.17 7.04 -13.22
N GLY D 468 -28.95 6.92 -12.67
CA GLY D 468 -28.25 8.06 -12.15
C GLY D 468 -28.48 8.39 -10.68
N ILE D 469 -29.35 7.65 -9.99
CA ILE D 469 -29.61 7.92 -8.58
C ILE D 469 -28.64 7.12 -7.72
N PHE D 470 -27.76 7.83 -7.01
CA PHE D 470 -26.86 7.25 -6.03
C PHE D 470 -27.51 7.38 -4.66
N PRO D 471 -28.09 6.31 -4.10
CA PRO D 471 -28.74 6.44 -2.80
C PRO D 471 -27.73 6.56 -1.68
N VAL D 472 -28.02 7.45 -0.73
CA VAL D 472 -27.23 7.61 0.48
C VAL D 472 -28.19 7.60 1.66
N VAL D 473 -27.95 6.70 2.61
CA VAL D 473 -28.79 6.58 3.80
C VAL D 473 -28.25 7.50 4.88
N CYS D 474 -29.11 8.35 5.41
CA CYS D 474 -28.78 9.18 6.56
C CYS D 474 -29.31 8.50 7.82
N LYS D 475 -28.43 8.28 8.79
CA LYS D 475 -28.78 7.59 10.02
C LYS D 475 -28.81 8.51 11.23
N ASP D 476 -28.69 9.82 11.02
CA ASP D 476 -28.77 10.76 12.14
C ASP D 476 -30.24 11.07 12.46
N PRO D 477 -30.57 11.26 13.73
CA PRO D 477 -31.95 11.61 14.09
C PRO D 477 -32.36 12.92 13.44
N VAL D 478 -33.66 13.05 13.19
CA VAL D 478 -34.17 14.26 12.56
C VAL D 478 -33.92 15.45 13.47
N GLN D 479 -33.13 16.41 13.00
CA GLN D 479 -32.93 17.64 13.74
C GLN D 479 -34.24 18.40 13.86
N GLU D 480 -34.43 19.07 15.00
CA GLU D 480 -35.68 19.77 15.25
C GLU D 480 -35.82 21.00 14.37
N ALA D 481 -34.73 21.72 14.15
CA ALA D 481 -34.73 22.88 13.27
C ALA D 481 -34.60 22.40 11.83
N TRP D 482 -35.64 22.62 11.03
CA TRP D 482 -35.66 22.12 9.65
C TRP D 482 -34.42 22.54 8.89
N ALA D 483 -34.09 23.84 8.92
CA ALA D 483 -32.91 24.33 8.21
C ALA D 483 -31.67 23.52 8.55
N GLU D 484 -31.47 23.22 9.84
CA GLU D 484 -30.31 22.43 10.25
C GLU D 484 -30.42 21.00 9.76
N ASP D 485 -31.64 20.43 9.77
CA ASP D 485 -31.82 19.08 9.28
C ASP D 485 -31.53 18.98 7.79
N VAL D 486 -31.90 20.02 7.03
CA VAL D 486 -31.59 20.04 5.60
C VAL D 486 -30.08 20.13 5.40
N ASP D 487 -29.43 21.05 6.12
CA ASP D 487 -27.99 21.23 5.94
C ASP D 487 -27.22 19.98 6.36
N LEU D 488 -27.67 19.30 7.40
CA LEU D 488 -27.04 18.06 7.81
C LEU D 488 -26.99 17.07 6.64
N ARG D 489 -28.15 16.84 6.00
CA ARG D 489 -28.21 15.88 4.91
C ARG D 489 -27.44 16.37 3.68
N VAL D 490 -27.48 17.68 3.41
CA VAL D 490 -26.74 18.21 2.27
C VAL D 490 -25.25 17.99 2.45
N ASN D 491 -24.73 18.30 3.65
CA ASN D 491 -23.31 18.08 3.89
C ASN D 491 -22.96 16.59 3.86
N LEU D 492 -23.90 15.72 4.21
CA LEU D 492 -23.67 14.29 4.04
C LEU D 492 -23.42 13.95 2.58
N ALA D 493 -24.29 14.44 1.69
CA ALA D 493 -24.08 14.23 0.26
C ALA D 493 -22.76 14.85 -0.19
N MET D 494 -22.45 16.06 0.29
CA MET D 494 -21.17 16.68 -0.05
C MET D 494 -20.00 15.77 0.32
N ASN D 495 -20.07 15.14 1.50
CA ASN D 495 -18.98 14.28 1.94
C ASN D 495 -18.91 13.00 1.11
N VAL D 496 -20.06 12.37 0.87
CA VAL D 496 -20.09 11.18 0.03
C VAL D 496 -19.50 11.49 -1.34
N GLY D 497 -19.94 12.58 -1.96
CA GLY D 497 -19.44 12.92 -3.28
C GLY D 497 -17.93 13.13 -3.31
N LYS D 498 -17.40 13.82 -2.30
CA LYS D 498 -15.96 14.01 -2.22
C LYS D 498 -15.24 12.68 -2.06
N ALA D 499 -15.73 11.84 -1.14
CA ALA D 499 -15.08 10.56 -0.89
C ALA D 499 -15.10 9.68 -2.15
N ARG D 500 -16.24 9.63 -2.84
CA ARG D 500 -16.37 8.81 -4.03
C ARG D 500 -15.63 9.39 -5.24
N GLY D 501 -15.14 10.62 -5.15
CA GLY D 501 -14.49 11.24 -6.29
C GLY D 501 -15.42 11.81 -7.33
N PHE D 502 -16.68 12.07 -6.98
CA PHE D 502 -17.61 12.67 -7.93
C PHE D 502 -17.33 14.16 -8.12
N PHE D 503 -16.82 14.83 -7.10
CA PHE D 503 -16.53 16.26 -7.18
C PHE D 503 -15.59 16.63 -6.04
N LYS D 504 -15.09 17.86 -6.10
CA LYS D 504 -14.17 18.36 -5.09
C LYS D 504 -14.49 19.81 -4.78
N LYS D 505 -13.84 20.32 -3.74
CA LYS D 505 -13.98 21.72 -3.35
C LYS D 505 -13.82 22.63 -4.57
N GLY D 506 -14.77 23.56 -4.72
CA GLY D 506 -14.77 24.47 -5.84
C GLY D 506 -15.66 24.06 -6.99
N ASP D 507 -16.00 22.78 -7.11
CA ASP D 507 -16.98 22.34 -8.08
C ASP D 507 -18.33 22.95 -7.74
N VAL D 508 -19.33 22.69 -8.59
CA VAL D 508 -20.67 23.25 -8.42
C VAL D 508 -21.68 22.11 -8.50
N VAL D 509 -22.69 22.16 -7.63
CA VAL D 509 -23.72 21.14 -7.60
C VAL D 509 -25.09 21.81 -7.53
N ILE D 510 -26.10 21.07 -8.00
CA ILE D 510 -27.49 21.50 -7.97
C ILE D 510 -28.14 20.80 -6.78
N VAL D 511 -28.70 21.57 -5.86
CA VAL D 511 -29.26 21.04 -4.62
C VAL D 511 -30.76 21.24 -4.62
N LEU D 512 -31.50 20.15 -4.44
CA LEU D 512 -32.96 20.16 -4.40
C LEU D 512 -33.43 19.78 -3.01
N THR D 513 -34.31 20.60 -2.42
CA THR D 513 -34.79 20.37 -1.07
C THR D 513 -36.23 20.82 -0.96
N GLY D 514 -36.81 20.55 0.22
CA GLY D 514 -38.11 21.09 0.56
C GLY D 514 -37.96 22.37 1.35
N TRP D 515 -38.79 23.36 0.99
CA TRP D 515 -38.73 24.64 1.68
C TRP D 515 -39.12 24.49 3.15
N ARG D 516 -40.23 23.83 3.41
CA ARG D 516 -40.72 23.59 4.76
C ARG D 516 -40.79 22.10 5.03
N PRO D 517 -40.80 21.70 6.31
CA PRO D 517 -41.02 20.27 6.62
C PRO D 517 -42.23 19.69 5.93
N GLY D 518 -43.28 20.49 5.73
CA GLY D 518 -44.52 20.03 5.13
C GLY D 518 -44.55 20.00 3.63
N SER D 519 -43.49 20.44 2.95
CA SER D 519 -43.48 20.40 1.49
C SER D 519 -43.59 18.97 0.99
N GLY D 520 -44.48 18.74 0.03
CA GLY D 520 -44.69 17.43 -0.53
C GLY D 520 -43.69 17.01 -1.59
N PHE D 521 -42.75 17.88 -1.93
CA PHE D 521 -41.71 17.58 -2.91
C PHE D 521 -40.60 18.59 -2.72
N THR D 522 -39.50 18.36 -3.44
CA THR D 522 -38.39 19.31 -3.42
C THR D 522 -38.74 20.53 -4.25
N ASN D 523 -39.42 21.50 -3.64
CA ASN D 523 -39.84 22.71 -4.32
C ASN D 523 -38.78 23.81 -4.30
N THR D 524 -37.58 23.50 -3.81
CA THR D 524 -36.51 24.47 -3.70
C THR D 524 -35.27 23.94 -4.40
N MET D 525 -34.69 24.76 -5.27
CA MET D 525 -33.50 24.39 -6.01
C MET D 525 -32.42 25.44 -5.80
N ARG D 526 -31.18 25.00 -5.69
CA ARG D 526 -30.04 25.88 -5.44
C ARG D 526 -28.83 25.41 -6.24
N VAL D 527 -28.07 26.36 -6.75
CA VAL D 527 -26.73 26.10 -7.27
C VAL D 527 -25.76 26.48 -6.17
N VAL D 528 -24.99 25.51 -5.68
CA VAL D 528 -24.15 25.72 -4.51
C VAL D 528 -22.73 25.24 -4.79
N PRO D 529 -21.71 25.99 -4.41
CA PRO D 529 -20.34 25.47 -4.51
C PRO D 529 -20.10 24.37 -3.51
N VAL D 530 -19.24 23.43 -3.90
CA VAL D 530 -18.84 22.37 -2.98
C VAL D 530 -17.82 22.93 -1.99
N PRO D 531 -18.06 22.80 -0.68
CA PRO D 531 -17.18 23.31 0.37
C PRO D 531 -15.87 22.54 0.50
N PHE E 12 58.03 -1.87 26.48
CA PHE E 12 57.01 -2.32 25.56
C PHE E 12 55.75 -2.77 26.30
N ILE E 13 54.68 -1.99 26.16
CA ILE E 13 53.38 -2.32 26.72
C ILE E 13 52.54 -2.99 25.63
N GLN E 14 52.00 -4.17 25.94
CA GLN E 14 51.13 -4.84 25.00
C GLN E 14 49.98 -3.92 24.59
N THR E 15 49.85 -3.70 23.29
CA THR E 15 48.76 -2.91 22.77
C THR E 15 47.43 -3.66 22.91
N GLN E 16 46.34 -2.96 22.63
CA GLN E 16 45.03 -3.58 22.46
C GLN E 16 44.55 -4.28 23.74
N GLN E 17 45.03 -3.82 24.90
CA GLN E 17 44.67 -4.43 26.18
C GLN E 17 44.91 -5.94 26.17
N LEU E 18 45.96 -6.36 25.46
CA LEU E 18 46.26 -7.79 25.36
C LEU E 18 46.77 -8.36 26.68
N HIS E 19 47.29 -7.52 27.58
CA HIS E 19 47.65 -8.03 28.89
C HIS E 19 46.41 -8.35 29.71
N ALA E 20 45.37 -7.52 29.60
CA ALA E 20 44.11 -7.80 30.29
C ALA E 20 43.41 -9.00 29.67
N ALA E 21 43.58 -9.22 28.37
CA ALA E 21 42.96 -10.37 27.71
C ALA E 21 43.48 -11.69 28.27
N MET E 22 44.73 -11.70 28.75
CA MET E 22 45.30 -12.92 29.30
C MET E 22 44.86 -13.19 30.74
N ALA E 23 43.98 -12.37 31.29
CA ALA E 23 43.58 -12.52 32.68
C ALA E 23 42.71 -13.77 32.88
N ASP E 24 42.72 -14.27 34.12
CA ASP E 24 41.94 -15.44 34.49
C ASP E 24 40.51 -15.08 34.90
N THR E 25 40.34 -13.99 35.65
CA THR E 25 39.04 -13.57 36.12
C THR E 25 38.68 -12.20 35.56
N PHE E 26 37.38 -11.91 35.54
CA PHE E 26 36.92 -10.59 35.15
C PHE E 26 37.59 -9.51 35.99
N LEU E 27 37.65 -9.71 37.30
CA LEU E 27 38.29 -8.74 38.18
C LEU E 27 39.71 -8.44 37.73
N GLU E 28 40.51 -9.49 37.53
CA GLU E 28 41.90 -9.27 37.10
C GLU E 28 41.96 -8.63 35.72
N HIS E 29 41.08 -9.05 34.81
CA HIS E 29 40.97 -8.35 33.53
C HIS E 29 40.80 -6.86 33.76
N MET E 30 39.89 -6.49 34.64
CA MET E 30 39.61 -5.08 34.92
C MET E 30 40.82 -4.40 35.56
N CYS E 31 41.51 -5.10 36.47
CA CYS E 31 42.67 -4.52 37.12
C CYS E 31 43.84 -4.31 36.17
N ARG E 32 43.78 -4.87 34.97
CA ARG E 32 44.87 -4.77 34.00
C ARG E 32 44.62 -3.74 32.91
N LEU E 33 43.40 -3.20 32.81
CA LEU E 33 43.12 -2.16 31.82
C LEU E 33 44.15 -1.04 31.94
N ASP E 34 44.78 -0.70 30.81
CA ASP E 34 46.00 0.09 30.80
C ASP E 34 45.85 1.24 29.80
N ILE E 35 45.85 2.48 30.32
CA ILE E 35 45.70 3.65 29.46
C ILE E 35 46.86 3.83 28.50
N ASP E 36 47.97 3.14 28.72
CA ASP E 36 49.12 3.22 27.81
C ASP E 36 49.16 2.06 26.83
N SER E 37 48.10 1.26 26.76
CA SER E 37 47.98 0.14 25.84
C SER E 37 47.18 0.63 24.63
N ALA E 38 47.88 0.95 23.55
CA ALA E 38 47.24 1.61 22.42
C ALA E 38 46.23 0.68 21.74
N PRO E 39 45.05 1.19 21.39
CA PRO E 39 44.11 0.39 20.61
C PRO E 39 44.57 0.28 19.16
N ILE E 40 43.87 -0.55 18.39
CA ILE E 40 44.21 -0.72 16.98
C ILE E 40 43.57 0.39 16.17
N THR E 41 43.83 0.40 14.86
CA THR E 41 43.29 1.44 13.99
C THR E 41 41.82 1.21 13.70
N ALA E 42 41.42 -0.04 13.47
CA ALA E 42 40.05 -0.33 13.06
C ALA E 42 39.07 -0.11 14.20
N ARG E 43 37.94 0.49 13.89
CA ARG E 43 36.85 0.72 14.84
C ARG E 43 35.71 -0.23 14.49
N ASN E 44 35.35 -1.11 15.43
CA ASN E 44 34.36 -2.15 15.15
C ASN E 44 32.93 -1.68 15.34
N THR E 45 32.69 -0.75 16.26
CA THR E 45 31.32 -0.35 16.57
C THR E 45 30.79 0.65 15.56
N GLY E 46 29.60 0.38 15.01
CA GLY E 46 29.02 1.26 14.03
C GLY E 46 28.46 2.53 14.66
N ILE E 47 28.53 3.62 13.89
CA ILE E 47 28.11 4.93 14.34
C ILE E 47 26.96 5.40 13.45
N ILE E 48 25.78 5.56 14.03
CA ILE E 48 24.58 6.03 13.35
C ILE E 48 24.38 7.49 13.71
N CYS E 49 24.25 8.35 12.70
CA CYS E 49 24.12 9.79 12.89
C CYS E 49 22.77 10.26 12.38
N THR E 50 22.03 10.99 13.22
CA THR E 50 20.80 11.63 12.79
C THR E 50 21.14 12.87 11.98
N ILE E 51 20.71 12.91 10.73
CA ILE E 51 20.97 14.04 9.86
C ILE E 51 19.89 15.09 10.08
N GLY E 52 20.29 16.36 10.08
CA GLY E 52 19.38 17.45 10.31
C GLY E 52 19.92 18.76 9.77
N PRO E 53 19.34 19.87 10.22
CA PRO E 53 19.78 21.18 9.71
C PRO E 53 21.26 21.45 9.95
N ALA E 54 21.86 20.87 10.99
CA ALA E 54 23.26 21.12 11.28
C ALA E 54 24.20 20.33 10.39
N SER E 55 23.69 19.31 9.68
CA SER E 55 24.60 18.37 9.02
C SER E 55 24.10 17.81 7.70
N ARG E 56 23.16 18.46 7.02
CA ARG E 56 22.58 17.87 5.81
C ARG E 56 23.17 18.42 4.52
N SER E 57 24.10 19.37 4.59
CA SER E 57 24.76 19.85 3.39
C SER E 57 25.75 18.80 2.88
N VAL E 58 25.90 18.74 1.56
CA VAL E 58 26.82 17.77 0.95
C VAL E 58 28.22 17.92 1.54
N GLU E 59 28.67 19.17 1.72
CA GLU E 59 30.03 19.39 2.23
C GLU E 59 30.18 18.87 3.66
N THR E 60 29.19 19.11 4.51
CA THR E 60 29.27 18.60 5.87
C THR E 60 29.20 17.08 5.90
N LEU E 61 28.34 16.50 5.05
CA LEU E 61 28.20 15.05 5.03
C LEU E 61 29.48 14.36 4.59
N LYS E 62 30.25 14.99 3.69
CA LYS E 62 31.56 14.44 3.36
C LYS E 62 32.45 14.37 4.59
N GLU E 63 32.44 15.42 5.42
CA GLU E 63 33.20 15.40 6.66
C GLU E 63 32.62 14.37 7.63
N MET E 64 31.29 14.21 7.64
CA MET E 64 30.68 13.18 8.47
C MET E 64 31.21 11.79 8.09
N ILE E 65 31.20 11.47 6.80
CA ILE E 65 31.75 10.19 6.35
C ILE E 65 33.21 10.06 6.79
N LYS E 66 34.02 11.07 6.45
CA LYS E 66 35.43 11.04 6.82
C LYS E 66 35.64 10.83 8.31
N SER E 67 34.74 11.37 9.14
CA SER E 67 34.91 11.29 10.58
C SER E 67 34.35 10.01 11.19
N GLY E 68 33.60 9.20 10.44
CA GLY E 68 33.23 7.89 10.92
C GLY E 68 31.77 7.51 10.81
N MET E 69 30.93 8.39 10.28
CA MET E 69 29.51 8.05 10.11
C MET E 69 29.35 6.81 9.24
N ASN E 70 28.64 5.82 9.75
CA ASN E 70 28.34 4.61 8.99
C ASN E 70 26.90 4.54 8.51
N VAL E 71 25.97 5.15 9.25
CA VAL E 71 24.55 5.09 8.94
C VAL E 71 23.95 6.48 9.09
N ALA E 72 23.27 6.96 8.05
CA ALA E 72 22.55 8.23 8.11
C ALA E 72 21.10 7.96 8.49
N ARG E 73 20.67 8.49 9.62
CA ARG E 73 19.33 8.28 10.14
C ARG E 73 18.45 9.47 9.80
N MET E 74 17.29 9.21 9.22
CA MET E 74 16.29 10.24 8.92
C MET E 74 15.15 10.09 9.91
N ASN E 75 15.01 11.05 10.82
CA ASN E 75 13.96 11.04 11.83
C ASN E 75 12.70 11.67 11.24
N PHE E 76 11.64 10.87 11.10
CA PHE E 76 10.41 11.34 10.49
C PHE E 76 9.42 11.91 11.49
N SER E 77 9.85 12.14 12.74
CA SER E 77 9.01 12.89 13.68
C SER E 77 8.58 14.21 13.07
N HIS E 78 9.48 14.89 12.37
CA HIS E 78 9.18 16.12 11.65
C HIS E 78 9.76 16.02 10.24
N GLY E 79 9.41 17.00 9.41
CA GLY E 79 9.97 17.08 8.08
C GLY E 79 9.13 16.42 7.01
N THR E 80 9.06 17.05 5.85
CA THR E 80 8.24 16.58 4.74
C THR E 80 9.04 15.63 3.84
N HIS E 81 8.30 14.83 3.06
CA HIS E 81 8.95 13.89 2.16
C HIS E 81 9.98 14.59 1.26
N GLU E 82 9.64 15.79 0.76
CA GLU E 82 10.59 16.52 -0.07
C GLU E 82 11.85 16.88 0.71
N TYR E 83 11.69 17.18 2.00
CA TYR E 83 12.85 17.51 2.84
C TYR E 83 13.76 16.31 3.02
N HIS E 84 13.18 15.16 3.37
CA HIS E 84 14.01 13.98 3.62
C HIS E 84 14.58 13.42 2.33
N ALA E 85 13.81 13.46 1.24
CA ALA E 85 14.36 13.03 -0.04
C ALA E 85 15.56 13.86 -0.43
N GLU E 86 15.56 15.16 -0.10
CA GLU E 86 16.72 15.99 -0.38
C GLU E 86 17.90 15.59 0.48
N THR E 87 17.66 15.32 1.77
CA THR E 87 18.75 14.88 2.64
C THR E 87 19.33 13.56 2.14
N ILE E 88 18.47 12.62 1.77
CA ILE E 88 18.95 11.35 1.25
C ILE E 88 19.76 11.55 -0.02
N LYS E 89 19.39 12.53 -0.83
CA LYS E 89 20.18 12.85 -2.02
C LYS E 89 21.55 13.38 -1.64
N ASN E 90 21.61 14.29 -0.66
CA ASN E 90 22.90 14.85 -0.26
C ASN E 90 23.79 13.80 0.39
N VAL E 91 23.20 12.89 1.17
CA VAL E 91 23.98 11.79 1.73
C VAL E 91 24.63 10.97 0.61
N ARG E 92 23.83 10.60 -0.39
CA ARG E 92 24.33 9.75 -1.45
C ARG E 92 25.32 10.49 -2.35
N THR E 93 25.10 11.79 -2.58
CA THR E 93 26.10 12.58 -3.30
C THR E 93 27.44 12.56 -2.56
N ALA E 94 27.40 12.79 -1.25
CA ALA E 94 28.63 12.76 -0.46
C ALA E 94 29.26 11.38 -0.49
N THR E 95 28.45 10.34 -0.27
CA THR E 95 28.99 8.98 -0.24
C THR E 95 29.68 8.64 -1.54
N GLU E 96 29.04 8.93 -2.68
CA GLU E 96 29.57 8.58 -3.98
C GLU E 96 30.73 9.47 -4.41
N SER E 97 30.94 10.61 -3.75
CA SER E 97 32.10 11.42 -4.12
C SER E 97 33.42 10.74 -3.78
N PHE E 98 33.40 9.67 -3.00
CA PHE E 98 34.58 8.86 -2.72
C PHE E 98 34.65 7.60 -3.59
N ALA E 99 33.63 7.35 -4.41
CA ALA E 99 33.55 6.09 -5.15
C ALA E 99 34.65 5.95 -6.19
N SER E 100 35.33 7.03 -6.55
CA SER E 100 36.39 6.95 -7.56
C SER E 100 37.56 6.10 -7.10
N ASP E 101 37.66 5.78 -5.80
CA ASP E 101 38.73 4.96 -5.25
C ASP E 101 38.10 3.74 -4.60
N PRO E 102 37.98 2.63 -5.31
CA PRO E 102 37.31 1.45 -4.73
C PRO E 102 38.04 0.87 -3.53
N ILE E 103 39.22 1.37 -3.19
CA ILE E 103 39.97 0.84 -2.06
C ILE E 103 39.67 1.61 -0.77
N LEU E 104 39.39 2.91 -0.87
CA LEU E 104 39.06 3.71 0.31
C LEU E 104 37.56 3.96 0.47
N TYR E 105 36.79 3.79 -0.60
CA TYR E 105 35.35 4.02 -0.54
C TYR E 105 34.73 3.33 0.65
N ARG E 106 33.84 4.02 1.34
CA ARG E 106 33.15 3.49 2.50
C ARG E 106 31.64 3.52 2.24
N PRO E 107 30.97 2.38 2.17
CA PRO E 107 29.51 2.40 2.01
C PRO E 107 28.85 3.08 3.20
N VAL E 108 27.74 3.76 2.92
CA VAL E 108 26.98 4.48 3.94
C VAL E 108 25.52 4.06 3.81
N ALA E 109 24.95 3.56 4.89
CA ALA E 109 23.57 3.12 4.90
C ALA E 109 22.62 4.30 5.08
N VAL E 110 21.35 4.06 4.78
CA VAL E 110 20.29 5.07 4.92
C VAL E 110 19.16 4.43 5.72
N ALA E 111 18.82 5.04 6.85
CA ALA E 111 17.84 4.51 7.77
C ALA E 111 16.65 5.45 7.89
N LEU E 112 15.45 4.89 7.88
CA LEU E 112 14.22 5.64 8.06
C LEU E 112 13.65 5.34 9.44
N ASP E 113 13.56 6.35 10.29
CA ASP E 113 13.00 6.24 11.62
C ASP E 113 11.60 6.83 11.61
N THR E 114 10.60 6.01 11.92
CA THR E 114 9.22 6.43 11.83
C THR E 114 8.80 7.25 13.04
N LYS E 115 7.84 8.16 12.82
CA LYS E 115 7.25 8.90 13.93
C LYS E 115 6.46 7.96 14.84
N GLY E 116 5.73 7.01 14.26
CA GLY E 116 5.02 6.01 15.02
C GLY E 116 3.70 6.52 15.59
N PRO E 117 2.99 5.64 16.31
CA PRO E 117 1.75 6.07 16.96
C PRO E 117 2.02 6.96 18.16
N GLU E 118 1.11 7.91 18.38
CA GLU E 118 1.29 8.95 19.38
C GLU E 118 -0.03 9.22 20.10
N ILE E 119 0.09 9.75 21.31
CA ILE E 119 -1.04 10.25 22.07
C ILE E 119 -0.76 11.72 22.39
N ARG E 120 -1.56 12.61 21.83
CA ARG E 120 -1.36 14.05 21.95
C ARG E 120 -2.57 14.70 22.61
N THR E 121 -2.31 15.72 23.43
CA THR E 121 -3.38 16.47 24.07
C THR E 121 -3.95 17.50 23.12
N GLY E 122 -4.59 18.54 23.67
CA GLY E 122 -5.23 19.57 22.86
C GLY E 122 -4.79 20.96 23.27
N LEU E 123 -5.40 21.94 22.61
CA LEU E 123 -5.03 23.34 22.81
C LEU E 123 -5.50 23.86 24.16
N ILE E 124 -4.67 24.68 24.80
CA ILE E 124 -5.00 25.32 26.07
C ILE E 124 -5.59 26.69 25.79
N LYS E 125 -6.85 26.90 26.19
CA LYS E 125 -7.49 28.22 26.13
C LYS E 125 -7.66 28.71 24.70
N GLY E 126 -7.21 27.94 23.72
CA GLY E 126 -7.21 28.41 22.34
C GLY E 126 -5.85 28.96 21.94
N SER E 127 -5.32 29.89 22.75
CA SER E 127 -3.98 30.41 22.52
C SER E 127 -2.94 29.30 22.62
N GLY E 128 -2.41 28.85 21.49
CA GLY E 128 -1.49 27.73 21.51
C GLY E 128 -0.32 27.92 22.47
N THR E 129 0.05 29.16 22.74
CA THR E 129 1.16 29.46 23.63
C THR E 129 0.73 29.70 25.07
N ALA E 130 -0.48 29.29 25.43
CA ALA E 130 -1.03 29.52 26.77
C ALA E 130 -0.71 28.33 27.67
N GLU E 131 -0.04 28.60 28.79
CA GLU E 131 0.34 27.58 29.76
C GLU E 131 -0.46 27.78 31.05
N VAL E 132 -1.16 26.74 31.47
CA VAL E 132 -1.79 26.72 32.77
C VAL E 132 -0.88 25.94 33.72
N GLU E 133 -1.01 26.20 35.01
CA GLU E 133 -0.27 25.47 36.02
C GLU E 133 -1.15 24.39 36.62
N LEU E 134 -0.50 23.33 37.10
CA LEU E 134 -1.16 22.27 37.86
C LEU E 134 -0.49 22.18 39.22
N LYS E 135 -1.28 21.90 40.25
CA LYS E 135 -0.80 21.92 41.62
C LYS E 135 -0.78 20.51 42.21
N LYS E 136 0.21 20.27 43.06
CA LYS E 136 0.34 18.97 43.72
C LYS E 136 -0.85 18.72 44.63
N GLY E 137 -1.57 17.64 44.37
CA GLY E 137 -2.79 17.34 45.10
C GLY E 137 -4.06 17.87 44.47
N ALA E 138 -3.99 18.30 43.21
CA ALA E 138 -5.14 18.91 42.53
C ALA E 138 -6.00 17.82 41.89
N THR E 139 -6.86 18.21 40.97
CA THR E 139 -7.75 17.30 40.26
C THR E 139 -7.81 17.70 38.79
N LEU E 140 -8.04 16.72 37.92
CA LEU E 140 -8.08 16.97 36.49
C LEU E 140 -8.87 15.88 35.80
N LYS E 141 -9.80 16.29 34.94
CA LYS E 141 -10.62 15.38 34.15
C LYS E 141 -10.05 15.26 32.75
N ILE E 142 -10.35 14.14 32.09
CA ILE E 142 -9.83 13.85 30.76
C ILE E 142 -10.99 13.48 29.85
N THR E 143 -11.14 14.19 28.74
CA THR E 143 -12.23 14.02 27.81
C THR E 143 -11.83 13.14 26.63
N LEU E 144 -12.83 12.56 25.99
CA LEU E 144 -12.68 11.96 24.67
C LEU E 144 -13.63 12.57 23.65
N ASP E 145 -14.64 13.31 24.08
CA ASP E 145 -15.55 13.99 23.17
C ASP E 145 -14.86 15.20 22.57
N ASN E 146 -14.84 15.27 21.23
CA ASN E 146 -14.05 16.29 20.53
C ASN E 146 -14.50 17.71 20.83
N ALA E 147 -15.61 17.90 21.55
CA ALA E 147 -16.11 19.24 21.81
C ALA E 147 -15.19 20.06 22.70
N TYR E 148 -14.15 19.44 23.28
CA TYR E 148 -13.25 20.15 24.19
C TYR E 148 -11.82 20.22 23.68
N MET E 149 -11.54 19.72 22.47
CA MET E 149 -10.16 19.66 22.00
C MET E 149 -9.51 21.02 21.87
N GLU E 150 -10.25 22.10 22.09
CA GLU E 150 -9.68 23.45 22.12
C GLU E 150 -10.00 24.19 23.42
N LYS E 151 -10.58 23.50 24.39
CA LYS E 151 -11.02 24.10 25.65
C LYS E 151 -10.23 23.59 26.85
N CYS E 152 -8.99 23.15 26.63
CA CYS E 152 -8.20 22.58 27.71
C CYS E 152 -7.75 23.66 28.69
N ASP E 153 -7.70 23.29 29.96
CA ASP E 153 -7.27 24.18 31.03
C ASP E 153 -7.07 23.33 32.29
N GLU E 154 -6.89 23.99 33.43
CA GLU E 154 -6.53 23.31 34.67
C GLU E 154 -7.65 22.42 35.22
N ASN E 155 -8.86 22.48 34.66
CA ASN E 155 -9.93 21.59 35.08
C ASN E 155 -10.18 20.45 34.12
N ILE E 156 -9.93 20.66 32.83
CA ILE E 156 -10.34 19.72 31.79
C ILE E 156 -9.22 19.61 30.76
N LEU E 157 -8.96 18.39 30.29
CA LEU E 157 -7.89 18.11 29.35
C LEU E 157 -8.33 17.03 28.38
N TRP E 158 -8.44 17.38 27.11
CA TRP E 158 -8.81 16.45 26.05
C TRP E 158 -7.58 15.74 25.50
N LEU E 159 -7.79 14.57 24.91
CA LEU E 159 -6.71 13.89 24.22
C LEU E 159 -7.30 12.95 23.18
N ASP E 160 -6.46 12.51 22.25
CA ASP E 160 -6.89 11.85 21.03
C ASP E 160 -6.92 10.33 21.10
N TYR E 161 -6.55 9.74 22.23
CA TYR E 161 -6.55 8.28 22.36
C TYR E 161 -7.97 7.82 22.71
N LYS E 162 -8.69 7.30 21.71
CA LYS E 162 -10.06 6.86 21.94
C LYS E 162 -10.12 5.80 23.03
N ASN E 163 -9.43 4.68 22.84
CA ASN E 163 -9.51 3.53 23.74
C ASN E 163 -8.74 3.73 25.04
N ILE E 164 -8.51 4.97 25.48
CA ILE E 164 -7.67 5.19 26.65
C ILE E 164 -8.28 4.54 27.89
N CYS E 165 -9.60 4.64 28.04
CA CYS E 165 -10.25 4.07 29.23
C CYS E 165 -10.25 2.55 29.23
N LYS E 166 -10.06 1.92 28.07
CA LYS E 166 -10.07 0.46 27.99
C LYS E 166 -8.74 -0.16 28.37
N VAL E 167 -7.65 0.61 28.38
CA VAL E 167 -6.31 0.07 28.62
C VAL E 167 -5.67 0.62 29.88
N VAL E 168 -6.27 1.59 30.55
CA VAL E 168 -5.76 2.08 31.82
C VAL E 168 -6.66 1.55 32.95
N ASP E 169 -6.20 1.74 34.18
CA ASP E 169 -6.90 1.23 35.35
C ASP E 169 -6.89 2.29 36.44
N VAL E 170 -7.78 2.13 37.41
CA VAL E 170 -7.75 3.00 38.58
C VAL E 170 -6.46 2.76 39.35
N GLY E 171 -5.82 3.85 39.77
CA GLY E 171 -4.49 3.80 40.32
C GLY E 171 -3.38 3.92 39.30
N SER E 172 -3.66 3.62 38.03
CA SER E 172 -2.66 3.78 36.99
C SER E 172 -2.18 5.23 36.92
N LYS E 173 -1.02 5.41 36.30
CA LYS E 173 -0.43 6.73 36.12
C LYS E 173 -0.60 7.19 34.68
N VAL E 174 -0.71 8.51 34.52
CA VAL E 174 -0.73 9.15 33.20
C VAL E 174 0.31 10.25 33.20
N TYR E 175 1.26 10.16 32.28
CA TYR E 175 2.30 11.17 32.12
C TYR E 175 1.95 12.08 30.95
N VAL E 176 2.23 13.37 31.12
CA VAL E 176 1.92 14.36 30.10
C VAL E 176 3.17 15.19 29.83
N ASP E 177 3.49 15.38 28.55
CA ASP E 177 4.62 16.20 28.12
C ASP E 177 5.96 15.61 28.53
N ASP E 178 6.34 14.51 27.88
CA ASP E 178 7.62 13.84 28.14
C ASP E 178 7.85 13.64 29.64
N GLY E 179 6.80 13.17 30.32
CA GLY E 179 6.91 12.81 31.72
C GLY E 179 7.13 13.95 32.68
N LEU E 180 6.90 15.18 32.25
CA LEU E 180 7.08 16.32 33.14
C LEU E 180 5.93 16.50 34.12
N ILE E 181 4.78 15.88 33.85
CA ILE E 181 3.60 15.99 34.71
C ILE E 181 2.96 14.61 34.83
N SER E 182 2.70 14.18 36.06
CA SER E 182 2.19 12.83 36.33
C SER E 182 0.83 12.92 37.03
N LEU E 183 -0.12 12.15 36.53
CA LEU E 183 -1.46 12.07 37.09
C LEU E 183 -1.75 10.62 37.50
N GLN E 184 -2.67 10.46 38.46
CA GLN E 184 -3.09 9.15 38.91
C GLN E 184 -4.60 9.03 38.75
N VAL E 185 -5.05 7.98 38.06
CA VAL E 185 -6.48 7.76 37.89
C VAL E 185 -7.12 7.47 39.24
N LYS E 186 -8.26 8.09 39.49
CA LYS E 186 -9.04 7.89 40.70
C LYS E 186 -10.38 7.23 40.45
N GLN E 187 -11.08 7.64 39.40
CA GLN E 187 -12.31 6.98 38.96
C GLN E 187 -12.36 7.03 37.44
N LYS E 188 -13.11 6.10 36.86
CA LYS E 188 -13.27 6.09 35.41
C LYS E 188 -14.61 5.46 35.05
N GLY E 189 -15.24 6.02 34.03
CA GLY E 189 -16.35 5.39 33.37
C GLY E 189 -16.06 5.32 31.89
N PRO E 190 -17.11 5.23 31.06
CA PRO E 190 -16.91 5.37 29.62
C PRO E 190 -16.82 6.84 29.24
N ASP E 191 -15.76 7.19 28.50
CA ASP E 191 -15.53 8.48 27.86
C ASP E 191 -14.71 9.44 28.72
N PHE E 192 -14.38 9.10 29.96
CA PHE E 192 -13.75 10.07 30.84
C PHE E 192 -12.87 9.39 31.87
N LEU E 193 -12.09 10.20 32.57
CA LEU E 193 -11.21 9.77 33.65
C LEU E 193 -11.03 10.94 34.61
N VAL E 194 -10.92 10.62 35.90
CA VAL E 194 -10.70 11.62 36.94
C VAL E 194 -9.39 11.32 37.65
N THR E 195 -8.54 12.32 37.80
CA THR E 195 -7.18 12.11 38.25
C THR E 195 -6.80 13.16 39.30
N GLU E 196 -5.77 12.84 40.06
CA GLU E 196 -5.18 13.75 41.04
C GLU E 196 -3.72 13.99 40.68
N VAL E 197 -3.35 15.26 40.58
CA VAL E 197 -1.99 15.61 40.16
C VAL E 197 -0.99 15.16 41.22
N GLU E 198 0.06 14.46 40.79
CA GLU E 198 1.16 14.07 41.65
C GLU E 198 2.36 15.01 41.48
N ASN E 199 2.88 15.09 40.27
CA ASN E 199 3.95 16.04 39.91
C ASN E 199 3.39 16.93 38.81
N GLY E 200 3.14 18.20 39.16
CA GLY E 200 2.51 19.13 38.25
C GLY E 200 3.46 20.17 37.70
N GLY E 201 2.88 21.16 37.05
CA GLY E 201 3.65 22.22 36.43
C GLY E 201 2.85 22.86 35.32
N PHE E 202 3.56 23.67 34.53
CA PHE E 202 2.93 24.40 33.43
C PHE E 202 2.65 23.45 32.28
N LEU E 203 1.38 23.12 32.07
CA LEU E 203 0.98 22.30 30.95
C LEU E 203 0.79 23.17 29.70
N GLY E 204 1.26 22.65 28.56
CA GLY E 204 1.14 23.33 27.30
C GLY E 204 0.06 22.74 26.42
N SER E 205 0.15 23.03 25.13
CA SER E 205 -0.81 22.56 24.15
C SER E 205 -0.21 21.43 23.32
N LYS E 206 -1.08 20.48 22.96
CA LYS E 206 -0.70 19.34 22.11
C LYS E 206 0.55 18.64 22.66
N LYS E 207 0.64 18.55 23.98
CA LYS E 207 1.75 17.84 24.61
C LYS E 207 1.55 16.33 24.51
N GLY E 208 2.65 15.60 24.61
CA GLY E 208 2.60 14.15 24.48
C GLY E 208 2.22 13.46 25.78
N VAL E 209 1.57 12.31 25.66
CA VAL E 209 1.03 11.57 26.79
C VAL E 209 1.64 10.17 26.81
N ASN E 210 2.04 9.72 27.99
CA ASN E 210 2.61 8.38 28.19
C ASN E 210 1.78 7.62 29.22
N LEU E 211 1.61 6.32 28.98
CA LEU E 211 0.79 5.45 29.83
C LEU E 211 1.68 4.33 30.38
N PRO E 212 2.41 4.60 31.46
CA PRO E 212 3.29 3.57 32.02
C PRO E 212 2.53 2.30 32.39
N GLY E 213 3.06 1.16 31.93
CA GLY E 213 2.52 -0.14 32.25
C GLY E 213 1.35 -0.60 31.40
N ALA E 214 0.66 0.33 30.72
CA ALA E 214 -0.52 -0.04 29.96
C ALA E 214 -0.14 -0.81 28.69
N ALA E 215 -1.05 -1.69 28.26
CA ALA E 215 -0.93 -2.34 26.96
C ALA E 215 -1.69 -1.49 25.95
N VAL E 216 -1.02 -0.43 25.49
CA VAL E 216 -1.64 0.51 24.57
C VAL E 216 -1.94 -0.22 23.26
N ASP E 217 -3.21 -0.22 22.86
CA ASP E 217 -3.65 -0.98 21.69
C ASP E 217 -3.68 -0.14 20.42
N LEU E 218 -2.99 1.01 20.40
CA LEU E 218 -2.88 1.78 19.18
C LEU E 218 -2.29 0.92 18.07
N PRO E 219 -2.52 1.28 16.80
CA PRO E 219 -2.04 0.45 15.70
C PRO E 219 -0.52 0.42 15.65
N ALA E 220 0.00 -0.63 15.01
CA ALA E 220 1.44 -0.73 14.84
C ALA E 220 1.99 0.44 14.04
N VAL E 221 1.28 0.86 13.00
CA VAL E 221 1.73 1.93 12.12
C VAL E 221 0.60 2.94 11.98
N SER E 222 0.92 4.22 12.20
CA SER E 222 -0.03 5.28 11.96
C SER E 222 -0.23 5.47 10.46
N GLU E 223 -1.32 6.17 10.10
CA GLU E 223 -1.55 6.52 8.71
C GLU E 223 -0.30 7.15 8.10
N LYS E 224 0.29 8.11 8.81
CA LYS E 224 1.52 8.75 8.34
C LYS E 224 2.64 7.73 8.15
N ASP E 225 2.80 6.82 9.12
CA ASP E 225 3.84 5.80 9.00
C ASP E 225 3.74 5.05 7.69
N ILE E 226 2.52 4.66 7.31
CA ILE E 226 2.35 3.87 6.10
C ILE E 226 2.84 4.64 4.88
N GLN E 227 2.46 5.92 4.78
CA GLN E 227 2.98 6.74 3.70
C GLN E 227 4.50 6.85 3.78
N ASP E 228 5.01 7.13 4.99
CA ASP E 228 6.45 7.25 5.17
C ASP E 228 7.15 5.95 4.76
N LEU E 229 6.61 4.81 5.15
CA LEU E 229 7.21 3.53 4.78
C LEU E 229 7.19 3.33 3.26
N LYS E 230 6.06 3.65 2.63
CA LYS E 230 6.02 3.66 1.17
C LYS E 230 7.14 4.53 0.61
N PHE E 231 7.33 5.72 1.20
CA PHE E 231 8.40 6.60 0.80
C PHE E 231 9.76 5.91 0.93
N GLY E 232 9.99 5.24 2.06
CA GLY E 232 11.26 4.55 2.25
C GLY E 232 11.51 3.48 1.21
N VAL E 233 10.46 2.78 0.78
CA VAL E 233 10.62 1.80 -0.28
C VAL E 233 11.00 2.50 -1.59
N GLU E 234 10.30 3.60 -1.91
CA GLU E 234 10.67 4.40 -3.07
C GLU E 234 12.12 4.83 -2.99
N GLN E 235 12.53 5.38 -1.85
CA GLN E 235 13.88 5.93 -1.68
C GLN E 235 14.96 4.87 -1.53
N ASP E 236 14.60 3.58 -1.51
CA ASP E 236 15.59 2.51 -1.47
C ASP E 236 16.41 2.55 -0.18
N VAL E 237 15.74 2.83 0.94
CA VAL E 237 16.43 2.86 2.22
C VAL E 237 16.87 1.46 2.60
N ASP E 238 17.94 1.39 3.40
CA ASP E 238 18.50 0.10 3.79
C ASP E 238 17.79 -0.51 4.99
N MET E 239 17.08 0.28 5.78
CA MET E 239 16.53 -0.22 7.03
C MET E 239 15.53 0.77 7.58
N VAL E 240 14.64 0.27 8.42
CA VAL E 240 13.63 1.07 9.10
C VAL E 240 13.80 0.88 10.59
N PHE E 241 13.72 1.98 11.34
CA PHE E 241 13.64 1.94 12.80
C PHE E 241 12.17 2.18 13.14
N ALA E 242 11.47 1.12 13.57
CA ALA E 242 10.03 1.18 13.82
C ALA E 242 9.77 1.56 15.27
N SER E 243 9.08 2.68 15.46
CA SER E 243 8.86 3.21 16.79
C SER E 243 7.82 2.38 17.55
N PHE E 244 7.92 2.43 18.89
CA PHE E 244 6.89 1.98 19.81
C PHE E 244 6.46 0.54 19.53
N ILE E 245 7.45 -0.34 19.33
CA ILE E 245 7.18 -1.75 19.11
C ILE E 245 6.87 -2.41 20.44
N ARG E 246 5.66 -2.97 20.56
CA ARG E 246 5.19 -3.52 21.83
C ARG E 246 5.01 -5.03 21.81
N LYS E 247 4.96 -5.66 20.63
CA LYS E 247 4.74 -7.09 20.53
C LYS E 247 5.11 -7.54 19.13
N ALA E 248 5.30 -8.86 18.98
CA ALA E 248 5.73 -9.40 17.69
C ALA E 248 4.75 -9.03 16.58
N ALA E 249 3.45 -8.99 16.89
CA ALA E 249 2.46 -8.66 15.88
C ALA E 249 2.76 -7.30 15.24
N ASP E 250 3.23 -6.34 16.04
CA ASP E 250 3.57 -5.02 15.48
C ASP E 250 4.64 -5.13 14.41
N VAL E 251 5.69 -5.91 14.68
CA VAL E 251 6.75 -6.12 13.69
C VAL E 251 6.16 -6.72 12.41
N HIS E 252 5.32 -7.74 12.56
CA HIS E 252 4.72 -8.38 11.39
C HIS E 252 3.89 -7.37 10.60
N GLU E 253 3.18 -6.48 11.28
CA GLU E 253 2.45 -5.43 10.60
C GLU E 253 3.40 -4.56 9.78
N VAL E 254 4.52 -4.15 10.38
CA VAL E 254 5.47 -3.29 9.66
C VAL E 254 6.06 -4.05 8.48
N ARG E 255 6.40 -5.33 8.67
CA ARG E 255 6.90 -6.13 7.55
C ARG E 255 5.86 -6.22 6.44
N LYS E 256 4.58 -6.31 6.81
CA LYS E 256 3.51 -6.37 5.82
C LYS E 256 3.48 -5.11 4.97
N ILE E 257 3.48 -3.94 5.63
CA ILE E 257 3.44 -2.68 4.89
C ILE E 257 4.58 -2.60 3.89
N LEU E 258 5.78 -2.99 4.30
CA LEU E 258 6.92 -2.97 3.39
C LEU E 258 6.75 -3.99 2.26
N GLY E 259 6.08 -5.11 2.54
CA GLY E 259 5.67 -6.05 1.53
C GLY E 259 6.80 -6.66 0.71
N GLU E 260 6.41 -7.13 -0.48
CA GLU E 260 7.34 -7.82 -1.36
C GLU E 260 8.42 -6.88 -1.91
N LYS E 261 8.07 -5.62 -2.15
CA LYS E 261 9.05 -4.69 -2.69
C LYS E 261 10.12 -4.34 -1.66
N GLY E 262 9.77 -4.32 -0.39
CA GLY E 262 10.72 -3.99 0.66
C GLY E 262 11.09 -5.17 1.53
N LYS E 263 10.96 -6.38 0.98
CA LYS E 263 11.23 -7.58 1.78
C LYS E 263 12.67 -7.61 2.29
N ASN E 264 13.61 -7.05 1.54
CA ASN E 264 15.01 -7.05 1.94
C ASN E 264 15.39 -5.87 2.82
N ILE E 265 14.47 -4.92 3.03
CA ILE E 265 14.71 -3.85 3.99
C ILE E 265 14.65 -4.43 5.40
N LYS E 266 15.61 -4.05 6.24
CA LYS E 266 15.70 -4.59 7.59
C LYS E 266 14.83 -3.77 8.55
N ILE E 267 14.19 -4.46 9.48
CA ILE E 267 13.30 -3.84 10.45
C ILE E 267 13.97 -3.89 11.82
N ILE E 268 14.37 -2.73 12.31
CA ILE E 268 14.92 -2.57 13.65
C ILE E 268 13.80 -2.09 14.56
N SER E 269 13.47 -2.90 15.57
CA SER E 269 12.37 -2.54 16.46
C SER E 269 12.87 -1.61 17.57
N LYS E 270 12.07 -0.58 17.86
CA LYS E 270 12.37 0.39 18.91
C LYS E 270 11.62 0.00 20.18
N ILE E 271 12.37 -0.38 21.21
CA ILE E 271 11.80 -0.77 22.50
C ILE E 271 11.64 0.49 23.34
N GLU E 272 10.40 0.91 23.60
CA GLU E 272 10.14 2.23 24.16
C GLU E 272 9.34 2.24 25.46
N ASN E 273 8.80 1.11 25.92
CA ASN E 273 7.93 1.14 27.08
C ASN E 273 7.99 -0.20 27.81
N HIS E 274 7.20 -0.31 28.87
CA HIS E 274 7.17 -1.54 29.67
C HIS E 274 6.81 -2.75 28.81
N GLU E 275 5.73 -2.65 28.03
CA GLU E 275 5.25 -3.82 27.31
C GLU E 275 6.30 -4.35 26.35
N GLY E 276 7.01 -3.47 25.64
CA GLY E 276 8.07 -3.91 24.76
C GLY E 276 9.16 -4.66 25.50
N VAL E 277 9.57 -4.13 26.66
CA VAL E 277 10.57 -4.82 27.47
C VAL E 277 10.05 -6.18 27.91
N ARG E 278 8.77 -6.25 28.30
CA ARG E 278 8.23 -7.50 28.82
C ARG E 278 8.05 -8.54 27.74
N ARG E 279 7.62 -8.12 26.54
CA ARG E 279 7.44 -9.03 25.42
C ARG E 279 8.64 -9.03 24.48
N PHE E 280 9.83 -8.75 25.01
CA PHE E 280 11.00 -8.54 24.16
C PHE E 280 11.32 -9.78 23.34
N ASP E 281 11.32 -10.95 23.96
CA ASP E 281 11.77 -12.16 23.27
C ASP E 281 10.98 -12.41 21.98
N GLU E 282 9.67 -12.18 22.01
CA GLU E 282 8.89 -12.37 20.79
C GLU E 282 9.14 -11.25 19.79
N ILE E 283 9.39 -10.03 20.26
CA ILE E 283 9.78 -8.94 19.37
C ILE E 283 11.11 -9.24 18.71
N LEU E 284 12.09 -9.69 19.50
CA LEU E 284 13.42 -9.96 18.95
C LEU E 284 13.35 -11.02 17.85
N GLU E 285 12.67 -12.13 18.13
CA GLU E 285 12.61 -13.21 17.16
C GLU E 285 12.00 -12.75 15.84
N ALA E 286 11.02 -11.84 15.92
CA ALA E 286 10.38 -11.34 14.71
C ALA E 286 11.17 -10.24 14.02
N SER E 287 12.09 -9.60 14.72
CA SER E 287 12.79 -8.44 14.19
C SER E 287 14.13 -8.84 13.55
N ASP E 288 14.63 -7.96 12.69
CA ASP E 288 16.00 -8.06 12.22
C ASP E 288 16.99 -7.45 13.20
N GLY E 289 16.52 -6.56 14.07
CA GLY E 289 17.40 -5.93 15.04
C GLY E 289 16.58 -5.14 16.04
N ILE E 290 17.29 -4.47 16.95
CA ILE E 290 16.67 -3.76 18.06
C ILE E 290 17.43 -2.46 18.30
N MET E 291 16.68 -1.43 18.71
CA MET E 291 17.25 -0.21 19.24
C MET E 291 16.73 -0.02 20.66
N VAL E 292 17.64 0.14 21.61
CA VAL E 292 17.25 0.52 22.97
C VAL E 292 16.98 2.02 22.95
N ALA E 293 15.72 2.41 22.72
CA ALA E 293 15.37 3.82 22.59
C ALA E 293 15.27 4.44 23.98
N ARG E 294 16.45 4.64 24.59
CA ARG E 294 16.51 5.01 26.00
C ARG E 294 15.74 6.30 26.29
N GLY E 295 15.63 7.20 25.31
CA GLY E 295 14.91 8.43 25.52
C GLY E 295 13.48 8.17 25.94
N ASP E 296 12.66 7.69 24.99
CA ASP E 296 11.27 7.39 25.30
C ASP E 296 11.14 6.32 26.38
N LEU E 297 12.10 5.41 26.46
CA LEU E 297 12.04 4.36 27.47
C LEU E 297 12.11 4.95 28.87
N GLY E 298 12.97 5.95 29.07
CA GLY E 298 13.13 6.57 30.38
C GLY E 298 11.98 7.46 30.81
N ILE E 299 11.08 7.80 29.88
CA ILE E 299 9.86 8.50 30.26
C ILE E 299 8.82 7.49 30.76
N GLU E 300 8.75 6.32 30.12
CA GLU E 300 7.74 5.31 30.46
C GLU E 300 8.11 4.58 31.76
N ILE E 301 9.36 4.11 31.86
CA ILE E 301 9.79 3.37 33.05
C ILE E 301 10.68 4.28 33.88
N PRO E 302 10.81 4.03 35.19
CA PRO E 302 11.69 4.86 36.01
C PRO E 302 13.08 4.97 35.38
N ALA E 303 13.57 6.22 35.28
CA ALA E 303 14.85 6.46 34.62
C ALA E 303 15.95 5.58 35.20
N GLU E 304 15.91 5.33 36.52
CA GLU E 304 16.96 4.56 37.16
C GLU E 304 16.95 3.09 36.77
N LYS E 305 15.96 2.64 35.99
CA LYS E 305 15.90 1.26 35.53
C LYS E 305 16.33 1.10 34.07
N VAL E 306 16.52 2.20 33.35
CA VAL E 306 16.80 2.12 31.91
C VAL E 306 18.01 1.26 31.63
N PHE E 307 19.03 1.35 32.49
CA PHE E 307 20.26 0.58 32.24
C PHE E 307 20.01 -0.92 32.36
N LEU E 308 19.12 -1.34 33.27
CA LEU E 308 18.75 -2.75 33.35
C LEU E 308 18.16 -3.21 32.02
N ALA E 309 17.26 -2.42 31.44
CA ALA E 309 16.67 -2.78 30.16
C ALA E 309 17.72 -2.76 29.05
N GLN E 310 18.61 -1.76 29.07
CA GLN E 310 19.66 -1.68 28.06
C GLN E 310 20.54 -2.93 28.08
N LYS E 311 21.01 -3.31 29.27
CA LYS E 311 21.94 -4.43 29.37
C LYS E 311 21.24 -5.76 29.07
N MET E 312 19.99 -5.90 29.52
CA MET E 312 19.22 -7.10 29.18
C MET E 312 19.06 -7.24 27.67
N ILE E 313 18.70 -6.15 27.00
CA ILE E 313 18.40 -6.21 25.57
C ILE E 313 19.66 -6.46 24.76
N ILE E 314 20.76 -5.79 25.10
CA ILE E 314 22.02 -6.00 24.39
C ILE E 314 22.47 -7.44 24.55
N GLY E 315 22.45 -7.95 25.78
CA GLY E 315 22.82 -9.33 26.01
C GLY E 315 22.04 -10.29 25.14
N ARG E 316 20.71 -10.20 25.18
CA ARG E 316 19.89 -11.14 24.43
C ARG E 316 20.07 -10.98 22.93
N CYS E 317 20.24 -9.74 22.46
CA CYS E 317 20.54 -9.55 21.04
C CYS E 317 21.88 -10.19 20.67
N ASN E 318 22.89 -10.03 21.52
CA ASN E 318 24.16 -10.71 21.30
C ASN E 318 23.95 -12.22 21.22
N ARG E 319 23.19 -12.76 22.18
CA ARG E 319 22.88 -14.18 22.21
C ARG E 319 22.31 -14.64 20.88
N ALA E 320 21.34 -13.89 20.34
CA ALA E 320 20.73 -14.25 19.06
C ALA E 320 21.61 -13.93 17.87
N GLY E 321 22.66 -13.12 18.07
CA GLY E 321 23.41 -12.64 16.94
C GLY E 321 22.69 -11.59 16.12
N LYS E 322 21.77 -10.83 16.75
CA LYS E 322 21.03 -9.84 16.00
C LYS E 322 21.49 -8.43 16.36
N PRO E 323 21.55 -7.53 15.40
CA PRO E 323 22.06 -6.18 15.67
C PRO E 323 21.23 -5.46 16.72
N VAL E 324 21.92 -4.75 17.60
CA VAL E 324 21.30 -3.98 18.66
C VAL E 324 21.94 -2.60 18.69
N ILE E 325 21.13 -1.56 18.79
CA ILE E 325 21.57 -0.17 18.75
C ILE E 325 21.33 0.46 20.11
N CYS E 326 22.33 1.17 20.63
CA CYS E 326 22.17 1.99 21.82
C CYS E 326 22.01 3.45 21.39
N ALA E 327 20.98 4.11 21.89
CA ALA E 327 20.59 5.40 21.35
C ALA E 327 20.23 6.39 22.45
N THR E 328 20.34 7.68 22.11
CA THR E 328 19.75 8.80 22.84
C THR E 328 20.66 9.39 23.91
N GLN E 329 21.06 10.65 23.72
CA GLN E 329 21.74 11.45 24.73
C GLN E 329 23.11 10.91 25.11
N MET E 330 23.75 10.12 24.24
CA MET E 330 25.04 9.55 24.58
C MET E 330 26.10 10.64 24.76
N LEU E 331 26.05 11.69 23.94
CA LEU E 331 26.93 12.85 24.09
C LEU E 331 26.10 14.13 24.08
N GLU E 332 25.08 14.15 24.94
CA GLU E 332 24.07 15.21 24.89
C GLU E 332 24.70 16.59 24.97
N SER E 333 25.60 16.80 25.93
CA SER E 333 26.14 18.15 26.15
C SER E 333 26.88 18.68 24.94
N MET E 334 27.30 17.81 24.01
CA MET E 334 27.99 18.28 22.82
C MET E 334 27.04 18.99 21.85
N ILE E 335 25.76 19.10 22.17
CA ILE E 335 24.86 19.93 21.38
C ILE E 335 25.28 21.39 21.47
N LYS E 336 25.82 21.82 22.62
CA LYS E 336 26.29 23.18 22.80
C LYS E 336 27.77 23.30 23.17
N LYS E 337 28.44 22.20 23.50
CA LYS E 337 29.84 22.28 23.93
C LYS E 337 30.73 21.43 23.03
N PRO E 338 32.01 21.81 22.88
CA PRO E 338 32.90 21.06 21.99
C PRO E 338 33.54 19.83 22.61
N ARG E 339 33.39 19.63 23.92
CA ARG E 339 33.90 18.44 24.57
C ARG E 339 32.81 17.86 25.47
N PRO E 340 32.73 16.53 25.57
CA PRO E 340 31.64 15.91 26.33
C PRO E 340 31.98 15.86 27.82
N THR E 341 30.99 15.43 28.61
CA THR E 341 31.20 15.24 30.03
C THR E 341 31.80 13.85 30.29
N ARG E 342 32.31 13.66 31.51
CA ARG E 342 32.84 12.35 31.86
C ARG E 342 31.75 11.28 31.87
N ALA E 343 30.54 11.65 32.28
CA ALA E 343 29.43 10.70 32.22
C ALA E 343 29.17 10.26 30.80
N GLU E 344 29.23 11.19 29.86
CA GLU E 344 28.91 10.88 28.48
C GLU E 344 29.99 10.00 27.86
N GLY E 345 31.26 10.26 28.17
CA GLY E 345 32.32 9.39 27.71
C GLY E 345 32.21 7.99 28.31
N SER E 346 31.90 7.92 29.60
CA SER E 346 31.69 6.63 30.25
C SER E 346 30.51 5.88 29.63
N ASP E 347 29.47 6.61 29.23
CA ASP E 347 28.28 5.97 28.71
C ASP E 347 28.54 5.32 27.35
N VAL E 348 29.25 6.01 26.46
CA VAL E 348 29.61 5.43 25.17
C VAL E 348 30.43 4.16 25.38
N ALA E 349 31.46 4.24 26.23
CA ALA E 349 32.33 3.11 26.45
C ALA E 349 31.55 1.90 26.99
N ASN E 350 30.72 2.12 28.01
CA ASN E 350 30.01 1.01 28.62
C ASN E 350 28.99 0.40 27.68
N ALA E 351 28.43 1.18 26.75
CA ALA E 351 27.55 0.61 25.74
C ALA E 351 28.32 -0.31 24.81
N VAL E 352 29.56 0.05 24.47
CA VAL E 352 30.40 -0.82 23.67
C VAL E 352 30.78 -2.08 24.45
N LEU E 353 31.10 -1.92 25.73
CA LEU E 353 31.44 -3.08 26.56
C LEU E 353 30.23 -3.96 26.80
N ASP E 354 29.03 -3.38 26.87
CA ASP E 354 27.81 -4.19 26.96
C ASP E 354 27.64 -5.09 25.74
N GLY E 355 28.05 -4.61 24.57
CA GLY E 355 27.96 -5.43 23.37
C GLY E 355 27.18 -4.80 22.24
N ALA E 356 26.86 -3.52 22.35
CA ALA E 356 26.11 -2.84 21.29
C ALA E 356 26.85 -2.95 19.96
N ASP E 357 26.12 -3.34 18.92
CA ASP E 357 26.71 -3.37 17.58
C ASP E 357 26.89 -1.96 17.04
N CYS E 358 25.95 -1.07 17.35
CA CYS E 358 26.00 0.32 16.91
C CYS E 358 25.66 1.24 18.07
N ILE E 359 26.22 2.44 18.04
CA ILE E 359 25.86 3.53 18.93
C ILE E 359 25.33 4.67 18.07
N MET E 360 24.55 5.56 18.68
CA MET E 360 23.79 6.54 17.91
C MET E 360 24.00 7.96 18.42
N LEU E 361 23.83 8.90 17.50
CA LEU E 361 23.81 10.32 17.80
C LEU E 361 22.53 10.91 17.22
N SER E 362 21.82 11.71 18.02
CA SER E 362 20.55 12.28 17.60
C SER E 362 20.73 13.78 17.48
N GLY E 363 20.29 14.58 18.44
CA GLY E 363 20.43 16.02 18.33
C GLY E 363 21.88 16.45 18.22
N GLU E 364 22.80 15.64 18.72
CA GLU E 364 24.22 15.99 18.65
C GLU E 364 24.65 16.22 17.20
N THR E 365 24.12 15.44 16.26
CA THR E 365 24.46 15.61 14.86
C THR E 365 23.34 16.27 14.04
N ALA E 366 22.10 16.25 14.52
CA ALA E 366 21.01 16.80 13.72
C ALA E 366 20.95 18.32 13.85
N LYS E 367 21.22 18.86 15.03
CA LYS E 367 21.01 20.28 15.27
C LYS E 367 22.02 20.92 16.19
N GLY E 368 23.03 20.20 16.66
CA GLY E 368 23.99 20.76 17.58
C GLY E 368 25.01 21.65 16.90
N ASP E 369 25.81 22.32 17.73
CA ASP E 369 26.88 23.19 17.23
C ASP E 369 28.13 22.43 16.83
N TYR E 370 28.24 21.15 17.15
CA TYR E 370 29.48 20.41 17.01
C TYR E 370 29.21 19.00 16.48
N PRO E 371 28.54 18.89 15.33
CA PRO E 371 28.24 17.55 14.80
C PRO E 371 29.47 16.71 14.54
N LEU E 372 30.49 17.27 13.88
CA LEU E 372 31.69 16.49 13.57
C LEU E 372 32.42 16.08 14.83
N GLU E 373 32.54 16.99 15.80
CA GLU E 373 33.22 16.66 17.05
C GLU E 373 32.55 15.48 17.74
N ALA E 374 31.22 15.44 17.76
CA ALA E 374 30.52 14.32 18.40
C ALA E 374 30.83 13.01 17.69
N VAL E 375 30.73 12.99 16.36
CA VAL E 375 31.09 11.79 15.61
C VAL E 375 32.51 11.36 15.94
N ARG E 376 33.45 12.31 15.90
CA ARG E 376 34.85 11.98 16.17
C ARG E 376 35.03 11.40 17.57
N MET E 377 34.31 11.93 18.55
CA MET E 377 34.45 11.44 19.91
C MET E 377 33.94 10.01 20.04
N GLN E 378 32.75 9.72 19.48
CA GLN E 378 32.24 8.35 19.54
C GLN E 378 33.24 7.38 18.93
N HIS E 379 33.91 7.79 17.86
CA HIS E 379 34.90 6.95 17.22
C HIS E 379 36.06 6.64 18.17
N LEU E 380 36.61 7.67 18.81
CA LEU E 380 37.73 7.47 19.71
C LEU E 380 37.36 6.56 20.87
N ILE E 381 36.18 6.77 21.48
CA ILE E 381 35.79 5.96 22.62
C ILE E 381 35.57 4.52 22.22
N ALA E 382 34.93 4.29 21.07
CA ALA E 382 34.58 2.93 20.66
C ALA E 382 35.83 2.06 20.57
N ARG E 383 36.88 2.57 19.93
CA ARG E 383 38.10 1.78 19.77
C ARG E 383 38.72 1.44 21.12
N GLU E 384 38.84 2.42 22.01
CA GLU E 384 39.37 2.12 23.34
C GLU E 384 38.52 1.07 24.04
N ALA E 385 37.20 1.18 23.94
CA ALA E 385 36.32 0.23 24.61
C ALA E 385 36.41 -1.15 23.97
N GLU E 386 36.54 -1.21 22.65
CA GLU E 386 36.56 -2.49 21.96
C GLU E 386 37.76 -3.33 22.38
N ALA E 387 38.92 -2.69 22.57
CA ALA E 387 40.08 -3.42 23.06
C ALA E 387 39.85 -3.93 24.48
N ALA E 388 39.14 -3.15 25.30
CA ALA E 388 38.93 -3.47 26.70
C ALA E 388 37.88 -4.56 26.93
N MET E 389 37.28 -5.11 25.88
CA MET E 389 36.38 -6.25 26.07
C MET E 389 37.17 -7.46 26.54
N PHE E 390 36.47 -8.37 27.23
CA PHE E 390 37.07 -9.61 27.72
C PHE E 390 36.70 -10.72 26.73
N HIS E 391 37.45 -10.77 25.63
CA HIS E 391 37.03 -11.56 24.48
C HIS E 391 36.94 -13.05 24.81
N ARG E 392 37.95 -13.59 25.49
CA ARG E 392 37.93 -15.03 25.77
C ARG E 392 36.67 -15.42 26.55
N LYS E 393 36.33 -14.65 27.58
CA LYS E 393 35.12 -14.93 28.34
C LYS E 393 33.88 -14.73 27.49
N LEU E 394 33.82 -13.62 26.75
CA LEU E 394 32.67 -13.36 25.88
C LEU E 394 32.46 -14.51 24.90
N PHE E 395 33.55 -14.96 24.27
CA PHE E 395 33.44 -16.06 23.31
C PHE E 395 32.88 -17.31 23.99
N GLU E 396 33.49 -17.72 25.10
CA GLU E 396 33.04 -18.91 25.82
C GLU E 396 31.56 -18.82 26.15
N GLU E 397 31.11 -17.66 26.61
CA GLU E 397 29.72 -17.55 27.06
C GLU E 397 28.76 -17.46 25.88
N LEU E 398 29.17 -16.80 24.79
CA LEU E 398 28.37 -16.86 23.57
C LEU E 398 28.26 -18.29 23.06
N ALA E 399 29.37 -19.03 23.10
CA ALA E 399 29.33 -20.42 22.67
C ALA E 399 28.40 -21.24 23.56
N ARG E 400 28.39 -20.96 24.86
CA ARG E 400 27.52 -21.70 25.76
C ARG E 400 26.06 -21.45 25.44
N ALA E 401 25.68 -20.18 25.29
CA ALA E 401 24.27 -19.85 25.08
C ALA E 401 23.72 -20.46 23.78
N SER E 402 24.58 -20.74 22.80
CA SER E 402 24.14 -21.21 21.50
C SER E 402 24.44 -22.68 21.25
N SER E 403 24.97 -23.40 22.25
CA SER E 403 25.41 -24.77 22.03
C SER E 403 24.27 -25.71 21.66
N HIS E 404 23.01 -25.28 21.81
CA HIS E 404 21.90 -26.08 21.32
C HIS E 404 21.92 -26.19 19.80
N SER E 405 22.47 -25.19 19.11
CA SER E 405 22.53 -25.18 17.66
C SER E 405 23.79 -25.88 17.17
N THR E 406 23.64 -26.68 16.12
CA THR E 406 24.76 -27.33 15.43
C THR E 406 24.94 -26.78 14.03
N ASP E 407 24.36 -25.62 13.74
CA ASP E 407 24.43 -25.04 12.40
C ASP E 407 25.87 -25.00 11.89
N LEU E 408 26.02 -25.28 10.59
CA LEU E 408 27.36 -25.45 10.03
C LEU E 408 28.09 -24.11 9.90
N MET E 409 27.38 -23.04 9.56
CA MET E 409 28.05 -21.75 9.44
C MET E 409 28.46 -21.22 10.81
N GLU E 410 27.62 -21.42 11.83
CA GLU E 410 28.04 -21.15 13.19
C GLU E 410 29.33 -21.89 13.51
N ALA E 411 29.41 -23.16 13.09
CA ALA E 411 30.64 -23.92 13.29
C ALA E 411 31.82 -23.29 12.57
N MET E 412 31.61 -22.86 11.31
CA MET E 412 32.68 -22.19 10.58
C MET E 412 33.06 -20.88 11.24
N ALA E 413 32.06 -20.09 11.67
CA ALA E 413 32.34 -18.83 12.33
C ALA E 413 33.14 -19.04 13.61
N MET E 414 32.69 -19.98 14.45
CA MET E 414 33.36 -20.21 15.73
C MET E 414 34.79 -20.67 15.52
N GLY E 415 35.01 -21.63 14.63
CA GLY E 415 36.37 -22.09 14.35
C GLY E 415 37.26 -20.97 13.86
N SER E 416 36.71 -20.07 13.03
CA SER E 416 37.50 -18.97 12.50
C SER E 416 37.83 -17.94 13.58
N VAL E 417 36.86 -17.61 14.43
CA VAL E 417 37.12 -16.68 15.52
C VAL E 417 38.14 -17.29 16.48
N GLU E 418 37.97 -18.57 16.83
CA GLU E 418 38.96 -19.26 17.65
C GLU E 418 40.35 -19.11 17.05
N ALA E 419 40.47 -19.43 15.75
CA ALA E 419 41.77 -19.34 15.09
C ALA E 419 42.34 -17.94 15.14
N SER E 420 41.49 -16.92 14.94
CA SER E 420 41.99 -15.55 14.96
C SER E 420 42.53 -15.17 16.34
N TYR E 421 41.87 -15.65 17.40
CA TYR E 421 42.39 -15.44 18.74
C TYR E 421 43.78 -16.04 18.90
N LYS E 422 43.94 -17.29 18.43
CA LYS E 422 45.15 -18.06 18.73
C LYS E 422 46.38 -17.47 18.05
N CYS E 423 46.29 -17.20 16.75
CA CYS E 423 47.41 -16.66 16.01
C CYS E 423 47.39 -15.13 15.94
N LEU E 424 46.49 -14.49 16.69
CA LEU E 424 46.35 -13.04 16.69
C LEU E 424 46.28 -12.50 15.27
N ALA E 425 45.38 -13.09 14.48
CA ALA E 425 45.18 -12.61 13.12
C ALA E 425 44.86 -11.12 13.12
N ALA E 426 45.30 -10.43 12.08
CA ALA E 426 45.06 -9.00 11.99
C ALA E 426 43.67 -8.66 11.49
N ALA E 427 42.95 -9.64 10.96
CA ALA E 427 41.64 -9.41 10.37
C ALA E 427 41.06 -10.77 9.98
N LEU E 428 39.76 -10.77 9.64
CA LEU E 428 39.10 -11.91 9.02
C LEU E 428 38.46 -11.44 7.72
N ILE E 429 38.78 -12.11 6.62
CA ILE E 429 38.25 -11.78 5.31
C ILE E 429 37.14 -12.78 5.00
N VAL E 430 35.94 -12.25 4.70
CA VAL E 430 34.77 -13.06 4.41
C VAL E 430 34.23 -12.68 3.05
N LEU E 431 34.21 -13.63 2.13
CA LEU E 431 33.53 -13.46 0.85
C LEU E 431 32.08 -13.86 1.02
N THR E 432 31.17 -12.91 0.80
CA THR E 432 29.75 -13.15 1.07
C THR E 432 28.91 -12.22 0.20
N GLU E 433 27.86 -12.76 -0.39
CA GLU E 433 26.90 -11.96 -1.15
C GLU E 433 25.70 -11.54 -0.32
N SER E 434 25.15 -12.47 0.46
CA SER E 434 24.06 -12.11 1.38
C SER E 434 24.57 -11.42 2.64
N GLY E 435 25.85 -11.60 2.98
CA GLY E 435 26.39 -11.17 4.26
C GLY E 435 26.19 -12.18 5.38
N ARG E 436 25.38 -13.21 5.16
CA ARG E 436 25.03 -14.15 6.21
C ARG E 436 26.28 -14.73 6.89
N SER E 437 27.26 -15.15 6.10
CA SER E 437 28.47 -15.73 6.66
C SER E 437 29.21 -14.72 7.52
N ALA E 438 29.29 -13.47 7.08
CA ALA E 438 29.97 -12.45 7.87
C ALA E 438 29.19 -12.14 9.15
N HIS E 439 27.86 -12.13 9.07
CA HIS E 439 27.06 -11.90 10.26
C HIS E 439 27.35 -12.94 11.33
N GLN E 440 27.43 -14.22 10.93
CA GLN E 440 27.72 -15.27 11.90
C GLN E 440 29.11 -15.12 12.50
N VAL E 441 30.07 -14.61 11.73
CA VAL E 441 31.39 -14.33 12.28
C VAL E 441 31.31 -13.22 13.32
N ALA E 442 30.68 -12.10 12.95
CA ALA E 442 30.55 -10.98 13.87
C ALA E 442 29.86 -11.40 15.16
N ARG E 443 28.93 -12.35 15.07
CA ARG E 443 28.12 -12.72 16.21
C ARG E 443 28.96 -13.34 17.33
N TYR E 444 30.11 -13.91 17.00
CA TYR E 444 31.00 -14.51 18.00
C TYR E 444 32.18 -13.60 18.34
N ARG E 445 32.09 -12.33 17.98
CA ARG E 445 32.89 -11.24 18.53
C ARG E 445 34.40 -11.51 18.49
N PRO E 446 35.02 -11.53 17.31
CA PRO E 446 36.48 -11.46 17.26
C PRO E 446 36.94 -10.05 17.62
N ARG E 447 38.21 -9.95 18.02
CA ARG E 447 38.73 -8.60 18.22
C ARG E 447 39.24 -7.99 16.93
N ALA E 448 39.75 -8.82 16.01
CA ALA E 448 40.22 -8.33 14.74
C ALA E 448 39.05 -7.97 13.82
N PRO E 449 39.20 -6.97 12.98
CA PRO E 449 38.10 -6.56 12.10
C PRO E 449 37.77 -7.62 11.06
N ILE E 450 36.53 -7.61 10.62
CA ILE E 450 36.02 -8.52 9.60
C ILE E 450 35.90 -7.72 8.30
N ILE E 451 36.71 -8.06 7.32
CA ILE E 451 36.62 -7.45 5.99
C ILE E 451 35.70 -8.31 5.15
N ALA E 452 34.47 -7.84 4.94
CA ALA E 452 33.47 -8.56 4.15
C ALA E 452 33.43 -7.96 2.76
N VAL E 453 33.74 -8.79 1.76
CA VAL E 453 33.78 -8.37 0.37
C VAL E 453 32.55 -8.93 -0.33
N THR E 454 31.76 -8.05 -0.94
CA THR E 454 30.49 -8.43 -1.54
C THR E 454 30.27 -7.64 -2.82
N ARG E 455 29.60 -8.26 -3.78
CA ARG E 455 29.16 -7.58 -4.98
C ARG E 455 27.76 -7.00 -4.82
N ASN E 456 27.15 -7.14 -3.65
CA ASN E 456 25.80 -6.67 -3.39
C ASN E 456 25.88 -5.37 -2.59
N HIS E 457 25.59 -4.24 -3.25
CA HIS E 457 25.74 -2.95 -2.62
C HIS E 457 24.87 -2.82 -1.37
N GLN E 458 23.67 -3.40 -1.40
CA GLN E 458 22.80 -3.32 -0.24
C GLN E 458 23.34 -4.15 0.92
N THR E 459 23.83 -5.36 0.63
CA THR E 459 24.53 -6.14 1.65
C THR E 459 25.61 -5.29 2.33
N ALA E 460 26.37 -4.55 1.53
CA ALA E 460 27.45 -3.73 2.10
C ALA E 460 26.90 -2.67 3.04
N ARG E 461 25.88 -1.94 2.61
CA ARG E 461 25.33 -0.88 3.45
C ARG E 461 24.72 -1.44 4.73
N GLN E 462 24.01 -2.56 4.62
CA GLN E 462 23.38 -3.15 5.79
C GLN E 462 24.40 -3.81 6.72
N ALA E 463 25.60 -4.09 6.21
CA ALA E 463 26.62 -4.73 7.04
C ALA E 463 26.97 -3.90 8.28
N HIS E 464 26.74 -2.59 8.24
CA HIS E 464 27.13 -1.71 9.34
C HIS E 464 26.38 -2.01 10.64
N LEU E 465 25.28 -2.77 10.58
CA LEU E 465 24.52 -3.08 11.78
C LEU E 465 25.20 -4.12 12.66
N TYR E 466 26.27 -4.74 12.19
CA TYR E 466 26.92 -5.84 12.90
C TYR E 466 28.31 -5.39 13.37
N ARG E 467 28.60 -5.62 14.65
CA ARG E 467 29.89 -5.27 15.21
C ARG E 467 31.02 -5.89 14.40
N GLY E 468 31.95 -5.04 13.94
CA GLY E 468 33.21 -5.50 13.39
C GLY E 468 33.25 -5.72 11.89
N ILE E 469 32.13 -5.62 11.18
CA ILE E 469 32.12 -5.88 9.74
C ILE E 469 32.44 -4.59 9.00
N PHE E 470 33.55 -4.60 8.27
CA PHE E 470 33.90 -3.51 7.37
C PHE E 470 33.52 -3.91 5.96
N PRO E 471 32.45 -3.34 5.38
CA PRO E 471 31.99 -3.79 4.06
C PRO E 471 32.85 -3.22 2.94
N VAL E 472 33.25 -4.10 2.01
CA VAL E 472 33.98 -3.70 0.81
C VAL E 472 33.18 -4.17 -0.40
N VAL E 473 32.76 -3.21 -1.23
CA VAL E 473 32.01 -3.52 -2.44
C VAL E 473 32.99 -3.87 -3.55
N CYS E 474 32.85 -5.06 -4.11
CA CYS E 474 33.60 -5.46 -5.30
C CYS E 474 32.80 -5.05 -6.53
N LYS E 475 33.40 -4.22 -7.37
CA LYS E 475 32.77 -3.78 -8.61
C LYS E 475 33.37 -4.44 -9.85
N ASP E 476 34.30 -5.37 -9.67
CA ASP E 476 34.85 -6.10 -10.80
C ASP E 476 33.83 -7.10 -11.33
N PRO E 477 33.83 -7.35 -12.63
CA PRO E 477 32.94 -8.39 -13.17
C PRO E 477 33.40 -9.78 -12.75
N VAL E 478 32.44 -10.70 -12.66
CA VAL E 478 32.75 -12.05 -12.21
C VAL E 478 33.74 -12.68 -13.18
N GLN E 479 34.90 -13.08 -12.65
CA GLN E 479 35.80 -13.91 -13.43
C GLN E 479 35.14 -15.26 -13.71
N GLU E 480 35.58 -15.91 -14.78
CA GLU E 480 34.98 -17.19 -15.14
C GLU E 480 35.65 -18.37 -14.46
N ALA E 481 36.90 -18.23 -14.03
CA ALA E 481 37.55 -19.23 -13.20
C ALA E 481 37.24 -18.91 -11.74
N TRP E 482 36.37 -19.72 -11.12
CA TRP E 482 35.99 -19.49 -9.73
C TRP E 482 37.18 -19.19 -8.85
N ALA E 483 38.25 -19.98 -8.99
CA ALA E 483 39.45 -19.76 -8.18
C ALA E 483 40.05 -18.37 -8.43
N GLU E 484 39.94 -17.86 -9.66
CA GLU E 484 40.40 -16.51 -9.93
C GLU E 484 39.47 -15.47 -9.34
N ASP E 485 38.16 -15.68 -9.47
CA ASP E 485 37.20 -14.74 -8.90
C ASP E 485 37.35 -14.65 -7.39
N VAL E 486 37.64 -15.78 -6.74
CA VAL E 486 37.92 -15.77 -5.32
C VAL E 486 39.21 -15.02 -5.04
N ASP E 487 40.29 -15.41 -5.73
CA ASP E 487 41.58 -14.72 -5.57
C ASP E 487 41.45 -13.22 -5.79
N LEU E 488 40.60 -12.82 -6.74
CA LEU E 488 40.41 -11.38 -6.98
C LEU E 488 39.85 -10.69 -5.75
N ARG E 489 38.80 -11.26 -5.17
CA ARG E 489 38.13 -10.59 -4.05
C ARG E 489 38.97 -10.67 -2.79
N VAL E 490 39.69 -11.77 -2.58
CA VAL E 490 40.57 -11.85 -1.41
C VAL E 490 41.66 -10.79 -1.51
N ASN E 491 42.27 -10.65 -2.69
CA ASN E 491 43.34 -9.67 -2.85
C ASN E 491 42.81 -8.23 -2.77
N LEU E 492 41.55 -8.02 -3.14
CA LEU E 492 40.94 -6.71 -2.93
C LEU E 492 40.86 -6.39 -1.44
N ALA E 493 40.46 -7.37 -0.62
CA ALA E 493 40.45 -7.17 0.83
C ALA E 493 41.85 -6.90 1.35
N MET E 494 42.86 -7.61 0.83
CA MET E 494 44.23 -7.40 1.26
C MET E 494 44.66 -5.95 1.03
N ASN E 495 44.32 -5.39 -0.13
CA ASN E 495 44.72 -4.02 -0.45
C ASN E 495 43.89 -3.00 0.31
N VAL E 496 42.64 -3.32 0.65
CA VAL E 496 41.85 -2.44 1.49
C VAL E 496 42.44 -2.39 2.89
N GLY E 497 42.74 -3.57 3.46
CA GLY E 497 43.34 -3.60 4.79
C GLY E 497 44.66 -2.84 4.86
N LYS E 498 45.51 -3.03 3.85
CA LYS E 498 46.80 -2.34 3.85
C LYS E 498 46.62 -0.83 3.69
N ALA E 499 45.75 -0.40 2.78
CA ALA E 499 45.55 1.03 2.57
C ALA E 499 45.03 1.70 3.83
N ARG E 500 44.15 1.03 4.57
CA ARG E 500 43.54 1.60 5.76
C ARG E 500 44.33 1.33 7.03
N GLY E 501 45.47 0.64 6.93
CA GLY E 501 46.30 0.42 8.09
C GLY E 501 45.83 -0.66 9.03
N PHE E 502 44.98 -1.59 8.56
CA PHE E 502 44.55 -2.69 9.41
C PHE E 502 45.66 -3.71 9.59
N PHE E 503 46.54 -3.85 8.60
CA PHE E 503 47.64 -4.80 8.67
C PHE E 503 48.61 -4.47 7.55
N LYS E 504 49.75 -5.16 7.57
CA LYS E 504 50.80 -4.95 6.59
C LYS E 504 51.31 -6.31 6.11
N LYS E 505 52.14 -6.28 5.07
CA LYS E 505 52.81 -7.47 4.60
C LYS E 505 53.44 -8.22 5.77
N GLY E 506 53.18 -9.52 5.84
CA GLY E 506 53.72 -10.37 6.87
C GLY E 506 52.78 -10.67 8.02
N ASP E 507 51.73 -9.87 8.20
CA ASP E 507 50.68 -10.25 9.12
C ASP E 507 49.95 -11.47 8.58
N VAL E 508 49.07 -12.04 9.39
CA VAL E 508 48.24 -13.17 8.99
C VAL E 508 46.78 -12.79 9.18
N VAL E 509 45.95 -13.21 8.23
CA VAL E 509 44.51 -13.02 8.30
C VAL E 509 43.84 -14.38 8.19
N ILE E 510 42.62 -14.45 8.72
CA ILE E 510 41.75 -15.60 8.50
C ILE E 510 40.87 -15.31 7.29
N VAL E 511 40.81 -16.26 6.36
CA VAL E 511 40.08 -16.07 5.10
C VAL E 511 38.97 -17.11 5.03
N LEU E 512 37.72 -16.65 4.93
CA LEU E 512 36.56 -17.50 4.81
C LEU E 512 35.97 -17.34 3.42
N THR E 513 35.89 -18.45 2.68
CA THR E 513 35.38 -18.44 1.31
C THR E 513 34.47 -19.65 1.11
N GLY E 514 33.72 -19.62 0.01
CA GLY E 514 32.95 -20.78 -0.42
C GLY E 514 33.80 -21.64 -1.33
N TRP E 515 33.76 -22.95 -1.09
CA TRP E 515 34.58 -23.87 -1.87
C TRP E 515 34.17 -23.84 -3.35
N ARG E 516 32.87 -23.72 -3.62
CA ARG E 516 32.34 -23.65 -4.97
C ARG E 516 31.38 -22.49 -5.07
N PRO E 517 31.13 -21.99 -6.28
CA PRO E 517 30.23 -20.84 -6.44
C PRO E 517 28.85 -21.05 -5.85
N GLY E 518 28.40 -22.30 -5.72
CA GLY E 518 27.10 -22.62 -5.17
C GLY E 518 27.09 -23.02 -3.72
N SER E 519 28.24 -22.98 -3.03
CA SER E 519 28.25 -23.21 -1.60
C SER E 519 27.34 -22.20 -0.91
N GLY E 520 26.42 -22.70 -0.07
CA GLY E 520 25.48 -21.81 0.58
C GLY E 520 26.09 -20.88 1.61
N PHE E 521 27.35 -21.09 1.97
CA PHE E 521 28.01 -20.31 3.02
C PHE E 521 29.51 -20.47 2.83
N THR E 522 30.29 -19.81 3.68
CA THR E 522 31.75 -19.94 3.63
C THR E 522 32.14 -21.19 4.37
N ASN E 523 32.30 -22.30 3.64
CA ASN E 523 32.66 -23.58 4.20
C ASN E 523 34.16 -23.86 4.12
N THR E 524 34.95 -22.88 3.68
CA THR E 524 36.39 -23.01 3.59
C THR E 524 37.06 -21.90 4.38
N MET E 525 38.00 -22.29 5.24
CA MET E 525 38.71 -21.34 6.10
C MET E 525 40.20 -21.59 5.99
N ARG E 526 40.98 -20.51 5.83
CA ARG E 526 42.42 -20.58 5.71
C ARG E 526 43.08 -19.50 6.55
N VAL E 527 44.27 -19.83 7.07
CA VAL E 527 45.18 -18.82 7.60
C VAL E 527 46.12 -18.43 6.47
N VAL E 528 46.12 -17.15 6.11
CA VAL E 528 46.88 -16.66 4.97
C VAL E 528 47.78 -15.52 5.41
N PRO E 529 49.06 -15.52 5.06
CA PRO E 529 49.90 -14.34 5.32
C PRO E 529 49.53 -13.21 4.37
N VAL E 530 49.58 -11.99 4.88
CA VAL E 530 49.32 -10.83 4.03
C VAL E 530 50.49 -10.65 3.08
N PRO E 531 50.27 -10.51 1.76
CA PRO E 531 51.34 -10.39 0.78
C PRO E 531 51.90 -8.97 0.68
N ILE F 13 59.21 -27.10 49.01
CA ILE F 13 58.05 -27.94 48.74
C ILE F 13 57.00 -27.74 49.83
N GLN F 14 55.77 -27.49 49.42
CA GLN F 14 54.67 -27.32 50.36
C GLN F 14 54.13 -28.69 50.77
N THR F 15 53.06 -28.69 51.55
CA THR F 15 52.41 -29.91 52.02
C THR F 15 50.96 -29.92 51.53
N GLN F 16 50.33 -31.08 51.67
CA GLN F 16 48.90 -31.21 51.37
C GLN F 16 48.57 -30.81 49.93
N GLN F 17 49.51 -30.99 49.01
CA GLN F 17 49.31 -30.58 47.61
C GLN F 17 48.78 -29.16 47.52
N LEU F 18 49.22 -28.31 48.47
CA LEU F 18 48.66 -26.96 48.55
C LEU F 18 49.06 -26.08 47.37
N HIS F 19 50.13 -26.42 46.66
CA HIS F 19 50.43 -25.72 45.42
C HIS F 19 49.39 -26.03 44.34
N ALA F 20 49.11 -27.32 44.14
CA ALA F 20 48.05 -27.71 43.23
C ALA F 20 46.73 -27.06 43.61
N ALA F 21 46.46 -26.93 44.92
CA ALA F 21 45.23 -26.30 45.37
C ALA F 21 45.08 -24.88 44.83
N MET F 22 46.20 -24.21 44.55
CA MET F 22 46.20 -22.83 44.08
C MET F 22 46.00 -22.71 42.57
N ALA F 23 45.89 -23.82 41.85
CA ALA F 23 45.73 -23.78 40.41
C ALA F 23 44.43 -23.08 40.02
N ASP F 24 44.38 -22.62 38.77
CA ASP F 24 43.17 -22.05 38.21
C ASP F 24 42.34 -23.05 37.42
N THR F 25 42.99 -24.02 36.77
CA THR F 25 42.30 -25.04 35.99
C THR F 25 42.60 -26.41 36.55
N PHE F 26 41.70 -27.36 36.23
CA PHE F 26 41.91 -28.74 36.63
C PHE F 26 43.17 -29.32 36.00
N LEU F 27 43.44 -28.96 34.74
CA LEU F 27 44.67 -29.40 34.11
C LEU F 27 45.89 -28.91 34.89
N GLU F 28 45.92 -27.61 35.20
CA GLU F 28 47.04 -27.07 35.97
C GLU F 28 47.11 -27.71 37.35
N HIS F 29 45.95 -27.93 37.99
CA HIS F 29 45.94 -28.65 39.26
C HIS F 29 46.62 -30.01 39.12
N MET F 30 46.27 -30.75 38.07
CA MET F 30 46.93 -32.04 37.82
C MET F 30 48.43 -31.86 37.63
N CYS F 31 48.84 -30.86 36.84
CA CYS F 31 50.24 -30.70 36.52
C CYS F 31 51.09 -30.35 37.74
N ARG F 32 50.48 -29.86 38.81
CA ARG F 32 51.20 -29.47 40.01
C ARG F 32 51.25 -30.57 41.07
N LEU F 33 50.58 -31.69 40.85
CA LEU F 33 50.61 -32.77 41.83
C LEU F 33 52.05 -33.20 42.08
N ASP F 34 52.44 -33.25 43.35
CA ASP F 34 53.82 -33.35 43.76
C ASP F 34 53.98 -34.55 44.69
N ILE F 35 54.75 -35.55 44.26
CA ILE F 35 54.97 -36.72 45.12
C ILE F 35 55.71 -36.33 46.38
N ASP F 36 56.37 -35.18 46.40
CA ASP F 36 57.11 -34.71 47.56
C ASP F 36 56.32 -33.73 48.42
N SER F 37 55.01 -33.64 48.20
CA SER F 37 54.13 -32.82 49.04
C SER F 37 53.48 -33.77 50.05
N ALA F 38 53.95 -33.72 51.28
CA ALA F 38 53.52 -34.69 52.27
C ALA F 38 52.07 -34.42 52.70
N PRO F 39 51.26 -35.45 52.86
CA PRO F 39 49.90 -35.27 53.36
C PRO F 39 49.87 -35.13 54.88
N ILE F 40 48.75 -34.62 55.38
CA ILE F 40 48.57 -34.43 56.81
C ILE F 40 48.32 -35.78 57.47
N THR F 41 48.38 -35.81 58.80
CA THR F 41 48.21 -37.06 59.53
C THR F 41 46.79 -37.60 59.38
N ALA F 42 45.79 -36.73 59.52
CA ALA F 42 44.41 -37.18 59.52
C ALA F 42 44.04 -37.83 58.20
N ARG F 43 43.31 -38.95 58.28
CA ARG F 43 42.77 -39.64 57.12
C ARG F 43 41.25 -39.52 57.16
N ASN F 44 40.68 -38.93 56.11
CA ASN F 44 39.26 -38.60 56.10
C ASN F 44 38.36 -39.72 55.63
N THR F 45 38.82 -40.56 54.70
CA THR F 45 37.99 -41.61 54.13
C THR F 45 37.85 -42.78 55.11
N GLY F 46 36.61 -43.16 55.40
CA GLY F 46 36.39 -44.30 56.27
C GLY F 46 36.72 -45.61 55.57
N ILE F 47 37.34 -46.52 56.32
CA ILE F 47 37.72 -47.83 55.82
C ILE F 47 36.81 -48.87 56.45
N ILE F 48 36.13 -49.65 55.62
CA ILE F 48 35.18 -50.66 56.07
C ILE F 48 35.78 -52.03 55.78
N CYS F 49 35.83 -52.88 56.80
CA CYS F 49 36.52 -54.17 56.74
C CYS F 49 35.52 -55.30 56.93
N THR F 50 35.48 -56.22 55.97
CA THR F 50 34.66 -57.42 56.09
C THR F 50 35.36 -58.39 57.03
N ILE F 51 34.72 -58.71 58.16
CA ILE F 51 35.32 -59.58 59.16
C ILE F 51 34.94 -61.02 58.85
N GLY F 52 35.95 -61.89 58.80
CA GLY F 52 35.73 -63.29 58.50
C GLY F 52 36.74 -64.18 59.20
N PRO F 53 36.99 -65.36 58.64
CA PRO F 53 37.95 -66.29 59.25
C PRO F 53 39.30 -65.65 59.55
N ALA F 54 39.84 -64.85 58.64
CA ALA F 54 41.18 -64.31 58.78
C ALA F 54 41.26 -63.11 59.72
N SER F 55 40.16 -62.71 60.35
CA SER F 55 40.19 -61.47 61.13
C SER F 55 39.18 -61.43 62.27
N ARG F 56 38.53 -62.53 62.63
CA ARG F 56 37.48 -62.49 63.64
C ARG F 56 38.00 -62.72 65.06
N SER F 57 39.29 -63.00 65.23
CA SER F 57 39.85 -63.14 66.57
C SER F 57 40.08 -61.78 67.19
N VAL F 58 39.80 -61.67 68.49
CA VAL F 58 39.95 -60.39 69.17
C VAL F 58 41.39 -59.89 69.04
N GLU F 59 42.36 -60.80 68.98
CA GLU F 59 43.75 -60.38 68.82
C GLU F 59 43.94 -59.65 67.49
N THR F 60 43.46 -60.24 66.40
CA THR F 60 43.57 -59.59 65.09
C THR F 60 42.69 -58.35 65.01
N LEU F 61 41.51 -58.40 65.63
CA LEU F 61 40.62 -57.24 65.60
C LEU F 61 41.29 -56.01 66.21
N LYS F 62 42.07 -56.20 67.28
CA LYS F 62 42.80 -55.08 67.86
C LYS F 62 43.74 -54.45 66.84
N GLU F 63 44.47 -55.28 66.09
CA GLU F 63 45.38 -54.75 65.08
C GLU F 63 44.61 -54.09 63.93
N MET F 64 43.42 -54.59 63.61
CA MET F 64 42.61 -53.96 62.59
C MET F 64 42.26 -52.53 62.98
N ILE F 65 41.88 -52.33 64.24
CA ILE F 65 41.53 -50.98 64.70
C ILE F 65 42.73 -50.06 64.60
N LYS F 66 43.91 -50.54 65.02
CA LYS F 66 45.10 -49.71 64.95
C LYS F 66 45.49 -49.41 63.51
N SER F 67 45.33 -50.38 62.61
CA SER F 67 45.71 -50.17 61.22
C SER F 67 44.82 -49.13 60.54
N GLY F 68 43.57 -49.03 60.95
CA GLY F 68 42.71 -47.99 60.42
C GLY F 68 41.25 -48.38 60.24
N MET F 69 40.87 -49.57 60.66
CA MET F 69 39.48 -50.00 60.52
C MET F 69 38.56 -49.08 61.32
N ASN F 70 37.45 -48.69 60.69
CA ASN F 70 36.42 -47.89 61.34
C ASN F 70 35.06 -48.56 61.40
N VAL F 71 34.77 -49.47 60.46
CA VAL F 71 33.48 -50.14 60.39
C VAL F 71 33.71 -51.60 60.04
N ALA F 72 33.20 -52.51 60.88
CA ALA F 72 33.29 -53.94 60.64
C ALA F 72 32.02 -54.42 59.95
N ARG F 73 32.19 -55.11 58.83
CA ARG F 73 31.07 -55.57 58.01
C ARG F 73 30.83 -57.05 58.27
N MET F 74 29.60 -57.38 58.69
CA MET F 74 29.15 -58.76 58.84
C MET F 74 28.39 -59.14 57.57
N ASN F 75 28.99 -60.02 56.77
CA ASN F 75 28.36 -60.47 55.53
C ASN F 75 27.50 -61.69 55.83
N PHE F 76 26.18 -61.50 55.78
CA PHE F 76 25.22 -62.56 56.09
C PHE F 76 24.87 -63.41 54.88
N SER F 77 25.74 -63.47 53.86
CA SER F 77 25.54 -64.45 52.80
C SER F 77 25.78 -65.85 53.32
N HIS F 78 26.67 -66.02 54.28
CA HIS F 78 26.93 -67.30 54.92
C HIS F 78 27.07 -67.06 56.42
N GLY F 79 27.00 -68.15 57.18
CA GLY F 79 27.12 -68.07 58.62
C GLY F 79 25.78 -68.01 59.32
N THR F 80 25.78 -68.41 60.58
CA THR F 80 24.59 -68.46 61.40
C THR F 80 24.52 -67.25 62.34
N HIS F 81 23.35 -67.07 62.96
CA HIS F 81 23.22 -66.02 63.96
C HIS F 81 24.27 -66.19 65.07
N GLU F 82 24.53 -67.43 65.48
CA GLU F 82 25.52 -67.68 66.52
C GLU F 82 26.91 -67.25 66.08
N TYR F 83 27.29 -67.59 64.84
CA TYR F 83 28.61 -67.21 64.33
C TYR F 83 28.77 -65.70 64.32
N HIS F 84 27.84 -64.99 63.67
CA HIS F 84 27.95 -63.54 63.57
C HIS F 84 27.84 -62.88 64.93
N ALA F 85 26.92 -63.36 65.78
CA ALA F 85 26.83 -62.83 67.13
C ALA F 85 28.16 -62.97 67.87
N GLU F 86 28.94 -64.01 67.56
CA GLU F 86 30.27 -64.14 68.14
C GLU F 86 31.19 -63.05 67.62
N THR F 87 31.23 -62.87 66.29
CA THR F 87 32.10 -61.84 65.71
C THR F 87 31.74 -60.46 66.23
N ILE F 88 30.45 -60.18 66.39
CA ILE F 88 30.02 -58.86 66.85
C ILE F 88 30.53 -58.61 68.27
N LYS F 89 30.38 -59.59 69.17
CA LYS F 89 30.95 -59.45 70.50
C LYS F 89 32.46 -59.28 70.43
N ASN F 90 33.12 -60.05 69.56
CA ASN F 90 34.58 -59.95 69.42
C ASN F 90 35.00 -58.56 68.96
N VAL F 91 34.24 -57.97 68.04
CA VAL F 91 34.54 -56.60 67.61
C VAL F 91 34.42 -55.65 68.79
N ARG F 92 33.29 -55.73 69.50
CA ARG F 92 33.05 -54.81 70.61
C ARG F 92 34.07 -54.99 71.72
N THR F 93 34.66 -56.19 71.84
CA THR F 93 35.68 -56.42 72.84
C THR F 93 37.00 -55.75 72.45
N ALA F 94 37.49 -56.04 71.25
CA ALA F 94 38.68 -55.36 70.77
C ALA F 94 38.52 -53.85 70.80
N THR F 95 37.31 -53.36 70.54
CA THR F 95 37.07 -51.92 70.50
C THR F 95 37.19 -51.31 71.90
N GLU F 96 36.48 -51.90 72.87
CA GLU F 96 36.49 -51.33 74.22
C GLU F 96 37.80 -51.53 74.95
N SER F 97 38.69 -52.40 74.45
CA SER F 97 39.99 -52.55 75.09
C SER F 97 40.80 -51.26 75.05
N PHE F 98 40.42 -50.32 74.19
CA PHE F 98 41.10 -49.03 74.09
C PHE F 98 40.40 -47.92 74.86
N ALA F 99 39.26 -48.21 75.48
CA ALA F 99 38.54 -47.20 76.26
C ALA F 99 39.27 -46.80 77.53
N SER F 100 40.52 -47.23 77.73
CA SER F 100 41.25 -46.86 78.93
C SER F 100 41.30 -45.35 79.09
N ASP F 101 41.75 -44.63 78.07
CA ASP F 101 41.64 -43.18 78.06
C ASP F 101 40.74 -42.75 76.89
N PRO F 102 39.67 -41.99 77.13
CA PRO F 102 38.81 -41.56 76.03
C PRO F 102 39.48 -40.51 75.17
N ILE F 103 40.70 -40.79 74.73
CA ILE F 103 41.48 -39.88 73.89
C ILE F 103 41.94 -40.65 72.67
N LEU F 104 42.76 -41.68 72.89
CA LEU F 104 43.22 -42.55 71.82
C LEU F 104 42.19 -43.61 71.44
N TYR F 105 40.98 -43.51 71.98
CA TYR F 105 39.92 -44.48 71.75
C TYR F 105 39.17 -44.13 70.47
N ARG F 106 39.21 -45.05 69.50
CA ARG F 106 38.55 -44.84 68.22
C ARG F 106 37.27 -45.66 68.17
N PRO F 107 36.09 -45.04 68.10
CA PRO F 107 34.86 -45.84 67.97
C PRO F 107 34.89 -46.67 66.70
N VAL F 108 34.15 -47.77 66.73
CA VAL F 108 34.02 -48.68 65.59
C VAL F 108 32.55 -49.02 65.42
N ALA F 109 32.09 -48.99 64.17
CA ALA F 109 30.70 -49.29 63.86
C ALA F 109 30.54 -50.74 63.42
N VAL F 110 29.36 -51.29 63.67
CA VAL F 110 28.99 -52.65 63.27
C VAL F 110 27.97 -52.55 62.16
N ALA F 111 28.26 -53.19 61.02
CA ALA F 111 27.42 -53.11 59.83
C ALA F 111 26.91 -54.49 59.47
N LEU F 112 25.61 -54.59 59.24
CA LEU F 112 24.96 -55.83 58.80
C LEU F 112 24.70 -55.73 57.31
N ASP F 113 25.25 -56.68 56.54
CA ASP F 113 25.08 -56.73 55.09
C ASP F 113 24.20 -57.93 54.76
N THR F 114 22.98 -57.67 54.31
CA THR F 114 22.02 -58.74 54.09
C THR F 114 22.40 -59.57 52.87
N LYS F 115 21.95 -60.84 52.88
CA LYS F 115 22.15 -61.70 51.74
C LYS F 115 21.30 -61.26 50.54
N GLY F 116 20.04 -60.89 50.80
CA GLY F 116 19.16 -60.42 49.76
C GLY F 116 18.48 -61.55 49.01
N PRO F 117 17.47 -61.21 48.20
CA PRO F 117 16.81 -62.23 47.38
C PRO F 117 17.77 -62.79 46.34
N GLU F 118 17.34 -63.89 45.71
CA GLU F 118 18.21 -64.64 44.82
C GLU F 118 17.40 -65.36 43.76
N ILE F 119 18.07 -65.65 42.65
CA ILE F 119 17.61 -66.63 41.65
C ILE F 119 18.64 -67.75 41.62
N ARG F 120 18.20 -68.97 41.96
CA ARG F 120 19.07 -70.13 41.99
C ARG F 120 18.58 -71.18 41.01
N THR F 121 19.53 -71.94 40.46
CA THR F 121 19.22 -73.09 39.62
C THR F 121 19.01 -74.32 40.49
N GLY F 122 18.67 -75.44 39.85
CA GLY F 122 18.35 -76.66 40.55
C GLY F 122 19.54 -77.58 40.73
N LEU F 123 19.24 -78.86 40.98
CA LEU F 123 20.27 -79.87 41.15
C LEU F 123 20.62 -80.50 39.81
N ILE F 124 21.92 -80.69 39.59
CA ILE F 124 22.40 -81.37 38.40
C ILE F 124 22.31 -82.88 38.65
N LYS F 125 21.46 -83.56 37.88
CA LYS F 125 21.33 -85.01 37.92
C LYS F 125 21.15 -85.51 39.36
N GLY F 126 20.27 -84.84 40.09
CA GLY F 126 19.92 -85.25 41.44
C GLY F 126 21.02 -85.12 42.47
N SER F 127 22.17 -84.55 42.11
CA SER F 127 23.29 -84.42 43.02
C SER F 127 23.63 -82.94 43.24
N GLY F 128 23.94 -82.59 44.49
CA GLY F 128 24.38 -81.26 44.79
C GLY F 128 25.83 -80.97 44.43
N THR F 129 26.57 -81.99 44.00
CA THR F 129 28.00 -81.85 43.73
C THR F 129 28.37 -82.23 42.30
N ALA F 130 27.39 -82.33 41.41
CA ALA F 130 27.63 -82.77 40.04
C ALA F 130 27.69 -81.58 39.09
N GLU F 131 28.17 -81.84 37.88
CA GLU F 131 28.34 -80.79 36.89
C GLU F 131 28.14 -81.37 35.50
N VAL F 132 27.80 -80.49 34.57
CA VAL F 132 27.80 -80.78 33.14
C VAL F 132 28.52 -79.63 32.44
N GLU F 133 29.15 -79.93 31.32
CA GLU F 133 29.82 -78.90 30.53
C GLU F 133 28.85 -78.34 29.51
N LEU F 134 28.64 -77.03 29.56
CA LEU F 134 27.82 -76.35 28.56
C LEU F 134 28.73 -75.87 27.43
N LYS F 135 28.39 -76.24 26.20
CA LYS F 135 29.23 -75.98 25.05
C LYS F 135 28.69 -74.79 24.26
N LYS F 136 29.59 -73.88 23.89
CA LYS F 136 29.22 -72.72 23.10
C LYS F 136 28.37 -73.12 21.89
N GLY F 137 27.37 -72.29 21.59
CA GLY F 137 26.51 -72.52 20.46
C GLY F 137 25.44 -73.59 20.65
N ALA F 138 25.52 -74.39 21.70
CA ALA F 138 24.53 -75.42 21.94
C ALA F 138 23.25 -74.82 22.51
N THR F 139 22.17 -75.59 22.43
CA THR F 139 20.88 -75.16 22.95
C THR F 139 20.73 -75.61 24.40
N LEU F 140 20.06 -74.78 25.19
CA LEU F 140 19.74 -75.12 26.57
C LEU F 140 18.38 -74.52 26.90
N LYS F 141 17.44 -75.38 27.31
CA LYS F 141 16.10 -74.95 27.64
C LYS F 141 16.02 -74.57 29.12
N ILE F 142 15.49 -73.39 29.40
CA ILE F 142 15.22 -72.96 30.75
C ILE F 142 13.76 -73.30 31.07
N THR F 143 13.56 -74.12 32.10
CA THR F 143 12.23 -74.59 32.46
C THR F 143 11.88 -74.16 33.89
N LEU F 144 10.59 -74.06 34.15
CA LEU F 144 10.08 -73.79 35.48
C LEU F 144 9.20 -74.93 35.99
N ASP F 145 9.07 -76.00 35.21
CA ASP F 145 8.37 -77.20 35.64
C ASP F 145 9.10 -77.81 36.83
N ASN F 146 8.45 -77.86 37.99
CA ASN F 146 9.11 -78.38 39.17
C ASN F 146 9.48 -79.85 39.05
N ALA F 147 8.99 -80.54 38.03
CA ALA F 147 9.43 -81.90 37.77
C ALA F 147 10.93 -81.99 37.54
N TYR F 148 11.60 -80.85 37.30
CA TYR F 148 13.02 -80.83 36.96
C TYR F 148 13.89 -80.15 38.02
N MET F 149 13.32 -79.72 39.14
CA MET F 149 14.14 -78.97 40.09
C MET F 149 15.29 -79.81 40.66
N GLU F 150 15.37 -81.11 40.31
CA GLU F 150 16.51 -81.93 40.67
C GLU F 150 16.99 -82.77 39.49
N LYS F 151 16.68 -82.35 38.27
CA LYS F 151 16.99 -83.08 37.06
C LYS F 151 17.56 -82.14 35.99
N CYS F 152 18.35 -81.15 36.40
CA CYS F 152 19.01 -80.28 35.44
C CYS F 152 20.17 -81.01 34.79
N ASP F 153 20.46 -80.65 33.54
CA ASP F 153 21.59 -81.24 32.84
C ASP F 153 21.96 -80.33 31.66
N GLU F 154 22.66 -80.88 30.68
CA GLU F 154 23.12 -80.10 29.54
C GLU F 154 21.99 -79.69 28.61
N ASN F 155 20.77 -80.20 28.81
CA ASN F 155 19.64 -79.88 27.96
C ASN F 155 18.55 -79.06 28.65
N ILE F 156 18.36 -79.24 29.96
CA ILE F 156 17.25 -78.64 30.68
C ILE F 156 17.79 -78.00 31.94
N LEU F 157 17.53 -76.71 32.12
CA LEU F 157 17.95 -75.99 33.32
C LEU F 157 16.71 -75.45 34.04
N TRP F 158 16.51 -75.90 35.27
CA TRP F 158 15.43 -75.41 36.11
C TRP F 158 15.96 -74.31 37.03
N LEU F 159 15.17 -73.26 37.20
CA LEU F 159 15.50 -72.20 38.15
C LEU F 159 14.22 -71.83 38.90
N ASP F 160 14.39 -71.12 40.02
CA ASP F 160 13.31 -70.92 40.97
C ASP F 160 12.65 -69.55 40.90
N TYR F 161 12.90 -68.79 39.84
CA TYR F 161 12.24 -67.50 39.64
C TYR F 161 11.15 -67.73 38.59
N LYS F 162 9.92 -67.97 39.06
CA LYS F 162 8.87 -68.44 38.19
C LYS F 162 8.35 -67.37 37.23
N ASN F 163 8.72 -66.10 37.42
CA ASN F 163 8.29 -65.04 36.52
C ASN F 163 9.34 -64.66 35.49
N ILE F 164 10.36 -65.50 35.29
CA ILE F 164 11.47 -65.12 34.42
C ILE F 164 10.96 -64.85 33.00
N CYS F 165 10.05 -65.69 32.50
CA CYS F 165 9.56 -65.50 31.14
C CYS F 165 8.87 -64.16 30.95
N LYS F 166 8.34 -63.56 32.01
CA LYS F 166 7.64 -62.28 31.88
C LYS F 166 8.58 -61.09 31.87
N VAL F 167 9.84 -61.26 32.30
CA VAL F 167 10.77 -60.14 32.41
C VAL F 167 11.89 -60.21 31.40
N VAL F 168 11.87 -61.17 30.47
CA VAL F 168 12.90 -61.30 29.45
C VAL F 168 12.26 -61.33 28.08
N ASP F 169 13.05 -60.98 27.08
CA ASP F 169 12.61 -60.98 25.68
C ASP F 169 13.51 -61.87 24.86
N VAL F 170 13.03 -62.22 23.67
CA VAL F 170 13.91 -62.83 22.68
C VAL F 170 15.06 -61.86 22.42
N GLY F 171 16.28 -62.34 22.63
CA GLY F 171 17.47 -61.51 22.53
C GLY F 171 18.10 -61.17 23.86
N SER F 172 17.35 -61.23 24.95
CA SER F 172 17.91 -60.96 26.27
C SER F 172 18.94 -62.01 26.64
N LYS F 173 19.74 -61.70 27.64
CA LYS F 173 20.74 -62.63 28.15
C LYS F 173 20.33 -63.16 29.52
N VAL F 174 20.84 -64.33 29.84
CA VAL F 174 20.68 -64.94 31.15
C VAL F 174 22.05 -65.42 31.60
N TYR F 175 22.48 -65.00 32.78
CA TYR F 175 23.79 -65.33 33.30
C TYR F 175 23.65 -66.34 34.43
N VAL F 176 24.58 -67.29 34.49
CA VAL F 176 24.56 -68.34 35.50
C VAL F 176 25.91 -68.41 36.18
N ASP F 177 25.88 -68.55 37.50
CA ASP F 177 27.08 -68.77 38.32
C ASP F 177 27.99 -67.55 38.29
N ASP F 178 27.45 -66.44 38.79
CA ASP F 178 28.19 -65.18 38.88
C ASP F 178 28.77 -64.80 37.53
N GLY F 179 27.94 -64.91 36.50
CA GLY F 179 28.30 -64.47 35.16
C GLY F 179 29.25 -65.38 34.40
N LEU F 180 29.68 -66.49 35.00
CA LEU F 180 30.60 -67.39 34.30
C LEU F 180 29.98 -68.04 33.08
N ILE F 181 28.65 -68.11 33.01
CA ILE F 181 27.94 -68.71 31.89
C ILE F 181 26.92 -67.70 31.39
N SER F 182 26.85 -67.53 30.07
CA SER F 182 25.89 -66.62 29.47
C SER F 182 25.06 -67.38 28.45
N LEU F 183 23.77 -67.08 28.42
CA LEU F 183 22.81 -67.67 27.50
C LEU F 183 22.02 -66.56 26.86
N GLN F 184 21.78 -66.67 25.55
CA GLN F 184 20.92 -65.72 24.85
C GLN F 184 19.58 -66.39 24.56
N VAL F 185 18.50 -65.68 24.88
CA VAL F 185 17.16 -66.19 24.62
C VAL F 185 16.92 -66.15 23.11
N LYS F 186 16.70 -67.32 22.52
CA LYS F 186 16.42 -67.42 21.09
C LYS F 186 14.94 -67.60 20.80
N GLN F 187 14.19 -68.21 21.71
CA GLN F 187 12.77 -68.44 21.54
C GLN F 187 12.09 -68.39 22.89
N LYS F 188 10.86 -67.88 22.89
CA LYS F 188 10.01 -67.92 24.08
C LYS F 188 8.89 -68.91 23.82
N GLY F 189 8.97 -70.07 24.46
CA GLY F 189 7.87 -71.00 24.46
C GLY F 189 6.71 -70.45 25.26
N PRO F 190 5.61 -71.20 25.31
CA PRO F 190 4.44 -70.72 26.06
C PRO F 190 4.75 -70.46 27.52
N ASP F 191 5.64 -71.26 28.13
CA ASP F 191 6.04 -71.03 29.51
C ASP F 191 7.50 -71.43 29.76
N PHE F 192 8.34 -71.36 28.73
CA PHE F 192 9.75 -71.70 28.90
C PHE F 192 10.58 -70.88 27.93
N LEU F 193 11.89 -70.88 28.15
CA LEU F 193 12.84 -70.20 27.30
C LEU F 193 13.72 -71.22 26.60
N VAL F 194 13.92 -71.03 25.29
CA VAL F 194 14.91 -71.77 24.53
C VAL F 194 16.09 -70.83 24.33
N THR F 195 17.25 -71.19 24.87
CA THR F 195 18.43 -70.33 24.84
C THR F 195 19.57 -71.02 24.12
N GLU F 196 20.51 -70.19 23.67
CA GLU F 196 21.74 -70.64 23.05
C GLU F 196 22.90 -70.25 23.96
N VAL F 197 23.78 -71.20 24.25
CA VAL F 197 24.93 -70.94 25.10
C VAL F 197 25.91 -70.04 24.35
N GLU F 198 26.24 -68.90 24.95
CA GLU F 198 27.22 -67.98 24.38
C GLU F 198 28.60 -68.14 25.00
N ASN F 199 28.69 -68.17 26.32
CA ASN F 199 29.93 -68.45 27.04
C ASN F 199 29.75 -69.79 27.75
N GLY F 200 30.34 -70.83 27.18
CA GLY F 200 30.26 -72.16 27.76
C GLY F 200 30.97 -72.26 29.09
N GLY F 201 30.91 -73.44 29.68
CA GLY F 201 31.56 -73.68 30.95
C GLY F 201 30.96 -74.90 31.64
N PHE F 202 31.34 -75.06 32.90
CA PHE F 202 30.89 -76.17 33.73
C PHE F 202 29.79 -75.68 34.67
N LEU F 203 28.62 -76.29 34.57
CA LEU F 203 27.43 -75.87 35.30
C LEU F 203 27.20 -76.80 36.49
N GLY F 204 27.12 -76.22 37.68
CA GLY F 204 26.85 -76.96 38.90
C GLY F 204 25.43 -76.77 39.39
N SER F 205 25.21 -77.15 40.64
CA SER F 205 23.88 -77.14 41.24
C SER F 205 23.68 -75.90 42.11
N LYS F 206 22.44 -75.40 42.12
CA LYS F 206 22.03 -74.28 42.97
C LYS F 206 22.93 -73.06 42.76
N LYS F 207 23.21 -72.75 41.49
CA LYS F 207 24.01 -71.59 41.15
C LYS F 207 23.13 -70.34 41.05
N GLY F 208 23.78 -69.18 41.20
CA GLY F 208 23.07 -67.92 41.10
C GLY F 208 22.83 -67.50 39.66
N VAL F 209 21.75 -66.77 39.45
CA VAL F 209 21.32 -66.35 38.12
C VAL F 209 21.13 -64.85 38.09
N ASN F 210 21.51 -64.22 36.99
CA ASN F 210 21.36 -62.78 36.79
C ASN F 210 20.68 -62.52 35.46
N LEU F 211 19.77 -61.54 35.47
CA LEU F 211 18.96 -61.17 34.31
C LEU F 211 19.30 -59.73 33.94
N PRO F 212 20.41 -59.50 33.24
CA PRO F 212 20.79 -58.12 32.92
C PRO F 212 19.69 -57.38 32.19
N GLY F 213 19.42 -56.16 32.65
CA GLY F 213 18.41 -55.30 32.05
C GLY F 213 16.98 -55.58 32.46
N ALA F 214 16.72 -56.65 33.20
CA ALA F 214 15.36 -57.01 33.56
C ALA F 214 14.90 -56.29 34.81
N ALA F 215 13.60 -55.99 34.85
CA ALA F 215 12.93 -55.53 36.07
C ALA F 215 12.50 -56.77 36.83
N VAL F 216 13.29 -57.15 37.83
CA VAL F 216 13.08 -58.40 38.56
C VAL F 216 12.20 -58.10 39.77
N ASP F 217 11.03 -58.76 39.83
CA ASP F 217 10.07 -58.49 40.89
C ASP F 217 10.23 -59.42 42.09
N LEU F 218 11.47 -59.73 42.47
CA LEU F 218 11.72 -60.40 43.73
C LEU F 218 11.35 -59.47 44.89
N PRO F 219 11.13 -60.03 46.08
CA PRO F 219 10.81 -59.17 47.22
C PRO F 219 12.02 -58.35 47.63
N ALA F 220 11.75 -57.18 48.24
CA ALA F 220 12.83 -56.36 48.76
C ALA F 220 13.66 -57.12 49.78
N VAL F 221 13.01 -57.98 50.57
CA VAL F 221 13.69 -58.81 51.56
C VAL F 221 13.18 -60.24 51.43
N SER F 222 14.08 -61.19 51.60
CA SER F 222 13.68 -62.58 51.71
C SER F 222 13.23 -62.90 53.13
N GLU F 223 12.64 -64.08 53.31
CA GLU F 223 12.31 -64.54 54.65
C GLU F 223 13.54 -64.50 55.55
N LYS F 224 14.67 -65.00 55.04
CA LYS F 224 15.92 -64.97 55.80
C LYS F 224 16.32 -63.54 56.14
N ASP F 225 16.25 -62.63 55.16
CA ASP F 225 16.58 -61.23 55.42
C ASP F 225 15.80 -60.70 56.60
N ILE F 226 14.49 -60.96 56.63
CA ILE F 226 13.64 -60.45 57.70
C ILE F 226 14.12 -60.96 59.05
N GLN F 227 14.47 -62.25 59.13
CA GLN F 227 15.02 -62.79 60.36
C GLN F 227 16.38 -62.17 60.67
N ASP F 228 17.18 -61.88 59.64
CA ASP F 228 18.50 -61.31 59.86
C ASP F 228 18.42 -59.85 60.29
N LEU F 229 17.47 -59.09 59.73
CA LEU F 229 17.28 -57.72 60.20
C LEU F 229 16.76 -57.71 61.64
N LYS F 230 15.82 -58.61 61.97
CA LYS F 230 15.45 -58.82 63.37
C LYS F 230 16.67 -59.00 64.25
N PHE F 231 17.55 -59.92 63.85
CA PHE F 231 18.81 -60.14 64.55
C PHE F 231 19.57 -58.83 64.73
N GLY F 232 19.75 -58.08 63.64
CA GLY F 232 20.55 -56.86 63.72
C GLY F 232 20.03 -55.86 64.73
N VAL F 233 18.70 -55.78 64.87
CA VAL F 233 18.13 -54.86 65.84
C VAL F 233 18.44 -55.33 67.27
N GLU F 234 18.26 -56.63 67.52
CA GLU F 234 18.62 -57.18 68.83
C GLU F 234 20.10 -56.94 69.11
N GLN F 235 20.95 -57.07 68.10
CA GLN F 235 22.40 -56.92 68.25
C GLN F 235 22.84 -55.47 68.28
N ASP F 236 21.94 -54.52 68.06
CA ASP F 236 22.26 -53.10 68.17
C ASP F 236 23.28 -52.66 67.13
N VAL F 237 23.16 -53.19 65.91
CA VAL F 237 24.05 -52.76 64.83
C VAL F 237 23.77 -51.31 64.47
N ASP F 238 24.77 -50.66 63.89
CA ASP F 238 24.68 -49.25 63.54
C ASP F 238 24.04 -49.02 62.18
N MET F 239 24.29 -49.90 61.21
CA MET F 239 23.85 -49.69 59.85
C MET F 239 23.54 -51.02 59.19
N VAL F 240 22.76 -50.96 58.13
CA VAL F 240 22.43 -52.12 57.31
C VAL F 240 22.86 -51.84 55.88
N PHE F 241 23.40 -52.86 55.23
CA PHE F 241 23.76 -52.80 53.81
C PHE F 241 22.74 -53.67 53.08
N ALA F 242 21.66 -53.04 52.60
CA ALA F 242 20.51 -53.75 52.04
C ALA F 242 20.81 -54.11 50.58
N SER F 243 20.89 -55.41 50.32
CA SER F 243 21.31 -55.88 49.00
C SER F 243 20.21 -55.71 47.96
N PHE F 244 20.64 -55.51 46.71
CA PHE F 244 19.77 -55.66 45.54
C PHE F 244 18.59 -54.67 45.55
N ILE F 245 18.88 -53.42 45.91
CA ILE F 245 17.86 -52.38 45.93
C ILE F 245 17.64 -51.87 44.52
N ARG F 246 16.38 -51.94 44.05
CA ARG F 246 16.05 -51.56 42.69
C ARG F 246 15.11 -50.37 42.60
N LYS F 247 14.62 -49.85 43.73
CA LYS F 247 13.58 -48.83 43.70
C LYS F 247 13.35 -48.34 45.12
N ALA F 248 12.69 -47.19 45.23
CA ALA F 248 12.45 -46.60 46.54
C ALA F 248 11.62 -47.51 47.42
N ALA F 249 10.62 -48.18 46.83
CA ALA F 249 9.77 -49.08 47.60
C ALA F 249 10.60 -50.13 48.33
N ASP F 250 11.65 -50.64 47.68
CA ASP F 250 12.51 -51.64 48.34
C ASP F 250 13.12 -51.07 49.61
N VAL F 251 13.57 -49.81 49.56
CA VAL F 251 14.17 -49.20 50.76
C VAL F 251 13.11 -49.02 51.84
N HIS F 252 11.93 -48.54 51.46
CA HIS F 252 10.86 -48.36 52.44
C HIS F 252 10.51 -49.68 53.13
N GLU F 253 10.61 -50.80 52.42
CA GLU F 253 10.27 -52.08 53.04
C GLU F 253 11.33 -52.49 54.06
N VAL F 254 12.61 -52.21 53.77
CA VAL F 254 13.65 -52.50 54.75
C VAL F 254 13.47 -51.63 56.00
N ARG F 255 13.10 -50.37 55.79
CA ARG F 255 12.81 -49.48 56.92
C ARG F 255 11.69 -50.04 57.78
N LYS F 256 10.61 -50.50 57.13
CA LYS F 256 9.47 -51.06 57.85
C LYS F 256 9.90 -52.23 58.72
N ILE F 257 10.71 -53.15 58.17
CA ILE F 257 11.19 -54.29 58.94
C ILE F 257 11.93 -53.81 60.19
N LEU F 258 12.83 -52.85 60.02
CA LEU F 258 13.53 -52.30 61.18
C LEU F 258 12.57 -51.60 62.13
N GLY F 259 11.49 -51.04 61.61
CA GLY F 259 10.42 -50.50 62.44
C GLY F 259 10.84 -49.49 63.49
N GLU F 260 9.99 -49.31 64.49
CA GLU F 260 10.23 -48.30 65.51
C GLU F 260 11.52 -48.58 66.27
N LYS F 261 11.78 -49.85 66.59
CA LYS F 261 12.94 -50.17 67.41
C LYS F 261 14.25 -49.93 66.66
N GLY F 262 14.26 -50.17 65.36
CA GLY F 262 15.45 -49.94 64.56
C GLY F 262 15.38 -48.68 63.71
N LYS F 263 14.57 -47.71 64.16
CA LYS F 263 14.38 -46.49 63.37
C LYS F 263 15.67 -45.70 63.23
N ASN F 264 16.58 -45.82 64.19
CA ASN F 264 17.84 -45.07 64.15
C ASN F 264 18.96 -45.83 63.48
N ILE F 265 18.71 -47.04 62.99
CA ILE F 265 19.69 -47.77 62.21
C ILE F 265 19.68 -47.22 60.79
N LYS F 266 20.86 -46.89 60.27
CA LYS F 266 20.96 -46.30 58.94
C LYS F 266 20.95 -47.39 57.87
N ILE F 267 20.27 -47.10 56.77
CA ILE F 267 20.09 -48.05 55.67
C ILE F 267 20.97 -47.62 54.50
N ILE F 268 21.94 -48.46 54.15
CA ILE F 268 22.81 -48.23 53.01
C ILE F 268 22.33 -49.16 51.89
N SER F 269 21.70 -48.57 50.88
CA SER F 269 21.21 -49.34 49.74
C SER F 269 22.37 -49.75 48.85
N LYS F 270 22.43 -51.04 48.52
CA LYS F 270 23.43 -51.56 47.60
C LYS F 270 22.86 -51.55 46.19
N ILE F 271 23.50 -50.80 45.30
CA ILE F 271 23.08 -50.71 43.90
C ILE F 271 23.79 -51.81 43.12
N GLU F 272 23.03 -52.75 42.58
CA GLU F 272 23.60 -54.00 42.08
C GLU F 272 23.26 -54.33 40.63
N ASN F 273 22.35 -53.61 39.97
CA ASN F 273 21.91 -54.00 38.65
C ASN F 273 21.45 -52.77 37.87
N HIS F 274 21.00 -53.01 36.63
CA HIS F 274 20.57 -51.91 35.77
C HIS F 274 19.47 -51.09 36.43
N GLU F 275 18.40 -51.74 36.91
CA GLU F 275 17.25 -51.01 37.40
C GLU F 275 17.62 -50.08 38.55
N GLY F 276 18.41 -50.57 39.50
CA GLY F 276 18.85 -49.72 40.59
C GLY F 276 19.58 -48.49 40.10
N VAL F 277 20.44 -48.65 39.08
CA VAL F 277 21.13 -47.51 38.50
C VAL F 277 20.14 -46.55 37.87
N ARG F 278 19.24 -47.08 37.04
CA ARG F 278 18.29 -46.22 36.34
C ARG F 278 17.35 -45.51 37.29
N ARG F 279 17.05 -46.12 38.44
CA ARG F 279 16.14 -45.55 39.43
C ARG F 279 16.89 -45.03 40.65
N PHE F 280 18.14 -44.60 40.45
CA PHE F 280 18.99 -44.22 41.59
C PHE F 280 18.42 -43.04 42.36
N ASP F 281 17.89 -42.04 41.64
CA ASP F 281 17.44 -40.82 42.31
C ASP F 281 16.42 -41.12 43.40
N GLU F 282 15.40 -41.91 43.08
CA GLU F 282 14.39 -42.22 44.10
C GLU F 282 14.98 -43.10 45.20
N ILE F 283 15.87 -44.03 44.84
CA ILE F 283 16.55 -44.83 45.86
C ILE F 283 17.32 -43.92 46.82
N LEU F 284 18.13 -43.02 46.26
CA LEU F 284 18.92 -42.12 47.10
C LEU F 284 18.04 -41.32 48.05
N GLU F 285 16.98 -40.70 47.50
CA GLU F 285 16.05 -39.95 48.34
C GLU F 285 15.55 -40.79 49.50
N ALA F 286 15.36 -42.09 49.28
CA ALA F 286 14.79 -42.95 50.30
C ALA F 286 15.81 -43.51 51.28
N SER F 287 17.09 -43.53 50.93
CA SER F 287 18.10 -44.18 51.73
C SER F 287 18.86 -43.20 52.61
N ASP F 288 19.60 -43.75 53.57
CA ASP F 288 20.54 -42.98 54.37
C ASP F 288 21.91 -42.91 53.72
N GLY F 289 22.26 -43.93 52.94
CA GLY F 289 23.51 -43.97 52.22
C GLY F 289 23.38 -44.91 51.04
N ILE F 290 24.48 -45.06 50.31
CA ILE F 290 24.53 -45.89 49.12
C ILE F 290 25.83 -46.68 49.12
N MET F 291 25.78 -47.92 48.65
CA MET F 291 26.98 -48.70 48.36
C MET F 291 26.99 -49.03 46.87
N VAL F 292 28.13 -48.76 46.23
CA VAL F 292 28.34 -49.15 44.84
C VAL F 292 28.88 -50.58 44.88
N ALA F 293 27.98 -51.55 44.84
CA ALA F 293 28.34 -52.97 44.91
C ALA F 293 28.89 -53.38 43.55
N ARG F 294 30.14 -52.99 43.30
CA ARG F 294 30.72 -53.15 41.98
C ARG F 294 30.78 -54.61 41.55
N GLY F 295 30.99 -55.52 42.51
CA GLY F 295 31.04 -56.94 42.20
C GLY F 295 29.80 -57.43 41.46
N ASP F 296 28.64 -57.36 42.12
CA ASP F 296 27.41 -57.79 41.46
C ASP F 296 27.03 -56.86 40.32
N LEU F 297 27.34 -55.57 40.42
CA LEU F 297 27.02 -54.64 39.35
C LEU F 297 27.77 -55.02 38.08
N GLY F 298 29.03 -55.44 38.20
CA GLY F 298 29.81 -55.87 37.06
C GLY F 298 29.35 -57.18 36.44
N ILE F 299 28.53 -57.94 37.15
CA ILE F 299 27.93 -59.13 36.57
C ILE F 299 26.67 -58.76 35.78
N GLU F 300 25.93 -57.76 36.25
CA GLU F 300 24.70 -57.36 35.58
C GLU F 300 24.99 -56.49 34.37
N ILE F 301 25.80 -55.45 34.54
CA ILE F 301 26.10 -54.52 33.46
C ILE F 301 27.49 -54.82 32.93
N PRO F 302 27.81 -54.46 31.68
CA PRO F 302 29.15 -54.72 31.16
C PRO F 302 30.22 -54.14 32.07
N ALA F 303 31.26 -54.93 32.33
CA ALA F 303 32.32 -54.51 33.23
C ALA F 303 32.86 -53.14 32.85
N GLU F 304 32.94 -52.85 31.55
CA GLU F 304 33.51 -51.59 31.08
C GLU F 304 32.62 -50.39 31.36
N LYS F 305 31.39 -50.59 31.82
CA LYS F 305 30.50 -49.49 32.17
C LYS F 305 30.45 -49.21 33.67
N VAL F 306 31.06 -50.06 34.49
CA VAL F 306 30.92 -49.94 35.95
C VAL F 306 31.38 -48.56 36.42
N PHE F 307 32.50 -48.06 35.88
CA PHE F 307 33.02 -46.79 36.37
C PHE F 307 32.05 -45.65 36.10
N LEU F 308 31.34 -45.71 34.97
CA LEU F 308 30.30 -44.71 34.72
C LEU F 308 29.28 -44.68 35.84
N ALA F 309 28.84 -45.86 36.30
CA ALA F 309 27.89 -45.91 37.40
C ALA F 309 28.54 -45.45 38.70
N GLN F 310 29.81 -45.83 38.92
CA GLN F 310 30.49 -45.45 40.15
C GLN F 310 30.53 -43.94 40.31
N LYS F 311 30.96 -43.24 39.26
CA LYS F 311 31.15 -41.80 39.37
C LYS F 311 29.80 -41.08 39.40
N MET F 312 28.85 -41.52 38.58
CA MET F 312 27.50 -40.97 38.64
C MET F 312 26.95 -41.05 40.05
N ILE F 313 27.05 -42.22 40.68
CA ILE F 313 26.46 -42.43 42.00
C ILE F 313 27.15 -41.56 43.04
N ILE F 314 28.49 -41.57 43.06
CA ILE F 314 29.22 -40.79 44.04
C ILE F 314 28.93 -39.31 43.87
N GLY F 315 28.90 -38.84 42.62
CA GLY F 315 28.60 -37.44 42.39
C GLY F 315 27.23 -37.04 42.92
N ARG F 316 26.22 -37.85 42.61
CA ARG F 316 24.87 -37.54 43.10
C ARG F 316 24.77 -37.68 44.61
N CYS F 317 25.54 -38.60 45.20
CA CYS F 317 25.56 -38.72 46.66
C CYS F 317 26.26 -37.51 47.29
N ASN F 318 27.43 -37.13 46.77
CA ASN F 318 28.09 -35.91 47.22
C ASN F 318 27.13 -34.72 47.13
N ARG F 319 26.44 -34.61 45.99
CA ARG F 319 25.49 -33.53 45.79
C ARG F 319 24.42 -33.50 46.87
N ALA F 320 24.02 -34.67 47.37
CA ALA F 320 22.95 -34.77 48.35
C ALA F 320 23.45 -34.73 49.79
N GLY F 321 24.74 -34.88 50.02
CA GLY F 321 25.23 -34.99 51.38
C GLY F 321 24.97 -36.33 52.02
N LYS F 322 24.69 -37.36 51.21
CA LYS F 322 24.47 -38.67 51.81
C LYS F 322 25.68 -39.57 51.59
N PRO F 323 26.00 -40.40 52.57
CA PRO F 323 27.22 -41.21 52.48
C PRO F 323 27.17 -42.18 51.32
N VAL F 324 28.33 -42.40 50.70
CA VAL F 324 28.46 -43.31 49.58
C VAL F 324 29.70 -44.18 49.79
N ILE F 325 29.55 -45.47 49.56
CA ILE F 325 30.62 -46.45 49.77
C ILE F 325 31.01 -47.03 48.42
N CYS F 326 32.32 -47.05 48.15
CA CYS F 326 32.87 -47.79 47.02
C CYS F 326 33.40 -49.13 47.52
N ALA F 327 33.06 -50.21 46.82
CA ALA F 327 33.29 -51.54 47.36
C ALA F 327 33.75 -52.50 46.27
N THR F 328 34.47 -53.54 46.72
CA THR F 328 34.72 -54.76 45.96
C THR F 328 35.99 -54.72 45.11
N GLN F 329 36.92 -55.62 45.43
CA GLN F 329 38.13 -55.88 44.64
C GLN F 329 39.06 -54.68 44.56
N MET F 330 38.95 -53.74 45.50
CA MET F 330 39.83 -52.58 45.46
C MET F 330 41.29 -52.97 45.61
N LEU F 331 41.56 -53.99 46.44
CA LEU F 331 42.90 -54.55 46.62
C LEU F 331 42.84 -56.07 46.51
N GLU F 332 42.12 -56.56 45.49
CA GLU F 332 41.82 -57.98 45.40
C GLU F 332 43.07 -58.84 45.48
N SER F 333 44.15 -58.43 44.78
CA SER F 333 45.34 -59.26 44.74
C SER F 333 46.02 -59.41 46.09
N MET F 334 45.72 -58.52 47.05
CA MET F 334 46.32 -58.62 48.38
C MET F 334 45.68 -59.70 49.23
N ILE F 335 44.76 -60.49 48.65
CA ILE F 335 44.31 -61.71 49.29
C ILE F 335 45.46 -62.71 49.38
N LYS F 336 46.33 -62.74 48.37
CA LYS F 336 47.41 -63.71 48.30
C LYS F 336 48.79 -63.06 48.22
N LYS F 337 48.90 -61.75 48.44
CA LYS F 337 50.18 -61.07 48.38
C LYS F 337 50.18 -59.90 49.35
N PRO F 338 51.34 -59.52 49.89
CA PRO F 338 51.39 -58.42 50.86
C PRO F 338 51.38 -57.04 50.24
N ARG F 339 51.62 -56.93 48.93
CA ARG F 339 51.63 -55.67 48.23
C ARG F 339 50.63 -55.69 47.07
N PRO F 340 49.94 -54.59 46.82
CA PRO F 340 48.93 -54.56 45.77
C PRO F 340 49.54 -54.25 44.39
N THR F 341 48.71 -54.45 43.37
CA THR F 341 49.09 -54.07 42.01
C THR F 341 48.90 -52.57 41.82
N ARG F 342 49.42 -52.07 40.70
CA ARG F 342 49.29 -50.64 40.43
C ARG F 342 47.84 -50.26 40.12
N ALA F 343 47.13 -51.12 39.38
CA ALA F 343 45.72 -50.87 39.12
C ALA F 343 44.93 -50.73 40.43
N GLU F 344 45.26 -51.56 41.42
CA GLU F 344 44.54 -51.53 42.68
C GLU F 344 44.87 -50.27 43.48
N GLY F 345 46.12 -49.81 43.42
CA GLY F 345 46.45 -48.54 44.04
C GLY F 345 45.78 -47.37 43.34
N SER F 346 45.79 -47.38 42.00
CA SER F 346 45.07 -46.37 41.25
C SER F 346 43.58 -46.39 41.57
N ASP F 347 43.00 -47.58 41.68
CA ASP F 347 41.56 -47.70 41.89
C ASP F 347 41.14 -47.11 43.23
N VAL F 348 41.93 -47.35 44.28
CA VAL F 348 41.61 -46.75 45.58
C VAL F 348 41.80 -45.24 45.54
N ALA F 349 42.87 -44.78 44.89
CA ALA F 349 43.10 -43.34 44.79
C ALA F 349 41.95 -42.64 44.06
N ASN F 350 41.53 -43.19 42.93
CA ASN F 350 40.48 -42.54 42.14
C ASN F 350 39.11 -42.66 42.79
N ALA F 351 38.89 -43.66 43.65
CA ALA F 351 37.64 -43.70 44.40
C ALA F 351 37.57 -42.53 45.38
N VAL F 352 38.71 -42.18 45.99
CA VAL F 352 38.73 -41.06 46.93
C VAL F 352 38.60 -39.74 46.17
N LEU F 353 39.31 -39.60 45.04
CA LEU F 353 39.15 -38.40 44.24
C LEU F 353 37.73 -38.26 43.71
N ASP F 354 37.11 -39.40 43.37
CA ASP F 354 35.70 -39.37 42.96
C ASP F 354 34.83 -38.72 44.03
N GLY F 355 35.15 -38.96 45.30
CA GLY F 355 34.41 -38.35 46.39
C GLY F 355 33.77 -39.32 47.35
N ALA F 356 34.15 -40.60 47.28
CA ALA F 356 33.54 -41.60 48.15
C ALA F 356 33.82 -41.30 49.61
N ASP F 357 32.78 -41.40 50.44
CA ASP F 357 32.95 -41.19 51.87
C ASP F 357 33.78 -42.30 52.50
N CYS F 358 33.44 -43.55 52.19
CA CYS F 358 34.16 -44.71 52.69
C CYS F 358 34.60 -45.59 51.54
N ILE F 359 35.69 -46.32 51.76
CA ILE F 359 36.09 -47.41 50.88
C ILE F 359 36.03 -48.70 51.69
N MET F 360 35.94 -49.82 50.98
CA MET F 360 35.63 -51.09 51.62
C MET F 360 36.63 -52.16 51.22
N LEU F 361 36.69 -53.20 52.05
CA LEU F 361 37.47 -54.40 51.79
C LEU F 361 36.61 -55.62 52.08
N SER F 362 36.65 -56.62 51.20
CA SER F 362 35.79 -57.78 51.33
C SER F 362 36.65 -58.99 51.64
N GLY F 363 37.11 -59.75 50.65
CA GLY F 363 37.95 -60.89 50.92
C GLY F 363 39.35 -60.52 51.39
N GLU F 364 39.79 -59.29 51.10
CA GLU F 364 41.11 -58.86 51.53
C GLU F 364 41.25 -58.97 53.05
N THR F 365 40.16 -58.70 53.79
CA THR F 365 40.17 -58.77 55.24
C THR F 365 39.36 -59.92 55.81
N ALA F 366 38.40 -60.45 55.05
CA ALA F 366 37.53 -61.50 55.58
C ALA F 366 38.22 -62.86 55.58
N LYS F 367 39.03 -63.14 54.55
CA LYS F 367 39.63 -64.47 54.43
C LYS F 367 41.04 -64.44 53.83
N GLY F 368 41.62 -63.27 53.60
CA GLY F 368 42.93 -63.21 52.96
C GLY F 368 44.06 -63.50 53.90
N ASP F 369 45.26 -63.60 53.33
CA ASP F 369 46.48 -63.86 54.08
C ASP F 369 47.15 -62.61 54.61
N TYR F 370 46.72 -61.42 54.15
CA TYR F 370 47.37 -60.17 54.53
C TYR F 370 46.31 -59.12 54.86
N PRO F 371 45.45 -59.42 55.84
CA PRO F 371 44.36 -58.47 56.14
C PRO F 371 44.85 -57.16 56.72
N LEU F 372 45.86 -57.19 57.59
CA LEU F 372 46.36 -55.95 58.18
C LEU F 372 47.07 -55.10 57.14
N GLU F 373 47.87 -55.72 56.27
CA GLU F 373 48.55 -54.97 55.22
C GLU F 373 47.55 -54.25 54.32
N ALA F 374 46.37 -54.86 54.11
CA ALA F 374 45.38 -54.25 53.23
C ALA F 374 44.71 -53.05 53.87
N VAL F 375 44.39 -53.14 55.16
CA VAL F 375 43.82 -51.99 55.87
C VAL F 375 44.81 -50.83 55.86
N ARG F 376 46.10 -51.11 56.04
CA ARG F 376 47.10 -50.06 56.11
C ARG F 376 47.34 -49.42 54.75
N MET F 377 47.30 -50.22 53.68
CA MET F 377 47.50 -49.66 52.35
C MET F 377 46.39 -48.68 51.99
N GLN F 378 45.13 -49.03 52.30
CA GLN F 378 44.04 -48.10 52.07
C GLN F 378 44.21 -46.83 52.89
N HIS F 379 44.67 -46.95 54.13
CA HIS F 379 44.97 -45.77 54.94
C HIS F 379 46.00 -44.89 54.24
N LEU F 380 47.06 -45.49 53.73
CA LEU F 380 48.13 -44.72 53.09
C LEU F 380 47.67 -44.08 51.79
N ILE F 381 46.84 -44.78 51.02
CA ILE F 381 46.37 -44.24 49.75
C ILE F 381 45.35 -43.14 49.99
N ALA F 382 44.42 -43.35 50.92
CA ALA F 382 43.35 -42.40 51.15
C ALA F 382 43.89 -41.00 51.42
N ARG F 383 44.88 -40.89 52.30
CA ARG F 383 45.40 -39.57 52.66
C ARG F 383 46.05 -38.88 51.48
N GLU F 384 46.93 -39.59 50.76
CA GLU F 384 47.54 -39.02 49.58
C GLU F 384 46.49 -38.48 48.61
N ALA F 385 45.42 -39.24 48.38
CA ALA F 385 44.39 -38.82 47.46
C ALA F 385 43.53 -37.70 48.05
N GLU F 386 43.38 -37.67 49.39
CA GLU F 386 42.59 -36.61 50.01
C GLU F 386 43.25 -35.26 49.80
N ALA F 387 44.59 -35.20 49.89
CA ALA F 387 45.30 -33.96 49.62
C ALA F 387 45.16 -33.56 48.16
N ALA F 388 45.11 -34.54 47.26
CA ALA F 388 45.13 -34.29 45.82
C ALA F 388 43.78 -33.84 45.26
N MET F 389 42.74 -33.77 46.09
CA MET F 389 41.47 -33.23 45.62
C MET F 389 41.63 -31.76 45.25
N PHE F 390 40.65 -31.25 44.49
CA PHE F 390 40.62 -29.84 44.09
C PHE F 390 39.50 -29.18 44.90
N HIS F 391 39.81 -28.87 46.16
CA HIS F 391 38.77 -28.46 47.10
C HIS F 391 38.07 -27.18 46.65
N ARG F 392 38.82 -26.19 46.18
CA ARG F 392 38.21 -24.90 45.85
C ARG F 392 37.15 -25.07 44.77
N LYS F 393 37.46 -25.82 43.72
CA LYS F 393 36.47 -26.08 42.67
C LYS F 393 35.36 -26.98 43.19
N LEU F 394 35.72 -28.02 43.94
CA LEU F 394 34.72 -28.93 44.49
C LEU F 394 33.70 -28.17 45.34
N PHE F 395 34.20 -27.31 46.23
CA PHE F 395 33.29 -26.50 47.06
C PHE F 395 32.40 -25.61 46.21
N GLU F 396 32.97 -24.97 45.18
CA GLU F 396 32.16 -24.12 44.31
C GLU F 396 31.04 -24.90 43.65
N GLU F 397 31.35 -26.10 43.13
CA GLU F 397 30.36 -26.87 42.40
C GLU F 397 29.34 -27.48 43.36
N LEU F 398 29.79 -27.90 44.55
CA LEU F 398 28.84 -28.35 45.57
C LEU F 398 27.89 -27.22 45.95
N ALA F 399 28.42 -26.04 46.23
CA ALA F 399 27.57 -24.89 46.51
C ALA F 399 26.61 -24.61 45.36
N ARG F 400 27.11 -24.68 44.12
CA ARG F 400 26.24 -24.45 42.97
C ARG F 400 25.09 -25.45 42.95
N ALA F 401 25.39 -26.74 43.18
CA ALA F 401 24.37 -27.77 43.05
C ALA F 401 23.27 -27.63 44.09
N SER F 402 23.57 -27.02 45.24
CA SER F 402 22.61 -26.91 46.33
C SER F 402 22.06 -25.50 46.51
N SER F 403 22.37 -24.58 45.58
CA SER F 403 21.94 -23.19 45.75
C SER F 403 20.44 -23.06 45.90
N HIS F 404 19.66 -24.07 45.49
CA HIS F 404 18.22 -24.02 45.67
C HIS F 404 17.82 -23.98 47.13
N SER F 405 18.68 -24.45 48.03
CA SER F 405 18.38 -24.48 49.46
C SER F 405 18.91 -23.24 50.16
N THR F 406 18.12 -22.71 51.08
CA THR F 406 18.53 -21.62 51.95
C THR F 406 18.63 -22.09 53.40
N ASP F 407 18.89 -23.38 53.60
CA ASP F 407 18.91 -23.96 54.93
C ASP F 407 19.95 -23.26 55.81
N LEU F 408 19.62 -23.11 57.09
CA LEU F 408 20.48 -22.37 58.00
C LEU F 408 21.73 -23.16 58.35
N MET F 409 21.58 -24.43 58.72
CA MET F 409 22.75 -25.24 59.01
C MET F 409 23.65 -25.37 57.78
N GLU F 410 23.05 -25.48 56.60
CA GLU F 410 23.83 -25.41 55.37
C GLU F 410 24.59 -24.09 55.29
N ALA F 411 23.94 -22.99 55.65
CA ALA F 411 24.63 -21.70 55.67
C ALA F 411 25.83 -21.73 56.61
N MET F 412 25.63 -22.23 57.84
CA MET F 412 26.73 -22.33 58.79
C MET F 412 27.82 -23.26 58.28
N ALA F 413 27.44 -24.38 57.66
CA ALA F 413 28.44 -25.32 57.18
C ALA F 413 29.29 -24.73 56.07
N MET F 414 28.68 -23.95 55.18
CA MET F 414 29.42 -23.39 54.05
C MET F 414 30.35 -22.27 54.51
N GLY F 415 29.87 -21.40 55.40
CA GLY F 415 30.74 -20.34 55.91
C GLY F 415 31.92 -20.90 56.69
N SER F 416 31.70 -22.00 57.42
CA SER F 416 32.75 -22.58 58.24
C SER F 416 33.81 -23.26 57.38
N VAL F 417 33.39 -24.02 56.37
CA VAL F 417 34.34 -24.61 55.44
C VAL F 417 35.06 -23.52 54.66
N GLU F 418 34.32 -22.49 54.23
CA GLU F 418 34.93 -21.37 53.54
C GLU F 418 36.02 -20.73 54.39
N ALA F 419 35.67 -20.32 55.62
CA ALA F 419 36.68 -19.81 56.54
C ALA F 419 37.78 -20.85 56.76
N SER F 420 37.39 -22.13 56.85
CA SER F 420 38.37 -23.20 56.94
C SER F 420 39.42 -23.10 55.86
N TYR F 421 39.00 -22.78 54.63
CA TYR F 421 39.96 -22.64 53.53
C TYR F 421 40.80 -21.38 53.68
N LYS F 422 40.18 -20.28 54.10
CA LYS F 422 40.84 -18.97 54.06
C LYS F 422 42.03 -18.94 55.01
N CYS F 423 41.84 -19.36 56.25
CA CYS F 423 42.90 -19.33 57.26
C CYS F 423 43.67 -20.64 57.36
N LEU F 424 43.39 -21.60 56.46
CA LEU F 424 44.05 -22.90 56.47
C LEU F 424 44.00 -23.52 57.86
N ALA F 425 42.79 -23.56 58.42
CA ALA F 425 42.59 -24.17 59.72
C ALA F 425 43.02 -25.63 59.72
N ALA F 426 43.58 -26.08 60.84
CA ALA F 426 44.03 -27.46 60.97
C ALA F 426 42.91 -28.44 61.27
N ALA F 427 41.74 -27.95 61.68
CA ALA F 427 40.60 -28.80 61.99
C ALA F 427 39.37 -27.94 62.18
N LEU F 428 38.22 -28.58 62.14
CA LEU F 428 36.95 -27.99 62.56
C LEU F 428 36.40 -28.81 63.72
N ILE F 429 35.80 -28.13 64.69
CA ILE F 429 35.24 -28.78 65.87
C ILE F 429 33.74 -28.56 65.87
N VAL F 430 32.99 -29.66 66.01
CA VAL F 430 31.53 -29.65 65.92
C VAL F 430 30.96 -30.36 67.14
N LEU F 431 30.13 -29.64 67.89
CA LEU F 431 29.41 -30.22 69.03
C LEU F 431 28.01 -30.59 68.56
N THR F 432 27.72 -31.88 68.53
CA THR F 432 26.45 -32.36 68.00
C THR F 432 26.04 -33.63 68.72
N GLU F 433 24.73 -33.80 68.88
CA GLU F 433 24.18 -35.02 69.47
C GLU F 433 23.60 -35.96 68.43
N SER F 434 22.80 -35.44 67.50
CA SER F 434 22.31 -36.25 66.39
C SER F 434 23.35 -36.42 65.30
N GLY F 435 24.38 -35.57 65.28
CA GLY F 435 25.35 -35.55 64.21
C GLY F 435 24.98 -34.67 63.04
N ARG F 436 23.74 -34.17 62.98
CA ARG F 436 23.26 -33.45 61.81
C ARG F 436 24.19 -32.30 61.43
N SER F 437 24.57 -31.47 62.41
CA SER F 437 25.42 -30.32 62.09
C SER F 437 26.78 -30.75 61.55
N ALA F 438 27.33 -31.86 62.05
CA ALA F 438 28.62 -32.32 61.54
C ALA F 438 28.50 -32.91 60.14
N HIS F 439 27.36 -33.53 59.82
CA HIS F 439 27.16 -34.06 58.48
C HIS F 439 27.14 -32.94 57.45
N GLN F 440 26.48 -31.82 57.77
CA GLN F 440 26.41 -30.72 56.82
C GLN F 440 27.79 -30.13 56.56
N VAL F 441 28.70 -30.24 57.52
CA VAL F 441 30.06 -29.74 57.31
C VAL F 441 30.83 -30.69 56.39
N ALA F 442 30.80 -31.99 56.70
CA ALA F 442 31.45 -32.97 55.83
C ALA F 442 30.96 -32.84 54.40
N ARG F 443 29.67 -32.58 54.23
CA ARG F 443 29.06 -32.48 52.90
C ARG F 443 29.86 -31.54 51.99
N TYR F 444 30.22 -30.37 52.51
CA TYR F 444 30.91 -29.37 51.71
C TYR F 444 32.43 -29.53 51.76
N ARG F 445 32.91 -30.71 52.15
CA ARG F 445 34.24 -31.21 51.86
C ARG F 445 35.37 -30.26 52.24
N PRO F 446 35.61 -30.00 53.52
CA PRO F 446 36.84 -29.32 53.92
C PRO F 446 38.01 -30.27 53.82
N ARG F 447 39.20 -29.72 53.59
CA ARG F 447 40.39 -30.56 53.62
C ARG F 447 40.79 -30.90 55.05
N ALA F 448 40.49 -30.02 56.01
CA ALA F 448 40.82 -30.26 57.40
C ALA F 448 39.82 -31.21 58.04
N PRO F 449 40.27 -32.02 58.99
CA PRO F 449 39.36 -33.00 59.62
C PRO F 449 38.32 -32.32 60.50
N ILE F 450 37.20 -33.01 60.67
CA ILE F 450 36.07 -32.53 61.47
C ILE F 450 36.02 -33.38 62.73
N ILE F 451 36.38 -32.78 63.86
CA ILE F 451 36.27 -33.45 65.16
C ILE F 451 34.88 -33.19 65.69
N ALA F 452 34.03 -34.23 65.67
CA ALA F 452 32.66 -34.13 66.15
C ALA F 452 32.59 -34.65 67.58
N VAL F 453 32.21 -33.78 68.51
CA VAL F 453 32.10 -34.12 69.92
C VAL F 453 30.63 -34.43 70.22
N THR F 454 30.38 -35.62 70.74
CA THR F 454 29.02 -36.09 70.99
C THR F 454 28.98 -36.94 72.24
N ARG F 455 27.86 -36.83 72.97
CA ARG F 455 27.58 -37.73 74.07
C ARG F 455 26.78 -38.95 73.62
N ASN F 456 26.31 -38.96 72.38
CA ASN F 456 25.54 -40.06 71.83
C ASN F 456 26.49 -41.08 71.22
N HIS F 457 26.61 -42.25 71.86
CA HIS F 457 27.56 -43.26 71.40
C HIS F 457 27.26 -43.67 69.97
N GLN F 458 26.00 -43.86 69.62
CA GLN F 458 25.67 -44.34 68.27
C GLN F 458 25.94 -43.26 67.23
N THR F 459 25.69 -41.99 67.57
CA THR F 459 26.06 -40.90 66.68
C THR F 459 27.54 -40.97 66.32
N ALA F 460 28.40 -41.20 67.33
CA ALA F 460 29.82 -41.33 67.07
C ALA F 460 30.12 -42.50 66.16
N ARG F 461 29.43 -43.63 66.36
CA ARG F 461 29.67 -44.80 65.52
C ARG F 461 29.18 -44.58 64.10
N GLN F 462 27.98 -44.02 63.94
CA GLN F 462 27.45 -43.77 62.61
C GLN F 462 28.19 -42.65 61.88
N ALA F 463 28.99 -41.85 62.61
CA ALA F 463 29.70 -40.74 61.99
C ALA F 463 30.75 -41.20 60.98
N HIS F 464 31.14 -42.48 61.03
CA HIS F 464 32.16 -42.95 60.09
C HIS F 464 31.66 -43.02 58.65
N LEU F 465 30.36 -42.87 58.42
CA LEU F 465 29.84 -42.86 57.06
C LEU F 465 30.21 -41.59 56.32
N TYR F 466 30.58 -40.53 57.01
CA TYR F 466 30.78 -39.21 56.41
C TYR F 466 32.26 -38.91 56.32
N ARG F 467 32.71 -38.52 55.12
CA ARG F 467 34.10 -38.17 54.89
C ARG F 467 34.56 -37.11 55.89
N GLY F 468 35.65 -37.42 56.60
CA GLY F 468 36.34 -36.43 57.39
C GLY F 468 35.82 -36.18 58.79
N ILE F 469 34.78 -36.88 59.22
CA ILE F 469 34.26 -36.71 60.58
C ILE F 469 34.98 -37.69 61.50
N PHE F 470 35.82 -37.15 62.39
CA PHE F 470 36.44 -37.95 63.43
C PHE F 470 35.57 -37.88 64.68
N PRO F 471 34.93 -38.98 65.09
CA PRO F 471 34.01 -38.91 66.23
C PRO F 471 34.76 -39.00 67.55
N VAL F 472 34.24 -38.28 68.55
CA VAL F 472 34.80 -38.29 69.90
C VAL F 472 33.63 -38.37 70.88
N VAL F 473 33.65 -39.41 71.71
CA VAL F 473 32.59 -39.64 72.70
C VAL F 473 32.94 -38.88 73.97
N CYS F 474 32.08 -37.94 74.36
CA CYS F 474 32.23 -37.24 75.63
C CYS F 474 31.46 -38.02 76.69
N LYS F 475 32.19 -38.70 77.58
CA LYS F 475 31.57 -39.43 78.68
C LYS F 475 31.29 -38.54 79.89
N ASP F 476 31.94 -37.38 79.98
CA ASP F 476 31.75 -36.50 81.12
C ASP F 476 30.28 -36.10 81.25
N PRO F 477 29.81 -35.84 82.46
CA PRO F 477 28.41 -35.46 82.65
C PRO F 477 28.14 -34.03 82.18
N VAL F 478 26.85 -33.71 82.06
CA VAL F 478 26.44 -32.40 81.58
C VAL F 478 26.65 -31.37 82.68
N GLN F 479 27.43 -30.33 82.39
CA GLN F 479 27.52 -29.21 83.30
C GLN F 479 26.21 -28.43 83.32
N GLU F 480 25.94 -27.76 84.43
CA GLU F 480 24.71 -26.98 84.54
C GLU F 480 24.80 -25.66 83.80
N ALA F 481 26.00 -25.08 83.71
CA ALA F 481 26.20 -23.85 82.94
C ALA F 481 26.43 -24.20 81.48
N TRP F 482 25.52 -23.75 80.61
CA TRP F 482 25.64 -24.06 79.18
C TRP F 482 27.00 -23.66 78.63
N ALA F 483 27.52 -22.51 79.04
CA ALA F 483 28.81 -22.04 78.53
C ALA F 483 29.93 -22.99 78.93
N GLU F 484 29.96 -23.42 80.20
CA GLU F 484 31.01 -24.33 80.64
C GLU F 484 30.84 -25.72 80.04
N ASP F 485 29.60 -26.18 79.86
CA ASP F 485 29.40 -27.46 79.19
C ASP F 485 30.00 -27.45 77.79
N VAL F 486 29.86 -26.34 77.07
CA VAL F 486 30.44 -26.22 75.75
C VAL F 486 31.96 -26.22 75.83
N ASP F 487 32.53 -25.38 76.71
CA ASP F 487 33.97 -25.34 76.86
C ASP F 487 34.54 -26.70 77.26
N LEU F 488 33.81 -27.42 78.11
CA LEU F 488 34.24 -28.77 78.49
C LEU F 488 34.44 -29.65 77.26
N ARG F 489 33.46 -29.63 76.35
CA ARG F 489 33.54 -30.51 75.18
C ARG F 489 34.53 -29.98 74.14
N VAL F 490 34.62 -28.66 73.99
CA VAL F 490 35.56 -28.11 73.00
C VAL F 490 36.99 -28.44 73.38
N ASN F 491 37.29 -28.39 74.68
CA ASN F 491 38.65 -28.71 75.12
C ASN F 491 38.98 -30.19 74.90
N LEU F 492 37.99 -31.06 75.01
CA LEU F 492 38.22 -32.47 74.71
C LEU F 492 38.72 -32.64 73.28
N ALA F 493 38.05 -31.97 72.33
CA ALA F 493 38.51 -32.03 70.94
C ALA F 493 39.91 -31.46 70.80
N MET F 494 40.18 -30.33 71.47
CA MET F 494 41.52 -29.76 71.45
C MET F 494 42.56 -30.77 71.91
N ASN F 495 42.29 -31.45 73.03
CA ASN F 495 43.27 -32.39 73.58
C ASN F 495 43.35 -33.66 72.74
N VAL F 496 42.22 -34.12 72.20
CA VAL F 496 42.26 -35.25 71.28
C VAL F 496 43.06 -34.89 70.03
N GLY F 497 42.80 -33.69 69.49
CA GLY F 497 43.54 -33.26 68.32
C GLY F 497 45.03 -33.13 68.59
N LYS F 498 45.39 -32.50 69.71
CA LYS F 498 46.80 -32.45 70.11
C LYS F 498 47.36 -33.85 70.25
N ALA F 499 46.62 -34.75 70.91
CA ALA F 499 47.11 -36.10 71.17
C ALA F 499 47.27 -36.90 69.89
N ARG F 500 46.45 -36.64 68.88
CA ARG F 500 46.49 -37.42 67.64
C ARG F 500 47.47 -36.86 66.61
N GLY F 501 48.10 -35.72 66.89
CA GLY F 501 48.96 -35.09 65.90
C GLY F 501 48.21 -34.30 64.85
N PHE F 502 46.97 -33.92 65.12
CA PHE F 502 46.21 -33.11 64.16
C PHE F 502 46.63 -31.65 64.20
N PHE F 503 47.14 -31.18 65.33
CA PHE F 503 47.56 -29.79 65.49
C PHE F 503 48.23 -29.66 66.84
N LYS F 504 48.87 -28.51 67.05
CA LYS F 504 49.55 -28.18 68.30
C LYS F 504 49.18 -26.77 68.71
N LYS F 505 49.76 -26.31 69.81
CA LYS F 505 49.53 -24.95 70.27
C LYS F 505 49.83 -23.96 69.14
N GLY F 506 49.12 -22.84 69.14
CA GLY F 506 49.30 -21.83 68.12
C GLY F 506 48.60 -22.09 66.81
N ASP F 507 48.18 -23.32 66.55
CA ASP F 507 47.40 -23.61 65.35
C ASP F 507 46.02 -22.95 65.46
N VAL F 508 45.30 -22.95 64.35
CA VAL F 508 43.98 -22.35 64.25
C VAL F 508 42.98 -23.45 63.89
N VAL F 509 41.78 -23.35 64.44
CA VAL F 509 40.70 -24.27 64.11
C VAL F 509 39.38 -23.50 64.09
N ILE F 510 38.39 -24.11 63.46
CA ILE F 510 37.03 -23.59 63.45
C ILE F 510 36.23 -24.34 64.49
N VAL F 511 35.42 -23.61 65.25
CA VAL F 511 34.62 -24.19 66.34
C VAL F 511 33.17 -23.85 66.08
N LEU F 512 32.34 -24.88 65.94
CA LEU F 512 30.91 -24.72 65.69
C LEU F 512 30.15 -25.26 66.90
N THR F 513 29.21 -24.46 67.41
CA THR F 513 28.49 -24.81 68.62
C THR F 513 27.09 -24.22 68.56
N GLY F 514 26.29 -24.56 69.58
CA GLY F 514 25.02 -23.91 69.79
C GLY F 514 25.16 -22.74 70.75
N TRP F 515 24.40 -21.68 70.49
CA TRP F 515 24.46 -20.49 71.34
C TRP F 515 23.75 -20.72 72.66
N ARG F 516 22.59 -21.36 72.63
CA ARG F 516 21.83 -21.77 73.79
C ARG F 516 21.51 -23.25 73.67
N PRO F 517 21.22 -23.92 74.79
CA PRO F 517 20.93 -25.37 74.71
C PRO F 517 19.79 -25.69 73.76
N GLY F 518 18.79 -24.82 73.67
CA GLY F 518 17.65 -25.04 72.80
C GLY F 518 17.91 -24.83 71.32
N SER F 519 19.15 -24.52 70.94
CA SER F 519 19.48 -24.37 69.53
C SER F 519 19.41 -25.72 68.83
N GLY F 520 18.73 -25.76 67.69
CA GLY F 520 18.57 -26.99 66.95
C GLY F 520 19.76 -27.42 66.11
N PHE F 521 20.83 -26.63 66.11
CA PHE F 521 22.01 -26.91 65.30
C PHE F 521 23.12 -25.98 65.78
N THR F 522 24.32 -26.20 65.26
CA THR F 522 25.44 -25.31 65.55
C THR F 522 25.24 -24.02 64.77
N ASN F 523 24.66 -23.01 65.43
CA ASN F 523 24.42 -21.71 64.81
C ASN F 523 25.47 -20.68 65.20
N THR F 524 26.56 -21.12 65.84
CA THR F 524 27.64 -20.25 66.25
C THR F 524 28.94 -20.79 65.69
N MET F 525 29.73 -19.92 65.07
CA MET F 525 31.02 -20.32 64.51
C MET F 525 32.10 -19.37 65.03
N ARG F 526 33.25 -19.94 65.39
CA ARG F 526 34.37 -19.16 65.90
C ARG F 526 35.67 -19.72 65.33
N VAL F 527 36.55 -18.81 64.94
CA VAL F 527 37.95 -19.14 64.68
C VAL F 527 38.69 -19.02 66.00
N VAL F 528 39.37 -20.09 66.40
CA VAL F 528 39.97 -20.16 67.72
C VAL F 528 41.38 -20.74 67.62
N PRO F 529 42.35 -20.18 68.34
CA PRO F 529 43.68 -20.79 68.39
C PRO F 529 43.68 -22.00 69.30
N VAL F 530 44.71 -22.84 69.13
CA VAL F 530 44.85 -24.07 69.88
C VAL F 530 45.70 -23.78 71.12
N PRO F 531 45.12 -23.76 72.32
CA PRO F 531 45.90 -23.65 73.55
C PRO F 531 46.50 -25.00 73.94
N PHE G 12 14.64 -41.25 24.63
CA PHE G 12 15.86 -41.22 23.83
C PHE G 12 17.07 -40.76 24.64
N ILE G 13 18.02 -41.65 24.83
CA ILE G 13 19.25 -41.35 25.56
C ILE G 13 20.28 -40.86 24.54
N GLN G 14 20.81 -39.66 24.78
CA GLN G 14 21.86 -39.13 23.92
C GLN G 14 23.08 -40.05 23.96
N THR G 15 23.62 -40.34 22.79
CA THR G 15 24.80 -41.18 22.72
C THR G 15 26.04 -40.41 23.20
N GLN G 16 27.12 -41.15 23.43
CA GLN G 16 28.45 -40.57 23.56
C GLN G 16 28.56 -39.65 24.78
N GLN G 17 27.73 -39.87 25.80
CA GLN G 17 27.72 -39.05 27.01
C GLN G 17 27.52 -37.57 26.68
N LEU G 18 26.78 -37.29 25.61
CA LEU G 18 26.59 -35.90 25.19
C LEU G 18 25.75 -35.12 26.18
N HIS G 19 24.87 -35.79 26.92
CA HIS G 19 24.11 -35.10 27.96
C HIS G 19 25.06 -34.58 29.05
N ALA G 20 26.03 -35.39 29.44
CA ALA G 20 27.04 -34.91 30.38
C ALA G 20 27.95 -33.88 29.75
N ALA G 21 28.17 -33.96 28.43
CA ALA G 21 29.00 -32.97 27.77
C ALA G 21 28.46 -31.56 27.95
N MET G 22 27.14 -31.43 28.11
CA MET G 22 26.49 -30.12 28.21
C MET G 22 26.45 -29.59 29.63
N ALA G 23 27.13 -30.23 30.58
CA ALA G 23 27.10 -29.78 31.96
C ALA G 23 27.89 -28.49 32.15
N ASP G 24 27.56 -27.76 33.20
CA ASP G 24 28.27 -26.53 33.52
C ASP G 24 29.45 -26.74 34.47
N THR G 25 29.37 -27.73 35.36
CA THR G 25 30.45 -28.01 36.29
C THR G 25 30.91 -29.45 36.14
N PHE G 26 32.12 -29.72 36.63
CA PHE G 26 32.64 -31.09 36.62
C PHE G 26 31.75 -32.01 37.43
N LEU G 27 31.27 -31.52 38.59
CA LEU G 27 30.35 -32.33 39.40
C LEU G 27 29.12 -32.72 38.59
N GLU G 28 28.45 -31.73 37.98
CA GLU G 28 27.27 -32.03 37.19
C GLU G 28 27.59 -32.95 36.02
N HIS G 29 28.78 -32.81 35.43
CA HIS G 29 29.21 -33.76 34.41
C HIS G 29 29.25 -35.17 34.97
N MET G 30 29.92 -35.34 36.12
CA MET G 30 29.97 -36.63 36.79
C MET G 30 28.56 -37.17 37.05
N CYS G 31 27.66 -36.31 37.53
CA CYS G 31 26.32 -36.75 37.86
C CYS G 31 25.52 -37.17 36.63
N ARG G 32 25.97 -36.80 35.44
CA ARG G 32 25.23 -37.08 34.21
C ARG G 32 25.77 -38.28 33.44
N LEU G 33 26.85 -38.91 33.91
CA LEU G 33 27.36 -40.09 33.22
C LEU G 33 26.30 -41.19 33.22
N ASP G 34 26.08 -41.78 32.05
CA ASP G 34 24.91 -42.62 31.81
C ASP G 34 25.34 -43.94 31.19
N ILE G 35 25.19 -45.04 31.94
CA ILE G 35 25.56 -46.36 31.43
C ILE G 35 24.72 -46.79 30.24
N ASP G 36 23.62 -46.09 29.95
CA ASP G 36 22.82 -46.38 28.78
C ASP G 36 23.10 -45.45 27.61
N SER G 37 24.05 -44.53 27.76
CA SER G 37 24.49 -43.67 26.67
C SER G 37 25.59 -44.41 25.91
N ALA G 38 25.28 -44.82 24.68
CA ALA G 38 26.16 -45.73 23.96
C ALA G 38 27.35 -44.97 23.39
N PRO G 39 28.57 -45.49 23.55
CA PRO G 39 29.74 -44.84 22.95
C PRO G 39 29.74 -44.99 21.44
N ILE G 40 30.70 -44.38 20.76
CA ILE G 40 30.78 -44.50 19.30
C ILE G 40 31.64 -45.69 18.93
N THR G 41 31.64 -46.04 17.63
CA THR G 41 32.45 -47.16 17.16
C THR G 41 33.94 -46.86 17.31
N ALA G 42 34.36 -45.67 16.86
CA ALA G 42 35.79 -45.33 16.86
C ALA G 42 36.36 -45.37 18.28
N ARG G 43 37.58 -45.89 18.39
CA ARG G 43 38.31 -45.94 19.65
C ARG G 43 39.58 -45.11 19.48
N ASN G 44 39.78 -44.14 20.37
CA ASN G 44 40.86 -43.17 20.21
C ASN G 44 42.13 -43.56 20.93
N THR G 45 42.03 -44.20 22.09
CA THR G 45 43.22 -44.54 22.87
C THR G 45 43.94 -45.72 22.23
N GLY G 46 45.25 -45.56 22.03
CA GLY G 46 46.05 -46.63 21.45
C GLY G 46 46.37 -47.73 22.44
N ILE G 47 46.44 -48.95 21.93
CA ILE G 47 46.70 -50.13 22.75
C ILE G 47 48.06 -50.69 22.35
N ILE G 48 49.00 -50.65 23.28
CA ILE G 48 50.33 -51.23 23.10
C ILE G 48 50.33 -52.62 23.71
N CYS G 49 50.74 -53.62 22.93
CA CYS G 49 50.74 -55.02 23.35
C CYS G 49 52.18 -55.52 23.41
N THR G 50 52.61 -55.92 24.61
CA THR G 50 53.88 -56.62 24.74
C THR G 50 53.75 -58.02 24.15
N ILE G 51 54.59 -58.33 23.19
CA ILE G 51 54.55 -59.64 22.55
C ILE G 51 55.51 -60.57 23.26
N GLY G 52 55.14 -61.85 23.30
CA GLY G 52 55.93 -62.87 23.94
C GLY G 52 55.45 -64.26 23.56
N PRO G 53 55.79 -65.27 24.36
CA PRO G 53 55.39 -66.65 24.02
C PRO G 53 53.91 -66.79 23.72
N ALA G 54 53.05 -66.23 24.57
CA ALA G 54 51.61 -66.34 24.39
C ALA G 54 51.11 -65.62 23.13
N SER G 55 51.94 -64.83 22.48
CA SER G 55 51.44 -63.98 21.39
C SER G 55 52.36 -63.86 20.18
N ARG G 56 53.60 -64.35 20.22
CA ARG G 56 54.52 -64.16 19.10
C ARG G 56 54.17 -65.02 17.87
N SER G 57 53.00 -65.65 17.82
CA SER G 57 52.61 -66.48 16.67
C SER G 57 51.89 -65.64 15.63
N VAL G 58 52.20 -65.90 14.36
CA VAL G 58 51.52 -65.21 13.27
C VAL G 58 50.01 -65.37 13.38
N GLU G 59 49.56 -66.61 13.60
CA GLU G 59 48.14 -66.86 13.79
C GLU G 59 47.55 -65.99 14.90
N THR G 60 48.21 -65.97 16.05
CA THR G 60 47.70 -65.19 17.18
C THR G 60 47.79 -63.70 16.91
N LEU G 61 48.91 -63.23 16.35
CA LEU G 61 49.07 -61.81 16.07
C LEU G 61 47.97 -61.30 15.15
N LYS G 62 47.59 -62.10 14.15
CA LYS G 62 46.44 -61.72 13.32
C LYS G 62 45.23 -61.40 14.18
N GLU G 63 44.98 -62.20 15.21
CA GLU G 63 43.86 -61.93 16.11
C GLU G 63 44.16 -60.79 17.07
N MET G 64 45.42 -60.64 17.49
CA MET G 64 45.80 -59.47 18.28
C MET G 64 45.44 -58.18 17.55
N ILE G 65 45.72 -58.12 16.25
CA ILE G 65 45.42 -56.92 15.48
C ILE G 65 43.92 -56.73 15.37
N LYS G 66 43.19 -57.80 15.00
CA LYS G 66 41.74 -57.69 14.89
C LYS G 66 41.11 -57.25 16.21
N SER G 67 41.66 -57.72 17.33
CA SER G 67 41.15 -57.32 18.63
C SER G 67 41.52 -55.89 19.01
N GLY G 68 42.44 -55.26 18.28
CA GLY G 68 42.71 -53.85 18.49
C GLY G 68 44.13 -53.44 18.81
N MET G 69 45.07 -54.38 18.75
CA MET G 69 46.47 -54.01 18.97
C MET G 69 46.91 -52.99 17.93
N ASN G 70 47.64 -51.97 18.39
CA ASN G 70 48.17 -50.94 17.51
C ASN G 70 49.69 -50.88 17.51
N VAL G 71 50.34 -51.25 18.61
CA VAL G 71 51.79 -51.18 18.75
C VAL G 71 52.27 -52.49 19.37
N ALA G 72 53.31 -53.07 18.80
CA ALA G 72 53.92 -54.29 19.31
C ALA G 72 55.17 -53.91 20.09
N ARG G 73 55.19 -54.26 21.37
CA ARG G 73 56.30 -53.92 22.27
C ARG G 73 57.21 -55.13 22.43
N MET G 74 58.49 -54.95 22.14
CA MET G 74 59.50 -55.98 22.35
C MET G 74 60.31 -55.61 23.59
N ASN G 75 60.14 -56.38 24.66
CA ASN G 75 60.87 -56.16 25.90
C ASN G 75 62.20 -56.89 25.81
N PHE G 76 63.29 -56.13 25.77
CA PHE G 76 64.62 -56.70 25.65
C PHE G 76 65.26 -57.06 26.99
N SER G 77 64.55 -56.84 28.11
CA SER G 77 65.05 -57.31 29.39
C SER G 77 65.52 -58.75 29.30
N HIS G 78 64.83 -59.56 28.50
CA HIS G 78 65.21 -60.94 28.22
C HIS G 78 65.07 -61.16 26.72
N GLY G 79 65.54 -62.32 26.27
CA GLY G 79 65.42 -62.64 24.86
C GLY G 79 66.64 -62.20 24.06
N THR G 80 66.89 -62.92 22.97
CA THR G 80 68.04 -62.69 22.11
C THR G 80 67.62 -61.96 20.84
N HIS G 81 68.63 -61.46 20.11
CA HIS G 81 68.37 -60.77 18.86
C HIS G 81 67.62 -61.67 17.88
N GLU G 82 68.06 -62.92 17.74
CA GLU G 82 67.38 -63.83 16.84
C GLU G 82 65.94 -64.04 17.27
N TYR G 83 65.69 -64.06 18.59
CA TYR G 83 64.32 -64.23 19.08
C TYR G 83 63.46 -63.04 18.70
N HIS G 84 63.89 -61.83 19.09
CA HIS G 84 63.09 -60.64 18.80
C HIS G 84 62.99 -60.37 17.30
N ALA G 85 64.02 -60.74 16.54
CA ALA G 85 63.94 -60.59 15.09
C ALA G 85 62.78 -61.42 14.53
N GLU G 86 62.64 -62.66 15.00
CA GLU G 86 61.54 -63.49 14.53
C GLU G 86 60.19 -62.94 14.97
N THR G 87 60.10 -62.48 16.21
CA THR G 87 58.87 -61.83 16.68
C THR G 87 58.50 -60.68 15.74
N ILE G 88 59.44 -59.78 15.49
CA ILE G 88 59.18 -58.63 14.62
C ILE G 88 58.78 -59.10 13.23
N LYS G 89 59.40 -60.18 12.75
CA LYS G 89 59.04 -60.71 11.43
C LYS G 89 57.62 -61.23 11.41
N ASN G 90 57.19 -61.89 12.50
CA ASN G 90 55.82 -62.40 12.56
C ASN G 90 54.82 -61.26 12.67
N VAL G 91 55.10 -60.27 13.51
CA VAL G 91 54.23 -59.09 13.59
C VAL G 91 53.97 -58.54 12.19
N ARG G 92 55.04 -58.36 11.41
CA ARG G 92 54.89 -57.78 10.09
C ARG G 92 54.17 -58.72 9.13
N THR G 93 54.36 -60.03 9.29
CA THR G 93 53.63 -60.98 8.46
C THR G 93 52.13 -60.88 8.72
N ALA G 94 51.73 -60.91 10.00
CA ALA G 94 50.32 -60.79 10.35
C ALA G 94 49.75 -59.46 9.87
N THR G 95 50.50 -58.36 10.07
CA THR G 95 50.01 -57.06 9.67
C THR G 95 49.68 -57.02 8.17
N GLU G 96 50.59 -57.53 7.35
CA GLU G 96 50.44 -57.41 5.91
C GLU G 96 49.44 -58.39 5.32
N SER G 97 49.04 -59.41 6.06
CA SER G 97 47.97 -60.28 5.58
C SER G 97 46.67 -59.53 5.34
N PHE G 98 46.53 -58.34 5.92
CA PHE G 98 45.37 -57.49 5.68
C PHE G 98 45.62 -56.43 4.61
N ALA G 99 46.83 -56.36 4.06
CA ALA G 99 47.18 -55.32 3.11
C ALA G 99 46.53 -55.49 1.75
N SER G 100 45.75 -56.56 1.53
CA SER G 100 45.04 -56.69 0.26
C SER G 100 43.94 -55.64 0.12
N ASP G 101 43.31 -55.27 1.24
CA ASP G 101 42.25 -54.27 1.26
C ASP G 101 42.76 -53.00 1.90
N PRO G 102 43.20 -52.00 1.11
CA PRO G 102 43.72 -50.76 1.73
C PRO G 102 42.68 -50.01 2.55
N ILE G 103 41.40 -50.33 2.41
CA ILE G 103 40.37 -49.66 3.20
C ILE G 103 40.36 -50.19 4.62
N LEU G 104 40.43 -51.51 4.79
CA LEU G 104 40.36 -52.12 6.11
C LEU G 104 41.74 -52.36 6.73
N TYR G 105 42.81 -52.08 6.00
CA TYR G 105 44.15 -52.30 6.51
C TYR G 105 44.44 -51.37 7.69
N ARG G 106 45.04 -51.93 8.74
CA ARG G 106 45.40 -51.16 9.94
C ARG G 106 46.92 -51.18 10.13
N PRO G 107 47.60 -50.05 10.04
CA PRO G 107 49.04 -50.05 10.34
C PRO G 107 49.31 -50.49 11.76
N VAL G 108 50.47 -51.10 11.97
CA VAL G 108 50.90 -51.61 13.27
C VAL G 108 52.35 -51.20 13.49
N ALA G 109 52.64 -50.65 14.66
CA ALA G 109 53.96 -50.12 14.97
C ALA G 109 54.76 -51.12 15.81
N VAL G 110 56.08 -51.01 15.71
CA VAL G 110 57.01 -51.88 16.44
C VAL G 110 57.83 -51.02 17.38
N ALA G 111 57.79 -51.35 18.67
CA ALA G 111 58.50 -50.61 19.70
C ALA G 111 59.55 -51.51 20.35
N LEU G 112 60.73 -50.94 20.61
CA LEU G 112 61.83 -51.64 21.25
C LEU G 112 62.02 -51.06 22.65
N ASP G 113 61.73 -51.88 23.66
CA ASP G 113 61.90 -51.48 25.06
C ASP G 113 63.28 -51.97 25.51
N THR G 114 64.19 -51.03 25.75
CA THR G 114 65.54 -51.37 26.14
C THR G 114 65.57 -51.92 27.56
N LYS G 115 66.56 -52.78 27.83
CA LYS G 115 66.72 -53.31 29.18
C LYS G 115 67.21 -52.24 30.13
N GLY G 116 68.24 -51.49 29.74
CA GLY G 116 68.72 -50.37 30.52
C GLY G 116 69.73 -50.77 31.58
N PRO G 117 70.23 -49.80 32.32
CA PRO G 117 71.21 -50.08 33.37
C PRO G 117 70.58 -50.84 34.53
N GLU G 118 71.43 -51.50 35.30
CA GLU G 118 70.98 -52.37 36.37
C GLU G 118 71.88 -52.27 37.59
N ILE G 119 71.44 -52.91 38.67
CA ILE G 119 72.24 -53.13 39.86
C ILE G 119 71.88 -54.52 40.36
N ARG G 120 72.81 -55.46 40.23
CA ARG G 120 72.56 -56.86 40.60
C ARG G 120 73.44 -57.27 41.78
N THR G 121 73.02 -58.34 42.44
CA THR G 121 73.73 -58.90 43.58
C THR G 121 74.48 -60.17 43.18
N GLY G 122 75.26 -60.68 44.12
CA GLY G 122 76.01 -61.90 43.92
C GLY G 122 75.16 -63.13 44.14
N LEU G 123 75.85 -64.25 44.37
CA LEU G 123 75.18 -65.53 44.56
C LEU G 123 74.91 -65.82 46.04
N THR G 129 70.87 -72.82 42.96
CA THR G 129 70.77 -71.56 43.68
C THR G 129 69.96 -71.70 44.96
N ALA G 130 70.63 -71.55 46.10
CA ALA G 130 69.98 -71.58 47.41
C ALA G 130 69.65 -70.16 47.85
N GLU G 131 69.19 -70.00 49.08
CA GLU G 131 68.77 -68.70 49.56
C GLU G 131 69.08 -68.59 51.05
N VAL G 132 69.15 -67.34 51.53
CA VAL G 132 69.31 -67.05 52.95
C VAL G 132 68.19 -66.10 53.36
N GLU G 133 67.91 -66.08 54.66
CA GLU G 133 66.91 -65.17 55.22
C GLU G 133 67.61 -63.98 55.86
N LEU G 134 66.98 -62.81 55.74
CA LEU G 134 67.50 -61.57 56.33
C LEU G 134 66.60 -61.20 57.50
N LYS G 135 67.13 -61.36 58.71
CA LYS G 135 66.36 -61.02 59.91
C LYS G 135 66.06 -59.52 59.92
N LYS G 136 64.90 -59.18 60.49
CA LYS G 136 64.53 -57.78 60.67
C LYS G 136 65.28 -57.23 61.89
N GLY G 137 66.09 -56.20 61.67
CA GLY G 137 66.81 -55.58 62.75
C GLY G 137 68.30 -55.89 62.76
N ALA G 138 68.65 -57.16 62.54
CA ALA G 138 70.05 -57.55 62.53
C ALA G 138 70.82 -56.76 61.47
N THR G 139 72.14 -56.75 61.60
CA THR G 139 73.00 -55.95 60.74
C THR G 139 73.38 -56.72 59.48
N LEU G 140 73.46 -56.00 58.37
CA LEU G 140 73.91 -56.54 57.09
C LEU G 140 74.99 -55.63 56.53
N LYS G 141 76.00 -56.23 55.90
CA LYS G 141 77.16 -55.52 55.39
C LYS G 141 77.16 -55.57 53.87
N ILE G 142 77.48 -54.43 53.25
CA ILE G 142 77.56 -54.32 51.79
C ILE G 142 78.97 -53.86 51.43
N THR G 143 79.54 -54.47 50.39
CA THR G 143 80.89 -54.12 49.96
C THR G 143 81.01 -54.33 48.46
N LEU G 144 81.98 -53.64 47.87
CA LEU G 144 82.26 -53.72 46.45
C LEU G 144 83.39 -54.69 46.13
N ASP G 145 83.95 -55.35 47.12
CA ASP G 145 85.13 -56.17 46.92
C ASP G 145 84.80 -57.38 46.04
N ASN G 146 85.59 -57.56 44.98
CA ASN G 146 85.43 -58.74 44.13
C ASN G 146 85.59 -60.04 44.90
N ALA G 147 86.20 -59.99 46.08
CA ALA G 147 86.42 -61.20 46.86
C ALA G 147 85.12 -61.86 47.29
N TYR G 148 83.99 -61.15 47.26
CA TYR G 148 82.72 -61.67 47.73
C TYR G 148 81.68 -61.80 46.63
N MET G 149 82.07 -61.70 45.36
CA MET G 149 81.08 -61.71 44.29
C MET G 149 80.29 -63.00 44.25
N GLU G 150 80.90 -64.13 44.61
CA GLU G 150 80.23 -65.41 44.61
C GLU G 150 79.97 -65.94 46.02
N LYS G 151 80.19 -65.12 47.04
CA LYS G 151 79.97 -65.50 48.44
C LYS G 151 79.02 -64.48 49.07
N CYS G 152 77.73 -64.66 48.82
CA CYS G 152 76.69 -63.80 49.37
C CYS G 152 75.94 -64.57 50.45
N ASP G 153 75.93 -64.03 51.67
CA ASP G 153 75.29 -64.67 52.82
C ASP G 153 74.56 -63.61 53.63
N GLU G 154 73.87 -64.05 54.69
CA GLU G 154 73.13 -63.15 55.56
C GLU G 154 74.04 -62.15 56.27
N ASN G 155 75.36 -62.24 56.11
CA ASN G 155 76.31 -61.35 56.76
C ASN G 155 76.88 -60.30 55.80
N ILE G 156 77.25 -60.70 54.59
CA ILE G 156 77.88 -59.83 53.61
C ILE G 156 77.04 -59.83 52.34
N LEU G 157 77.08 -58.71 51.61
CA LEU G 157 76.34 -58.57 50.36
C LEU G 157 77.14 -57.72 49.38
N TRP G 158 77.22 -58.18 48.13
CA TRP G 158 78.01 -57.55 47.10
C TRP G 158 77.13 -57.18 45.92
N LEU G 159 77.36 -55.99 45.35
CA LEU G 159 76.59 -55.48 44.23
C LEU G 159 77.53 -54.81 43.24
N ASP G 160 77.18 -54.89 41.96
CA ASP G 160 78.07 -54.53 40.86
C ASP G 160 78.07 -53.04 40.51
N TYR G 161 77.48 -52.20 41.35
CA TYR G 161 77.45 -50.75 41.12
C TYR G 161 78.50 -50.11 42.02
N LYS G 162 79.62 -49.67 41.42
CA LYS G 162 80.80 -49.31 42.18
C LYS G 162 80.71 -47.92 42.81
N ASN G 163 80.03 -46.97 42.17
CA ASN G 163 79.92 -45.62 42.69
C ASN G 163 78.87 -45.48 43.78
N ILE G 164 78.34 -46.59 44.30
CA ILE G 164 77.15 -46.53 45.15
C ILE G 164 77.38 -45.65 46.37
N CYS G 165 78.59 -45.68 46.93
CA CYS G 165 78.86 -44.90 48.13
C CYS G 165 78.84 -43.40 47.88
N LYS G 166 79.02 -42.98 46.62
CA LYS G 166 78.99 -41.57 46.28
C LYS G 166 77.58 -41.02 46.12
N VAL G 167 76.61 -41.88 45.82
CA VAL G 167 75.24 -41.46 45.52
C VAL G 167 74.26 -41.88 46.61
N VAL G 168 74.76 -42.46 47.71
CA VAL G 168 73.92 -42.78 48.86
C VAL G 168 74.42 -41.98 50.05
N ASP G 169 73.75 -42.10 51.19
CA ASP G 169 74.06 -41.28 52.35
C ASP G 169 73.69 -42.03 53.61
N VAL G 170 73.90 -41.37 54.75
CA VAL G 170 73.55 -41.93 56.06
C VAL G 170 72.07 -41.63 56.30
N GLY G 171 71.26 -42.68 56.36
CA GLY G 171 69.82 -42.57 56.49
C GLY G 171 69.05 -43.03 55.27
N SER G 172 69.68 -43.04 54.10
CA SER G 172 69.03 -43.48 52.88
C SER G 172 68.70 -44.97 52.96
N LYS G 173 67.73 -45.39 52.16
CA LYS G 173 67.31 -46.78 52.08
C LYS G 173 67.94 -47.46 50.88
N VAL G 174 67.90 -48.79 50.90
CA VAL G 174 68.34 -49.61 49.78
C VAL G 174 67.39 -50.80 49.67
N TYR G 175 66.81 -50.98 48.50
CA TYR G 175 65.84 -52.05 48.25
C TYR G 175 66.47 -53.14 47.41
N VAL G 176 66.10 -54.39 47.70
CA VAL G 176 66.66 -55.55 47.04
C VAL G 176 65.54 -56.46 46.56
N ASP G 177 65.69 -56.99 45.34
CA ASP G 177 64.74 -57.91 44.73
C ASP G 177 63.35 -57.28 44.61
N ASP G 178 63.27 -56.28 43.73
CA ASP G 178 62.03 -55.58 43.43
C ASP G 178 61.32 -55.13 44.71
N GLY G 179 62.09 -54.54 45.61
CA GLY G 179 61.53 -53.93 46.80
C GLY G 179 61.05 -54.89 47.87
N LEU G 180 61.31 -56.19 47.73
CA LEU G 180 60.92 -57.11 48.79
C LEU G 180 61.73 -56.88 50.07
N ILE G 181 63.03 -56.58 49.92
CA ILE G 181 63.92 -56.33 51.04
C ILE G 181 64.32 -54.88 51.06
N SER G 182 64.30 -54.27 52.23
CA SER G 182 64.74 -52.89 52.42
C SER G 182 65.85 -52.84 53.46
N LEU G 183 66.75 -51.87 53.29
CA LEU G 183 67.85 -51.64 54.21
C LEU G 183 67.95 -50.15 54.51
N GLN G 184 68.46 -49.82 55.69
CA GLN G 184 68.71 -48.44 56.07
C GLN G 184 70.18 -48.29 56.42
N VAL G 185 70.87 -47.42 55.67
CA VAL G 185 72.29 -47.21 55.88
C VAL G 185 72.51 -46.50 57.22
N LYS G 186 73.26 -47.14 58.11
CA LYS G 186 73.57 -46.57 59.42
C LYS G 186 75.03 -46.14 59.56
N GLN G 187 75.95 -46.77 58.84
CA GLN G 187 77.34 -46.37 58.84
C GLN G 187 77.90 -46.56 57.44
N LYS G 188 78.85 -45.69 57.06
CA LYS G 188 79.30 -45.58 55.69
C LYS G 188 80.82 -45.58 55.63
N GLY G 189 81.37 -46.40 54.73
CA GLY G 189 82.80 -46.45 54.51
C GLY G 189 83.16 -46.10 53.08
N PRO G 190 84.47 -46.01 52.78
CA PRO G 190 84.87 -45.61 51.43
C PRO G 190 84.55 -46.65 50.37
N ASP G 191 84.49 -47.94 50.73
CA ASP G 191 84.10 -48.95 49.75
C ASP G 191 83.15 -49.99 50.33
N PHE G 192 82.58 -49.76 51.50
CA PHE G 192 81.59 -50.67 52.08
C PHE G 192 80.51 -49.85 52.76
N LEU G 193 79.37 -50.52 53.01
CA LEU G 193 78.24 -49.90 53.70
C LEU G 193 77.65 -50.90 54.68
N VAL G 194 77.49 -50.46 55.93
CA VAL G 194 76.80 -51.25 56.95
C VAL G 194 75.37 -50.75 57.06
N THR G 195 74.42 -51.66 57.01
CA THR G 195 73.01 -51.31 56.97
C THR G 195 72.22 -52.16 57.95
N GLU G 196 71.17 -51.55 58.50
CA GLU G 196 70.23 -52.23 59.39
C GLU G 196 68.99 -52.61 58.60
N VAL G 197 68.65 -53.89 58.61
CA VAL G 197 67.53 -54.39 57.82
C VAL G 197 66.21 -53.89 58.42
N GLU G 198 65.35 -53.36 57.56
CA GLU G 198 64.02 -52.87 57.96
C GLU G 198 62.90 -53.82 57.57
N ASN G 199 63.03 -54.49 56.43
CA ASN G 199 61.98 -55.35 55.89
C ASN G 199 62.66 -56.60 55.34
N GLY G 200 62.63 -57.67 56.13
CA GLY G 200 63.39 -58.86 55.81
C GLY G 200 62.70 -59.78 54.81
N GLY G 201 63.37 -60.90 54.54
CA GLY G 201 62.86 -61.87 53.61
C GLY G 201 63.98 -62.76 53.10
N PHE G 202 63.59 -63.70 52.24
CA PHE G 202 64.55 -64.62 51.64
C PHE G 202 65.25 -63.95 50.47
N LEU G 203 66.57 -64.14 50.40
CA LEU G 203 67.43 -63.45 49.45
C LEU G 203 68.06 -64.46 48.50
N GLY G 204 67.77 -64.32 47.21
CA GLY G 204 68.29 -65.21 46.19
C GLY G 204 69.55 -64.69 45.55
N SER G 205 69.79 -65.14 44.31
CA SER G 205 71.00 -64.82 43.57
C SER G 205 70.69 -63.90 42.40
N LYS G 206 71.56 -62.90 42.19
CA LYS G 206 71.43 -61.95 41.09
C LYS G 206 70.09 -61.23 41.13
N LYS G 207 69.84 -60.55 42.25
CA LYS G 207 68.59 -59.85 42.47
C LYS G 207 68.79 -58.35 42.29
N GLY G 208 67.80 -57.69 41.69
CA GLY G 208 67.92 -56.28 41.40
C GLY G 208 67.92 -55.42 42.65
N VAL G 209 68.56 -54.26 42.53
CA VAL G 209 68.66 -53.31 43.64
C VAL G 209 68.07 -51.97 43.19
N ASN G 210 67.52 -51.24 44.15
CA ASN G 210 66.93 -49.94 43.89
C ASN G 210 67.32 -48.97 44.99
N LEU G 211 67.76 -47.78 44.59
CA LEU G 211 68.20 -46.75 45.51
C LEU G 211 67.17 -45.62 45.56
N PRO G 212 66.11 -45.77 46.36
CA PRO G 212 65.03 -44.78 46.33
C PRO G 212 65.52 -43.39 46.70
N GLY G 213 65.20 -42.42 45.83
CA GLY G 213 65.54 -41.02 46.05
C GLY G 213 66.95 -40.63 45.70
N ALA G 214 67.75 -41.52 45.12
CA ALA G 214 69.16 -41.28 44.89
C ALA G 214 69.40 -40.79 43.48
N ALA G 215 70.21 -39.74 43.35
CA ALA G 215 70.69 -39.27 42.05
C ALA G 215 71.71 -40.29 41.54
N VAL G 216 71.19 -41.35 40.94
CA VAL G 216 72.00 -42.48 40.48
C VAL G 216 72.74 -42.10 39.22
N ASP G 217 74.02 -42.48 39.13
CA ASP G 217 74.91 -42.02 38.08
C ASP G 217 75.32 -43.12 37.11
N LEU G 218 74.58 -44.23 37.06
CA LEU G 218 74.88 -45.24 36.06
C LEU G 218 74.78 -44.61 34.66
N PRO G 219 75.35 -45.28 33.66
CA PRO G 219 75.30 -44.72 32.30
C PRO G 219 73.86 -44.64 31.78
N ALA G 220 73.61 -43.60 30.99
CA ALA G 220 72.29 -43.47 30.36
C ALA G 220 71.92 -44.75 29.61
N VAL G 221 72.90 -45.40 29.00
CA VAL G 221 72.69 -46.64 28.26
C VAL G 221 73.75 -47.64 28.68
N SER G 222 73.36 -48.91 28.74
CA SER G 222 74.29 -50.00 28.99
C SER G 222 74.86 -50.50 27.66
N GLU G 223 76.02 -51.14 27.74
CA GLU G 223 76.62 -51.74 26.54
C GLU G 223 75.59 -52.54 25.77
N LYS G 224 74.87 -53.43 26.45
CA LYS G 224 73.81 -54.19 25.80
C LYS G 224 72.86 -53.29 25.04
N ASP G 225 72.48 -52.16 25.66
CA ASP G 225 71.55 -51.24 25.02
C ASP G 225 72.06 -50.78 23.66
N ILE G 226 73.34 -50.35 23.60
CA ILE G 226 73.90 -49.86 22.34
C ILE G 226 73.69 -50.90 21.24
N GLN G 227 73.93 -52.17 21.55
CA GLN G 227 73.71 -53.21 20.56
C GLN G 227 72.24 -53.33 20.19
N ASP G 228 71.37 -53.30 21.20
CA ASP G 228 69.93 -53.43 20.93
C ASP G 228 69.41 -52.23 20.15
N LEU G 229 69.90 -51.04 20.45
CA LEU G 229 69.51 -49.86 19.67
C LEU G 229 70.01 -49.97 18.24
N LYS G 230 71.28 -50.36 18.07
CA LYS G 230 71.80 -50.62 16.72
C LYS G 230 70.93 -51.64 16.00
N PHE G 231 70.62 -52.75 16.67
CA PHE G 231 69.70 -53.73 16.12
C PHE G 231 68.33 -53.12 15.83
N GLY G 232 67.90 -52.17 16.66
CA GLY G 232 66.61 -51.52 16.43
C GLY G 232 66.59 -50.74 15.13
N VAL G 233 67.67 -50.02 14.83
CA VAL G 233 67.74 -49.30 13.56
C VAL G 233 67.78 -50.28 12.40
N GLU G 234 68.56 -51.36 12.52
CA GLU G 234 68.64 -52.35 11.46
C GLU G 234 67.27 -52.97 11.19
N GLN G 235 66.49 -53.21 12.24
CA GLN G 235 65.15 -53.78 12.08
C GLN G 235 64.11 -52.75 11.64
N ASP G 236 64.43 -51.45 11.72
CA ASP G 236 63.53 -50.39 11.27
C ASP G 236 62.36 -50.20 12.24
N VAL G 237 62.63 -50.31 13.54
CA VAL G 237 61.57 -50.07 14.52
C VAL G 237 61.05 -48.65 14.37
N ASP G 238 59.84 -48.42 14.88
CA ASP G 238 59.21 -47.12 14.79
C ASP G 238 59.46 -46.25 16.01
N MET G 239 59.81 -46.84 17.14
CA MET G 239 59.94 -46.09 18.38
C MET G 239 60.76 -46.92 19.37
N VAL G 240 61.34 -46.22 20.35
CA VAL G 240 62.14 -46.84 21.39
C VAL G 240 61.61 -46.37 22.74
N PHE G 241 61.22 -47.33 23.57
CA PHE G 241 60.91 -47.04 24.97
C PHE G 241 62.23 -47.11 25.73
N ALA G 242 62.83 -45.95 26.00
CA ALA G 242 64.14 -45.89 26.64
C ALA G 242 63.98 -46.00 28.15
N SER G 243 64.52 -47.07 28.73
CA SER G 243 64.33 -47.33 30.16
C SER G 243 65.19 -46.40 31.02
N PHE G 244 64.75 -46.23 32.26
CA PHE G 244 65.51 -45.59 33.32
C PHE G 244 66.11 -44.26 32.86
N ILE G 245 65.23 -43.28 32.69
CA ILE G 245 65.60 -41.95 32.24
C ILE G 245 65.48 -41.00 33.42
N ARG G 246 66.59 -40.36 33.80
CA ARG G 246 66.63 -39.49 34.96
C ARG G 246 66.83 -38.03 34.63
N LYS G 247 67.27 -37.70 33.42
CA LYS G 247 67.65 -36.33 33.10
C LYS G 247 67.70 -36.18 31.58
N ALA G 248 67.61 -34.93 31.12
CA ALA G 248 67.61 -34.66 29.69
C ALA G 248 68.82 -35.29 29.00
N ALA G 249 69.97 -35.27 29.68
CA ALA G 249 71.17 -35.83 29.09
C ALA G 249 70.98 -37.28 28.66
N ASP G 250 70.26 -38.07 29.46
CA ASP G 250 70.06 -39.47 29.14
C ASP G 250 69.34 -39.63 27.80
N VAL G 251 68.40 -38.72 27.51
CA VAL G 251 67.67 -38.79 26.25
C VAL G 251 68.60 -38.45 25.08
N HIS G 252 69.37 -37.36 25.23
CA HIS G 252 70.34 -37.00 24.19
C HIS G 252 71.30 -38.15 23.93
N GLU G 253 71.72 -38.84 24.98
CA GLU G 253 72.56 -40.03 24.82
C GLU G 253 71.88 -41.04 23.89
N VAL G 254 70.65 -41.43 24.22
CA VAL G 254 69.92 -42.37 23.38
C VAL G 254 69.77 -41.81 21.97
N ARG G 255 69.44 -40.52 21.86
CA ARG G 255 69.32 -39.89 20.55
C ARG G 255 70.61 -40.02 19.76
N LYS G 256 71.75 -39.78 20.40
CA LYS G 256 73.03 -39.86 19.71
C LYS G 256 73.28 -41.27 19.19
N ILE G 257 73.03 -42.28 20.03
CA ILE G 257 73.28 -43.66 19.63
C ILE G 257 72.51 -44.00 18.36
N LEU G 258 71.23 -43.61 18.31
CA LEU G 258 70.44 -43.85 17.10
C LEU G 258 71.02 -43.11 15.91
N GLY G 259 71.49 -41.89 16.13
CA GLY G 259 72.24 -41.15 15.13
C GLY G 259 71.42 -40.74 13.91
N GLU G 260 72.16 -40.37 12.85
CA GLU G 260 71.52 -39.95 11.61
C GLU G 260 70.69 -41.07 11.01
N LYS G 261 71.07 -42.32 11.26
CA LYS G 261 70.33 -43.44 10.69
C LYS G 261 68.99 -43.65 11.39
N GLY G 262 68.89 -43.30 12.68
CA GLY G 262 67.66 -43.47 13.41
C GLY G 262 67.08 -42.18 13.96
N LYS G 263 67.31 -41.08 13.24
CA LYS G 263 66.79 -39.78 13.69
C LYS G 263 65.27 -39.73 13.64
N ASN G 264 64.65 -40.50 12.74
CA ASN G 264 63.19 -40.52 12.65
C ASN G 264 62.54 -41.45 13.66
N ILE G 265 63.32 -42.23 14.40
CA ILE G 265 62.77 -43.12 15.42
C ILE G 265 62.43 -42.30 16.65
N LYS G 266 61.20 -42.42 17.14
CA LYS G 266 60.74 -41.61 18.26
C LYS G 266 61.22 -42.20 19.58
N ILE G 267 61.57 -41.33 20.51
CA ILE G 267 62.16 -41.72 21.79
C ILE G 267 61.13 -41.48 22.88
N ILE G 268 60.69 -42.55 23.52
CA ILE G 268 59.77 -42.49 24.65
C ILE G 268 60.58 -42.70 25.92
N SER G 269 60.74 -41.64 26.71
CA SER G 269 61.46 -41.72 27.97
C SER G 269 60.59 -42.38 29.02
N LYS G 270 61.08 -43.47 29.60
CA LYS G 270 60.39 -44.16 30.69
C LYS G 270 60.82 -43.54 32.03
N ILE G 271 59.86 -43.00 32.76
CA ILE G 271 60.13 -42.42 34.07
C ILE G 271 59.97 -43.52 35.11
N GLU G 272 61.04 -43.82 35.84
CA GLU G 272 61.07 -44.98 36.71
C GLU G 272 61.46 -44.73 38.16
N ASN G 273 61.92 -43.53 38.52
CA ASN G 273 62.38 -43.30 39.88
C ASN G 273 62.17 -41.84 40.26
N HIS G 274 62.64 -41.48 41.46
CA HIS G 274 62.41 -40.14 41.99
C HIS G 274 62.98 -39.07 41.05
N GLU G 275 64.24 -39.23 40.63
CA GLU G 275 64.86 -38.19 39.81
C GLU G 275 64.09 -37.98 38.52
N GLY G 276 63.72 -39.07 37.84
CA GLY G 276 62.91 -38.94 36.63
C GLY G 276 61.67 -38.09 36.86
N VAL G 277 61.09 -38.18 38.05
CA VAL G 277 59.93 -37.35 38.38
C VAL G 277 60.36 -35.93 38.71
N ARG G 278 61.42 -35.78 39.52
CA ARG G 278 61.85 -34.45 39.91
C ARG G 278 62.32 -33.64 38.71
N ARG G 279 63.00 -34.29 37.76
CA ARG G 279 63.50 -33.61 36.57
C ARG G 279 62.64 -33.85 35.34
N PHE G 280 61.33 -34.09 35.53
CA PHE G 280 60.50 -34.50 34.42
C PHE G 280 60.42 -33.42 33.34
N ASP G 281 60.33 -32.15 33.74
CA ASP G 281 60.14 -31.09 32.77
C ASP G 281 61.26 -31.08 31.73
N GLU G 282 62.52 -31.19 32.19
CA GLU G 282 63.63 -31.22 31.24
C GLU G 282 63.61 -32.50 30.40
N ILE G 283 63.17 -33.62 30.99
CA ILE G 283 63.06 -34.86 30.24
C ILE G 283 62.03 -34.71 29.13
N LEU G 284 60.86 -34.13 29.46
CA LEU G 284 59.79 -33.99 28.49
C LEU G 284 60.24 -33.20 27.27
N GLU G 285 61.03 -32.14 27.49
CA GLU G 285 61.48 -31.32 26.37
C GLU G 285 62.36 -32.11 25.41
N ALA G 286 63.25 -32.94 25.96
CA ALA G 286 64.18 -33.70 25.11
C ALA G 286 63.51 -34.88 24.44
N SER G 287 62.46 -35.43 25.04
CA SER G 287 61.85 -36.65 24.55
C SER G 287 60.83 -36.36 23.46
N ASP G 288 60.49 -37.40 22.69
CA ASP G 288 59.32 -37.37 21.84
C ASP G 288 58.08 -37.89 22.55
N GLY G 289 58.26 -38.65 23.62
CA GLY G 289 57.14 -39.20 24.35
C GLY G 289 57.57 -39.63 25.74
N ILE G 290 56.57 -40.01 26.53
CA ILE G 290 56.78 -40.44 27.91
C ILE G 290 55.94 -41.68 28.16
N MET G 291 56.48 -42.58 28.99
CA MET G 291 55.72 -43.71 29.51
C MET G 291 55.80 -43.68 31.03
N VAL G 292 54.64 -43.76 31.68
CA VAL G 292 54.60 -43.90 33.12
C VAL G 292 54.84 -45.37 33.46
N ALA G 293 56.10 -45.77 33.56
CA ALA G 293 56.45 -47.14 33.94
C ALA G 293 56.10 -47.33 35.41
N ARG G 294 54.81 -47.57 35.66
CA ARG G 294 54.32 -47.62 37.04
C ARG G 294 54.92 -48.78 37.82
N GLY G 295 55.21 -49.90 37.14
CA GLY G 295 55.81 -51.04 37.81
C GLY G 295 57.08 -50.69 38.57
N ASP G 296 58.12 -50.34 37.82
CA ASP G 296 59.39 -49.98 38.47
C ASP G 296 59.25 -48.71 39.29
N LEU G 297 58.42 -47.78 38.82
CA LEU G 297 58.23 -46.53 39.57
C LEU G 297 57.68 -46.80 40.96
N GLY G 298 56.74 -47.74 41.08
CA GLY G 298 56.16 -48.08 42.37
C GLY G 298 57.12 -48.78 43.32
N ILE G 299 58.17 -49.41 42.77
CA ILE G 299 59.19 -50.00 43.62
C ILE G 299 60.07 -48.91 44.23
N GLU G 300 60.36 -47.86 43.46
CA GLU G 300 61.24 -46.79 43.93
C GLU G 300 60.53 -45.87 44.92
N ILE G 301 59.42 -45.29 44.51
CA ILE G 301 58.66 -44.38 45.36
C ILE G 301 57.55 -45.17 46.07
N PRO G 302 57.01 -44.67 47.18
CA PRO G 302 55.91 -45.39 47.83
C PRO G 302 54.77 -45.64 46.86
N ALA G 303 54.22 -46.86 46.92
CA ALA G 303 53.15 -47.24 46.00
C ALA G 303 52.01 -46.22 46.03
N GLU G 304 51.61 -45.79 47.23
CA GLU G 304 50.47 -44.88 47.35
C GLU G 304 50.71 -43.51 46.75
N LYS G 305 51.88 -43.27 46.14
CA LYS G 305 52.15 -42.00 45.48
C LYS G 305 52.19 -42.10 43.96
N VAL G 306 52.08 -43.32 43.39
CA VAL G 306 52.20 -43.48 41.95
C VAL G 306 51.14 -42.66 41.22
N PHE G 307 49.90 -42.66 41.72
CA PHE G 307 48.84 -41.94 41.03
C PHE G 307 49.13 -40.44 40.97
N LEU G 308 49.85 -39.90 41.96
CA LEU G 308 50.30 -38.51 41.86
C LEU G 308 51.24 -38.33 40.69
N ALA G 309 52.23 -39.22 40.57
CA ALA G 309 53.16 -39.14 39.45
C ALA G 309 52.44 -39.35 38.12
N GLN G 310 51.52 -40.32 38.06
CA GLN G 310 50.84 -40.63 36.80
C GLN G 310 50.03 -39.44 36.31
N LYS G 311 49.25 -38.81 37.19
CA LYS G 311 48.41 -37.69 36.78
C LYS G 311 49.22 -36.44 36.51
N MET G 312 50.32 -36.23 37.23
CA MET G 312 51.18 -35.09 36.93
C MET G 312 51.82 -35.26 35.56
N ILE G 313 52.27 -36.47 35.23
CA ILE G 313 53.00 -36.69 33.98
C ILE G 313 52.05 -36.65 32.78
N ILE G 314 50.87 -37.26 32.92
CA ILE G 314 49.89 -37.21 31.83
C ILE G 314 49.47 -35.77 31.56
N GLY G 315 49.17 -35.02 32.63
CA GLY G 315 48.77 -33.64 32.46
C GLY G 315 49.82 -32.80 31.76
N ARG G 316 51.09 -32.96 32.17
CA ARG G 316 52.15 -32.18 31.54
C ARG G 316 52.40 -32.60 30.11
N CYS G 317 52.28 -33.89 29.81
CA CYS G 317 52.39 -34.34 28.43
C CYS G 317 51.23 -33.80 27.59
N ASN G 318 50.01 -33.84 28.13
CA ASN G 318 48.88 -33.25 27.41
C ASN G 318 49.13 -31.77 27.15
N ARG G 319 49.52 -31.03 28.20
CA ARG G 319 49.83 -29.61 28.06
C ARG G 319 50.83 -29.38 26.94
N ALA G 320 51.77 -30.32 26.74
CA ALA G 320 52.80 -30.18 25.73
C ALA G 320 52.42 -30.79 24.39
N GLY G 321 51.34 -31.56 24.33
CA GLY G 321 51.00 -32.25 23.10
C GLY G 321 51.96 -33.35 22.73
N LYS G 322 52.52 -34.05 23.71
CA LYS G 322 53.43 -35.13 23.43
C LYS G 322 52.86 -36.46 23.94
N PRO G 323 53.06 -37.54 23.19
CA PRO G 323 52.46 -38.82 23.57
C PRO G 323 52.85 -39.25 24.98
N VAL G 324 51.90 -39.85 25.69
CA VAL G 324 52.14 -40.40 27.01
C VAL G 324 51.45 -41.76 27.10
N ILE G 325 52.13 -42.70 27.76
CA ILE G 325 51.71 -44.10 27.85
C ILE G 325 51.52 -44.46 29.32
N CYS G 326 50.35 -44.98 29.67
CA CYS G 326 50.14 -45.56 30.98
C CYS G 326 50.39 -47.06 30.91
N ALA G 327 51.25 -47.56 31.77
CA ALA G 327 51.77 -48.92 31.64
C ALA G 327 51.71 -49.68 32.96
N THR G 328 51.65 -51.00 32.83
CA THR G 328 51.96 -51.94 33.92
C THR G 328 50.75 -52.31 34.77
N GLN G 329 50.38 -53.59 34.73
CA GLN G 329 49.40 -54.16 35.65
C GLN G 329 48.01 -53.59 35.46
N MET G 330 47.71 -53.08 34.26
CA MET G 330 46.39 -52.51 34.02
C MET G 330 45.30 -53.56 34.12
N LEU G 331 45.53 -54.74 33.54
CA LEU G 331 44.59 -55.87 33.62
C LEU G 331 45.32 -57.10 34.16
N GLU G 332 46.10 -56.90 35.23
CA GLU G 332 47.00 -57.94 35.72
C GLU G 332 46.30 -59.27 35.90
N SER G 333 45.16 -59.28 36.60
CA SER G 333 44.51 -60.54 36.94
C SER G 333 44.12 -61.36 35.71
N MET G 334 44.10 -60.74 34.53
CA MET G 334 43.75 -61.47 33.31
C MET G 334 44.89 -62.30 32.76
N ILE G 335 46.05 -62.30 33.41
CA ILE G 335 47.07 -63.29 33.08
C ILE G 335 46.54 -64.69 33.36
N LYS G 336 45.77 -64.84 34.44
CA LYS G 336 45.19 -66.11 34.83
C LYS G 336 43.68 -66.20 34.63
N LYS G 337 42.97 -65.07 34.64
CA LYS G 337 41.52 -65.09 34.51
C LYS G 337 41.07 -64.45 33.20
N PRO G 338 39.92 -64.85 32.67
CA PRO G 338 39.41 -64.25 31.42
C PRO G 338 38.60 -62.98 31.61
N ARG G 339 38.41 -62.51 32.84
CA ARG G 339 37.75 -61.25 33.14
C ARG G 339 38.59 -60.48 34.15
N PRO G 340 38.60 -59.15 34.06
CA PRO G 340 39.42 -58.35 34.97
C PRO G 340 38.68 -58.05 36.28
N THR G 341 39.44 -57.55 37.25
CA THR G 341 38.81 -57.11 38.49
C THR G 341 38.18 -55.75 38.32
N ARG G 342 37.35 -55.36 39.29
CA ARG G 342 36.75 -54.03 39.26
C ARG G 342 37.84 -52.96 39.33
N ALA G 343 38.86 -53.17 40.18
CA ALA G 343 39.96 -52.22 40.26
C ALA G 343 40.66 -52.06 38.91
N GLU G 344 40.76 -53.15 38.15
CA GLU G 344 41.48 -53.08 36.87
C GLU G 344 40.66 -52.34 35.82
N GLY G 345 39.36 -52.63 35.74
CA GLY G 345 38.50 -51.83 34.88
C GLY G 345 38.51 -50.37 35.28
N SER G 346 38.51 -50.11 36.58
CA SER G 346 38.65 -48.74 37.07
C SER G 346 39.97 -48.13 36.61
N ASP G 347 41.06 -48.88 36.72
CA ASP G 347 42.37 -48.33 36.41
C ASP G 347 42.47 -47.92 34.94
N VAL G 348 41.94 -48.75 34.03
CA VAL G 348 42.00 -48.41 32.61
C VAL G 348 41.17 -47.18 32.31
N ALA G 349 39.92 -47.15 32.81
CA ALA G 349 39.05 -46.01 32.54
C ALA G 349 39.65 -44.71 33.07
N ASN G 350 40.26 -44.75 34.24
CA ASN G 350 40.80 -43.52 34.83
C ASN G 350 42.06 -43.07 34.12
N ALA G 351 42.84 -44.00 33.55
CA ALA G 351 43.99 -43.60 32.75
C ALA G 351 43.55 -42.86 31.50
N VAL G 352 42.51 -43.37 30.82
CA VAL G 352 41.97 -42.66 29.67
C VAL G 352 41.41 -41.32 30.09
N LEU G 353 40.69 -41.29 31.23
CA LEU G 353 40.18 -40.02 31.73
C LEU G 353 41.31 -39.06 32.12
N ASP G 354 42.46 -39.61 32.53
CA ASP G 354 43.60 -38.74 32.83
C ASP G 354 44.08 -38.02 31.58
N GLY G 355 44.01 -38.69 30.43
CA GLY G 355 44.44 -38.08 29.18
C GLY G 355 45.54 -38.86 28.48
N ALA G 356 45.75 -40.10 28.91
CA ALA G 356 46.78 -40.94 28.31
C ALA G 356 46.48 -41.16 26.83
N ASP G 357 47.52 -41.01 26.00
CA ASP G 357 47.37 -41.30 24.57
C ASP G 357 47.25 -42.79 24.32
N CYS G 358 48.07 -43.59 24.99
CA CYS G 358 48.10 -45.03 24.81
C CYS G 358 48.05 -45.70 26.17
N ILE G 359 47.60 -46.96 26.16
CA ILE G 359 47.65 -47.83 27.33
C ILE G 359 48.32 -49.13 26.93
N MET G 360 48.92 -49.81 27.90
CA MET G 360 49.83 -50.91 27.62
C MET G 360 49.38 -52.19 28.32
N LEU G 361 49.69 -53.31 27.68
CA LEU G 361 49.55 -54.64 28.26
C LEU G 361 50.92 -55.30 28.25
N SER G 362 51.35 -55.82 29.40
CA SER G 362 52.67 -56.41 29.53
C SER G 362 52.50 -57.91 29.70
N GLY G 363 52.60 -58.44 30.92
CA GLY G 363 52.37 -59.87 31.10
C GLY G 363 51.03 -60.34 30.57
N GLU G 364 50.05 -59.45 30.50
CA GLU G 364 48.71 -59.83 30.05
C GLU G 364 48.74 -60.40 28.63
N THR G 365 49.67 -59.94 27.79
CA THR G 365 49.74 -60.40 26.41
C THR G 365 51.02 -61.15 26.07
N ALA G 366 52.08 -60.99 26.86
CA ALA G 366 53.33 -61.70 26.56
C ALA G 366 53.21 -63.18 26.91
N LYS G 367 52.75 -63.50 28.12
CA LYS G 367 52.75 -64.87 28.60
C LYS G 367 51.44 -65.33 29.22
N GLY G 368 50.45 -64.46 29.39
CA GLY G 368 49.21 -64.84 30.04
C GLY G 368 48.39 -65.81 29.22
N ASP G 369 47.31 -66.30 29.84
CA ASP G 369 46.45 -67.30 29.22
C ASP G 369 45.35 -66.71 28.36
N TYR G 370 45.00 -65.43 28.55
CA TYR G 370 43.91 -64.78 27.83
C TYR G 370 44.39 -63.49 27.19
N PRO G 371 45.38 -63.57 26.29
CA PRO G 371 45.88 -62.33 25.66
C PRO G 371 44.82 -61.61 24.86
N LEU G 372 44.07 -62.33 24.03
CA LEU G 372 43.04 -61.69 23.20
C LEU G 372 41.97 -61.02 24.06
N GLU G 373 41.52 -61.71 25.12
CA GLU G 373 40.51 -61.11 25.98
C GLU G 373 41.01 -59.83 26.63
N ALA G 374 42.30 -59.75 26.94
CA ALA G 374 42.83 -58.54 27.55
C ALA G 374 42.81 -57.37 26.57
N VAL G 375 43.17 -57.62 25.31
CA VAL G 375 43.13 -56.56 24.30
C VAL G 375 41.69 -56.09 24.11
N ARG G 376 40.75 -57.03 23.95
CA ARG G 376 39.36 -56.65 23.75
C ARG G 376 38.81 -55.86 24.94
N MET G 377 39.31 -56.15 26.15
CA MET G 377 38.80 -55.45 27.33
C MET G 377 39.29 -54.01 27.37
N GLN G 378 40.56 -53.77 27.08
CA GLN G 378 41.04 -52.40 27.00
C GLN G 378 40.31 -51.62 25.91
N HIS G 379 40.10 -52.24 24.75
CA HIS G 379 39.32 -51.61 23.69
C HIS G 379 37.95 -51.18 24.20
N LEU G 380 37.26 -52.07 24.91
CA LEU G 380 35.92 -51.76 25.40
C LEU G 380 35.93 -50.62 26.40
N ILE G 381 36.81 -50.68 27.39
CA ILE G 381 36.84 -49.63 28.41
C ILE G 381 37.23 -48.30 27.79
N ALA G 382 38.21 -48.31 26.88
CA ALA G 382 38.70 -47.07 26.31
C ALA G 382 37.58 -46.27 25.65
N ARG G 383 36.70 -46.94 24.89
CA ARG G 383 35.62 -46.21 24.23
C ARG G 383 34.67 -45.60 25.24
N GLU G 384 34.28 -46.37 26.27
CA GLU G 384 33.41 -45.83 27.29
C GLU G 384 34.05 -44.61 27.96
N ALA G 385 35.34 -44.68 28.26
CA ALA G 385 35.99 -43.60 28.97
C ALA G 385 36.18 -42.37 28.07
N GLU G 386 36.46 -42.58 26.79
CA GLU G 386 36.68 -41.45 25.90
C GLU G 386 35.43 -40.58 25.79
N ALA G 387 34.25 -41.20 25.73
CA ALA G 387 33.02 -40.42 25.74
C ALA G 387 32.83 -39.68 27.06
N ALA G 388 33.32 -40.26 28.17
CA ALA G 388 33.12 -39.69 29.50
C ALA G 388 34.08 -38.56 29.82
N MET G 389 34.91 -38.13 28.87
CA MET G 389 35.74 -36.96 29.09
C MET G 389 34.89 -35.69 29.07
N PHE G 390 35.37 -34.66 29.78
CA PHE G 390 34.70 -33.36 29.78
C PHE G 390 35.39 -32.50 28.72
N HIS G 391 35.00 -32.76 27.47
CA HIS G 391 35.73 -32.18 26.33
C HIS G 391 35.75 -30.66 26.40
N ARG G 392 34.60 -30.03 26.66
CA ARG G 392 34.55 -28.57 26.65
C ARG G 392 35.54 -27.97 27.63
N LYS G 393 35.51 -28.44 28.89
CA LYS G 393 36.47 -27.94 29.88
C LYS G 393 37.90 -28.31 29.51
N LEU G 394 38.11 -29.54 29.04
CA LEU G 394 39.46 -29.96 28.64
C LEU G 394 40.02 -29.06 27.55
N PHE G 395 39.21 -28.75 26.54
CA PHE G 395 39.67 -27.91 25.45
C PHE G 395 40.05 -26.52 25.94
N GLU G 396 39.20 -25.92 26.78
CA GLU G 396 39.48 -24.59 27.30
C GLU G 396 40.79 -24.56 28.08
N GLU G 397 40.99 -25.53 28.96
CA GLU G 397 42.19 -25.52 29.79
C GLU G 397 43.44 -25.82 28.98
N LEU G 398 43.33 -26.68 27.95
CA LEU G 398 44.46 -26.86 27.05
C LEU G 398 44.77 -25.57 26.29
N ALA G 399 43.73 -24.81 25.95
CA ALA G 399 43.95 -23.53 25.27
C ALA G 399 44.61 -22.52 26.20
N ARG G 400 44.14 -22.42 27.44
CA ARG G 400 44.79 -21.56 28.42
C ARG G 400 46.27 -21.88 28.53
N ALA G 401 46.61 -23.17 28.63
CA ALA G 401 47.97 -23.58 28.92
C ALA G 401 48.94 -23.21 27.80
N SER G 402 48.47 -23.21 26.56
CA SER G 402 49.32 -22.96 25.40
C SER G 402 49.11 -21.57 24.81
N SER G 403 48.41 -20.68 25.52
CA SER G 403 48.06 -19.38 24.95
C SER G 403 49.29 -18.51 24.70
N HIS G 404 50.43 -18.79 25.33
CA HIS G 404 51.65 -18.09 25.00
C HIS G 404 52.05 -18.30 23.55
N SER G 405 51.61 -19.40 22.94
CA SER G 405 51.96 -19.71 21.56
C SER G 405 50.92 -19.16 20.60
N THR G 406 51.40 -18.69 19.45
CA THR G 406 50.53 -18.22 18.37
C THR G 406 50.80 -18.97 17.08
N ASP G 407 51.32 -20.19 17.16
CA ASP G 407 51.65 -20.97 15.99
C ASP G 407 50.44 -21.12 15.07
N LEU G 408 50.69 -21.08 13.76
CA LEU G 408 49.59 -21.07 12.79
C LEU G 408 48.92 -22.43 12.70
N MET G 409 49.68 -23.52 12.81
CA MET G 409 49.06 -24.84 12.76
C MET G 409 48.23 -25.11 14.00
N GLU G 410 48.68 -24.61 15.16
CA GLU G 410 47.86 -24.70 16.36
C GLU G 410 46.54 -23.97 16.17
N ALA G 411 46.58 -22.82 15.48
CA ALA G 411 45.35 -22.08 15.23
C ALA G 411 44.40 -22.88 14.34
N MET G 412 44.95 -23.55 13.31
CA MET G 412 44.12 -24.43 12.49
C MET G 412 43.58 -25.59 13.31
N ALA G 413 44.43 -26.19 14.14
CA ALA G 413 44.00 -27.30 14.97
C ALA G 413 42.88 -26.87 15.92
N MET G 414 43.11 -25.80 16.68
CA MET G 414 42.09 -25.33 17.61
C MET G 414 40.83 -24.91 16.88
N GLY G 415 40.98 -24.19 15.77
CA GLY G 415 39.81 -23.82 14.97
C GLY G 415 39.04 -25.03 14.49
N SER G 416 39.75 -26.10 14.14
CA SER G 416 39.09 -27.30 13.61
C SER G 416 38.41 -28.10 14.71
N VAL G 417 39.07 -28.27 15.86
CA VAL G 417 38.43 -28.99 16.96
C VAL G 417 37.26 -28.17 17.49
N GLU G 418 37.40 -26.85 17.56
CA GLU G 418 36.26 -26.01 17.95
C GLU G 418 35.07 -26.27 17.04
N ALA G 419 35.31 -26.30 15.73
CA ALA G 419 34.21 -26.50 14.78
C ALA G 419 33.65 -27.92 14.87
N SER G 420 34.51 -28.91 15.16
CA SER G 420 34.01 -30.28 15.32
C SER G 420 33.06 -30.38 16.51
N TYR G 421 33.40 -29.71 17.62
CA TYR G 421 32.49 -29.69 18.77
C TYR G 421 31.15 -29.06 18.40
N LYS G 422 31.18 -27.98 17.62
CA LYS G 422 29.98 -27.18 17.41
C LYS G 422 28.95 -27.91 16.55
N CYS G 423 29.39 -28.57 15.47
CA CYS G 423 28.49 -29.24 14.55
C CYS G 423 28.48 -30.75 14.73
N LEU G 424 29.01 -31.23 15.85
CA LEU G 424 29.08 -32.67 16.13
C LEU G 424 29.55 -33.45 14.89
N ALA G 425 30.66 -32.97 14.33
CA ALA G 425 31.25 -33.66 13.19
C ALA G 425 31.59 -35.09 13.54
N ALA G 426 31.41 -36.00 12.58
CA ALA G 426 31.69 -37.41 12.81
C ALA G 426 33.18 -37.72 12.76
N ALA G 427 33.99 -36.86 12.14
CA ALA G 427 35.43 -37.06 12.14
C ALA G 427 36.13 -35.78 11.73
N LEU G 428 37.46 -35.81 11.85
CA LEU G 428 38.34 -34.82 11.24
C LEU G 428 39.27 -35.55 10.30
N ILE G 429 39.23 -35.21 9.02
CA ILE G 429 40.11 -35.79 8.02
C ILE G 429 41.32 -34.88 7.85
N VAL G 430 42.51 -35.42 8.04
CA VAL G 430 43.75 -34.66 7.92
C VAL G 430 44.65 -35.34 6.91
N LEU G 431 45.01 -34.61 5.85
CA LEU G 431 46.07 -35.03 4.93
C LEU G 431 47.40 -34.51 5.45
N THR G 432 48.38 -35.41 5.62
CA THR G 432 49.65 -35.03 6.20
C THR G 432 50.69 -36.09 5.85
N GLU G 433 51.91 -35.64 5.52
CA GLU G 433 52.99 -36.56 5.22
C GLU G 433 53.93 -36.78 6.41
N SER G 434 54.24 -35.72 7.15
CA SER G 434 55.02 -35.87 8.38
C SER G 434 54.16 -36.22 9.58
N GLY G 435 52.86 -35.92 9.52
CA GLY G 435 51.97 -36.15 10.63
C GLY G 435 51.81 -34.97 11.58
N ARG G 436 52.66 -33.94 11.46
CA ARG G 436 52.61 -32.81 12.37
C ARG G 436 51.20 -32.22 12.45
N SER G 437 50.58 -31.98 11.30
CA SER G 437 49.27 -31.33 11.30
C SER G 437 48.25 -32.16 12.07
N ALA G 438 48.30 -33.49 11.95
CA ALA G 438 47.40 -34.34 12.72
C ALA G 438 47.79 -34.34 14.20
N HIS G 439 49.09 -34.35 14.49
CA HIS G 439 49.53 -34.31 15.89
C HIS G 439 48.98 -33.10 16.61
N GLN G 440 48.92 -31.95 15.93
CA GLN G 440 48.40 -30.75 16.57
C GLN G 440 46.91 -30.84 16.82
N VAL G 441 46.18 -31.55 15.95
CA VAL G 441 44.75 -31.74 16.17
C VAL G 441 44.52 -32.64 17.37
N ALA G 442 45.21 -33.79 17.42
CA ALA G 442 45.05 -34.69 18.55
C ALA G 442 45.40 -34.00 19.85
N ARG G 443 46.32 -33.04 19.81
CA ARG G 443 46.73 -32.33 21.01
C ARG G 443 45.54 -31.65 21.68
N TYR G 444 44.59 -31.14 20.90
CA TYR G 444 43.46 -30.42 21.45
C TYR G 444 42.21 -31.27 21.57
N ARG G 445 42.35 -32.59 21.43
CA ARG G 445 41.41 -33.55 21.97
C ARG G 445 39.97 -33.36 21.50
N PRO G 446 39.69 -33.46 20.20
CA PRO G 446 38.30 -33.62 19.78
C PRO G 446 37.77 -34.95 20.28
N ARG G 447 36.44 -35.08 20.31
CA ARG G 447 35.87 -36.39 20.58
C ARG G 447 35.72 -37.22 19.32
N ALA G 448 35.59 -36.57 18.17
CA ALA G 448 35.50 -37.29 16.90
C ALA G 448 36.86 -37.86 16.53
N PRO G 449 36.88 -39.02 15.88
CA PRO G 449 38.16 -39.60 15.45
C PRO G 449 38.84 -38.74 14.41
N ILE G 450 40.16 -38.85 14.34
CA ILE G 450 40.98 -38.13 13.37
C ILE G 450 41.48 -39.15 12.35
N ILE G 451 41.05 -39.02 11.10
CA ILE G 451 41.48 -39.91 10.03
C ILE G 451 42.63 -39.19 9.31
N ALA G 452 43.86 -39.59 9.62
CA ALA G 452 45.05 -38.97 9.03
C ALA G 452 45.48 -39.81 7.83
N VAL G 453 45.35 -39.24 6.63
CA VAL G 453 45.74 -39.90 5.39
C VAL G 453 47.16 -39.47 5.04
N THR G 454 48.08 -40.43 5.00
CA THR G 454 49.47 -40.15 4.68
C THR G 454 50.00 -41.21 3.73
N ARG G 455 50.94 -40.81 2.88
CA ARG G 455 51.69 -41.74 2.05
C ARG G 455 52.97 -42.20 2.72
N ASN G 456 53.35 -41.62 3.86
CA ASN G 456 54.54 -42.01 4.60
C ASN G 456 54.17 -43.13 5.57
N HIS G 457 54.62 -44.35 5.26
CA HIS G 457 54.24 -45.52 6.06
C HIS G 457 54.72 -45.39 7.49
N GLN G 458 55.89 -44.78 7.71
CA GLN G 458 56.39 -44.62 9.08
C GLN G 458 55.53 -43.62 9.84
N THR G 459 55.15 -42.52 9.19
CA THR G 459 54.23 -41.59 9.80
C THR G 459 52.95 -42.29 10.24
N ALA G 460 52.41 -43.17 9.38
CA ALA G 460 51.19 -43.89 9.74
C ALA G 460 51.38 -44.73 11.00
N ARG G 461 52.46 -45.51 11.05
CA ARG G 461 52.66 -46.38 12.20
C ARG G 461 52.92 -45.58 13.48
N GLN G 462 53.66 -44.48 13.36
CA GLN G 462 53.94 -43.66 14.53
C GLN G 462 52.72 -42.88 14.99
N ALA G 463 51.70 -42.74 14.13
CA ALA G 463 50.50 -42.00 14.53
C ALA G 463 49.87 -42.58 15.78
N HIS G 464 49.98 -43.89 15.99
CA HIS G 464 49.30 -44.55 17.10
C HIS G 464 49.72 -43.98 18.46
N LEU G 465 50.83 -43.26 18.52
CA LEU G 465 51.24 -42.64 19.78
C LEU G 465 50.33 -41.48 20.19
N TYR G 466 49.51 -40.98 19.28
CA TYR G 466 48.68 -39.81 19.53
C TYR G 466 47.21 -40.23 19.66
N ARG G 467 46.59 -39.81 20.76
CA ARG G 467 45.19 -40.10 20.99
C ARG G 467 44.34 -39.71 19.80
N GLY G 468 43.61 -40.68 19.26
CA GLY G 468 42.54 -40.39 18.31
C GLY G 468 42.93 -40.31 16.85
N ILE G 469 44.20 -40.53 16.50
CA ILE G 469 44.59 -40.52 15.09
C ILE G 469 44.45 -41.93 14.53
N PHE G 470 43.58 -42.07 13.53
CA PHE G 470 43.44 -43.31 12.79
C PHE G 470 44.27 -43.23 11.50
N PRO G 471 45.46 -43.80 11.46
CA PRO G 471 46.30 -43.64 10.26
C PRO G 471 45.76 -44.46 9.10
N VAL G 472 45.66 -43.81 7.94
CA VAL G 472 45.23 -44.45 6.71
C VAL G 472 46.34 -44.25 5.68
N VAL G 473 46.98 -45.33 5.27
CA VAL G 473 48.08 -45.26 4.31
C VAL G 473 47.51 -45.17 2.91
N CYS G 474 47.88 -44.12 2.18
CA CYS G 474 47.53 -43.98 0.78
C CYS G 474 48.63 -44.59 -0.08
N LYS G 475 48.25 -45.52 -0.94
CA LYS G 475 49.17 -46.16 -1.87
C LYS G 475 48.86 -45.82 -3.33
N ASP G 476 47.81 -45.05 -3.58
CA ASP G 476 47.53 -44.61 -4.93
C ASP G 476 48.68 -43.72 -5.44
N PRO G 477 48.93 -43.72 -6.74
CA PRO G 477 49.97 -42.84 -7.28
C PRO G 477 49.58 -41.38 -7.19
N VAL G 478 50.60 -40.52 -7.09
CA VAL G 478 50.38 -39.08 -7.02
C VAL G 478 49.67 -38.63 -8.30
N GLN G 479 48.52 -37.97 -8.14
CA GLN G 479 47.77 -37.47 -9.29
C GLN G 479 48.44 -36.24 -9.87
N GLU G 480 48.20 -36.02 -11.17
CA GLU G 480 48.88 -34.93 -11.87
C GLU G 480 48.51 -33.56 -11.30
N ALA G 481 47.24 -33.34 -10.99
CA ALA G 481 46.77 -32.07 -10.46
C ALA G 481 46.65 -32.13 -8.95
N TRP G 482 47.08 -31.05 -8.29
CA TRP G 482 47.04 -31.00 -6.83
C TRP G 482 45.62 -31.16 -6.30
N ALA G 483 44.66 -30.49 -6.93
CA ALA G 483 43.27 -30.58 -6.46
C ALA G 483 42.76 -32.02 -6.54
N GLU G 484 43.05 -32.71 -7.65
CA GLU G 484 42.60 -34.09 -7.78
C GLU G 484 43.31 -35.00 -6.79
N ASP G 485 44.58 -34.75 -6.52
CA ASP G 485 45.31 -35.62 -5.61
C ASP G 485 44.81 -35.45 -4.18
N VAL G 486 44.53 -34.21 -3.76
CA VAL G 486 43.94 -33.98 -2.45
C VAL G 486 42.59 -34.70 -2.36
N ASP G 487 41.72 -34.48 -3.35
CA ASP G 487 40.39 -35.08 -3.30
C ASP G 487 40.46 -36.59 -3.25
N LEU G 488 41.45 -37.20 -3.92
CA LEU G 488 41.57 -38.65 -3.86
C LEU G 488 41.85 -39.13 -2.44
N ARG G 489 42.74 -38.45 -1.73
CA ARG G 489 43.06 -38.88 -0.37
C ARG G 489 41.93 -38.57 0.59
N VAL G 490 41.15 -37.52 0.32
CA VAL G 490 40.00 -37.21 1.15
C VAL G 490 38.90 -38.25 0.97
N ASN G 491 38.60 -38.60 -0.29
CA ASN G 491 37.63 -39.65 -0.54
C ASN G 491 38.10 -40.99 0.00
N LEU G 492 39.41 -41.23 0.01
CA LEU G 492 39.94 -42.43 0.63
C LEU G 492 39.57 -42.49 2.11
N ALA G 493 39.69 -41.37 2.82
CA ALA G 493 39.25 -41.32 4.21
C ALA G 493 37.74 -41.42 4.32
N MET G 494 37.01 -40.85 3.36
CA MET G 494 35.56 -40.99 3.35
C MET G 494 35.16 -42.46 3.28
N ASN G 495 35.79 -43.21 2.38
CA ASN G 495 35.47 -44.63 2.25
C ASN G 495 35.94 -45.43 3.47
N VAL G 496 37.08 -45.04 4.06
CA VAL G 496 37.55 -45.73 5.25
C VAL G 496 36.57 -45.55 6.40
N GLY G 497 36.05 -44.33 6.57
CA GLY G 497 35.14 -44.07 7.67
C GLY G 497 33.83 -44.80 7.51
N LYS G 498 33.29 -44.83 6.29
CA LYS G 498 32.08 -45.61 6.03
C LYS G 498 32.32 -47.09 6.32
N ALA G 499 33.40 -47.64 5.76
CA ALA G 499 33.71 -49.05 5.95
C ALA G 499 33.76 -49.43 7.42
N ARG G 500 34.37 -48.59 8.25
CA ARG G 500 34.55 -48.90 9.66
C ARG G 500 33.37 -48.44 10.52
N GLY G 501 32.36 -47.82 9.92
CA GLY G 501 31.22 -47.37 10.69
C GLY G 501 31.44 -46.12 11.51
N PHE G 502 32.44 -45.32 11.18
CA PHE G 502 32.65 -44.06 11.90
C PHE G 502 31.57 -43.05 11.55
N PHE G 503 31.15 -43.02 10.28
CA PHE G 503 30.10 -42.14 9.85
C PHE G 503 29.42 -42.76 8.63
N LYS G 504 28.42 -42.06 8.11
CA LYS G 504 27.61 -42.54 7.00
C LYS G 504 27.24 -41.34 6.14
N LYS G 505 26.73 -41.62 4.94
CA LYS G 505 26.34 -40.55 4.03
C LYS G 505 25.41 -39.57 4.73
N GLY G 506 25.60 -38.28 4.45
CA GLY G 506 24.83 -37.24 5.09
C GLY G 506 25.44 -36.71 6.37
N ASP G 507 26.29 -37.48 7.05
CA ASP G 507 27.02 -36.96 8.18
C ASP G 507 27.96 -35.84 7.72
N VAL G 508 28.55 -35.16 8.70
CA VAL G 508 29.42 -34.03 8.45
C VAL G 508 30.78 -34.31 9.07
N VAL G 509 31.84 -33.87 8.39
CA VAL G 509 33.20 -34.03 8.88
C VAL G 509 33.97 -32.73 8.65
N ILE G 510 35.07 -32.61 9.39
CA ILE G 510 36.01 -31.50 9.25
C ILE G 510 37.21 -31.99 8.46
N VAL G 511 37.60 -31.24 7.43
CA VAL G 511 38.65 -31.66 6.52
C VAL G 511 39.77 -30.63 6.56
N LEU G 512 40.98 -31.09 6.85
CA LEU G 512 42.18 -30.26 6.88
C LEU G 512 43.11 -30.69 5.77
N THR G 513 43.54 -29.73 4.94
CA THR G 513 44.42 -29.99 3.82
C THR G 513 45.35 -28.80 3.64
N GLY G 514 46.27 -28.93 2.68
CA GLY G 514 47.09 -27.82 2.24
C GLY G 514 46.49 -27.17 1.01
N TRP G 515 46.47 -25.85 0.99
CA TRP G 515 45.93 -25.13 -0.16
C TRP G 515 46.69 -25.46 -1.43
N ARG G 516 48.01 -25.53 -1.33
CA ARG G 516 48.89 -25.83 -2.45
C ARG G 516 49.87 -26.91 -2.05
N PRO G 517 50.54 -27.54 -3.03
CA PRO G 517 51.55 -28.55 -2.67
C PRO G 517 52.63 -28.01 -1.75
N GLY G 518 52.93 -26.71 -1.85
CA GLY G 518 53.99 -26.11 -1.07
C GLY G 518 53.58 -25.62 0.30
N SER G 519 52.30 -25.73 0.67
CA SER G 519 51.88 -25.40 2.01
C SER G 519 52.64 -26.25 3.01
N GLY G 520 53.16 -25.62 4.07
CA GLY G 520 53.91 -26.36 5.07
C GLY G 520 53.09 -27.09 6.11
N PHE G 521 51.77 -26.91 6.10
CA PHE G 521 50.88 -27.52 7.06
C PHE G 521 49.48 -27.47 6.47
N THR G 522 48.51 -28.04 7.18
CA THR G 522 47.11 -28.00 6.73
C THR G 522 46.56 -26.61 7.02
N ASN G 523 46.68 -25.71 6.05
CA ASN G 523 46.20 -24.34 6.18
C ASN G 523 44.79 -24.15 5.65
N THR G 524 44.10 -25.23 5.29
CA THR G 524 42.77 -25.16 4.71
C THR G 524 41.83 -26.06 5.49
N MET G 525 40.77 -25.48 6.05
CA MET G 525 39.80 -26.20 6.85
C MET G 525 38.43 -26.07 6.21
N ARG G 526 37.74 -27.19 6.06
CA ARG G 526 36.41 -27.23 5.47
C ARG G 526 35.48 -28.09 6.31
N VAL G 527 34.22 -27.70 6.33
CA VAL G 527 33.14 -28.54 6.85
C VAL G 527 32.50 -29.23 5.64
N VAL G 528 32.48 -30.56 5.65
CA VAL G 528 32.09 -31.30 4.45
C VAL G 528 31.15 -32.45 4.77
N PRO G 529 30.01 -32.56 4.08
CA PRO G 529 29.10 -33.68 4.28
C PRO G 529 29.64 -34.95 3.63
N VAL G 530 29.39 -36.08 4.28
CA VAL G 530 29.86 -37.37 3.76
C VAL G 530 29.02 -37.77 2.55
N PRO G 531 29.62 -38.08 1.40
CA PRO G 531 28.92 -38.41 0.15
C PRO G 531 28.38 -39.84 0.12
N ILE H 13 7.61 -12.89 40.04
CA ILE H 13 8.90 -12.27 39.76
C ILE H 13 9.69 -12.08 41.05
N GLN H 14 10.90 -12.63 41.08
CA GLN H 14 11.75 -12.49 42.25
C GLN H 14 12.11 -11.03 42.49
N THR H 15 12.90 -10.77 43.51
CA THR H 15 13.36 -9.44 43.87
C THR H 15 14.88 -9.39 43.83
N GLN H 16 15.43 -8.19 43.88
CA GLN H 16 16.86 -8.00 44.05
C GLN H 16 17.64 -8.66 42.91
N GLN H 17 17.04 -8.73 41.72
CA GLN H 17 17.67 -9.37 40.57
C GLN H 17 18.18 -10.76 40.94
N LEU H 18 17.42 -11.46 41.78
CA LEU H 18 17.88 -12.75 42.28
C LEU H 18 17.78 -13.86 41.24
N HIS H 19 16.96 -13.69 40.20
CA HIS H 19 17.00 -14.64 39.08
C HIS H 19 18.31 -14.53 38.33
N ALA H 20 18.71 -13.30 37.99
CA ALA H 20 20.02 -13.09 37.37
C ALA H 20 21.14 -13.61 38.26
N ALA H 21 21.03 -13.39 39.57
CA ALA H 21 22.05 -13.85 40.50
C ALA H 21 22.35 -15.34 40.33
N MET H 22 21.37 -16.11 39.86
CA MET H 22 21.51 -17.55 39.71
C MET H 22 22.16 -17.95 38.39
N ALA H 23 22.56 -16.98 37.56
CA ALA H 23 23.07 -17.30 36.25
C ALA H 23 24.39 -18.06 36.33
N ASP H 24 24.64 -18.87 35.30
CA ASP H 24 25.91 -19.58 35.20
C ASP H 24 27.01 -18.71 34.61
N THR H 25 26.66 -17.75 33.76
CA THR H 25 27.63 -16.93 33.05
C THR H 25 27.28 -15.45 33.20
N PHE H 26 28.29 -14.61 32.93
CA PHE H 26 28.07 -13.17 32.92
C PHE H 26 27.04 -12.79 31.86
N LEU H 27 27.15 -13.36 30.66
CA LEU H 27 26.18 -13.06 29.61
C LEU H 27 24.77 -13.38 30.07
N GLU H 28 24.56 -14.57 30.63
CA GLU H 28 23.23 -14.97 31.06
C GLU H 28 22.75 -14.13 32.24
N HIS H 29 23.66 -13.79 33.17
CA HIS H 29 23.30 -12.86 34.23
C HIS H 29 22.78 -11.56 33.67
N MET H 30 23.44 -11.04 32.63
CA MET H 30 23.00 -9.82 31.97
C MET H 30 21.64 -10.02 31.32
N CYS H 31 21.44 -11.16 30.65
CA CYS H 31 20.18 -11.42 29.97
C CYS H 31 19.00 -11.54 30.95
N ARG H 32 19.26 -11.83 32.21
CA ARG H 32 18.20 -12.01 33.19
C ARG H 32 17.86 -10.74 33.97
N LEU H 33 18.55 -9.63 33.70
CA LEU H 33 18.24 -8.38 34.39
C LEU H 33 16.81 -7.95 34.10
N ASP H 34 16.08 -7.57 35.16
CA ASP H 34 14.64 -7.44 35.11
C ASP H 34 14.23 -6.10 35.71
N ILE H 35 13.56 -5.27 34.91
CA ILE H 35 13.08 -3.98 35.41
C ILE H 35 11.95 -4.14 36.42
N ASP H 36 11.32 -5.31 36.47
CA ASP H 36 10.25 -5.58 37.42
C ASP H 36 10.73 -6.33 38.65
N SER H 37 12.04 -6.49 38.80
CA SER H 37 12.62 -7.11 40.00
C SER H 37 12.96 -5.97 40.97
N ALA H 38 12.02 -5.68 41.86
CA ALA H 38 12.17 -4.55 42.76
C ALA H 38 13.42 -4.72 43.62
N PRO H 39 14.23 -3.68 43.79
CA PRO H 39 15.40 -3.76 44.67
C PRO H 39 14.98 -3.65 46.13
N ILE H 40 15.97 -3.79 47.01
CA ILE H 40 15.70 -3.72 48.45
C ILE H 40 15.73 -2.28 48.92
N THR H 41 15.36 -2.07 50.19
CA THR H 41 15.25 -0.71 50.74
C THR H 41 16.62 -0.11 51.02
N ALA H 42 17.56 -0.91 51.48
CA ALA H 42 18.87 -0.39 51.84
C ALA H 42 19.67 -0.05 50.59
N ARG H 43 20.44 1.04 50.69
CA ARG H 43 21.32 1.50 49.62
C ARG H 43 22.75 1.47 50.14
N ASN H 44 23.61 0.70 49.48
CA ASN H 44 24.94 0.41 50.01
C ASN H 44 26.01 1.41 49.58
N THR H 45 25.78 2.17 48.50
CA THR H 45 26.81 3.04 47.95
C THR H 45 26.77 4.41 48.61
N GLY H 46 27.91 4.85 49.14
CA GLY H 46 27.98 6.17 49.74
C GLY H 46 27.72 7.26 48.72
N ILE H 47 26.99 8.29 49.14
CA ILE H 47 26.73 9.47 48.33
C ILE H 47 27.49 10.63 48.98
N ILE H 48 28.54 11.09 48.30
CA ILE H 48 29.35 12.22 48.75
C ILE H 48 28.84 13.47 48.05
N CYS H 49 28.53 14.51 48.82
CA CYS H 49 27.97 15.74 48.31
C CYS H 49 28.90 16.91 48.59
N THR H 50 29.11 17.75 47.59
CA THR H 50 29.91 18.96 47.74
C THR H 50 29.00 20.10 48.15
N ILE H 51 29.26 20.68 49.32
CA ILE H 51 28.40 21.71 49.87
C ILE H 51 28.83 23.08 49.36
N GLY H 52 27.85 23.91 49.03
CA GLY H 52 28.11 25.24 48.53
C GLY H 52 26.90 26.14 48.63
N PRO H 53 26.94 27.27 47.93
CA PRO H 53 25.84 28.25 48.00
C PRO H 53 24.45 27.64 47.98
N ALA H 54 24.19 26.73 47.03
CA ALA H 54 22.86 26.16 46.91
C ALA H 54 22.55 25.15 48.01
N SER H 55 23.47 24.87 48.95
CA SER H 55 23.24 23.77 49.87
C SER H 55 23.93 23.92 51.23
N ARG H 56 24.29 25.13 51.66
CA ARG H 56 24.93 25.25 52.97
C ARG H 56 24.01 25.79 54.05
N SER H 57 22.79 26.20 53.70
CA SER H 57 21.83 26.59 54.73
C SER H 57 21.44 25.36 55.56
N VAL H 58 21.43 25.54 56.88
CA VAL H 58 21.12 24.42 57.78
C VAL H 58 19.84 23.71 57.35
N GLU H 59 18.87 24.48 56.87
CA GLU H 59 17.61 23.89 56.42
C GLU H 59 17.84 22.92 55.27
N THR H 60 18.40 23.42 54.17
CA THR H 60 18.68 22.57 53.01
C THR H 60 19.50 21.36 53.41
N LEU H 61 20.50 21.55 54.26
CA LEU H 61 21.35 20.44 54.67
C LEU H 61 20.54 19.31 55.29
N LYS H 62 19.60 19.63 56.17
CA LYS H 62 18.70 18.61 56.72
C LYS H 62 18.02 17.85 55.60
N GLU H 63 17.52 18.56 54.58
CA GLU H 63 16.92 17.89 53.43
C GLU H 63 17.97 17.08 52.66
N MET H 64 19.20 17.59 52.59
CA MET H 64 20.28 16.83 51.98
C MET H 64 20.43 15.48 52.67
N ILE H 65 20.44 15.47 54.01
CA ILE H 65 20.57 14.23 54.75
C ILE H 65 19.37 13.33 54.49
N LYS H 66 18.16 13.90 54.51
CA LYS H 66 16.97 13.09 54.29
C LYS H 66 16.97 12.44 52.92
N SER H 67 17.49 13.15 51.91
CA SER H 67 17.51 12.62 50.55
C SER H 67 18.61 11.58 50.32
N GLY H 68 19.59 11.49 51.21
CA GLY H 68 20.55 10.40 51.12
C GLY H 68 22.02 10.75 51.28
N MET H 69 22.34 12.00 51.57
CA MET H 69 23.74 12.39 51.70
C MET H 69 24.40 11.70 52.88
N ASN H 70 25.62 11.21 52.67
CA ASN H 70 26.39 10.56 53.72
C ASN H 70 27.71 11.25 54.05
N VAL H 71 28.25 12.07 53.16
CA VAL H 71 29.50 12.77 53.40
C VAL H 71 29.39 14.19 52.86
N ALA H 72 29.86 15.16 53.64
CA ALA H 72 29.88 16.55 53.24
C ALA H 72 31.29 16.89 52.78
N ARG H 73 31.42 17.33 51.53
CA ARG H 73 32.71 17.65 50.93
C ARG H 73 32.87 19.16 50.87
N MET H 74 33.94 19.67 51.47
CA MET H 74 34.30 21.08 51.42
C MET H 74 35.44 21.26 50.42
N ASN H 75 35.19 22.00 49.36
CA ASN H 75 36.22 22.27 48.35
C ASN H 75 36.99 23.51 48.77
N PHE H 76 38.20 23.31 49.29
CA PHE H 76 39.00 24.40 49.81
C PHE H 76 39.76 25.14 48.71
N SER H 77 39.20 25.19 47.50
CA SER H 77 39.80 26.01 46.46
C SER H 77 39.50 27.48 46.69
N HIS H 78 38.42 27.79 47.40
CA HIS H 78 38.00 29.17 47.63
C HIS H 78 37.54 29.28 49.08
N GLY H 79 36.96 30.44 49.41
CA GLY H 79 36.51 30.71 50.76
C GLY H 79 37.64 30.75 51.77
N THR H 80 37.46 31.54 52.84
CA THR H 80 38.44 31.56 53.93
C THR H 80 38.15 30.45 54.93
N HIS H 81 39.08 30.27 55.86
CA HIS H 81 38.85 29.31 56.94
C HIS H 81 37.55 29.60 57.67
N GLU H 82 37.22 30.88 57.84
CA GLU H 82 35.99 31.24 58.54
C GLU H 82 34.77 30.75 57.77
N TYR H 83 34.71 31.03 56.47
CA TYR H 83 33.60 30.56 55.64
C TYR H 83 33.38 29.07 55.81
N HIS H 84 34.46 28.28 55.80
CA HIS H 84 34.33 26.84 55.84
C HIS H 84 34.00 26.34 57.24
N ALA H 85 34.49 27.02 58.28
CA ALA H 85 34.06 26.69 59.63
C ALA H 85 32.55 26.80 59.76
N GLU H 86 31.95 27.81 59.12
CA GLU H 86 30.51 27.97 59.20
C GLU H 86 29.79 26.86 58.44
N THR H 87 30.30 26.50 57.27
CA THR H 87 29.71 25.38 56.52
C THR H 87 29.80 24.09 57.32
N ILE H 88 30.98 23.81 57.89
CA ILE H 88 31.16 22.61 58.69
C ILE H 88 30.20 22.61 59.88
N LYS H 89 30.15 23.72 60.63
CA LYS H 89 29.24 23.80 61.77
C LYS H 89 27.79 23.67 61.33
N ASN H 90 27.41 24.35 60.24
CA ASN H 90 26.06 24.18 59.71
C ASN H 90 25.74 22.74 59.39
N VAL H 91 26.74 21.98 58.93
CA VAL H 91 26.52 20.57 58.63
C VAL H 91 26.31 19.79 59.92
N ARG H 92 27.19 19.98 60.91
CA ARG H 92 27.00 19.33 62.20
C ARG H 92 25.69 19.73 62.85
N THR H 93 25.20 20.94 62.57
CA THR H 93 23.89 21.35 63.07
C THR H 93 22.79 20.45 62.53
N ALA H 94 22.66 20.39 61.20
CA ALA H 94 21.61 19.58 60.59
C ALA H 94 21.75 18.11 60.96
N THR H 95 22.98 17.62 61.13
CA THR H 95 23.18 16.22 61.45
C THR H 95 22.71 15.91 62.87
N GLU H 96 23.32 16.55 63.87
CA GLU H 96 22.91 16.32 65.25
C GLU H 96 21.44 16.64 65.48
N SER H 97 20.82 17.40 64.57
CA SER H 97 19.38 17.63 64.65
C SER H 97 18.60 16.32 64.81
N PHE H 98 19.11 15.22 64.27
CA PHE H 98 18.44 13.94 64.31
C PHE H 98 18.94 13.03 65.43
N ALA H 99 19.84 13.53 66.29
CA ALA H 99 20.36 12.69 67.37
C ALA H 99 19.36 12.47 68.48
N SER H 100 18.31 13.28 68.55
CA SER H 100 17.27 13.07 69.55
C SER H 100 16.67 11.67 69.43
N ASP H 101 16.38 11.23 68.21
CA ASP H 101 15.88 9.89 67.93
C ASP H 101 17.03 8.97 67.60
N PRO H 102 17.60 8.27 68.60
CA PRO H 102 18.86 7.54 68.36
C PRO H 102 18.72 6.36 67.40
N ILE H 103 17.51 5.88 67.13
CA ILE H 103 17.39 4.75 66.22
C ILE H 103 17.41 5.20 64.76
N LEU H 104 17.03 6.45 64.49
CA LEU H 104 17.04 6.99 63.14
C LEU H 104 18.12 8.05 62.94
N TYR H 105 19.14 8.06 63.80
CA TYR H 105 20.25 9.00 63.64
C TYR H 105 21.17 8.50 62.54
N ARG H 106 21.33 9.32 61.50
CA ARG H 106 22.26 9.00 60.42
C ARG H 106 23.54 9.79 60.62
N PRO H 107 24.67 9.15 60.92
CA PRO H 107 25.93 9.89 60.96
C PRO H 107 26.26 10.48 59.60
N VAL H 108 26.88 11.66 59.63
CA VAL H 108 27.29 12.36 58.42
C VAL H 108 28.74 12.77 58.57
N ALA H 109 29.55 12.43 57.58
CA ALA H 109 30.97 12.72 57.64
C ALA H 109 31.29 14.05 56.96
N VAL H 110 32.45 14.60 57.29
CA VAL H 110 32.92 15.86 56.76
C VAL H 110 34.24 15.61 56.05
N ALA H 111 34.34 16.05 54.79
CA ALA H 111 35.50 15.81 53.96
C ALA H 111 36.11 17.13 53.54
N LEU H 112 37.44 17.24 53.69
CA LEU H 112 38.18 18.43 53.27
C LEU H 112 38.89 18.13 51.96
N ASP H 113 38.54 18.86 50.90
CA ASP H 113 39.11 18.64 49.58
C ASP H 113 40.19 19.69 49.31
N THR H 114 41.44 19.23 49.25
CA THR H 114 42.58 20.12 49.02
C THR H 114 42.50 20.78 47.65
N LYS H 115 43.13 21.96 47.55
CA LYS H 115 43.30 22.62 46.27
C LYS H 115 44.55 22.11 45.55
N GLY H 116 45.66 22.01 46.27
CA GLY H 116 46.87 21.44 45.73
C GLY H 116 47.66 22.38 44.86
N PRO H 117 48.83 21.94 44.40
CA PRO H 117 49.67 22.79 43.56
C PRO H 117 49.04 23.04 42.20
N GLU H 118 49.40 24.18 41.60
CA GLU H 118 48.88 24.59 40.31
C GLU H 118 50.03 25.10 39.45
N ILE H 119 49.73 25.30 38.16
CA ILE H 119 50.61 25.99 37.23
C ILE H 119 49.77 27.02 36.49
N ARG H 120 50.18 28.28 36.56
CA ARG H 120 49.40 29.38 36.00
C ARG H 120 50.26 30.20 35.06
N THR H 121 49.61 30.82 34.08
CA THR H 121 50.29 31.75 33.20
C THR H 121 50.17 33.17 33.75
N GLY H 122 50.93 34.08 33.15
CA GLY H 122 50.95 35.47 33.57
C GLY H 122 49.80 36.27 32.99
N LEU H 123 50.02 37.58 32.90
CA LEU H 123 49.01 38.53 32.44
C LEU H 123 49.23 38.86 30.97
N ILE H 124 48.16 38.79 30.18
CA ILE H 124 48.22 39.21 28.79
C ILE H 124 48.47 40.71 28.73
N LYS H 125 49.51 41.11 28.00
CA LYS H 125 49.87 42.51 27.77
C LYS H 125 49.48 43.42 28.92
N GLY H 126 49.81 43.03 30.15
CA GLY H 126 49.60 43.86 31.32
C GLY H 126 48.15 44.02 31.74
N SER H 127 47.23 43.82 30.80
CA SER H 127 45.81 44.02 31.07
C SER H 127 45.25 42.85 31.87
N GLY H 128 43.94 42.90 32.14
CA GLY H 128 43.30 41.86 32.94
C GLY H 128 42.21 41.11 32.19
N THR H 129 41.75 41.67 31.07
CA THR H 129 40.65 41.08 30.31
C THR H 129 40.93 41.04 28.82
N ALA H 130 42.19 41.22 28.41
CA ALA H 130 42.54 41.16 27.00
C ALA H 130 42.94 39.75 26.60
N GLU H 131 43.00 39.52 25.28
CA GLU H 131 43.35 38.22 24.74
C GLU H 131 44.41 38.37 23.66
N VAL H 132 45.09 37.26 23.39
CA VAL H 132 45.86 37.07 22.17
C VAL H 132 45.36 35.77 21.54
N GLU H 133 45.43 35.70 20.22
CA GLU H 133 45.02 34.50 19.50
C GLU H 133 46.24 33.67 19.17
N LEU H 134 46.18 32.37 19.47
CA LEU H 134 47.23 31.43 19.13
C LEU H 134 46.77 30.59 17.94
N LYS H 135 47.41 30.77 16.80
CA LYS H 135 47.05 30.02 15.60
C LYS H 135 47.86 28.74 15.50
N LYS H 136 47.19 27.67 15.04
CA LYS H 136 47.89 26.42 14.76
C LYS H 136 49.13 26.69 13.92
N GLY H 137 50.23 26.04 14.28
CA GLY H 137 51.47 26.16 13.56
C GLY H 137 52.34 27.33 13.97
N ALA H 138 51.77 28.35 14.62
CA ALA H 138 52.57 29.49 15.05
C ALA H 138 53.59 29.08 16.09
N THR H 139 54.62 29.89 16.24
CA THR H 139 55.64 29.69 17.25
C THR H 139 55.27 30.46 18.50
N LEU H 140 55.34 29.78 19.64
CA LEU H 140 55.13 30.41 20.94
C LEU H 140 56.28 30.04 21.85
N LYS H 141 56.83 31.03 22.54
CA LYS H 141 57.93 30.83 23.47
C LYS H 141 57.40 30.91 24.90
N ILE H 142 57.68 29.87 25.68
CA ILE H 142 57.38 29.87 27.11
C ILE H 142 58.64 30.32 27.85
N THR H 143 58.49 31.33 28.71
CA THR H 143 59.61 31.89 29.43
C THR H 143 59.36 31.86 30.93
N LEU H 144 60.45 31.69 31.69
CA LEU H 144 60.41 31.77 33.15
C LEU H 144 60.93 33.09 33.68
N ASP H 145 61.18 34.05 32.80
CA ASP H 145 61.76 35.34 33.17
C ASP H 145 60.64 36.28 33.62
N ASN H 146 60.64 36.64 34.90
CA ASN H 146 59.55 37.38 35.51
C ASN H 146 59.40 38.79 34.94
N ALA H 147 60.24 39.14 33.96
CA ALA H 147 60.08 40.43 33.30
C ALA H 147 58.85 40.45 32.40
N TYR H 148 58.53 39.31 31.78
CA TYR H 148 57.33 39.17 30.96
C TYR H 148 56.13 38.68 31.78
N MET H 149 56.27 38.61 33.10
CA MET H 149 55.21 38.10 33.96
C MET H 149 53.88 38.80 33.71
N GLU H 150 53.92 40.08 33.33
CA GLU H 150 52.71 40.81 32.98
C GLU H 150 52.77 41.33 31.54
N LYS H 151 53.58 40.69 30.69
CA LYS H 151 53.75 41.07 29.30
C LYS H 151 53.56 39.85 28.39
N CYS H 152 52.49 39.08 28.62
CA CYS H 152 52.22 37.90 27.82
C CYS H 152 51.50 38.28 26.55
N ASP H 153 51.98 37.78 25.41
CA ASP H 153 51.34 38.01 24.13
C ASP H 153 51.49 36.75 23.28
N GLU H 154 51.17 36.87 21.98
CA GLU H 154 51.22 35.72 21.09
C GLU H 154 52.63 35.20 20.87
N ASN H 155 53.66 35.96 21.22
CA ASN H 155 55.04 35.57 20.98
C ASN H 155 55.72 34.97 22.20
N ILE H 156 55.46 35.49 23.39
CA ILE H 156 56.10 35.03 24.60
C ILE H 156 55.05 34.83 25.68
N LEU H 157 55.14 33.71 26.39
CA LEU H 157 54.19 33.35 27.43
C LEU H 157 54.95 33.00 28.69
N TRP H 158 54.56 33.64 29.80
CA TRP H 158 55.18 33.40 31.10
C TRP H 158 54.26 32.54 31.96
N LEU H 159 54.85 31.57 32.65
CA LEU H 159 54.15 30.77 33.63
C LEU H 159 55.01 30.65 34.88
N ASP H 160 54.40 30.19 35.97
CA ASP H 160 54.97 30.32 37.31
C ASP H 160 55.66 29.07 37.83
N TYR H 161 55.84 28.05 37.00
CA TYR H 161 56.44 26.77 37.42
C TYR H 161 57.91 26.79 37.01
N LYS H 162 58.79 27.06 37.97
CA LYS H 162 60.20 27.31 37.65
C LYS H 162 60.92 26.07 37.11
N ASN H 163 60.43 24.87 37.38
CA ASN H 163 61.12 23.65 37.00
C ASN H 163 60.63 23.05 35.69
N ILE H 164 59.87 23.81 34.89
CA ILE H 164 59.20 23.21 33.73
C ILE H 164 60.21 22.63 32.75
N CYS H 165 61.35 23.29 32.56
CA CYS H 165 62.31 22.81 31.58
C CYS H 165 62.90 21.46 31.99
N LYS H 166 62.99 21.18 33.28
CA LYS H 166 63.64 19.98 33.75
C LYS H 166 62.76 18.74 33.61
N VAL H 167 61.45 18.91 33.44
CA VAL H 167 60.51 17.78 33.42
C VAL H 167 59.89 17.55 32.06
N VAL H 168 60.30 18.31 31.03
CA VAL H 168 59.75 18.12 29.69
C VAL H 168 60.90 17.97 28.70
N ASP H 169 60.66 17.17 27.67
CA ASP H 169 61.59 16.96 26.57
C ASP H 169 61.06 17.63 25.32
N VAL H 170 61.92 17.73 24.30
CA VAL H 170 61.43 18.05 22.97
C VAL H 170 60.45 17.00 22.54
N GLY H 171 59.31 17.43 22.00
CA GLY H 171 58.21 16.54 21.68
C GLY H 171 57.10 16.51 22.72
N SER H 172 57.41 16.87 23.97
CA SER H 172 56.39 16.92 25.00
C SER H 172 55.30 17.93 24.65
N LYS H 173 54.10 17.69 25.16
CA LYS H 173 52.96 18.57 24.97
C LYS H 173 52.74 19.42 26.22
N VAL H 174 52.25 20.64 26.00
CA VAL H 174 51.95 21.58 27.08
C VAL H 174 50.54 22.10 26.86
N TYR H 175 49.65 21.83 27.82
CA TYR H 175 48.24 22.21 27.74
C TYR H 175 47.99 23.50 28.51
N VAL H 176 47.30 24.45 27.89
CA VAL H 176 47.02 25.75 28.48
C VAL H 176 45.52 25.96 28.53
N ASP H 177 45.04 26.45 29.68
CA ASP H 177 43.64 26.82 29.91
C ASP H 177 42.71 25.60 29.79
N ASP H 178 42.82 24.74 30.80
CA ASP H 178 41.91 23.60 30.94
C ASP H 178 41.92 22.70 29.71
N GLY H 179 43.06 22.63 29.03
CA GLY H 179 43.21 21.75 27.89
C GLY H 179 42.76 22.31 26.56
N LEU H 180 42.32 23.57 26.51
CA LEU H 180 41.80 24.13 25.26
C LEU H 180 42.88 24.45 24.26
N ILE H 181 44.10 24.73 24.73
CA ILE H 181 45.23 25.07 23.87
C ILE H 181 46.32 24.03 24.08
N SER H 182 47.00 23.68 23.00
CA SER H 182 48.00 22.61 23.03
C SER H 182 49.28 23.09 22.37
N LEU H 183 50.41 22.81 23.00
CA LEU H 183 51.72 23.23 22.53
C LEU H 183 52.65 22.03 22.49
N GLN H 184 53.50 21.98 21.48
CA GLN H 184 54.54 20.96 21.37
C GLN H 184 55.90 21.62 21.58
N VAL H 185 56.70 21.04 22.46
CA VAL H 185 58.05 21.52 22.71
C VAL H 185 58.92 21.21 21.50
N LYS H 186 59.45 22.25 20.86
CA LYS H 186 60.34 22.09 19.73
C LYS H 186 61.81 22.27 20.09
N GLN H 187 62.11 23.18 21.02
CA GLN H 187 63.48 23.35 21.52
C GLN H 187 63.43 23.72 23.00
N LYS H 188 64.53 23.43 23.69
CA LYS H 188 64.69 23.77 25.09
C LYS H 188 65.84 24.75 25.25
N GLY H 189 65.71 25.64 26.24
CA GLY H 189 66.73 26.60 26.54
C GLY H 189 66.90 26.77 28.05
N PRO H 190 67.94 27.50 28.45
CA PRO H 190 68.19 27.70 29.88
C PRO H 190 66.93 27.96 30.70
N ASP H 191 66.16 28.97 30.31
CA ASP H 191 64.99 29.39 31.06
C ASP H 191 63.76 29.51 30.18
N PHE H 192 63.73 28.78 29.06
CA PHE H 192 62.65 28.96 28.10
C PHE H 192 62.40 27.66 27.34
N LEU H 193 61.23 27.61 26.70
CA LEU H 193 60.85 26.55 25.79
C LEU H 193 60.27 27.18 24.54
N VAL H 194 60.76 26.76 23.38
CA VAL H 194 60.20 27.19 22.10
C VAL H 194 59.21 26.13 21.65
N THR H 195 57.94 26.52 21.51
CA THR H 195 56.88 25.58 21.20
C THR H 195 56.20 25.93 19.88
N GLU H 196 55.58 24.91 19.29
CA GLU H 196 54.69 25.08 18.15
C GLU H 196 53.26 24.85 18.62
N VAL H 197 52.35 25.74 18.24
CA VAL H 197 50.97 25.65 18.66
C VAL H 197 50.28 24.53 17.88
N GLU H 198 49.78 23.53 18.60
CA GLU H 198 49.03 22.45 17.97
C GLU H 198 47.54 22.78 17.90
N ASN H 199 46.89 22.92 19.06
CA ASN H 199 45.50 23.33 19.12
C ASN H 199 45.45 24.80 19.51
N GLY H 200 45.11 25.65 18.54
CA GLY H 200 45.05 27.08 18.77
C GLY H 200 43.85 27.47 19.61
N GLY H 201 43.79 28.76 19.90
CA GLY H 201 42.70 29.29 20.70
C GLY H 201 43.00 30.72 21.11
N PHE H 202 42.09 31.25 21.91
CA PHE H 202 42.23 32.59 22.48
C PHE H 202 42.79 32.46 23.89
N LEU H 203 44.02 32.93 24.09
CA LEU H 203 44.71 32.79 25.36
C LEU H 203 44.41 34.01 26.22
N GLY H 204 43.83 33.77 27.40
CA GLY H 204 43.54 34.81 28.36
C GLY H 204 44.65 34.94 29.38
N SER H 205 44.31 35.52 30.53
CA SER H 205 45.27 35.77 31.59
C SER H 205 45.13 34.75 32.71
N LYS H 206 46.27 34.43 33.34
CA LYS H 206 46.31 33.58 34.53
C LYS H 206 45.56 32.27 34.32
N LYS H 207 45.95 31.55 33.27
CA LYS H 207 45.29 30.32 32.90
C LYS H 207 46.02 29.10 33.47
N GLY H 208 45.29 28.00 33.57
CA GLY H 208 45.86 26.77 34.10
C GLY H 208 46.62 26.00 33.03
N VAL H 209 47.70 25.35 33.48
CA VAL H 209 48.61 24.64 32.61
C VAL H 209 48.74 23.20 33.07
N ASN H 210 48.81 22.28 32.11
CA ASN H 210 48.95 20.86 32.40
C ASN H 210 50.09 20.30 31.58
N LEU H 211 50.90 19.44 32.21
CA LEU H 211 52.00 18.80 31.53
C LEU H 211 51.69 17.32 31.34
N PRO H 212 50.97 16.97 30.28
CA PRO H 212 50.59 15.56 30.07
C PRO H 212 51.82 14.68 29.99
N GLY H 213 51.79 13.58 30.76
CA GLY H 213 52.88 12.63 30.78
C GLY H 213 54.11 13.05 31.57
N ALA H 214 54.18 14.30 32.02
CA ALA H 214 55.35 14.75 32.74
C ALA H 214 55.36 14.20 34.17
N ALA H 215 56.57 14.08 34.72
CA ALA H 215 56.74 13.79 36.14
C ALA H 215 56.95 15.09 36.90
N VAL H 216 55.85 15.82 37.06
CA VAL H 216 55.89 17.13 37.70
C VAL H 216 56.42 16.98 39.12
N ASP H 217 57.37 17.84 39.49
CA ASP H 217 58.01 17.76 40.79
C ASP H 217 57.50 18.82 41.76
N LEU H 218 56.42 19.53 41.42
CA LEU H 218 55.73 20.41 42.35
C LEU H 218 55.56 19.72 43.70
N PRO H 219 55.51 20.48 44.80
CA PRO H 219 55.34 19.83 46.11
C PRO H 219 53.99 19.14 46.21
N ALA H 220 53.95 18.11 47.07
CA ALA H 220 52.70 17.39 47.30
C ALA H 220 51.65 18.30 47.91
N VAL H 221 52.06 19.28 48.71
CA VAL H 221 51.14 20.20 49.38
C VAL H 221 51.69 21.61 49.23
N SER H 222 50.88 22.51 48.69
CA SER H 222 51.25 23.91 48.63
C SER H 222 51.28 24.51 50.03
N GLU H 223 51.73 25.77 50.11
CA GLU H 223 51.69 26.48 51.39
C GLU H 223 50.25 26.59 51.88
N LYS H 224 49.33 26.97 50.98
CA LYS H 224 47.92 27.05 51.34
C LYS H 224 47.38 25.70 51.78
N ASP H 225 47.84 24.61 51.14
CA ASP H 225 47.42 23.28 51.56
C ASP H 225 47.78 23.03 53.01
N ILE H 226 49.05 23.22 53.37
CA ILE H 226 49.52 22.91 54.72
C ILE H 226 48.66 23.62 55.75
N GLN H 227 48.23 24.84 55.46
CA GLN H 227 47.38 25.57 56.39
C GLN H 227 45.95 25.05 56.35
N ASP H 228 45.44 24.75 55.16
CA ASP H 228 44.10 24.17 55.06
C ASP H 228 44.04 22.81 55.76
N LEU H 229 45.12 22.03 55.70
CA LEU H 229 45.13 20.73 56.36
C LEU H 229 45.07 20.89 57.88
N LYS H 230 45.92 21.76 58.43
CA LYS H 230 45.94 21.93 59.88
C LYS H 230 44.65 22.56 60.38
N PHE H 231 43.98 23.36 59.56
CA PHE H 231 42.64 23.80 59.91
C PHE H 231 41.66 22.63 59.93
N GLY H 232 41.88 21.64 59.08
CA GLY H 232 41.03 20.46 59.10
C GLY H 232 41.26 19.60 60.33
N VAL H 233 42.51 19.48 60.76
CA VAL H 233 42.80 18.80 62.01
C VAL H 233 42.10 19.51 63.17
N GLU H 234 42.03 20.84 63.11
CA GLU H 234 41.39 21.60 64.19
C GLU H 234 39.88 21.48 64.16
N GLN H 235 39.27 21.39 62.98
CA GLN H 235 37.84 21.17 62.87
C GLN H 235 37.47 19.70 62.99
N ASP H 236 38.43 18.85 63.31
CA ASP H 236 38.27 17.40 63.39
C ASP H 236 37.44 16.87 62.23
N VAL H 237 37.96 17.13 61.02
CA VAL H 237 37.38 16.49 59.84
C VAL H 237 37.66 14.98 59.90
N ASP H 238 36.84 14.23 59.16
CA ASP H 238 36.96 12.78 59.13
C ASP H 238 37.94 12.28 58.08
N MET H 239 38.12 13.02 56.99
CA MET H 239 38.92 12.53 55.88
C MET H 239 39.40 13.71 55.05
N VAL H 240 40.51 13.50 54.36
CA VAL H 240 41.10 14.51 53.47
C VAL H 240 41.14 13.94 52.05
N PHE H 241 40.73 14.76 51.09
CA PHE H 241 40.83 14.44 49.66
C PHE H 241 42.06 15.17 49.14
N ALA H 242 43.21 14.50 49.15
CA ALA H 242 44.48 15.12 48.80
C ALA H 242 44.65 15.19 47.28
N SER H 243 44.77 16.41 46.76
CA SER H 243 44.78 16.64 45.32
C SER H 243 46.12 16.26 44.69
N PHE H 244 46.04 15.87 43.41
CA PHE H 244 47.20 15.77 42.54
C PHE H 244 48.26 14.82 43.09
N ILE H 245 47.80 13.70 43.66
CA ILE H 245 48.73 12.70 44.17
C ILE H 245 49.39 11.98 43.01
N ARG H 246 50.72 11.98 43.00
CA ARG H 246 51.50 11.42 41.90
C ARG H 246 52.36 10.23 42.29
N LYS H 247 52.56 9.98 43.59
CA LYS H 247 53.48 8.96 44.04
C LYS H 247 53.24 8.73 45.52
N ALA H 248 53.79 7.63 46.04
CA ALA H 248 53.62 7.33 47.45
C ALA H 248 54.17 8.44 48.33
N ALA H 249 55.31 9.01 47.95
CA ALA H 249 55.92 10.08 48.73
C ALA H 249 54.91 11.19 49.01
N ASP H 250 54.11 11.57 48.01
CA ASP H 250 53.13 12.63 48.21
C ASP H 250 52.14 12.27 49.29
N VAL H 251 51.71 11.00 49.34
CA VAL H 251 50.78 10.56 50.38
C VAL H 251 51.45 10.68 51.74
N HIS H 252 52.70 10.19 51.85
CA HIS H 252 53.44 10.33 53.10
C HIS H 252 53.56 11.78 53.51
N GLU H 253 53.84 12.67 52.55
CA GLU H 253 53.96 14.09 52.86
C GLU H 253 52.67 14.60 53.49
N VAL H 254 51.53 14.24 52.92
CA VAL H 254 50.25 14.69 53.46
C VAL H 254 50.02 14.09 54.85
N ARG H 255 50.45 12.85 55.06
CA ARG H 255 50.33 12.24 56.38
C ARG H 255 51.14 13.03 57.41
N LYS H 256 52.39 13.38 57.06
CA LYS H 256 53.23 14.12 58.00
C LYS H 256 52.60 15.44 58.39
N ILE H 257 51.93 16.12 57.46
CA ILE H 257 51.31 17.41 57.77
C ILE H 257 50.14 17.22 58.72
N LEU H 258 49.38 16.13 58.55
CA LEU H 258 48.29 15.85 59.48
C LEU H 258 48.80 15.49 60.86
N GLY H 259 50.03 15.00 60.94
CA GLY H 259 50.71 14.79 62.21
C GLY H 259 49.98 13.86 63.16
N GLU H 260 50.50 13.83 64.38
CA GLU H 260 49.97 12.94 65.41
C GLU H 260 48.53 13.28 65.75
N LYS H 261 48.19 14.58 65.78
CA LYS H 261 46.84 14.94 66.19
C LYS H 261 45.80 14.52 65.16
N GLY H 262 46.16 14.49 63.88
CA GLY H 262 45.23 14.06 62.85
C GLY H 262 45.57 12.70 62.30
N LYS H 263 46.08 11.82 63.16
CA LYS H 263 46.56 10.51 62.71
C LYS H 263 45.43 9.54 62.40
N ASN H 264 44.21 9.80 62.88
CA ASN H 264 43.06 8.99 62.56
C ASN H 264 42.23 9.57 61.43
N ILE H 265 42.66 10.70 60.85
CA ILE H 265 42.04 11.21 59.65
C ILE H 265 42.43 10.33 58.47
N LYS H 266 41.45 10.01 57.62
CA LYS H 266 41.68 9.17 56.46
C LYS H 266 42.07 10.02 55.26
N ILE H 267 43.08 9.58 54.52
CA ILE H 267 43.62 10.30 53.38
C ILE H 267 43.15 9.60 52.12
N ILE H 268 42.35 10.30 51.32
CA ILE H 268 41.87 9.80 50.03
C ILE H 268 42.72 10.44 48.94
N SER H 269 43.53 9.63 48.27
CA SER H 269 44.40 10.15 47.22
C SER H 269 43.60 10.38 45.94
N LYS H 270 43.74 11.57 45.36
CA LYS H 270 43.05 11.94 44.13
C LYS H 270 43.99 11.69 42.96
N ILE H 271 43.63 10.74 42.11
CA ILE H 271 44.42 10.39 40.93
C ILE H 271 44.00 11.32 39.80
N GLU H 272 44.93 12.13 39.31
CA GLU H 272 44.60 13.24 38.42
C GLU H 272 45.40 13.31 37.12
N ASN H 273 46.47 12.55 36.96
CA ASN H 273 47.31 12.68 35.77
C ASN H 273 48.00 11.35 35.48
N HIS H 274 48.77 11.33 34.39
CA HIS H 274 49.40 10.10 33.93
C HIS H 274 50.21 9.42 35.04
N GLU H 275 51.09 10.17 35.70
CA GLU H 275 51.99 9.54 36.66
C GLU H 275 51.21 8.90 37.79
N GLY H 276 50.14 9.54 38.25
CA GLY H 276 49.34 8.93 39.29
C GLY H 276 48.78 7.58 38.87
N VAL H 277 48.24 7.51 37.65
CA VAL H 277 47.74 6.23 37.14
C VAL H 277 48.87 5.22 37.05
N ARG H 278 50.04 5.66 36.57
CA ARG H 278 51.13 4.73 36.34
C ARG H 278 51.71 4.19 37.64
N ARG H 279 51.77 5.03 38.68
CA ARG H 279 52.26 4.62 39.99
C ARG H 279 51.12 4.32 40.95
N PHE H 280 49.98 3.87 40.43
CA PHE H 280 48.80 3.71 41.26
C PHE H 280 49.02 2.72 42.39
N ASP H 281 49.75 1.63 42.12
CA ASP H 281 49.92 0.60 43.14
C ASP H 281 50.59 1.15 44.39
N GLU H 282 51.68 1.91 44.22
CA GLU H 282 52.38 2.45 45.39
C GLU H 282 51.52 3.49 46.10
N ILE H 283 50.72 4.25 45.36
CA ILE H 283 49.82 5.21 45.97
C ILE H 283 48.74 4.49 46.77
N LEU H 284 48.17 3.43 46.20
CA LEU H 284 47.13 2.69 46.90
C LEU H 284 47.63 2.13 48.22
N GLU H 285 48.83 1.56 48.23
CA GLU H 285 49.40 1.03 49.45
C GLU H 285 49.47 2.11 50.53
N ALA H 286 49.89 3.32 50.15
CA ALA H 286 50.14 4.38 51.13
C ALA H 286 48.86 5.10 51.57
N SER H 287 47.77 4.98 50.82
CA SER H 287 46.55 5.73 51.10
C SER H 287 45.59 4.91 51.93
N ASP H 288 44.58 5.60 52.47
CA ASP H 288 43.43 4.94 53.06
C ASP H 288 42.31 4.73 52.04
N GLY H 289 42.26 5.58 51.03
CA GLY H 289 41.25 5.51 49.99
C GLY H 289 41.72 6.25 48.76
N ILE H 290 40.94 6.13 47.70
CA ILE H 290 41.27 6.70 46.40
C ILE H 290 40.04 7.40 45.84
N MET H 291 40.25 8.50 45.13
CA MET H 291 39.21 9.15 44.35
C MET H 291 39.64 9.20 42.89
N VAL H 292 38.73 8.82 42.00
CA VAL H 292 38.96 8.93 40.56
C VAL H 292 38.48 10.34 40.17
N ALA H 293 39.41 11.29 40.14
CA ALA H 293 39.11 12.67 39.76
C ALA H 293 39.04 12.75 38.24
N ARG H 294 37.90 12.28 37.69
CA ARG H 294 37.78 12.11 36.25
C ARG H 294 37.87 13.44 35.51
N GLY H 295 37.44 14.53 36.14
CA GLY H 295 37.46 15.82 35.46
C GLY H 295 38.86 16.25 35.08
N ASP H 296 39.74 16.35 36.09
CA ASP H 296 41.12 16.73 35.84
C ASP H 296 41.88 15.63 35.11
N LEU H 297 41.56 14.37 35.40
CA LEU H 297 42.18 13.26 34.69
C LEU H 297 41.92 13.39 33.18
N GLY H 298 40.70 13.77 32.81
CA GLY H 298 40.34 13.94 31.41
C GLY H 298 41.02 15.12 30.73
N ILE H 299 41.65 16.02 31.48
CA ILE H 299 42.45 17.07 30.87
C ILE H 299 43.88 16.63 30.64
N GLU H 300 44.41 15.84 31.57
CA GLU H 300 45.78 15.33 31.44
C GLU H 300 45.87 14.26 30.36
N ILE H 301 45.06 13.22 30.48
CA ILE H 301 45.08 12.08 29.56
C ILE H 301 43.93 12.24 28.58
N PRO H 302 44.00 11.62 27.40
CA PRO H 302 42.86 11.70 26.47
C PRO H 302 41.56 11.29 27.15
N ALA H 303 40.52 12.09 26.94
CA ALA H 303 39.27 11.85 27.65
C ALA H 303 38.70 10.47 27.35
N GLU H 304 38.90 9.99 26.13
CA GLU H 304 38.37 8.68 25.76
C GLU H 304 39.02 7.53 26.52
N LYS H 305 40.08 7.79 27.29
CA LYS H 305 40.77 6.77 28.06
C LYS H 305 40.39 6.77 29.53
N VAL H 306 39.57 7.72 29.98
CA VAL H 306 39.32 7.87 31.41
C VAL H 306 38.60 6.64 31.98
N PHE H 307 37.67 6.06 31.22
CA PHE H 307 36.97 4.87 31.72
C PHE H 307 37.95 3.72 31.99
N LEU H 308 39.01 3.61 31.18
CA LEU H 308 40.02 2.59 31.44
C LEU H 308 40.66 2.80 32.81
N ALA H 309 41.04 4.05 33.12
CA ALA H 309 41.62 4.32 34.43
C ALA H 309 40.59 4.15 35.54
N GLN H 310 39.34 4.57 35.30
CA GLN H 310 38.31 4.40 36.32
C GLN H 310 38.13 2.92 36.67
N LYS H 311 38.07 2.05 35.66
CA LYS H 311 37.79 0.64 35.92
C LYS H 311 39.00 -0.06 36.49
N MET H 312 40.20 0.26 36.01
CA MET H 312 41.41 -0.29 36.62
C MET H 312 41.49 0.08 38.09
N ILE H 313 41.24 1.35 38.40
CA ILE H 313 41.46 1.84 39.75
C ILE H 313 40.44 1.26 40.71
N ILE H 314 39.15 1.31 40.35
CA ILE H 314 38.12 0.72 41.19
C ILE H 314 38.41 -0.76 41.45
N GLY H 315 38.85 -1.48 40.40
CA GLY H 315 39.09 -2.90 40.55
C GLY H 315 40.23 -3.22 41.51
N ARG H 316 41.31 -2.45 41.44
CA ARG H 316 42.43 -2.69 42.35
C ARG H 316 42.11 -2.23 43.76
N CYS H 317 41.33 -1.17 43.92
CA CYS H 317 40.84 -0.79 45.24
C CYS H 317 39.97 -1.89 45.83
N ASN H 318 39.02 -2.41 45.05
CA ASN H 318 38.24 -3.55 45.49
C ASN H 318 39.14 -4.70 45.90
N ARG H 319 40.17 -4.97 45.09
CA ARG H 319 41.08 -6.07 45.39
C ARG H 319 41.69 -5.91 46.77
N ALA H 320 42.17 -4.71 47.09
CA ALA H 320 42.86 -4.47 48.36
C ALA H 320 41.91 -4.28 49.53
N GLY H 321 40.66 -3.88 49.28
CA GLY H 321 39.73 -3.60 50.34
C GLY H 321 39.74 -2.17 50.82
N LYS H 322 40.33 -1.25 50.04
CA LYS H 322 40.36 0.17 50.39
C LYS H 322 39.31 0.94 49.60
N PRO H 323 38.66 1.91 50.22
CA PRO H 323 37.56 2.62 49.57
C PRO H 323 38.00 3.33 48.30
N VAL H 324 37.07 3.47 47.36
CA VAL H 324 37.30 4.18 46.12
C VAL H 324 36.07 5.00 45.79
N ILE H 325 36.28 6.23 45.30
CA ILE H 325 35.22 7.16 44.98
C ILE H 325 35.28 7.48 43.48
N CYS H 326 34.11 7.57 42.85
CA CYS H 326 33.99 8.03 41.47
C CYS H 326 33.38 9.42 41.49
N ALA H 327 34.04 10.37 40.82
CA ALA H 327 33.67 11.77 40.91
C ALA H 327 33.57 12.42 39.54
N THR H 328 32.90 13.58 39.52
CA THR H 328 32.89 14.51 38.41
C THR H 328 31.79 14.27 37.38
N GLN H 329 30.85 15.20 37.29
CA GLN H 329 29.89 15.29 36.20
C GLN H 329 28.96 14.07 36.10
N MET H 330 28.79 13.33 37.19
CA MET H 330 27.95 12.14 37.13
C MET H 330 26.51 12.49 36.78
N LEU H 331 26.02 13.63 37.26
CA LEU H 331 24.68 14.12 36.96
C LEU H 331 24.72 15.58 36.53
N GLU H 332 25.76 15.92 35.76
CA GLU H 332 26.07 17.32 35.46
C GLU H 332 24.84 18.11 35.03
N SER H 333 24.08 17.57 34.07
CA SER H 333 22.94 18.31 33.52
C SER H 333 21.91 18.68 34.57
N MET H 334 21.97 18.09 35.76
CA MET H 334 21.02 18.41 36.81
C MET H 334 21.37 19.69 37.57
N ILE H 335 22.47 20.35 37.18
CA ILE H 335 22.74 21.70 37.67
C ILE H 335 21.63 22.65 37.23
N LYS H 336 21.11 22.46 36.02
CA LYS H 336 20.10 23.34 35.45
C LYS H 336 18.79 22.64 35.10
N LYS H 337 18.75 21.31 35.14
CA LYS H 337 17.53 20.58 34.87
C LYS H 337 17.17 19.68 36.04
N PRO H 338 15.89 19.40 36.26
CA PRO H 338 15.50 18.58 37.42
C PRO H 338 15.68 17.08 37.21
N ARG H 339 15.79 16.60 35.97
CA ARG H 339 15.99 15.20 35.65
C ARG H 339 17.31 15.02 34.91
N PRO H 340 17.96 13.87 35.06
CA PRO H 340 19.24 13.64 34.38
C PRO H 340 19.08 13.05 32.99
N THR H 341 20.19 13.05 32.25
CA THR H 341 20.23 12.44 30.93
C THR H 341 20.41 10.92 31.05
N ARG H 342 20.16 10.23 29.95
CA ARG H 342 20.34 8.78 29.94
C ARG H 342 21.81 8.41 30.11
N ALA H 343 22.71 9.17 29.49
CA ALA H 343 24.13 8.93 29.70
C ALA H 343 24.51 9.09 31.17
N GLU H 344 23.93 10.08 31.84
CA GLU H 344 24.27 10.32 33.25
C GLU H 344 23.77 9.18 34.13
N GLY H 345 22.53 8.72 33.91
CA GLY H 345 22.04 7.58 34.66
C GLY H 345 22.88 6.33 34.44
N SER H 346 23.24 6.08 33.18
CA SER H 346 24.14 4.96 32.89
C SER H 346 25.45 5.11 33.63
N ASP H 347 26.04 6.31 33.57
CA ASP H 347 27.30 6.56 34.25
C ASP H 347 27.22 6.16 35.72
N VAL H 348 26.20 6.66 36.42
CA VAL H 348 26.07 6.35 37.85
C VAL H 348 25.89 4.85 38.06
N ALA H 349 24.99 4.23 37.29
CA ALA H 349 24.76 2.80 37.44
C ALA H 349 26.04 2.01 37.17
N ASN H 350 26.77 2.37 36.11
CA ASN H 350 27.96 1.60 35.75
C ASN H 350 29.08 1.77 36.77
N ALA H 351 29.18 2.94 37.41
CA ALA H 351 30.17 3.11 38.46
C ALA H 351 29.87 2.19 39.65
N VAL H 352 28.58 2.01 39.96
CA VAL H 352 28.21 1.09 41.03
C VAL H 352 28.50 -0.35 40.63
N LEU H 353 28.22 -0.70 39.37
CA LEU H 353 28.56 -2.04 38.88
C LEU H 353 30.08 -2.23 38.87
N ASP H 354 30.83 -1.17 38.56
CA ASP H 354 32.28 -1.25 38.60
C ASP H 354 32.78 -1.64 39.99
N GLY H 355 32.08 -1.19 41.04
CA GLY H 355 32.45 -1.55 42.40
C GLY H 355 32.84 -0.37 43.27
N ALA H 356 32.48 0.84 42.87
CA ALA H 356 32.85 2.03 43.63
C ALA H 356 32.14 2.03 44.98
N ASP H 357 32.90 2.33 46.04
CA ASP H 357 32.29 2.41 47.37
C ASP H 357 31.38 3.62 47.49
N CYS H 358 31.78 4.75 46.91
CA CYS H 358 30.99 5.98 46.97
C CYS H 358 30.95 6.64 45.60
N ILE H 359 29.83 7.25 45.31
CA ILE H 359 29.71 8.19 44.19
C ILE H 359 29.66 9.60 44.78
N MET H 360 29.87 10.60 43.91
CA MET H 360 30.04 11.96 44.38
C MET H 360 29.27 12.92 43.50
N LEU H 361 28.80 14.01 44.10
CA LEU H 361 28.20 15.13 43.41
C LEU H 361 29.05 16.36 43.66
N SER H 362 29.16 17.22 42.64
CA SER H 362 30.01 18.39 42.74
C SER H 362 29.15 19.63 42.53
N GLY H 363 29.19 20.26 41.36
CA GLY H 363 28.33 21.40 41.11
C GLY H 363 26.86 21.07 41.26
N GLU H 364 26.50 19.80 41.07
CA GLU H 364 25.10 19.40 41.17
C GLU H 364 24.51 19.74 42.54
N THR H 365 25.32 19.70 43.59
CA THR H 365 24.87 20.04 44.94
C THR H 365 25.45 21.35 45.47
N ALA H 366 26.65 21.73 45.02
CA ALA H 366 27.27 22.94 45.56
C ALA H 366 26.61 24.20 45.03
N LYS H 367 26.17 24.19 43.77
CA LYS H 367 25.70 25.42 43.14
C LYS H 367 24.49 25.24 42.24
N GLY H 368 23.97 24.03 42.06
CA GLY H 368 22.93 23.82 41.07
C GLY H 368 21.54 24.18 41.55
N ASP H 369 20.63 24.30 40.58
CA ASP H 369 19.22 24.58 40.85
C ASP H 369 18.44 23.38 41.38
N TYR H 370 19.08 22.23 41.60
CA TYR H 370 18.34 21.04 42.01
C TYR H 370 19.20 20.12 42.85
N PRO H 371 19.82 20.62 43.92
CA PRO H 371 20.74 19.75 44.70
C PRO H 371 20.04 18.56 45.33
N LEU H 372 18.78 18.70 45.74
CA LEU H 372 18.09 17.58 46.37
C LEU H 372 17.69 16.53 45.35
N GLU H 373 17.24 16.95 44.16
CA GLU H 373 16.94 16.00 43.09
C GLU H 373 18.18 15.20 42.70
N ALA H 374 19.35 15.84 42.70
CA ALA H 374 20.58 15.14 42.34
C ALA H 374 20.92 14.06 43.36
N VAL H 375 20.74 14.37 44.65
CA VAL H 375 20.97 13.37 45.69
C VAL H 375 19.94 12.24 45.58
N ARG H 376 18.68 12.59 45.30
CA ARG H 376 17.64 11.58 45.22
C ARG H 376 17.81 10.68 44.00
N MET H 377 18.39 11.21 42.91
CA MET H 377 18.60 10.38 41.74
C MET H 377 19.73 9.38 41.96
N GLN H 378 20.83 9.82 42.59
CA GLN H 378 21.92 8.89 42.86
C GLN H 378 21.48 7.78 43.78
N HIS H 379 20.63 8.10 44.77
CA HIS H 379 20.13 7.08 45.69
C HIS H 379 19.30 6.04 44.95
N LEU H 380 18.44 6.48 44.02
CA LEU H 380 17.60 5.55 43.27
C LEU H 380 18.45 4.66 42.37
N ILE H 381 19.40 5.25 41.65
CA ILE H 381 20.21 4.48 40.72
C ILE H 381 21.11 3.50 41.47
N ALA H 382 21.67 3.92 42.60
CA ALA H 382 22.60 3.07 43.33
C ALA H 382 21.95 1.75 43.73
N ARG H 383 20.72 1.80 44.24
CA ARG H 383 20.07 0.58 44.71
C ARG H 383 19.79 -0.37 43.55
N GLU H 384 19.29 0.14 42.42
CA GLU H 384 19.03 -0.73 41.28
C GLU H 384 20.32 -1.42 40.82
N ALA H 385 21.42 -0.66 40.73
CA ALA H 385 22.68 -1.24 40.29
C ALA H 385 23.24 -2.22 41.31
N GLU H 386 23.04 -1.96 42.59
CA GLU H 386 23.58 -2.86 43.62
C GLU H 386 22.97 -4.26 43.50
N ALA H 387 21.67 -4.34 43.23
CA ALA H 387 21.05 -5.64 43.00
C ALA H 387 21.57 -6.29 41.73
N ALA H 388 21.94 -5.48 40.73
CA ALA H 388 22.36 -5.98 39.43
C ALA H 388 23.80 -6.46 39.39
N MET H 389 24.53 -6.38 40.50
CA MET H 389 25.88 -6.96 40.53
C MET H 389 25.81 -8.48 40.45
N PHE H 390 26.92 -9.08 40.05
CA PHE H 390 27.03 -10.54 39.94
C PHE H 390 27.77 -11.07 41.17
N HIS H 391 27.08 -11.01 42.31
CA HIS H 391 27.73 -11.21 43.60
C HIS H 391 28.54 -12.49 43.65
N ARG H 392 28.02 -13.59 43.11
CA ARG H 392 28.70 -14.87 43.26
C ARG H 392 30.06 -14.85 42.57
N LYS H 393 30.11 -14.40 41.31
CA LYS H 393 31.39 -14.33 40.61
C LYS H 393 32.31 -13.29 41.23
N LEU H 394 31.76 -12.13 41.61
CA LEU H 394 32.55 -11.12 42.30
C LEU H 394 33.20 -11.70 43.56
N PHE H 395 32.41 -12.39 44.39
CA PHE H 395 32.95 -12.95 45.62
C PHE H 395 34.08 -13.93 45.33
N GLU H 396 33.85 -14.86 44.38
CA GLU H 396 34.89 -15.83 44.04
C GLU H 396 36.15 -15.14 43.54
N GLU H 397 36.00 -14.12 42.70
CA GLU H 397 37.18 -13.45 42.15
C GLU H 397 37.90 -12.62 43.20
N LEU H 398 37.15 -11.96 44.08
CA LEU H 398 37.76 -11.30 45.23
C LEU H 398 38.49 -12.31 46.11
N ALA H 399 37.82 -13.43 46.38
CA ALA H 399 38.47 -14.48 47.17
C ALA H 399 39.73 -14.98 46.49
N ARG H 400 39.71 -15.10 45.16
CA ARG H 400 40.89 -15.56 44.45
C ARG H 400 42.02 -14.54 44.51
N ALA H 401 41.67 -13.25 44.36
CA ALA H 401 42.69 -12.21 44.34
C ALA H 401 43.46 -12.16 45.66
N SER H 402 42.76 -12.38 46.77
CA SER H 402 43.36 -12.25 48.10
C SER H 402 43.75 -13.59 48.70
N SER H 403 43.71 -14.68 47.92
CA SER H 403 43.94 -16.00 48.48
C SER H 403 45.36 -16.20 49.02
N HIS H 404 46.26 -15.24 48.79
CA HIS H 404 47.58 -15.30 49.39
C HIS H 404 47.54 -14.99 50.88
N SER H 405 46.49 -14.35 51.36
CA SER H 405 46.37 -13.94 52.75
C SER H 405 45.54 -14.95 53.53
N THR H 406 46.09 -15.43 54.64
CA THR H 406 45.40 -16.35 55.54
C THR H 406 44.87 -15.63 56.78
N ASP H 407 44.53 -14.36 56.64
CA ASP H 407 44.15 -13.54 57.78
C ASP H 407 42.87 -14.05 58.44
N LEU H 408 42.86 -14.05 59.78
CA LEU H 408 41.73 -14.60 60.51
C LEU H 408 40.47 -13.77 60.33
N MET H 409 40.58 -12.44 60.40
CA MET H 409 39.39 -11.61 60.19
C MET H 409 38.88 -11.75 58.76
N GLU H 410 39.78 -11.87 57.79
CA GLU H 410 39.35 -12.11 56.42
C GLU H 410 38.57 -13.42 56.33
N ALA H 411 38.97 -14.43 57.09
CA ALA H 411 38.25 -15.71 57.10
C ALA H 411 36.85 -15.53 57.68
N MET H 412 36.74 -14.81 58.80
CA MET H 412 35.42 -14.53 59.35
C MET H 412 34.60 -13.68 58.39
N ALA H 413 35.25 -12.83 57.60
CA ALA H 413 34.53 -12.00 56.64
C ALA H 413 33.98 -12.86 55.50
N MET H 414 34.85 -13.67 54.88
CA MET H 414 34.40 -14.53 53.79
C MET H 414 33.39 -15.56 54.28
N GLY H 415 33.60 -16.10 55.48
CA GLY H 415 32.65 -17.07 56.01
C GLY H 415 31.28 -16.48 56.23
N SER H 416 31.21 -15.25 56.76
CA SER H 416 29.92 -14.62 57.03
C SER H 416 29.25 -14.19 55.74
N VAL H 417 30.00 -13.57 54.83
CA VAL H 417 29.43 -13.22 53.53
C VAL H 417 28.89 -14.47 52.83
N GLU H 418 29.69 -15.54 52.81
CA GLU H 418 29.24 -16.80 52.21
C GLU H 418 27.92 -17.25 52.82
N ALA H 419 27.83 -17.24 54.15
CA ALA H 419 26.59 -17.64 54.81
C ALA H 419 25.45 -16.71 54.45
N SER H 420 25.73 -15.41 54.30
CA SER H 420 24.67 -14.46 53.98
C SER H 420 24.08 -14.72 52.61
N TYR H 421 24.88 -15.26 51.67
CA TYR H 421 24.33 -15.68 50.39
C TYR H 421 23.45 -16.91 50.56
N LYS H 422 23.97 -17.95 51.22
CA LYS H 422 23.29 -19.23 51.29
C LYS H 422 21.89 -19.09 51.88
N CYS H 423 21.77 -18.46 53.04
CA CYS H 423 20.48 -18.30 53.69
C CYS H 423 19.77 -17.01 53.31
N LEU H 424 20.33 -16.23 52.39
CA LEU H 424 19.72 -14.98 51.95
C LEU H 424 19.41 -14.08 53.16
N ALA H 425 20.40 -13.94 54.03
CA ALA H 425 20.23 -13.09 55.20
C ALA H 425 19.86 -11.67 54.79
N ALA H 426 18.99 -11.03 55.59
CA ALA H 426 18.56 -9.68 55.29
C ALA H 426 19.58 -8.62 55.70
N ALA H 427 20.61 -9.00 56.46
CA ALA H 427 21.64 -8.06 56.87
C ALA H 427 22.72 -8.84 57.60
N LEU H 428 23.88 -8.20 57.74
CA LEU H 428 24.93 -8.65 58.64
C LEU H 428 25.11 -7.58 59.71
N ILE H 429 25.19 -7.99 60.96
CA ILE H 429 25.39 -7.09 62.08
C ILE H 429 26.81 -7.30 62.60
N VAL H 430 27.56 -6.20 62.71
CA VAL H 430 28.97 -6.25 63.12
C VAL H 430 29.16 -5.31 64.29
N LEU H 431 29.65 -5.84 65.40
CA LEU H 431 30.01 -5.05 66.57
C LEU H 431 31.51 -4.73 66.47
N THR H 432 31.83 -3.46 66.30
CA THR H 432 33.22 -3.07 66.12
C THR H 432 33.41 -1.64 66.59
N GLU H 433 34.60 -1.35 67.12
CA GLU H 433 34.96 0.00 67.53
C GLU H 433 35.94 0.65 66.56
N SER H 434 37.00 -0.06 66.17
CA SER H 434 37.89 0.48 65.15
C SER H 434 37.22 0.49 63.78
N GLY H 435 36.27 -0.42 63.55
CA GLY H 435 35.65 -0.57 62.26
C GLY H 435 36.28 -1.62 61.38
N ARG H 436 37.52 -2.03 61.68
CA ARG H 436 38.23 -3.04 60.90
C ARG H 436 37.34 -4.21 60.50
N SER H 437 36.79 -4.91 61.49
CA SER H 437 35.98 -6.09 61.21
C SER H 437 34.87 -5.79 60.20
N ALA H 438 34.21 -4.65 60.35
CA ALA H 438 33.16 -4.28 59.39
C ALA H 438 33.74 -3.98 58.02
N HIS H 439 35.00 -3.51 57.96
CA HIS H 439 35.60 -3.19 56.67
C HIS H 439 35.92 -4.45 55.88
N GLN H 440 36.34 -5.51 56.56
CA GLN H 440 36.67 -6.75 55.88
C GLN H 440 35.41 -7.44 55.34
N VAL H 441 34.27 -7.28 56.03
CA VAL H 441 33.02 -7.83 55.52
C VAL H 441 32.62 -7.11 54.22
N ALA H 442 32.48 -5.78 54.29
CA ALA H 442 32.16 -5.01 53.09
C ALA H 442 33.15 -5.28 51.98
N ARG H 443 34.39 -5.59 52.33
CA ARG H 443 35.41 -5.89 51.33
C ARG H 443 34.95 -6.99 50.38
N TYR H 444 34.27 -8.01 50.91
CA TYR H 444 33.83 -9.15 50.12
C TYR H 444 32.39 -9.03 49.68
N ARG H 445 31.84 -7.81 49.70
CA ARG H 445 30.66 -7.41 48.94
C ARG H 445 29.47 -8.36 49.12
N PRO H 446 28.83 -8.38 50.29
CA PRO H 446 27.53 -9.02 50.40
C PRO H 446 26.44 -8.11 49.84
N ARG H 447 25.37 -8.73 49.35
CA ARG H 447 24.27 -7.91 48.86
C ARG H 447 23.42 -7.34 49.98
N ALA H 448 23.48 -7.95 51.19
CA ALA H 448 22.70 -7.47 52.31
C ALA H 448 23.46 -6.37 53.05
N PRO H 449 22.74 -5.43 53.67
CA PRO H 449 23.42 -4.31 54.33
C PRO H 449 24.13 -4.75 55.60
N ILE H 450 25.34 -4.23 55.79
CA ILE H 450 26.08 -4.41 57.03
C ILE H 450 25.65 -3.32 58.01
N ILE H 451 25.09 -3.72 59.15
CA ILE H 451 24.76 -2.81 60.23
C ILE H 451 25.89 -2.90 61.24
N ALA H 452 26.70 -1.85 61.33
CA ALA H 452 27.86 -1.82 62.22
C ALA H 452 27.52 -0.98 63.44
N VAL H 453 27.50 -1.62 64.61
CA VAL H 453 27.24 -0.94 65.87
C VAL H 453 28.57 -0.54 66.50
N THR H 454 28.72 0.75 66.79
CA THR H 454 29.96 1.26 67.35
C THR H 454 29.65 2.36 68.36
N ARG H 455 30.52 2.47 69.36
CA ARG H 455 30.50 3.59 70.30
C ARG H 455 31.48 4.68 69.90
N ASN H 456 32.36 4.41 68.94
CA ASN H 456 33.33 5.39 68.44
C ASN H 456 32.65 6.23 67.36
N HIS H 457 32.43 7.52 67.65
CA HIS H 457 31.70 8.37 66.72
C HIS H 457 32.46 8.55 65.41
N GLN H 458 33.79 8.61 65.46
CA GLN H 458 34.55 8.81 64.23
C GLN H 458 34.45 7.57 63.34
N THR H 459 34.68 6.40 63.91
CA THR H 459 34.48 5.15 63.18
C THR H 459 33.13 5.17 62.46
N ALA H 460 32.08 5.62 63.16
CA ALA H 460 30.76 5.70 62.55
C ALA H 460 30.77 6.62 61.34
N ARG H 461 31.33 7.82 61.49
CA ARG H 461 31.32 8.78 60.39
C ARG H 461 32.18 8.28 59.22
N GLN H 462 33.36 7.73 59.50
CA GLN H 462 34.24 7.26 58.43
C GLN H 462 33.70 6.02 57.75
N ALA H 463 32.79 5.27 58.41
CA ALA H 463 32.29 4.03 57.82
C ALA H 463 31.66 4.25 56.46
N HIS H 464 31.11 5.45 56.21
CA HIS H 464 30.44 5.73 54.94
C HIS H 464 31.36 5.53 53.73
N LEU H 465 32.68 5.46 53.96
CA LEU H 465 33.61 5.25 52.86
C LEU H 465 33.54 3.84 52.29
N TYR H 466 32.81 2.93 52.93
CA TYR H 466 32.85 1.51 52.59
C TYR H 466 31.46 1.06 52.15
N ARG H 467 31.40 0.46 50.95
CA ARG H 467 30.16 -0.04 50.40
C ARG H 467 29.41 -0.92 51.41
N GLY H 468 28.15 -0.56 51.67
CA GLY H 468 27.25 -1.40 52.42
C GLY H 468 27.24 -1.21 53.93
N ILE H 469 28.20 -0.49 54.50
CA ILE H 469 28.26 -0.34 55.96
C ILE H 469 27.32 0.77 56.39
N PHE H 470 26.27 0.40 57.12
CA PHE H 470 25.37 1.36 57.76
C PHE H 470 25.81 1.53 59.19
N PRO H 471 26.36 2.69 59.57
CA PRO H 471 26.90 2.84 60.92
C PRO H 471 25.83 3.22 61.94
N VAL H 472 25.93 2.61 63.12
CA VAL H 472 25.01 2.86 64.22
C VAL H 472 25.85 3.25 65.44
N VAL H 473 25.53 4.41 66.03
CA VAL H 473 26.23 4.90 67.20
C VAL H 473 25.52 4.38 68.45
N CYS H 474 26.23 3.58 69.24
CA CYS H 474 25.72 3.08 70.51
C CYS H 474 26.10 4.07 71.61
N LYS H 475 25.11 4.79 72.13
CA LYS H 475 25.35 5.80 73.15
C LYS H 475 25.28 5.25 74.57
N ASP H 476 24.80 4.03 74.76
CA ASP H 476 24.64 3.47 76.09
C ASP H 476 26.00 3.15 76.72
N PRO H 477 26.11 3.28 78.04
CA PRO H 477 27.38 2.94 78.71
C PRO H 477 27.64 1.45 78.68
N VAL H 478 28.92 1.10 78.82
CA VAL H 478 29.31 -0.30 78.81
C VAL H 478 28.72 -1.01 80.02
N GLN H 479 28.27 -2.24 79.82
CA GLN H 479 27.82 -3.09 80.91
C GLN H 479 28.97 -3.92 81.44
N GLU H 480 28.93 -4.25 82.73
CA GLU H 480 30.00 -5.07 83.29
C GLU H 480 29.99 -6.47 82.72
N ALA H 481 28.81 -7.01 82.42
CA ALA H 481 28.69 -8.35 81.85
C ALA H 481 28.90 -8.27 80.34
N TRP H 482 30.03 -8.82 79.88
CA TRP H 482 30.33 -8.81 78.45
C TRP H 482 29.13 -9.26 77.63
N ALA H 483 28.55 -10.41 77.99
CA ALA H 483 27.44 -10.94 77.22
C ALA H 483 26.28 -9.96 77.14
N GLU H 484 26.01 -9.23 78.23
CA GLU H 484 24.92 -8.27 78.22
C GLU H 484 25.25 -7.06 77.35
N ASP H 485 26.51 -6.64 77.35
CA ASP H 485 26.93 -5.53 76.51
C ASP H 485 26.79 -5.89 75.03
N VAL H 486 27.29 -7.07 74.65
CA VAL H 486 27.15 -7.53 73.28
C VAL H 486 25.69 -7.60 72.87
N ASP H 487 24.87 -8.24 73.72
CA ASP H 487 23.45 -8.36 73.40
C ASP H 487 22.77 -6.99 73.31
N LEU H 488 23.18 -6.05 74.16
CA LEU H 488 22.60 -4.71 74.11
C LEU H 488 22.84 -4.06 72.76
N ARG H 489 24.08 -4.10 72.27
CA ARG H 489 24.39 -3.51 70.97
C ARG H 489 23.69 -4.25 69.84
N VAL H 490 23.63 -5.57 69.92
CA VAL H 490 22.98 -6.36 68.87
C VAL H 490 21.50 -6.02 68.79
N ASN H 491 20.83 -5.88 69.94
CA ASN H 491 19.43 -5.48 69.93
C ASN H 491 19.24 -4.09 69.34
N LEU H 492 20.21 -3.20 69.56
CA LEU H 492 20.18 -1.90 68.90
C LEU H 492 20.13 -2.07 67.39
N ALA H 493 21.02 -2.90 66.83
CA ALA H 493 21.02 -3.15 65.40
C ALA H 493 19.67 -3.68 64.94
N MET H 494 19.08 -4.62 65.67
CA MET H 494 17.79 -5.16 65.30
C MET H 494 16.73 -4.07 65.22
N ASN H 495 16.67 -3.19 66.22
CA ASN H 495 15.69 -2.12 66.22
C ASN H 495 15.95 -1.14 65.09
N VAL H 496 17.22 -0.90 64.77
CA VAL H 496 17.55 -0.07 63.61
C VAL H 496 16.97 -0.71 62.35
N GLY H 497 17.31 -1.97 62.10
CA GLY H 497 16.84 -2.64 60.90
C GLY H 497 15.32 -2.65 60.80
N LYS H 498 14.65 -2.99 61.91
CA LYS H 498 13.18 -3.03 61.88
C LYS H 498 12.60 -1.64 61.65
N ALA H 499 13.19 -0.61 62.26
CA ALA H 499 12.67 0.74 62.08
C ALA H 499 12.87 1.23 60.65
N ARG H 500 13.98 0.85 60.01
CA ARG H 500 14.29 1.31 58.67
C ARG H 500 13.78 0.38 57.58
N GLY H 501 13.11 -0.71 57.93
CA GLY H 501 12.58 -1.60 56.92
C GLY H 501 13.62 -2.47 56.22
N PHE H 502 14.77 -2.71 56.86
CA PHE H 502 15.72 -3.64 56.30
C PHE H 502 15.25 -5.09 56.47
N PHE H 503 14.56 -5.37 57.57
CA PHE H 503 14.02 -6.69 57.84
C PHE H 503 12.93 -6.56 58.90
N LYS H 504 12.17 -7.63 59.05
CA LYS H 504 11.08 -7.69 60.02
C LYS H 504 11.21 -8.98 60.82
N LYS H 505 10.35 -9.11 61.83
CA LYS H 505 10.33 -10.31 62.65
C LYS H 505 10.22 -11.55 61.76
N GLY H 506 11.12 -12.51 61.98
CA GLY H 506 11.13 -13.75 61.24
C GLY H 506 12.27 -13.88 60.25
N ASP H 507 12.75 -12.75 59.71
CA ASP H 507 13.87 -12.79 58.80
C ASP H 507 15.14 -13.23 59.54
N VAL H 508 16.21 -13.46 58.77
CA VAL H 508 17.46 -13.97 59.30
C VAL H 508 18.56 -12.93 59.09
N VAL H 509 19.52 -12.91 60.01
CA VAL H 509 20.67 -12.01 59.91
C VAL H 509 21.90 -12.74 60.42
N ILE H 510 23.07 -12.33 59.91
CA ILE H 510 24.36 -12.81 60.39
C ILE H 510 24.86 -11.83 61.43
N VAL H 511 25.42 -12.35 62.52
CA VAL H 511 25.88 -11.52 63.64
C VAL H 511 27.34 -11.83 63.91
N LEU H 512 28.18 -10.80 63.91
CA LEU H 512 29.61 -10.93 64.15
C LEU H 512 29.97 -10.18 65.42
N THR H 513 30.59 -10.88 66.37
CA THR H 513 30.94 -10.31 67.66
C THR H 513 32.24 -10.93 68.13
N GLY H 514 32.78 -10.36 69.21
CA GLY H 514 33.95 -10.92 69.85
C GLY H 514 33.54 -11.88 70.95
N TRP H 515 34.31 -12.94 71.11
CA TRP H 515 34.05 -13.93 72.15
C TRP H 515 34.27 -13.30 73.51
N ARG H 516 35.51 -12.96 73.81
CA ARG H 516 35.86 -12.23 75.02
C ARG H 516 35.85 -10.73 74.74
N PRO H 517 35.98 -9.91 75.78
CA PRO H 517 36.13 -8.46 75.54
C PRO H 517 37.49 -8.07 74.99
N GLY H 518 38.49 -8.93 75.13
CA GLY H 518 39.82 -8.63 74.63
C GLY H 518 40.14 -9.32 73.32
N SER H 519 39.13 -9.56 72.50
CA SER H 519 39.33 -10.15 71.18
C SER H 519 39.71 -9.07 70.18
N GLY H 520 40.74 -9.33 69.37
CA GLY H 520 41.21 -8.34 68.42
C GLY H 520 40.23 -8.03 67.31
N PHE H 521 39.29 -8.93 67.06
CA PHE H 521 38.37 -8.81 65.93
C PHE H 521 37.13 -9.63 66.26
N THR H 522 36.08 -9.44 65.44
CA THR H 522 34.90 -10.27 65.59
C THR H 522 35.21 -11.70 65.19
N ASN H 523 35.62 -12.53 66.14
CA ASN H 523 35.94 -13.92 65.88
C ASN H 523 34.76 -14.86 66.10
N THR H 524 33.55 -14.33 66.20
CA THR H 524 32.36 -15.10 66.52
C THR H 524 31.25 -14.75 65.55
N MET H 525 30.69 -15.77 64.89
CA MET H 525 29.66 -15.56 63.88
C MET H 525 28.45 -16.42 64.19
N ARG H 526 27.26 -15.82 64.10
CA ARG H 526 26.01 -16.50 64.41
C ARG H 526 24.98 -16.19 63.32
N VAL H 527 24.12 -17.17 63.06
CA VAL H 527 22.91 -16.97 62.28
C VAL H 527 21.77 -16.82 63.27
N VAL H 528 21.07 -15.68 63.20
CA VAL H 528 20.12 -15.29 64.25
C VAL H 528 18.83 -14.80 63.63
N PRO H 529 17.67 -15.23 64.12
CA PRO H 529 16.40 -14.72 63.59
C PRO H 529 16.09 -13.35 64.18
N VAL H 530 15.26 -12.60 63.44
CA VAL H 530 14.91 -11.23 63.81
C VAL H 530 13.72 -11.29 64.77
N PRO H 531 13.87 -10.87 66.04
CA PRO H 531 12.78 -10.84 67.01
C PRO H 531 11.98 -9.54 66.93
MG MG I . -65.58 45.53 -47.39
NA NA J . -48.49 21.32 -66.29
C TRS K . -43.34 37.74 -60.94
C1 TRS K . -42.96 38.36 -62.28
C2 TRS K . -44.74 37.11 -60.96
C3 TRS K . -43.29 38.85 -59.89
N TRS K . -42.37 36.69 -60.57
O1 TRS K . -42.95 37.42 -63.32
O2 TRS K . -45.09 36.70 -59.66
O3 TRS K . -42.27 39.73 -60.29
MG MG L . -3.91 -6.65 -37.44
NA NA M . -22.18 7.46 -63.55
C1 GOL N . -18.20 13.64 -53.88
O1 GOL N . -18.34 14.04 -52.56
C2 GOL N . -19.44 14.17 -54.67
O2 GOL N . -19.61 15.52 -54.57
C3 GOL N . -19.12 13.71 -56.11
O3 GOL N . -20.31 13.39 -56.78
H11 GOL N . -18.16 12.68 -53.98
H12 GOL N . -17.41 13.98 -54.30
HO1 GOL N . -17.63 13.80 -52.18
H2 GOL N . -20.28 13.80 -54.34
HO2 GOL N . -19.05 15.80 -54.01
H31 GOL N . -18.50 12.96 -56.06
H32 GOL N . -18.61 14.42 -56.55
HO3 GOL N . -20.92 13.84 -56.41
MG MG O . -28.12 61.35 -36.28
NA NA P . -28.85 40.32 -8.44
MG MG Q . -40.40 -17.13 -19.18
NA NA R . -39.79 13.49 -2.56
C TRS S . -26.71 3.47 -9.52
C1 TRS S . -28.21 3.19 -9.52
C2 TRS S . -25.99 2.65 -10.59
C3 TRS S . -26.13 3.14 -8.15
N TRS S . -26.49 4.90 -9.80
O1 TRS S . -28.75 3.33 -10.81
O2 TRS S . -24.61 2.68 -10.34
O3 TRS S . -25.72 4.32 -7.50
C1 GOL T . -42.03 6.91 -10.65
O1 GOL T . -43.07 6.88 -11.58
C2 GOL T . -42.42 7.85 -9.48
O2 GOL T . -41.87 7.41 -8.30
C3 GOL T . -41.89 9.20 -9.95
O3 GOL T . -42.12 10.12 -8.93
H11 GOL T . -41.20 7.22 -11.04
H12 GOL T . -41.86 6.02 -10.29
HO1 GOL T . -43.26 7.70 -11.76
H2 GOL T . -43.38 7.90 -9.31
HO2 GOL T . -41.50 8.07 -7.93
H31 GOL T . -42.33 9.44 -10.79
H32 GOL T . -40.96 9.12 -10.18
HO3 GOL T . -42.71 9.77 -8.42
MG MG U . 8.34 7.49 21.01
NA NA V . 27.15 -15.98 2.87
C TRS W . 32.06 -0.82 11.07
C1 TRS W . 30.61 -1.25 10.98
C2 TRS W . 32.19 0.49 11.85
C3 TRS W . 32.65 -0.66 9.67
N TRS W . 32.83 -1.86 11.77
O1 TRS W . 30.13 -1.72 12.22
O2 TRS W . 33.37 1.16 11.48
O3 TRS W . 32.03 0.42 9.01
C1 GOL X . 21.19 -12.80 11.06
O1 GOL X . 20.46 -13.61 11.93
C2 GOL X . 21.77 -13.62 9.90
O2 GOL X . 22.09 -12.79 8.84
C3 GOL X . 22.96 -14.33 10.52
O3 GOL X . 23.62 -15.02 9.51
H11 GOL X . 21.93 -12.36 11.52
H12 GOL X . 20.64 -12.09 10.70
HO1 GOL X . 20.89 -14.33 12.03
H2 GOL X . 21.15 -14.27 9.52
HO2 GOL X . 22.88 -12.94 8.62
H31 GOL X . 22.64 -14.91 11.23
H32 GOL X . 23.52 -13.68 10.96
HO3 GOL X . 23.13 -14.96 8.82
MG MG Y . 23.64 -59.54 45.20
NA NA Z . 23.34 -31.24 65.61
C TRS AA . 37.67 -41.34 60.04
C1 TRS AA . 37.40 -41.43 61.54
C2 TRS AA . 36.60 -42.09 59.25
C3 TRS AA . 39.05 -41.93 59.75
N TRS AA . 37.65 -39.93 59.64
O1 TRS AA . 36.26 -40.66 61.86
O2 TRS AA . 35.39 -41.38 59.27
O3 TRS AA . 39.22 -42.09 58.36
MG MG BA . 63.87 -50.40 35.16
NA NA CA . 51.65 -31.84 8.13
C TRS DA . 44.22 -45.66 17.47
C1 TRS DA . 44.41 -46.53 16.23
C2 TRS DA . 45.58 -45.23 18.00
C3 TRS DA . 43.47 -46.48 18.51
N TRS DA . 43.43 -44.48 17.13
O1 TRS DA . 44.05 -45.80 15.08
O2 TRS DA . 45.46 -44.27 19.03
O3 TRS DA . 42.48 -47.24 17.86
MG MG EA . 43.10 18.93 40.90
NA NA FA . 36.85 -4.54 64.82
C TRS GA . 25.92 3.86 53.36
C1 TRS GA . 27.40 4.23 53.46
C2 TRS GA . 25.28 4.50 52.14
C3 TRS GA . 25.18 4.35 54.61
N TRS GA . 25.80 2.40 53.25
O1 TRS GA . 28.09 3.75 52.33
O2 TRS GA . 23.95 4.86 52.45
O3 TRS GA . 25.81 3.81 55.75
#